data_7QXM
#
_entry.id   7QXM
#
_cell.length_a   141.230
_cell.length_b   150.099
_cell.length_c   188.264
_cell.angle_alpha   90.000
_cell.angle_beta   90.000
_cell.angle_gamma   90.000
#
_symmetry.space_group_name_H-M   'P 21 21 21'
#
_entity_poly.entity_id   1
_entity_poly.type   'polypeptide(L)'
_entity_poly.pdbx_seq_one_letter_code
;MADPRTDNRNRKIPDAQVDAIKVPPHSLEAEQSVIGGLLLDNERWDTVSEHVMTQDFYSRPHRLIFDGVKSILEAGKPLD
LITLSEYLEQREQLEDVGGFAYLADLAKNTPSAANINAYAEIVAERALVRNLIGVANEIADAGYDPQGRNAEDLLDLAES
KVFAIAEARTSENEGPKNVDSILERTLERIELLYKTPQDGVTGVNTGFTDLNKKTAGLQGSDLIIVAARPSMGKTTFAMN
LCENAAMEQDKPVLIFSLEMPAEQIMMRMLASLSRVDQTKIRTGQLDDEDWARISSTMGILMEKKNMYIDDSSGLTPTEV
RSRARRIAREHGGLSLIMVDYLQLMRVPALTDNRTLEIAEISRSLKALAKELNVPVVALSQLNRSLEQRADKRPVNSDLR
ESGSIEQDADLIMFIYRDEVYHPDSPLKGTAEIIIGKQRNGPIGSVRLTFQGHYSRFDNYAGPAFDDEHHHHHH
;
_entity_poly.pdbx_strand_id   A,B,C,D,E,F
#
# COMPACT_ATOMS: atom_id res chain seq x y z
N LYS A 22 4.23 -33.72 -33.50
CA LYS A 22 2.89 -33.17 -33.29
C LYS A 22 1.81 -34.23 -33.44
N VAL A 23 1.53 -34.97 -32.35
CA VAL A 23 0.50 -36.00 -32.36
C VAL A 23 -0.84 -35.41 -31.93
N PRO A 24 -1.91 -35.58 -32.74
CA PRO A 24 -3.20 -35.00 -32.38
C PRO A 24 -3.72 -35.42 -31.01
N PRO A 25 -4.33 -34.50 -30.27
CA PRO A 25 -4.82 -34.84 -28.93
C PRO A 25 -6.00 -35.80 -28.98
N HIS A 26 -5.76 -37.06 -28.59
CA HIS A 26 -6.80 -38.08 -28.58
C HIS A 26 -6.53 -39.15 -27.52
N SER A 27 -7.59 -39.83 -27.09
CA SER A 27 -7.47 -40.89 -26.11
C SER A 27 -8.26 -42.10 -26.59
N LEU A 28 -7.62 -42.97 -27.39
CA LEU A 28 -8.25 -44.17 -27.94
C LEU A 28 -8.75 -45.12 -26.84
N GLU A 29 -8.08 -45.12 -25.68
CA GLU A 29 -8.46 -45.95 -24.54
C GLU A 29 -9.77 -45.45 -23.94
N ALA A 30 -9.97 -44.12 -23.90
CA ALA A 30 -11.20 -43.52 -23.38
C ALA A 30 -12.39 -43.73 -24.30
N GLU A 31 -12.16 -43.82 -25.62
CA GLU A 31 -13.23 -44.05 -26.59
C GLU A 31 -13.74 -45.49 -26.50
N GLN A 32 -12.84 -46.45 -26.23
CA GLN A 32 -13.16 -47.87 -26.08
C GLN A 32 -14.07 -48.11 -24.88
N SER A 33 -13.86 -47.37 -23.79
CA SER A 33 -14.66 -47.53 -22.59
C SER A 33 -16.04 -46.89 -22.68
N VAL A 34 -16.21 -45.88 -23.55
CA VAL A 34 -17.52 -45.25 -23.73
C VAL A 34 -18.40 -46.21 -24.53
N ILE A 35 -17.85 -46.74 -25.64
CA ILE A 35 -18.54 -47.68 -26.50
C ILE A 35 -18.82 -48.99 -25.76
N GLY A 36 -17.80 -49.50 -25.09
CA GLY A 36 -17.89 -50.74 -24.32
C GLY A 36 -18.83 -50.65 -23.15
N GLY A 37 -18.90 -49.47 -22.54
CA GLY A 37 -19.78 -49.22 -21.40
C GLY A 37 -21.22 -49.10 -21.81
N LEU A 38 -21.47 -48.53 -23.00
CA LEU A 38 -22.82 -48.38 -23.52
C LEU A 38 -23.46 -49.71 -23.91
N LEU A 39 -22.65 -50.70 -24.28
CA LEU A 39 -23.17 -52.02 -24.61
C LEU A 39 -23.58 -52.76 -23.32
N LEU A 40 -22.82 -52.58 -22.24
CA LEU A 40 -23.09 -53.24 -20.95
C LEU A 40 -24.25 -52.58 -20.23
N ASP A 41 -24.31 -51.24 -20.28
CA ASP A 41 -25.38 -50.51 -19.62
C ASP A 41 -26.01 -49.53 -20.61
N ASN A 42 -27.19 -49.89 -21.14
CA ASN A 42 -27.90 -49.04 -22.09
C ASN A 42 -28.50 -47.80 -21.43
N GLU A 43 -28.82 -47.87 -20.12
CA GLU A 43 -29.42 -46.76 -19.39
C GLU A 43 -28.46 -45.57 -19.16
N ARG A 44 -27.17 -45.73 -19.45
CA ARG A 44 -26.20 -44.65 -19.29
C ARG A 44 -26.30 -43.59 -20.39
N TRP A 45 -26.90 -43.95 -21.55
CA TRP A 45 -27.08 -43.06 -22.70
C TRP A 45 -27.70 -41.70 -22.38
N ASP A 46 -28.53 -41.65 -21.32
CA ASP A 46 -29.19 -40.42 -20.88
C ASP A 46 -28.19 -39.33 -20.50
N THR A 47 -27.04 -39.73 -19.93
CA THR A 47 -26.00 -38.80 -19.51
C THR A 47 -24.87 -38.71 -20.53
N VAL A 48 -24.54 -39.83 -21.18
CA VAL A 48 -23.48 -39.92 -22.18
C VAL A 48 -23.75 -39.03 -23.40
N SER A 49 -25.00 -38.99 -23.87
CA SER A 49 -25.40 -38.18 -25.01
C SER A 49 -25.15 -36.68 -24.80
N GLU A 50 -25.17 -36.22 -23.55
CA GLU A 50 -24.94 -34.81 -23.22
C GLU A 50 -23.46 -34.42 -23.33
N HIS A 51 -22.53 -35.38 -23.17
CA HIS A 51 -21.11 -35.08 -23.22
C HIS A 51 -20.45 -35.31 -24.58
N VAL A 52 -20.59 -36.52 -25.16
CA VAL A 52 -19.95 -36.83 -26.44
C VAL A 52 -20.86 -36.72 -27.64
N MET A 53 -20.25 -36.43 -28.79
CA MET A 53 -20.90 -36.35 -30.09
C MET A 53 -20.21 -37.32 -31.07
N THR A 54 -20.85 -37.60 -32.21
CA THR A 54 -20.25 -38.47 -33.22
C THR A 54 -18.98 -37.84 -33.78
N GLN A 55 -18.98 -36.51 -33.97
CA GLN A 55 -17.85 -35.73 -34.47
C GLN A 55 -16.68 -35.70 -33.48
N ASP A 56 -16.99 -35.75 -32.17
CA ASP A 56 -16.02 -35.70 -31.09
C ASP A 56 -15.11 -36.93 -31.00
N PHE A 57 -15.53 -38.05 -31.60
CA PHE A 57 -14.71 -39.26 -31.61
C PHE A 57 -13.60 -39.17 -32.64
N TYR A 58 -12.43 -39.71 -32.30
CA TYR A 58 -11.27 -39.70 -33.18
C TYR A 58 -11.24 -40.97 -34.03
N SER A 59 -10.78 -40.85 -35.28
CA SER A 59 -10.64 -41.93 -36.27
C SER A 59 -11.98 -42.45 -36.83
N ARG A 60 -11.94 -42.98 -38.05
CA ARG A 60 -13.12 -43.52 -38.73
C ARG A 60 -13.76 -44.74 -38.04
N PRO A 61 -13.00 -45.76 -37.56
CA PRO A 61 -13.67 -46.91 -36.93
C PRO A 61 -14.47 -46.56 -35.68
N HIS A 62 -13.91 -45.74 -34.77
CA HIS A 62 -14.62 -45.35 -33.56
C HIS A 62 -15.85 -44.49 -33.85
N ARG A 63 -15.82 -43.71 -34.92
CA ARG A 63 -16.95 -42.86 -35.30
C ARG A 63 -18.10 -43.68 -35.87
N LEU A 64 -17.79 -44.77 -36.59
CA LEU A 64 -18.82 -45.62 -37.17
C LEU A 64 -19.55 -46.43 -36.10
N ILE A 65 -18.82 -46.88 -35.07
CA ILE A 65 -19.42 -47.64 -33.99
C ILE A 65 -20.31 -46.74 -33.15
N PHE A 66 -19.81 -45.55 -32.79
CA PHE A 66 -20.58 -44.61 -31.98
C PHE A 66 -21.80 -44.10 -32.71
N ASP A 67 -21.72 -43.94 -34.04
CA ASP A 67 -22.89 -43.50 -34.82
C ASP A 67 -23.98 -44.58 -34.82
N GLY A 68 -23.58 -45.85 -34.81
CA GLY A 68 -24.50 -46.97 -34.75
C GLY A 68 -25.18 -47.06 -33.40
N VAL A 69 -24.38 -46.86 -32.34
CA VAL A 69 -24.86 -46.87 -30.96
C VAL A 69 -25.85 -45.72 -30.74
N LYS A 70 -25.53 -44.54 -31.29
CA LYS A 70 -26.37 -43.35 -31.20
C LYS A 70 -27.69 -43.55 -31.94
N SER A 71 -27.64 -44.08 -33.17
CA SER A 71 -28.83 -44.33 -33.97
C SER A 71 -29.74 -45.38 -33.34
N ILE A 72 -29.15 -46.41 -32.73
CA ILE A 72 -29.92 -47.48 -32.10
C ILE A 72 -30.56 -47.03 -30.78
N LEU A 73 -29.77 -46.48 -29.84
CA LEU A 73 -30.30 -46.07 -28.54
C LEU A 73 -31.31 -44.91 -28.59
N GLU A 74 -31.32 -44.13 -29.68
CA GLU A 74 -32.27 -43.02 -29.78
C GLU A 74 -33.69 -43.46 -30.06
N ALA A 75 -33.88 -44.63 -30.69
CA ALA A 75 -35.23 -45.11 -30.98
C ALA A 75 -35.49 -46.55 -30.48
N GLY A 76 -34.61 -47.49 -30.82
CA GLY A 76 -34.74 -48.87 -30.39
C GLY A 76 -33.96 -49.13 -29.13
N LYS A 77 -34.66 -49.21 -27.98
CA LYS A 77 -34.09 -49.42 -26.66
C LYS A 77 -33.00 -50.53 -26.57
N PRO A 78 -33.19 -51.77 -27.11
CA PRO A 78 -32.14 -52.79 -26.96
C PRO A 78 -30.88 -52.55 -27.79
N LEU A 79 -29.70 -52.69 -27.16
CA LEU A 79 -28.41 -52.55 -27.82
C LEU A 79 -27.42 -53.53 -27.18
N ASP A 80 -26.90 -54.46 -27.98
CA ASP A 80 -25.96 -55.47 -27.49
C ASP A 80 -24.92 -55.85 -28.58
N LEU A 81 -24.18 -56.95 -28.40
CA LEU A 81 -23.16 -57.38 -29.35
C LEU A 81 -23.70 -57.65 -30.74
N ILE A 82 -24.89 -58.25 -30.85
CA ILE A 82 -25.46 -58.56 -32.16
C ILE A 82 -26.38 -57.46 -32.70
N THR A 83 -26.90 -56.58 -31.83
CA THR A 83 -27.75 -55.48 -32.27
C THR A 83 -26.92 -54.47 -33.06
N LEU A 84 -25.75 -54.12 -32.51
CA LEU A 84 -24.81 -53.20 -33.15
C LEU A 84 -24.15 -53.83 -34.39
N SER A 85 -23.93 -55.16 -34.35
CA SER A 85 -23.34 -55.92 -35.45
C SER A 85 -24.27 -55.95 -36.64
N GLU A 86 -25.58 -56.12 -36.41
CA GLU A 86 -26.56 -56.17 -37.51
C GLU A 86 -26.80 -54.81 -38.17
N TYR A 87 -26.59 -53.72 -37.42
CA TYR A 87 -26.73 -52.38 -37.98
C TYR A 87 -25.59 -52.10 -38.95
N LEU A 88 -24.37 -52.54 -38.60
CA LEU A 88 -23.20 -52.35 -39.43
C LEU A 88 -23.16 -53.36 -40.59
N GLU A 89 -23.68 -54.58 -40.39
CA GLU A 89 -23.69 -55.60 -41.42
C GLU A 89 -24.62 -55.19 -42.57
N GLN A 90 -25.77 -54.61 -42.25
CA GLN A 90 -26.72 -54.15 -43.26
C GLN A 90 -26.27 -52.88 -44.01
N ARG A 91 -25.32 -52.13 -43.44
CA ARG A 91 -24.79 -50.93 -44.08
C ARG A 91 -23.38 -51.11 -44.67
N GLU A 92 -22.88 -52.37 -44.74
CA GLU A 92 -21.58 -52.76 -45.26
C GLU A 92 -20.41 -52.07 -44.56
N GLN A 93 -20.55 -51.87 -43.24
CA GLN A 93 -19.54 -51.23 -42.41
C GLN A 93 -19.06 -52.10 -41.23
N LEU A 94 -19.47 -53.38 -41.18
CA LEU A 94 -19.11 -54.27 -40.07
C LEU A 94 -17.65 -54.66 -40.14
N GLU A 95 -17.17 -55.01 -41.33
CA GLU A 95 -15.78 -55.39 -41.53
C GLU A 95 -14.86 -54.16 -41.43
N ASP A 96 -15.36 -52.97 -41.79
CA ASP A 96 -14.61 -51.71 -41.77
C ASP A 96 -14.20 -51.28 -40.35
N VAL A 97 -15.01 -51.60 -39.33
CA VAL A 97 -14.68 -51.23 -37.96
C VAL A 97 -13.80 -52.28 -37.24
N GLY A 98 -13.71 -53.49 -37.79
CA GLY A 98 -12.91 -54.57 -37.22
C GLY A 98 -13.66 -55.87 -37.03
N GLY A 99 -14.75 -56.05 -37.76
CA GLY A 99 -15.58 -57.25 -37.69
C GLY A 99 -16.37 -57.35 -36.41
N PHE A 100 -16.96 -58.52 -36.17
CA PHE A 100 -17.72 -58.77 -34.95
C PHE A 100 -16.79 -58.93 -33.74
N ALA A 101 -15.57 -59.47 -33.96
CA ALA A 101 -14.57 -59.70 -32.93
C ALA A 101 -14.14 -58.43 -32.21
N TYR A 102 -13.98 -57.30 -32.92
CA TYR A 102 -13.59 -56.05 -32.27
C TYR A 102 -14.73 -55.48 -31.44
N LEU A 103 -15.98 -55.63 -31.91
CA LEU A 103 -17.16 -55.17 -31.17
C LEU A 103 -17.39 -56.01 -29.90
N ALA A 104 -17.04 -57.30 -29.95
CA ALA A 104 -17.17 -58.19 -28.80
C ALA A 104 -16.01 -58.02 -27.83
N ASP A 105 -14.80 -57.73 -28.34
CA ASP A 105 -13.63 -57.52 -27.48
C ASP A 105 -13.67 -56.18 -26.75
N LEU A 106 -14.54 -55.23 -27.15
CA LEU A 106 -14.70 -53.94 -26.48
C LEU A 106 -15.33 -54.11 -25.10
N ALA A 107 -16.22 -55.10 -24.94
CA ALA A 107 -16.86 -55.41 -23.66
C ALA A 107 -15.86 -56.07 -22.71
N LYS A 108 -15.00 -56.95 -23.26
CA LYS A 108 -13.94 -57.66 -22.53
C LYS A 108 -12.90 -56.63 -22.05
N ASN A 109 -12.49 -55.71 -22.94
CA ASN A 109 -11.49 -54.68 -22.67
C ASN A 109 -11.86 -53.70 -21.55
N THR A 110 -13.10 -53.20 -21.55
CA THR A 110 -13.53 -52.23 -20.54
C THR A 110 -14.86 -52.63 -19.89
N PRO A 111 -14.82 -53.39 -18.79
CA PRO A 111 -16.07 -53.77 -18.13
C PRO A 111 -16.39 -52.87 -16.93
N SER A 112 -15.93 -51.61 -16.96
CA SER A 112 -16.13 -50.66 -15.86
C SER A 112 -17.30 -49.71 -16.08
N ALA A 113 -18.47 -50.06 -15.51
CA ALA A 113 -19.68 -49.24 -15.64
C ALA A 113 -19.67 -48.02 -14.66
N ALA A 114 -20.65 -47.08 -14.80
CA ALA A 114 -20.87 -45.87 -13.99
C ALA A 114 -19.85 -44.75 -14.23
N ASN A 115 -18.61 -45.09 -14.59
CA ASN A 115 -17.59 -44.07 -14.85
C ASN A 115 -17.61 -43.57 -16.31
N ILE A 116 -18.63 -43.96 -17.11
CA ILE A 116 -18.76 -43.61 -18.52
C ILE A 116 -18.87 -42.10 -18.73
N ASN A 117 -19.47 -41.37 -17.78
CA ASN A 117 -19.60 -39.92 -17.85
C ASN A 117 -18.22 -39.25 -17.80
N ALA A 118 -17.29 -39.81 -17.03
CA ALA A 118 -15.93 -39.27 -16.93
C ALA A 118 -15.12 -39.59 -18.17
N TYR A 119 -15.31 -40.78 -18.75
CA TYR A 119 -14.60 -41.17 -19.97
C TYR A 119 -15.05 -40.32 -21.14
N ALA A 120 -16.36 -39.97 -21.19
CA ALA A 120 -16.91 -39.14 -22.25
C ALA A 120 -16.36 -37.72 -22.16
N GLU A 121 -16.15 -37.20 -20.93
CA GLU A 121 -15.58 -35.87 -20.72
C GLU A 121 -14.16 -35.81 -21.28
N ILE A 122 -13.39 -36.90 -21.18
CA ILE A 122 -12.04 -36.97 -21.71
C ILE A 122 -12.07 -36.87 -23.24
N VAL A 123 -12.92 -37.66 -23.88
CA VAL A 123 -13.06 -37.64 -25.35
C VAL A 123 -13.54 -36.29 -25.84
N ALA A 124 -14.47 -35.67 -25.11
CA ALA A 124 -14.99 -34.35 -25.47
C ALA A 124 -13.94 -33.26 -25.28
N GLU A 125 -13.09 -33.38 -24.26
CA GLU A 125 -12.03 -32.40 -24.03
C GLU A 125 -10.96 -32.50 -25.11
N ARG A 126 -10.61 -33.73 -25.51
CA ARG A 126 -9.62 -33.92 -26.58
C ARG A 126 -10.15 -33.39 -27.91
N ALA A 127 -11.46 -33.51 -28.15
CA ALA A 127 -12.08 -33.03 -29.37
C ALA A 127 -12.11 -31.51 -29.46
N LEU A 128 -12.47 -30.82 -28.37
CA LEU A 128 -12.51 -29.36 -28.38
C LEU A 128 -11.11 -28.74 -28.49
N VAL A 129 -10.10 -29.42 -27.96
CA VAL A 129 -8.71 -29.00 -28.03
C VAL A 129 -8.19 -29.26 -29.46
N ARG A 130 -8.52 -30.44 -30.02
CA ARG A 130 -8.13 -30.85 -31.37
C ARG A 130 -8.74 -29.94 -32.43
N ASN A 131 -10.01 -29.52 -32.24
CA ASN A 131 -10.68 -28.61 -33.16
C ASN A 131 -10.04 -27.22 -33.13
N LEU A 132 -9.64 -26.78 -31.92
CA LEU A 132 -8.97 -25.49 -31.74
C LEU A 132 -7.64 -25.46 -32.47
N ILE A 133 -6.89 -26.59 -32.43
CA ILE A 133 -5.61 -26.68 -33.10
C ILE A 133 -5.78 -26.57 -34.62
N GLY A 134 -6.78 -27.27 -35.14
CA GLY A 134 -7.08 -27.24 -36.57
C GLY A 134 -7.56 -25.88 -37.03
N VAL A 135 -8.36 -25.21 -36.19
CA VAL A 135 -8.88 -23.87 -36.47
C VAL A 135 -7.74 -22.85 -36.45
N ALA A 136 -6.82 -22.98 -35.49
CA ALA A 136 -5.67 -22.09 -35.40
C ALA A 136 -4.74 -22.31 -36.59
N ASN A 137 -4.56 -23.57 -37.00
CA ASN A 137 -3.73 -23.90 -38.16
C ASN A 137 -4.32 -23.32 -39.45
N GLU A 138 -5.66 -23.24 -39.55
CA GLU A 138 -6.32 -22.65 -40.70
C GLU A 138 -5.99 -21.16 -40.77
N ILE A 139 -6.01 -20.47 -39.62
CA ILE A 139 -5.69 -19.04 -39.52
C ILE A 139 -4.23 -18.81 -39.87
N ALA A 140 -3.34 -19.66 -39.36
CA ALA A 140 -1.91 -19.57 -39.61
C ALA A 140 -1.58 -19.77 -41.09
N ASP A 141 -2.22 -20.76 -41.74
CA ASP A 141 -1.99 -21.02 -43.16
C ASP A 141 -2.59 -19.92 -44.03
N ALA A 142 -3.73 -19.34 -43.61
CA ALA A 142 -4.34 -18.23 -44.34
C ALA A 142 -3.54 -16.92 -44.19
N GLY A 143 -2.74 -16.80 -43.13
CA GLY A 143 -1.90 -15.64 -42.92
C GLY A 143 -0.69 -15.68 -43.83
N TYR A 144 -0.10 -16.85 -44.00
CA TYR A 144 1.05 -17.03 -44.87
C TYR A 144 0.64 -16.96 -46.34
N ASP A 145 -0.53 -17.51 -46.68
CA ASP A 145 -1.04 -17.46 -48.04
C ASP A 145 -2.41 -16.80 -48.05
N PRO A 146 -2.45 -15.46 -48.14
CA PRO A 146 -3.75 -14.77 -48.09
C PRO A 146 -4.58 -14.85 -49.37
N GLN A 147 -3.92 -14.92 -50.53
CA GLN A 147 -4.58 -14.98 -51.82
C GLN A 147 -5.54 -13.81 -52.07
N GLY A 148 -5.10 -12.61 -51.71
CA GLY A 148 -5.89 -11.39 -51.89
C GLY A 148 -6.74 -11.00 -50.70
N ARG A 149 -6.42 -11.53 -49.51
CA ARG A 149 -7.19 -11.21 -48.30
C ARG A 149 -6.54 -10.09 -47.49
N ASN A 150 -7.33 -9.06 -47.18
CA ASN A 150 -6.87 -7.91 -46.40
C ASN A 150 -6.68 -8.27 -44.92
N ALA A 151 -5.97 -7.42 -44.16
CA ALA A 151 -5.74 -7.68 -42.74
C ALA A 151 -7.06 -7.69 -41.96
N GLU A 152 -8.00 -6.81 -42.35
CA GLU A 152 -9.31 -6.71 -41.71
C GLU A 152 -10.14 -7.95 -42.04
N ASP A 153 -10.09 -8.40 -43.31
CA ASP A 153 -10.81 -9.58 -43.79
C ASP A 153 -10.31 -10.86 -43.12
N LEU A 154 -8.99 -10.95 -42.93
CA LEU A 154 -8.37 -12.11 -42.29
C LEU A 154 -8.69 -12.16 -40.79
N LEU A 155 -8.81 -10.98 -40.16
CA LEU A 155 -9.14 -10.88 -38.74
C LEU A 155 -10.55 -11.38 -38.48
N ASP A 156 -11.51 -10.98 -39.35
CA ASP A 156 -12.90 -11.42 -39.22
C ASP A 156 -13.04 -12.92 -39.53
N LEU A 157 -12.21 -13.44 -40.44
CA LEU A 157 -12.19 -14.86 -40.80
C LEU A 157 -11.67 -15.70 -39.63
N ALA A 158 -10.67 -15.20 -38.91
CA ALA A 158 -10.11 -15.88 -37.75
C ALA A 158 -11.10 -15.91 -36.59
N GLU A 159 -11.90 -14.84 -36.42
CA GLU A 159 -12.90 -14.78 -35.36
C GLU A 159 -14.05 -15.75 -35.65
N SER A 160 -14.49 -15.81 -36.91
CA SER A 160 -15.58 -16.69 -37.33
C SER A 160 -15.24 -18.17 -37.15
N LYS A 161 -13.96 -18.54 -37.26
CA LYS A 161 -13.55 -19.93 -37.08
C LYS A 161 -13.57 -20.32 -35.59
N VAL A 162 -13.24 -19.38 -34.70
CA VAL A 162 -13.25 -19.61 -33.26
C VAL A 162 -14.70 -19.64 -32.76
N PHE A 163 -15.53 -18.71 -33.25
CA PHE A 163 -16.95 -18.60 -32.94
C PHE A 163 -17.71 -19.91 -33.26
N ALA A 164 -17.28 -20.61 -34.32
CA ALA A 164 -17.87 -21.86 -34.76
C ALA A 164 -17.68 -22.98 -33.73
N ILE A 165 -16.53 -23.02 -33.06
CA ILE A 165 -16.28 -24.05 -32.03
C ILE A 165 -17.16 -23.79 -30.80
N ALA A 166 -17.38 -22.51 -30.46
CA ALA A 166 -18.24 -22.13 -29.34
C ALA A 166 -19.71 -22.47 -29.61
N GLU A 167 -20.13 -22.45 -30.88
CA GLU A 167 -21.49 -22.76 -31.30
C GLU A 167 -21.81 -24.26 -31.12
N ALA A 168 -20.83 -25.14 -31.38
CA ALA A 168 -21.03 -26.57 -31.24
C ALA A 168 -20.94 -27.06 -29.81
N ARG A 169 -20.10 -26.41 -29.00
CA ARG A 169 -19.87 -26.78 -27.62
C ARG A 169 -21.04 -26.44 -26.68
N THR A 170 -21.60 -25.23 -26.81
CA THR A 170 -22.67 -24.79 -25.92
C THR A 170 -24.09 -25.12 -26.38
N SER A 171 -24.29 -25.55 -27.63
CA SER A 171 -25.64 -25.86 -28.13
C SER A 171 -26.24 -27.16 -27.59
N GLU A 172 -25.43 -27.99 -26.92
CA GLU A 172 -25.91 -29.28 -26.41
C GLU A 172 -26.81 -29.15 -25.18
N ASN A 173 -26.40 -28.35 -24.17
CA ASN A 173 -27.17 -28.23 -22.94
C ASN A 173 -27.99 -26.93 -22.83
N GLU A 174 -27.34 -25.75 -22.82
CA GLU A 174 -28.06 -24.48 -22.65
C GLU A 174 -27.72 -23.39 -23.67
N GLY A 175 -28.73 -22.59 -23.97
CA GLY A 175 -28.66 -21.45 -24.88
C GLY A 175 -29.94 -20.64 -24.86
N PRO A 176 -30.09 -19.70 -25.80
CA PRO A 176 -31.32 -18.87 -25.82
C PRO A 176 -32.54 -19.68 -26.27
N LYS A 177 -33.46 -19.94 -25.35
CA LYS A 177 -34.65 -20.73 -25.64
C LYS A 177 -35.72 -19.91 -26.36
N ASN A 178 -36.54 -20.58 -27.18
CA ASN A 178 -37.62 -19.96 -27.94
C ASN A 178 -38.81 -19.63 -27.02
N VAL A 179 -39.68 -18.69 -27.45
CA VAL A 179 -40.87 -18.25 -26.73
C VAL A 179 -41.77 -19.44 -26.38
N ASP A 180 -41.94 -20.37 -27.33
CA ASP A 180 -42.78 -21.55 -27.15
C ASP A 180 -42.26 -22.45 -26.03
N SER A 181 -40.93 -22.57 -25.90
CA SER A 181 -40.29 -23.38 -24.87
C SER A 181 -40.40 -22.73 -23.50
N ILE A 182 -40.27 -21.40 -23.45
CA ILE A 182 -40.37 -20.64 -22.19
C ILE A 182 -41.82 -20.66 -21.68
N LEU A 183 -42.78 -20.57 -22.61
CA LEU A 183 -44.21 -20.64 -22.28
C LEU A 183 -44.58 -22.03 -21.76
N GLU A 184 -43.98 -23.08 -22.33
CA GLU A 184 -44.23 -24.46 -21.91
C GLU A 184 -43.64 -24.69 -20.51
N ARG A 185 -42.41 -24.19 -20.28
CA ARG A 185 -41.74 -24.36 -18.98
C ARG A 185 -42.30 -23.45 -17.87
N THR A 186 -43.01 -22.38 -18.25
CA THR A 186 -43.60 -21.48 -17.26
C THR A 186 -44.95 -22.02 -16.80
N LEU A 187 -45.77 -22.51 -17.73
CA LEU A 187 -47.08 -23.06 -17.40
C LEU A 187 -46.99 -24.37 -16.64
N GLU A 188 -45.94 -25.17 -16.89
CA GLU A 188 -45.73 -26.42 -16.15
C GLU A 188 -45.31 -26.12 -14.69
N ARG A 189 -44.57 -25.01 -14.49
CA ARG A 189 -44.13 -24.56 -13.18
C ARG A 189 -45.31 -24.00 -12.39
N ILE A 190 -46.23 -23.28 -13.04
CA ILE A 190 -47.41 -22.71 -12.41
C ILE A 190 -48.39 -23.82 -11.97
N GLU A 191 -48.55 -24.85 -12.80
CA GLU A 191 -49.43 -25.98 -12.49
C GLU A 191 -48.91 -26.81 -11.32
N LEU A 192 -47.57 -26.89 -11.16
CA LEU A 192 -46.96 -27.61 -10.05
C LEU A 192 -47.19 -26.91 -8.69
N LEU A 193 -47.44 -25.59 -8.71
CA LEU A 193 -47.72 -24.80 -7.51
C LEU A 193 -49.09 -25.14 -6.90
N TYR A 194 -50.04 -25.62 -7.72
CA TYR A 194 -51.37 -25.99 -7.22
C TYR A 194 -51.27 -27.25 -6.37
N LYS A 195 -50.41 -28.20 -6.77
CA LYS A 195 -50.26 -29.46 -6.05
C LYS A 195 -49.18 -29.46 -4.96
N THR A 196 -48.75 -28.28 -4.49
CA THR A 196 -47.74 -28.22 -3.42
C THR A 196 -48.37 -28.57 -2.05
N PRO A 197 -49.54 -28.01 -1.62
CA PRO A 197 -50.11 -28.46 -0.35
C PRO A 197 -51.05 -29.66 -0.48
N GLN A 198 -51.16 -30.26 -1.68
CA GLN A 198 -52.02 -31.41 -1.93
C GLN A 198 -51.31 -32.73 -1.64
N ASP A 199 -50.01 -32.79 -1.92
CA ASP A 199 -49.23 -34.01 -1.69
C ASP A 199 -48.80 -34.12 -0.24
N GLY A 200 -48.43 -33.01 0.36
CA GLY A 200 -47.98 -32.98 1.75
C GLY A 200 -46.47 -32.98 1.87
N VAL A 201 -45.94 -33.67 2.88
CA VAL A 201 -44.50 -33.75 3.09
C VAL A 201 -43.86 -34.71 2.10
N THR A 202 -42.99 -34.19 1.23
CA THR A 202 -42.33 -35.02 0.23
C THR A 202 -40.91 -35.37 0.64
N GLY A 203 -40.73 -35.76 1.90
CA GLY A 203 -39.41 -36.13 2.40
C GLY A 203 -39.14 -35.70 3.82
N VAL A 204 -38.28 -34.70 3.99
CA VAL A 204 -37.90 -34.19 5.31
C VAL A 204 -38.96 -33.27 5.90
N ASN A 205 -39.49 -33.64 7.07
CA ASN A 205 -40.50 -32.86 7.77
C ASN A 205 -39.86 -31.69 8.51
N THR A 206 -40.33 -30.48 8.24
CA THR A 206 -39.80 -29.28 8.90
C THR A 206 -40.27 -29.13 10.35
N GLY A 207 -41.43 -29.68 10.68
CA GLY A 207 -42.00 -29.60 12.01
C GLY A 207 -43.07 -28.54 12.16
N PHE A 208 -43.00 -27.51 11.31
CA PHE A 208 -43.98 -26.43 11.34
C PHE A 208 -45.03 -26.68 10.27
N THR A 209 -46.29 -26.88 10.67
CA THR A 209 -47.38 -27.16 9.74
C THR A 209 -47.67 -25.99 8.78
N ASP A 210 -47.39 -24.75 9.22
CA ASP A 210 -47.57 -23.57 8.39
C ASP A 210 -46.50 -23.52 7.29
N LEU A 211 -45.26 -23.89 7.63
CA LEU A 211 -44.14 -23.92 6.70
C LEU A 211 -44.28 -25.05 5.68
N ASN A 212 -44.88 -26.18 6.09
CA ASN A 212 -45.09 -27.34 5.21
C ASN A 212 -46.07 -27.09 4.05
N LYS A 213 -46.79 -25.96 4.06
CA LYS A 213 -47.71 -25.64 2.98
C LYS A 213 -46.94 -25.06 1.80
N LYS A 214 -45.96 -24.18 2.07
CA LYS A 214 -45.16 -23.54 1.03
C LYS A 214 -43.93 -24.38 0.67
N THR A 215 -43.25 -24.94 1.68
CA THR A 215 -42.04 -25.73 1.47
C THR A 215 -42.36 -27.12 0.91
N ALA A 216 -43.42 -27.75 1.46
CA ALA A 216 -43.90 -29.10 1.11
C ALA A 216 -42.82 -30.16 1.27
N GLY A 217 -42.10 -30.09 2.39
CA GLY A 217 -41.03 -31.03 2.68
C GLY A 217 -39.70 -30.57 2.11
N LEU A 218 -38.62 -30.78 2.86
CA LEU A 218 -37.28 -30.37 2.42
C LEU A 218 -36.73 -31.31 1.34
N GLN A 219 -36.60 -30.81 0.10
CA GLN A 219 -36.09 -31.60 -1.01
C GLN A 219 -34.58 -31.82 -0.91
N GLY A 220 -34.14 -33.02 -1.27
CA GLY A 220 -32.73 -33.38 -1.17
C GLY A 220 -31.82 -32.88 -2.27
N SER A 221 -32.34 -32.81 -3.51
CA SER A 221 -31.53 -32.40 -4.65
C SER A 221 -31.20 -30.90 -4.72
N ASP A 222 -31.74 -30.07 -3.79
CA ASP A 222 -31.48 -28.64 -3.83
C ASP A 222 -30.83 -28.08 -2.54
N LEU A 223 -30.23 -26.89 -2.66
CA LEU A 223 -29.56 -26.20 -1.55
C LEU A 223 -30.51 -25.19 -0.93
N ILE A 224 -30.66 -25.23 0.40
CA ILE A 224 -31.53 -24.30 1.11
C ILE A 224 -30.69 -23.34 1.94
N ILE A 225 -30.77 -22.04 1.67
CA ILE A 225 -30.00 -21.05 2.42
C ILE A 225 -30.92 -20.19 3.30
N VAL A 226 -30.74 -20.29 4.63
CA VAL A 226 -31.52 -19.51 5.57
C VAL A 226 -30.68 -18.32 6.04
N ALA A 227 -31.13 -17.10 5.77
CA ALA A 227 -30.39 -15.91 6.15
C ALA A 227 -31.17 -14.99 7.06
N ALA A 228 -30.50 -14.41 8.05
CA ALA A 228 -31.13 -13.48 8.99
C ALA A 228 -30.14 -12.47 9.52
N ARG A 229 -30.61 -11.25 9.73
CA ARG A 229 -29.79 -10.18 10.29
C ARG A 229 -29.64 -10.45 11.81
N PRO A 230 -28.46 -10.19 12.42
CA PRO A 230 -28.27 -10.48 13.86
C PRO A 230 -29.46 -10.16 14.78
N SER A 231 -29.65 -11.01 15.82
CA SER A 231 -30.70 -10.93 16.84
C SER A 231 -32.05 -11.53 16.39
N MET A 232 -32.15 -12.01 15.15
CA MET A 232 -33.38 -12.62 14.66
C MET A 232 -33.52 -14.08 15.12
N GLY A 233 -32.39 -14.76 15.27
CA GLY A 233 -32.37 -16.15 15.70
C GLY A 233 -32.16 -17.10 14.54
N LYS A 234 -31.12 -16.86 13.73
CA LYS A 234 -30.83 -17.72 12.60
C LYS A 234 -30.34 -19.09 13.06
N THR A 235 -29.50 -19.11 14.11
CA THR A 235 -28.99 -20.36 14.67
C THR A 235 -30.13 -21.15 15.33
N THR A 236 -31.05 -20.43 16.01
CA THR A 236 -32.21 -21.01 16.68
C THR A 236 -33.16 -21.68 15.69
N PHE A 237 -33.40 -21.04 14.53
CA PHE A 237 -34.28 -21.61 13.51
C PHE A 237 -33.64 -22.81 12.82
N ALA A 238 -32.31 -22.76 12.62
CA ALA A 238 -31.57 -23.86 12.00
C ALA A 238 -31.55 -25.08 12.93
N MET A 239 -31.43 -24.84 14.25
CA MET A 239 -31.43 -25.91 15.23
C MET A 239 -32.81 -26.57 15.33
N ASN A 240 -33.88 -25.78 15.19
CA ASN A 240 -35.25 -26.28 15.23
C ASN A 240 -35.58 -27.16 14.02
N LEU A 241 -34.94 -26.89 12.87
CA LEU A 241 -35.15 -27.72 11.68
C LEU A 241 -34.46 -29.07 11.86
N CYS A 242 -33.27 -29.09 12.49
CA CYS A 242 -32.53 -30.31 12.78
C CYS A 242 -33.23 -31.14 13.87
N GLU A 243 -33.89 -30.46 14.83
CA GLU A 243 -34.63 -31.06 15.93
C GLU A 243 -35.70 -32.03 15.42
N ASN A 244 -36.53 -31.57 14.48
CA ASN A 244 -37.61 -32.38 13.93
C ASN A 244 -37.12 -33.44 12.94
N ALA A 245 -36.02 -33.14 12.22
CA ALA A 245 -35.45 -34.08 11.26
C ALA A 245 -34.80 -35.28 11.95
N ALA A 246 -34.23 -35.08 13.15
CA ALA A 246 -33.61 -36.17 13.89
C ALA A 246 -34.62 -37.11 14.54
N MET A 247 -35.84 -36.62 14.81
CA MET A 247 -36.87 -37.43 15.45
C MET A 247 -37.80 -38.08 14.43
N GLU A 248 -38.21 -37.34 13.39
CA GLU A 248 -39.11 -37.88 12.38
C GLU A 248 -38.41 -38.78 11.36
N GLN A 249 -37.30 -38.31 10.76
CA GLN A 249 -36.59 -39.10 9.76
C GLN A 249 -35.68 -40.13 10.43
N ASP A 250 -35.64 -41.35 9.87
CA ASP A 250 -34.83 -42.44 10.39
C ASP A 250 -33.33 -42.23 10.15
N LYS A 251 -32.97 -41.58 9.04
CA LYS A 251 -31.57 -41.33 8.71
C LYS A 251 -31.00 -40.18 9.55
N PRO A 252 -29.71 -40.27 9.95
CA PRO A 252 -29.15 -39.23 10.84
C PRO A 252 -28.90 -37.86 10.23
N VAL A 253 -28.82 -36.83 11.08
CA VAL A 253 -28.54 -35.46 10.66
C VAL A 253 -27.10 -35.08 10.96
N LEU A 254 -26.51 -34.24 10.12
CA LEU A 254 -25.12 -33.82 10.29
C LEU A 254 -25.03 -32.30 10.44
N ILE A 255 -24.44 -31.82 11.54
CA ILE A 255 -24.31 -30.38 11.78
C ILE A 255 -22.85 -29.94 11.89
N PHE A 256 -22.44 -29.01 11.02
CA PHE A 256 -21.09 -28.47 11.04
C PHE A 256 -21.06 -27.21 11.88
N SER A 257 -20.53 -27.29 13.09
CA SER A 257 -20.47 -26.15 13.99
C SER A 257 -19.20 -25.32 13.83
N LEU A 258 -19.37 -24.04 13.52
CA LEU A 258 -18.25 -23.11 13.32
C LEU A 258 -18.39 -21.90 14.25
N GLU A 259 -19.63 -21.41 14.43
CA GLU A 259 -19.92 -20.26 15.28
C GLU A 259 -19.78 -20.60 16.76
N MET A 260 -20.38 -21.70 17.19
CA MET A 260 -20.35 -22.13 18.60
C MET A 260 -20.02 -23.63 18.71
N PRO A 261 -19.39 -24.07 19.81
CA PRO A 261 -19.04 -25.49 19.94
C PRO A 261 -20.24 -26.43 20.10
N ALA A 262 -20.02 -27.74 20.02
CA ALA A 262 -21.06 -28.76 20.14
C ALA A 262 -21.74 -28.76 21.51
N GLU A 263 -21.04 -28.28 22.55
CA GLU A 263 -21.58 -28.22 23.90
C GLU A 263 -22.67 -27.14 23.97
N GLN A 264 -22.42 -25.97 23.37
CA GLN A 264 -23.39 -24.87 23.35
C GLN A 264 -24.59 -25.21 22.47
N ILE A 265 -24.36 -25.97 21.38
CA ILE A 265 -25.40 -26.42 20.46
C ILE A 265 -26.31 -27.42 21.17
N MET A 266 -25.74 -28.32 21.97
CA MET A 266 -26.51 -29.31 22.72
C MET A 266 -27.28 -28.67 23.88
N MET A 267 -26.71 -27.61 24.49
CA MET A 267 -27.38 -26.88 25.57
C MET A 267 -28.62 -26.15 25.02
N ARG A 268 -28.51 -25.58 23.82
CA ARG A 268 -29.61 -24.88 23.16
C ARG A 268 -30.69 -25.87 22.71
N MET A 269 -30.28 -27.07 22.25
CA MET A 269 -31.18 -28.11 21.81
C MET A 269 -31.95 -28.74 22.99
N LEU A 270 -31.31 -28.80 24.16
CA LEU A 270 -31.95 -29.33 25.38
C LEU A 270 -33.04 -28.39 25.89
N ALA A 271 -32.89 -27.07 25.67
CA ALA A 271 -33.86 -26.07 26.08
C ALA A 271 -35.14 -26.19 25.26
N SER A 272 -35.01 -26.50 23.95
CA SER A 272 -36.17 -26.67 23.08
C SER A 272 -36.86 -28.02 23.30
N LEU A 273 -36.08 -29.06 23.67
CA LEU A 273 -36.60 -30.40 23.90
C LEU A 273 -37.41 -30.52 25.19
N SER A 274 -37.17 -29.63 26.17
CA SER A 274 -37.89 -29.69 27.45
C SER A 274 -38.64 -28.41 27.82
N ARG A 275 -38.60 -27.38 26.96
CA ARG A 275 -39.24 -26.08 27.17
C ARG A 275 -38.76 -25.35 28.44
N VAL A 276 -37.56 -25.71 28.93
CA VAL A 276 -36.97 -25.07 30.10
C VAL A 276 -36.14 -23.88 29.64
N ASP A 277 -36.29 -22.72 30.31
CA ASP A 277 -35.60 -21.48 29.93
C ASP A 277 -34.09 -21.65 29.73
N GLN A 278 -33.60 -21.16 28.59
CA GLN A 278 -32.20 -21.23 28.14
C GLN A 278 -31.19 -20.86 29.22
N THR A 279 -31.49 -19.81 30.00
CA THR A 279 -30.61 -19.32 31.06
C THR A 279 -30.23 -20.38 32.09
N LYS A 280 -31.19 -21.20 32.53
CA LYS A 280 -30.94 -22.24 33.54
C LYS A 280 -29.95 -23.33 33.12
N ILE A 281 -29.95 -23.69 31.83
CA ILE A 281 -29.06 -24.74 31.34
C ILE A 281 -27.61 -24.25 31.26
N ARG A 282 -27.38 -23.07 30.67
CA ARG A 282 -26.03 -22.53 30.55
C ARG A 282 -25.47 -21.95 31.86
N THR A 283 -26.31 -21.82 32.91
CA THR A 283 -25.87 -21.31 34.21
C THR A 283 -25.60 -22.49 35.16
N GLY A 284 -26.47 -23.50 35.12
CA GLY A 284 -26.33 -24.67 35.96
C GLY A 284 -27.41 -24.80 37.01
N GLN A 285 -27.74 -23.68 37.68
CA GLN A 285 -28.76 -23.70 38.72
C GLN A 285 -30.17 -23.87 38.16
N LEU A 286 -30.77 -25.04 38.42
CA LEU A 286 -32.13 -25.32 37.97
C LEU A 286 -32.90 -26.20 38.95
N ASP A 287 -34.23 -26.05 38.96
CA ASP A 287 -35.13 -26.78 39.87
C ASP A 287 -35.17 -28.29 39.62
N ASP A 288 -35.69 -29.06 40.60
CA ASP A 288 -35.83 -30.51 40.49
C ASP A 288 -36.88 -30.88 39.42
N GLU A 289 -37.90 -30.04 39.25
CA GLU A 289 -38.95 -30.22 38.24
C GLU A 289 -38.32 -30.06 36.84
N ASP A 290 -37.43 -29.07 36.68
CA ASP A 290 -36.74 -28.78 35.43
C ASP A 290 -35.78 -29.92 35.07
N TRP A 291 -35.11 -30.51 36.08
CA TRP A 291 -34.19 -31.62 35.88
C TRP A 291 -34.91 -32.90 35.43
N ALA A 292 -36.16 -33.08 35.88
CA ALA A 292 -36.97 -34.24 35.49
C ALA A 292 -37.34 -34.15 33.99
N ARG A 293 -37.60 -32.93 33.49
CA ARG A 293 -37.91 -32.70 32.08
C ARG A 293 -36.66 -32.88 31.20
N ILE A 294 -35.48 -32.53 31.73
CA ILE A 294 -34.19 -32.68 31.06
C ILE A 294 -33.86 -34.17 30.96
N SER A 295 -34.08 -34.92 32.06
CA SER A 295 -33.82 -36.36 32.12
C SER A 295 -34.80 -37.17 31.26
N SER A 296 -36.03 -36.68 31.07
CA SER A 296 -37.03 -37.38 30.26
C SER A 296 -36.66 -37.31 28.78
N THR A 297 -36.18 -36.16 28.33
CA THR A 297 -35.78 -35.98 26.93
C THR A 297 -34.38 -36.55 26.63
N MET A 298 -33.57 -36.80 27.68
CA MET A 298 -32.23 -37.35 27.53
C MET A 298 -32.28 -38.78 27.01
N GLY A 299 -33.22 -39.56 27.54
CA GLY A 299 -33.41 -40.96 27.16
C GLY A 299 -33.89 -41.13 25.73
N ILE A 300 -34.85 -40.28 25.31
CA ILE A 300 -35.38 -40.31 23.95
C ILE A 300 -34.29 -39.90 22.93
N LEU A 301 -33.41 -38.97 23.32
CA LEU A 301 -32.31 -38.51 22.47
C LEU A 301 -31.25 -39.60 22.31
N MET A 302 -31.02 -40.40 23.35
CA MET A 302 -30.06 -41.50 23.32
C MET A 302 -30.56 -42.71 22.52
N GLU A 303 -31.87 -42.89 22.42
CA GLU A 303 -32.45 -44.03 21.72
C GLU A 303 -32.46 -43.84 20.20
N LYS A 304 -32.60 -42.59 19.74
CA LYS A 304 -32.63 -42.31 18.31
C LYS A 304 -31.24 -42.32 17.66
N LYS A 305 -30.27 -41.63 18.28
CA LYS A 305 -28.89 -41.53 17.81
C LYS A 305 -28.73 -41.00 16.37
N ASN A 306 -29.10 -39.73 16.15
CA ASN A 306 -28.99 -39.12 14.81
C ASN A 306 -28.18 -37.82 14.78
N MET A 307 -27.95 -37.19 15.93
CA MET A 307 -27.21 -35.92 16.01
C MET A 307 -25.69 -36.07 15.93
N TYR A 308 -25.11 -35.78 14.75
CA TYR A 308 -23.67 -35.84 14.59
C TYR A 308 -23.14 -34.42 14.39
N ILE A 309 -22.41 -33.89 15.38
CA ILE A 309 -21.92 -32.52 15.34
C ILE A 309 -20.40 -32.47 15.19
N ASP A 310 -19.90 -31.58 14.32
CA ASP A 310 -18.48 -31.39 14.11
C ASP A 310 -18.09 -29.99 14.58
N ASP A 311 -17.48 -29.87 15.76
CA ASP A 311 -17.09 -28.58 16.30
C ASP A 311 -15.70 -28.10 15.83
N SER A 312 -15.48 -28.08 14.51
CA SER A 312 -14.21 -27.64 13.95
C SER A 312 -14.35 -26.21 13.43
N SER A 313 -13.48 -25.30 13.87
CA SER A 313 -13.53 -23.90 13.45
C SER A 313 -12.99 -23.69 12.04
N GLY A 314 -11.89 -24.37 11.72
CA GLY A 314 -11.28 -24.27 10.40
C GLY A 314 -11.79 -25.32 9.43
N LEU A 315 -12.86 -25.00 8.71
CA LEU A 315 -13.46 -25.94 7.77
C LEU A 315 -13.38 -25.49 6.32
N THR A 316 -12.74 -26.31 5.48
CA THR A 316 -12.61 -26.02 4.04
C THR A 316 -13.68 -26.81 3.27
N PRO A 317 -14.15 -26.33 2.10
CA PRO A 317 -15.16 -27.10 1.35
C PRO A 317 -14.77 -28.54 1.00
N THR A 318 -13.45 -28.82 0.98
CA THR A 318 -12.93 -30.15 0.72
C THR A 318 -13.22 -31.04 1.94
N GLU A 319 -12.94 -30.52 3.15
CA GLU A 319 -13.17 -31.22 4.41
C GLU A 319 -14.67 -31.40 4.71
N VAL A 320 -15.51 -30.47 4.25
CA VAL A 320 -16.95 -30.55 4.47
C VAL A 320 -17.55 -31.69 3.65
N ARG A 321 -17.17 -31.79 2.37
CA ARG A 321 -17.66 -32.85 1.48
C ARG A 321 -17.12 -34.22 1.89
N SER A 322 -15.90 -34.27 2.41
CA SER A 322 -15.29 -35.54 2.83
C SER A 322 -15.95 -36.08 4.09
N ARG A 323 -16.23 -35.20 5.06
CA ARG A 323 -16.86 -35.61 6.32
C ARG A 323 -18.33 -35.99 6.14
N ALA A 324 -19.02 -35.38 5.16
CA ALA A 324 -20.42 -35.71 4.90
C ALA A 324 -20.53 -37.06 4.20
N ARG A 325 -19.62 -37.33 3.24
CA ARG A 325 -19.60 -38.59 2.51
C ARG A 325 -19.18 -39.76 3.42
N ARG A 326 -18.34 -39.49 4.43
CA ARG A 326 -17.88 -40.52 5.36
C ARG A 326 -19.00 -40.96 6.31
N ILE A 327 -19.74 -40.00 6.87
CA ILE A 327 -20.84 -40.31 7.79
C ILE A 327 -21.99 -41.01 7.07
N ALA A 328 -22.26 -40.62 5.82
CA ALA A 328 -23.32 -41.25 5.03
C ALA A 328 -22.96 -42.69 4.67
N ARG A 329 -21.67 -42.97 4.43
CA ARG A 329 -21.19 -44.31 4.09
C ARG A 329 -21.27 -45.24 5.32
N GLU A 330 -21.01 -44.70 6.51
CA GLU A 330 -21.03 -45.47 7.76
C GLU A 330 -22.43 -45.87 8.20
N HIS A 331 -23.40 -44.94 8.13
CA HIS A 331 -24.75 -45.23 8.60
C HIS A 331 -25.79 -45.32 7.48
N GLY A 332 -25.41 -45.88 6.34
CA GLY A 332 -26.32 -46.05 5.21
C GLY A 332 -26.52 -44.81 4.37
N GLY A 333 -26.91 -43.71 5.01
CA GLY A 333 -27.14 -42.44 4.34
C GLY A 333 -27.58 -41.36 5.29
N LEU A 334 -27.31 -40.09 4.94
CA LEU A 334 -27.70 -38.94 5.77
C LEU A 334 -29.16 -38.51 5.50
N SER A 335 -29.64 -37.45 6.17
CA SER A 335 -30.99 -36.95 5.94
C SER A 335 -31.04 -35.43 5.84
N LEU A 336 -30.14 -34.73 6.54
CA LEU A 336 -30.09 -33.26 6.51
C LEU A 336 -28.72 -32.76 6.97
N ILE A 337 -28.07 -31.94 6.15
CA ILE A 337 -26.76 -31.38 6.51
C ILE A 337 -26.90 -29.89 6.77
N MET A 338 -26.57 -29.44 7.99
CA MET A 338 -26.69 -28.03 8.34
C MET A 338 -25.32 -27.40 8.60
N VAL A 339 -25.10 -26.20 8.07
CA VAL A 339 -23.85 -25.46 8.26
C VAL A 339 -24.13 -24.26 9.16
N ASP A 340 -23.30 -24.04 10.20
CA ASP A 340 -23.52 -22.93 11.13
C ASP A 340 -23.27 -21.56 10.51
N TYR A 341 -22.23 -21.44 9.68
CA TYR A 341 -21.92 -20.17 9.03
C TYR A 341 -21.32 -20.39 7.64
N LEU A 342 -21.83 -19.69 6.65
CA LEU A 342 -21.32 -19.79 5.28
C LEU A 342 -20.00 -19.01 5.16
N GLN A 343 -19.92 -17.85 5.82
CA GLN A 343 -18.74 -16.99 5.79
C GLN A 343 -17.57 -17.52 6.63
N LEU A 344 -17.85 -18.36 7.65
CA LEU A 344 -16.78 -18.93 8.47
C LEU A 344 -15.96 -20.01 7.75
N MET A 345 -16.55 -20.64 6.73
CA MET A 345 -15.84 -21.61 5.90
C MET A 345 -14.84 -20.88 5.01
N ARG A 346 -13.70 -21.51 4.70
CA ARG A 346 -12.69 -20.86 3.87
C ARG A 346 -12.01 -21.81 2.90
N VAL A 347 -11.69 -21.31 1.71
CA VAL A 347 -10.97 -22.10 0.72
C VAL A 347 -9.57 -21.50 0.57
N PRO A 348 -8.52 -22.31 0.81
CA PRO A 348 -7.15 -21.77 0.76
C PRO A 348 -6.71 -21.25 -0.61
N ALA A 349 -7.30 -21.78 -1.69
CA ALA A 349 -6.97 -21.34 -3.03
C ALA A 349 -7.55 -19.94 -3.36
N LEU A 350 -8.65 -19.55 -2.70
CA LEU A 350 -9.28 -18.26 -2.95
C LEU A 350 -9.27 -17.35 -1.73
N THR A 351 -8.16 -17.35 -0.96
CA THR A 351 -8.05 -16.50 0.23
C THR A 351 -7.89 -15.01 -0.10
N ASP A 352 -7.35 -14.69 -1.27
CA ASP A 352 -7.17 -13.30 -1.69
C ASP A 352 -8.50 -12.68 -2.13
N ASN A 353 -9.20 -13.35 -3.07
CA ASN A 353 -10.47 -12.83 -3.57
C ASN A 353 -11.63 -13.32 -2.71
N ARG A 354 -12.27 -12.42 -1.99
CA ARG A 354 -13.40 -12.75 -1.12
C ARG A 354 -14.69 -12.99 -1.92
N THR A 355 -14.85 -12.29 -3.05
CA THR A 355 -16.01 -12.41 -3.91
C THR A 355 -16.14 -13.81 -4.51
N LEU A 356 -15.05 -14.33 -5.08
CA LEU A 356 -15.06 -15.68 -5.67
C LEU A 356 -14.91 -16.81 -4.64
N GLU A 357 -14.62 -16.49 -3.37
CA GLU A 357 -14.50 -17.46 -2.31
C GLU A 357 -15.90 -17.92 -1.89
N ILE A 358 -16.83 -16.97 -1.72
CA ILE A 358 -18.22 -17.25 -1.34
C ILE A 358 -18.96 -18.00 -2.44
N ALA A 359 -18.68 -17.64 -3.71
CA ALA A 359 -19.30 -18.29 -4.86
C ALA A 359 -18.85 -19.75 -5.01
N GLU A 360 -17.61 -20.06 -4.60
CA GLU A 360 -17.08 -21.42 -4.66
C GLU A 360 -17.67 -22.28 -3.53
N ILE A 361 -17.86 -21.70 -2.34
CA ILE A 361 -18.45 -22.40 -1.21
C ILE A 361 -19.92 -22.70 -1.49
N SER A 362 -20.63 -21.73 -2.08
CA SER A 362 -22.04 -21.90 -2.44
C SER A 362 -22.22 -23.00 -3.51
N ARG A 363 -21.25 -23.13 -4.41
CA ARG A 363 -21.25 -24.14 -5.46
C ARG A 363 -20.93 -25.52 -4.87
N SER A 364 -19.95 -25.57 -3.95
CA SER A 364 -19.53 -26.81 -3.30
C SER A 364 -20.63 -27.38 -2.41
N LEU A 365 -21.39 -26.50 -1.73
CA LEU A 365 -22.48 -26.93 -0.87
C LEU A 365 -23.67 -27.44 -1.70
N LYS A 366 -23.90 -26.85 -2.87
CA LYS A 366 -24.96 -27.27 -3.79
C LYS A 366 -24.61 -28.63 -4.40
N ALA A 367 -23.32 -28.84 -4.73
CA ALA A 367 -22.84 -30.11 -5.29
C ALA A 367 -22.95 -31.25 -4.27
N LEU A 368 -22.81 -30.93 -2.97
CA LEU A 368 -22.93 -31.91 -1.89
C LEU A 368 -24.39 -32.36 -1.77
N ALA A 369 -25.34 -31.42 -1.93
CA ALA A 369 -26.78 -31.69 -1.88
C ALA A 369 -27.26 -32.52 -3.07
N LYS A 370 -26.58 -32.40 -4.23
CA LYS A 370 -26.94 -33.15 -5.43
C LYS A 370 -26.36 -34.56 -5.34
N GLU A 371 -25.11 -34.68 -4.87
CA GLU A 371 -24.43 -35.97 -4.75
C GLU A 371 -25.04 -36.85 -3.64
N LEU A 372 -25.20 -36.30 -2.43
CA LEU A 372 -25.76 -37.06 -1.32
C LEU A 372 -27.30 -37.15 -1.33
N ASN A 373 -27.96 -36.30 -2.13
CA ASN A 373 -29.42 -36.21 -2.26
C ASN A 373 -30.12 -35.92 -0.92
N VAL A 374 -29.51 -35.05 -0.12
CA VAL A 374 -30.06 -34.66 1.18
C VAL A 374 -30.17 -33.13 1.29
N PRO A 375 -31.27 -32.61 1.89
CA PRO A 375 -31.41 -31.15 1.98
C PRO A 375 -30.31 -30.49 2.80
N VAL A 376 -29.63 -29.51 2.21
CA VAL A 376 -28.56 -28.82 2.90
C VAL A 376 -28.98 -27.43 3.35
N VAL A 377 -29.07 -27.22 4.67
CA VAL A 377 -29.45 -25.93 5.23
C VAL A 377 -28.20 -25.13 5.58
N ALA A 378 -27.76 -24.27 4.66
CA ALA A 378 -26.58 -23.46 4.88
C ALA A 378 -26.98 -22.10 5.44
N LEU A 379 -26.50 -21.78 6.64
CA LEU A 379 -26.84 -20.51 7.28
C LEU A 379 -25.93 -19.39 6.79
N SER A 380 -26.51 -18.21 6.52
CA SER A 380 -25.74 -17.06 6.07
C SER A 380 -26.23 -15.77 6.74
N GLN A 381 -25.39 -14.72 6.75
CA GLN A 381 -25.78 -13.45 7.37
C GLN A 381 -25.94 -12.33 6.35
N LEU A 382 -27.00 -11.53 6.52
CA LEU A 382 -27.28 -10.41 5.62
C LEU A 382 -26.31 -9.24 5.82
N ASN A 383 -26.20 -8.35 4.82
CA ASN A 383 -25.34 -7.18 4.92
C ASN A 383 -26.01 -6.06 5.73
N ARG A 384 -25.22 -5.12 6.26
CA ARG A 384 -25.76 -4.00 7.03
C ARG A 384 -26.44 -2.90 6.17
N SER A 385 -26.71 -3.19 4.89
CA SER A 385 -27.33 -2.24 3.97
C SER A 385 -28.82 -2.05 4.26
N LEU A 386 -29.50 -3.09 4.76
CA LEU A 386 -30.92 -2.99 5.07
C LEU A 386 -31.22 -2.22 6.37
N GLU A 387 -30.19 -1.90 7.17
CA GLU A 387 -30.35 -1.14 8.42
C GLU A 387 -30.63 0.33 8.10
N GLN A 388 -29.96 0.88 7.08
CA GLN A 388 -30.17 2.27 6.66
C GLN A 388 -31.41 2.46 5.76
N ARG A 389 -32.05 1.36 5.32
CA ARG A 389 -33.24 1.36 4.47
C ARG A 389 -34.50 1.80 5.22
N ALA A 390 -34.54 1.60 6.55
CA ALA A 390 -35.66 1.91 7.45
C ALA A 390 -36.90 1.02 7.26
N ASP A 391 -36.86 0.06 6.32
CA ASP A 391 -37.97 -0.89 6.15
C ASP A 391 -37.61 -2.19 6.87
N LYS A 392 -36.35 -2.64 6.71
CA LYS A 392 -35.70 -3.77 7.36
C LYS A 392 -36.21 -5.16 6.97
N ARG A 393 -37.18 -5.26 6.06
CA ARG A 393 -37.64 -6.57 5.58
C ARG A 393 -36.59 -7.13 4.63
N PRO A 394 -36.01 -8.30 4.95
CA PRO A 394 -34.94 -8.84 4.10
C PRO A 394 -35.36 -9.30 2.72
N VAL A 395 -34.84 -8.64 1.69
CA VAL A 395 -35.10 -8.97 0.29
C VAL A 395 -33.97 -9.88 -0.24
N ASN A 396 -34.27 -10.72 -1.24
CA ASN A 396 -33.30 -11.65 -1.81
C ASN A 396 -32.09 -10.96 -2.48
N SER A 397 -32.23 -9.70 -2.88
CA SER A 397 -31.14 -8.95 -3.49
C SER A 397 -30.10 -8.42 -2.47
N ASP A 398 -30.44 -8.43 -1.17
CA ASP A 398 -29.53 -7.96 -0.12
C ASP A 398 -28.40 -8.97 0.11
N LEU A 399 -28.72 -10.27 0.02
CA LEU A 399 -27.72 -11.31 0.21
C LEU A 399 -26.74 -11.45 -0.97
N ARG A 400 -27.05 -10.82 -2.13
CA ARG A 400 -26.19 -10.84 -3.31
C ARG A 400 -24.85 -10.11 -3.02
N GLU A 401 -24.88 -9.08 -2.17
CA GLU A 401 -23.69 -8.33 -1.75
C GLU A 401 -22.67 -9.24 -1.08
N SER A 402 -23.14 -10.22 -0.30
CA SER A 402 -22.28 -11.15 0.41
C SER A 402 -21.60 -12.12 -0.55
N GLY A 403 -22.33 -12.59 -1.56
CA GLY A 403 -21.80 -13.50 -2.55
C GLY A 403 -22.84 -14.01 -3.53
N SER A 404 -22.41 -14.79 -4.52
CA SER A 404 -23.30 -15.33 -5.54
C SER A 404 -23.98 -16.60 -5.03
N ILE A 405 -25.18 -16.46 -4.45
CA ILE A 405 -25.90 -17.61 -3.91
C ILE A 405 -27.26 -17.86 -4.58
N GLU A 406 -27.82 -16.85 -5.27
CA GLU A 406 -29.11 -16.95 -5.93
C GLU A 406 -29.14 -17.99 -7.04
N GLN A 407 -28.06 -18.07 -7.82
CA GLN A 407 -27.97 -19.03 -8.91
C GLN A 407 -27.70 -20.46 -8.44
N ASP A 408 -27.15 -20.63 -7.23
CA ASP A 408 -26.84 -21.97 -6.71
C ASP A 408 -27.96 -22.52 -5.81
N ALA A 409 -28.39 -21.76 -4.80
CA ALA A 409 -29.43 -22.22 -3.89
C ALA A 409 -30.83 -22.06 -4.49
N ASP A 410 -31.69 -23.06 -4.31
CA ASP A 410 -33.04 -23.02 -4.84
C ASP A 410 -34.01 -22.39 -3.84
N LEU A 411 -33.92 -22.77 -2.55
CA LEU A 411 -34.80 -22.23 -1.53
C LEU A 411 -34.07 -21.24 -0.62
N ILE A 412 -34.49 -19.98 -0.66
CA ILE A 412 -33.90 -18.92 0.15
C ILE A 412 -34.97 -18.30 1.03
N MET A 413 -34.94 -18.57 2.34
CA MET A 413 -35.92 -18.01 3.27
C MET A 413 -35.27 -17.10 4.31
N PHE A 414 -35.94 -15.99 4.63
CA PHE A 414 -35.41 -15.02 5.58
C PHE A 414 -36.22 -15.00 6.88
N ILE A 415 -35.57 -14.64 7.98
CA ILE A 415 -36.24 -14.57 9.29
C ILE A 415 -36.42 -13.12 9.70
N TYR A 416 -37.67 -12.68 9.85
CA TYR A 416 -37.94 -11.29 10.23
C TYR A 416 -38.95 -11.19 11.36
N ARG A 417 -38.50 -10.73 12.53
CA ARG A 417 -39.38 -10.53 13.67
C ARG A 417 -39.58 -9.02 13.82
N ASP A 418 -40.84 -8.58 13.87
CA ASP A 418 -41.15 -7.15 13.96
C ASP A 418 -40.80 -6.51 15.29
N GLU A 419 -40.65 -7.31 16.36
CA GLU A 419 -40.32 -6.78 17.69
C GLU A 419 -38.84 -6.41 17.86
N VAL A 420 -37.98 -6.81 16.92
CA VAL A 420 -36.55 -6.52 17.02
C VAL A 420 -36.26 -5.06 16.68
N TYR A 421 -36.89 -4.54 15.62
CA TYR A 421 -36.67 -3.16 15.20
C TYR A 421 -37.69 -2.19 15.80
N HIS A 422 -38.92 -2.65 16.03
CA HIS A 422 -39.96 -1.79 16.57
C HIS A 422 -40.53 -2.34 17.87
N PRO A 423 -40.48 -1.56 18.96
CA PRO A 423 -41.02 -2.03 20.24
C PRO A 423 -42.54 -2.04 20.31
N ASP A 424 -43.20 -1.13 19.56
CA ASP A 424 -44.66 -1.06 19.54
C ASP A 424 -45.26 -1.82 18.37
N SER A 425 -44.61 -2.91 17.95
CA SER A 425 -45.04 -3.73 16.83
C SER A 425 -46.22 -4.63 17.19
N PRO A 426 -47.14 -4.88 16.25
CA PRO A 426 -48.26 -5.79 16.55
C PRO A 426 -47.82 -7.25 16.63
N LEU A 427 -46.76 -7.63 15.91
CA LEU A 427 -46.23 -9.00 15.92
C LEU A 427 -45.33 -9.19 17.16
N LYS A 428 -45.94 -9.19 18.34
CA LYS A 428 -45.20 -9.35 19.58
C LYS A 428 -44.87 -10.82 19.81
N GLY A 429 -43.63 -11.19 19.58
CA GLY A 429 -43.16 -12.56 19.73
C GLY A 429 -43.50 -13.44 18.56
N THR A 430 -43.53 -12.86 17.35
CA THR A 430 -43.84 -13.60 16.14
C THR A 430 -42.88 -13.25 15.01
N ALA A 431 -42.08 -14.22 14.58
CA ALA A 431 -41.13 -13.99 13.49
C ALA A 431 -41.68 -14.65 12.22
N GLU A 432 -41.78 -13.88 11.13
CA GLU A 432 -42.30 -14.42 9.88
C GLU A 432 -41.21 -14.90 8.94
N ILE A 433 -41.21 -16.21 8.62
CA ILE A 433 -40.24 -16.79 7.71
C ILE A 433 -40.66 -16.44 6.30
N ILE A 434 -40.10 -15.34 5.77
CA ILE A 434 -40.45 -14.88 4.43
C ILE A 434 -39.62 -15.56 3.36
N ILE A 435 -40.25 -16.41 2.53
CA ILE A 435 -39.56 -17.10 1.46
C ILE A 435 -39.39 -16.15 0.27
N GLY A 436 -38.15 -15.83 -0.06
CA GLY A 436 -37.84 -14.92 -1.16
C GLY A 436 -37.58 -15.61 -2.48
N LYS A 437 -37.22 -16.89 -2.45
CA LYS A 437 -36.93 -17.64 -3.67
C LYS A 437 -37.17 -19.14 -3.45
N GLN A 438 -37.88 -19.79 -4.39
CA GLN A 438 -38.14 -21.23 -4.33
C GLN A 438 -38.54 -21.75 -5.70
N ARG A 439 -37.71 -22.61 -6.29
CA ARG A 439 -37.97 -23.15 -7.61
C ARG A 439 -39.01 -24.26 -7.59
N ASN A 440 -38.95 -25.15 -6.59
CA ASN A 440 -39.87 -26.29 -6.51
C ASN A 440 -41.30 -25.90 -6.08
N GLY A 441 -41.41 -25.08 -5.05
CA GLY A 441 -42.70 -24.66 -4.52
C GLY A 441 -42.95 -23.17 -4.56
N PRO A 442 -44.09 -22.72 -4.01
CA PRO A 442 -44.40 -21.28 -4.04
C PRO A 442 -43.75 -20.49 -2.93
N ILE A 443 -43.68 -19.16 -3.09
CA ILE A 443 -43.08 -18.29 -2.09
C ILE A 443 -44.14 -17.46 -1.33
N GLY A 444 -43.78 -16.97 -0.16
CA GLY A 444 -44.68 -16.16 0.65
C GLY A 444 -44.22 -15.96 2.08
N SER A 445 -44.89 -15.06 2.80
CA SER A 445 -44.54 -14.77 4.20
C SER A 445 -45.30 -15.72 5.12
N VAL A 446 -44.58 -16.65 5.76
CA VAL A 446 -45.20 -17.61 6.66
C VAL A 446 -44.96 -17.22 8.13
N ARG A 447 -46.01 -16.73 8.81
CA ARG A 447 -45.89 -16.31 10.21
C ARG A 447 -45.82 -17.48 11.18
N LEU A 448 -44.83 -17.44 12.09
CA LEU A 448 -44.62 -18.46 13.11
C LEU A 448 -44.23 -17.78 14.42
N THR A 449 -44.80 -18.21 15.56
CA THR A 449 -44.48 -17.61 16.84
C THR A 449 -43.08 -18.01 17.33
N PHE A 450 -42.44 -17.16 18.13
CA PHE A 450 -41.09 -17.43 18.61
C PHE A 450 -40.95 -17.17 20.11
N GLN A 451 -40.33 -18.11 20.84
CA GLN A 451 -40.09 -17.97 22.26
C GLN A 451 -38.59 -17.85 22.53
N GLY A 452 -38.12 -16.62 22.69
CA GLY A 452 -36.71 -16.35 22.93
C GLY A 452 -36.22 -16.72 24.31
N HIS A 453 -37.13 -16.98 25.26
CA HIS A 453 -36.78 -17.36 26.62
C HIS A 453 -36.16 -18.76 26.69
N TYR A 454 -36.55 -19.66 25.78
CA TYR A 454 -36.01 -21.02 25.77
C TYR A 454 -35.69 -21.54 24.37
N SER A 455 -35.45 -20.63 23.40
CA SER A 455 -35.10 -20.94 22.02
C SER A 455 -35.99 -22.03 21.38
N ARG A 456 -37.25 -21.68 21.07
CA ARG A 456 -38.17 -22.65 20.47
C ARG A 456 -39.18 -22.00 19.55
N PHE A 457 -39.05 -22.24 18.24
CA PHE A 457 -40.00 -21.71 17.25
C PHE A 457 -41.24 -22.60 17.25
N ASP A 458 -42.43 -21.99 17.26
CA ASP A 458 -43.68 -22.75 17.27
C ASP A 458 -44.69 -22.28 16.21
N ASN A 459 -45.78 -23.02 16.02
CA ASN A 459 -46.82 -22.69 15.04
C ASN A 459 -47.66 -21.51 15.50
N TYR A 460 -47.90 -20.55 14.62
CA TYR A 460 -48.71 -19.38 14.95
C TYR A 460 -50.19 -19.70 14.77
N ALA A 461 -51.02 -19.34 15.75
CA ALA A 461 -52.44 -19.63 15.70
C ALA A 461 -53.27 -18.45 15.22
N ILE B 21 7.38 -22.80 -47.90
CA ILE B 21 8.29 -22.05 -47.04
C ILE B 21 7.55 -20.97 -46.24
N LYS B 22 7.41 -21.19 -44.93
CA LYS B 22 6.71 -20.25 -44.07
C LYS B 22 7.52 -19.00 -43.74
N VAL B 23 7.51 -18.02 -44.65
CA VAL B 23 8.23 -16.75 -44.43
C VAL B 23 7.31 -15.73 -43.77
N PRO B 24 7.72 -15.13 -42.64
CA PRO B 24 6.84 -14.16 -41.96
C PRO B 24 6.37 -13.02 -42.87
N PRO B 25 5.09 -12.62 -42.74
CA PRO B 25 4.58 -11.55 -43.61
C PRO B 25 5.19 -10.18 -43.34
N HIS B 26 6.10 -9.74 -44.20
CA HIS B 26 6.77 -8.46 -44.07
C HIS B 26 7.14 -7.87 -45.43
N SER B 27 7.31 -6.55 -45.49
CA SER B 27 7.68 -5.87 -46.71
C SER B 27 8.82 -4.92 -46.40
N LEU B 28 10.07 -5.41 -46.46
CA LEU B 28 11.26 -4.62 -46.20
C LEU B 28 11.40 -3.42 -47.14
N GLU B 29 10.89 -3.55 -48.37
CA GLU B 29 10.92 -2.49 -49.36
C GLU B 29 9.98 -1.35 -48.95
N ALA B 30 8.82 -1.68 -48.36
CA ALA B 30 7.87 -0.68 -47.90
C ALA B 30 8.36 0.06 -46.66
N GLU B 31 9.12 -0.61 -45.80
CA GLU B 31 9.67 0.02 -44.60
C GLU B 31 10.74 1.04 -44.96
N GLN B 32 11.55 0.75 -45.99
CA GLN B 32 12.60 1.64 -46.45
C GLN B 32 12.03 2.93 -47.06
N SER B 33 10.85 2.84 -47.70
CA SER B 33 10.23 4.02 -48.30
C SER B 33 9.52 4.91 -47.28
N VAL B 34 9.12 4.36 -46.11
CA VAL B 34 8.51 5.16 -45.06
C VAL B 34 9.61 5.98 -44.38
N ILE B 35 10.72 5.31 -44.03
CA ILE B 35 11.87 5.93 -43.40
C ILE B 35 12.53 6.94 -44.34
N GLY B 36 12.76 6.51 -45.59
CA GLY B 36 13.37 7.35 -46.61
C GLY B 36 12.53 8.56 -46.98
N GLY B 37 11.22 8.38 -46.96
CA GLY B 37 10.28 9.45 -47.28
C GLY B 37 10.19 10.47 -46.17
N LEU B 38 10.31 10.02 -44.91
CA LEU B 38 10.27 10.93 -43.77
C LEU B 38 11.51 11.83 -43.67
N LEU B 39 12.64 11.36 -44.21
CA LEU B 39 13.87 12.13 -44.23
C LEU B 39 13.78 13.25 -45.29
N LEU B 40 13.11 12.97 -46.41
CA LEU B 40 12.95 13.94 -47.50
C LEU B 40 11.85 14.95 -47.19
N ASP B 41 10.75 14.47 -46.60
CA ASP B 41 9.64 15.35 -46.26
C ASP B 41 9.25 15.16 -44.80
N ASN B 42 9.64 16.10 -43.95
CA ASN B 42 9.33 16.03 -42.52
C ASN B 42 7.87 16.36 -42.22
N GLU B 43 7.18 17.10 -43.10
CA GLU B 43 5.77 17.44 -42.91
C GLU B 43 4.81 16.26 -43.09
N ARG B 44 5.29 15.11 -43.59
CA ARG B 44 4.45 13.92 -43.77
C ARG B 44 4.13 13.21 -42.45
N TRP B 45 4.96 13.43 -41.41
CA TRP B 45 4.81 12.81 -40.08
C TRP B 45 3.41 12.95 -39.47
N ASP B 46 2.69 14.03 -39.83
CA ASP B 46 1.33 14.29 -39.34
C ASP B 46 0.36 13.17 -39.72
N THR B 47 0.56 12.55 -40.88
CA THR B 47 -0.30 11.48 -41.36
C THR B 47 0.33 10.10 -41.12
N VAL B 48 1.66 10.01 -41.24
CA VAL B 48 2.41 8.76 -41.06
C VAL B 48 2.29 8.21 -39.64
N SER B 49 2.33 9.09 -38.63
CA SER B 49 2.21 8.69 -37.22
C SER B 49 0.88 7.99 -36.91
N GLU B 50 -0.18 8.30 -37.67
CA GLU B 50 -1.49 7.70 -37.47
C GLU B 50 -1.55 6.26 -37.99
N HIS B 51 -0.71 5.89 -38.96
CA HIS B 51 -0.75 4.55 -39.54
C HIS B 51 0.28 3.57 -38.92
N VAL B 52 1.57 3.93 -38.90
CA VAL B 52 2.60 3.03 -38.38
C VAL B 52 3.03 3.32 -36.95
N MET B 53 3.49 2.26 -36.28
CA MET B 53 4.02 2.28 -34.92
C MET B 53 5.44 1.70 -34.92
N THR B 54 6.21 1.93 -33.85
CA THR B 54 7.56 1.38 -33.73
C THR B 54 7.52 -0.16 -33.72
N GLN B 55 6.51 -0.73 -33.04
CA GLN B 55 6.29 -2.17 -32.93
C GLN B 55 5.91 -2.80 -34.28
N ASP B 56 5.19 -2.04 -35.13
CA ASP B 56 4.73 -2.50 -36.44
C ASP B 56 5.87 -2.84 -37.40
N PHE B 57 7.02 -2.19 -37.24
CA PHE B 57 8.16 -2.43 -38.12
C PHE B 57 8.80 -3.78 -37.86
N TYR B 58 9.23 -4.44 -38.94
CA TYR B 58 9.87 -5.74 -38.88
C TYR B 58 11.38 -5.59 -38.74
N SER B 59 12.02 -6.49 -37.98
CA SER B 59 13.46 -6.56 -37.72
C SER B 59 14.00 -5.44 -36.82
N ARG B 60 15.10 -5.73 -36.11
CA ARG B 60 15.77 -4.79 -35.19
C ARG B 60 16.30 -3.51 -35.89
N PRO B 61 17.00 -3.58 -37.06
CA PRO B 61 17.52 -2.34 -37.65
C PRO B 61 16.44 -1.33 -38.04
N HIS B 62 15.36 -1.78 -38.69
CA HIS B 62 14.28 -0.88 -39.09
C HIS B 62 13.54 -0.27 -37.91
N ARG B 63 13.47 -1.00 -36.78
CA ARG B 63 12.81 -0.50 -35.59
C ARG B 63 13.63 0.57 -34.89
N LEU B 64 14.96 0.46 -34.94
CA LEU B 64 15.84 1.45 -34.32
C LEU B 64 15.84 2.77 -35.08
N ILE B 65 15.75 2.70 -36.42
CA ILE B 65 15.72 3.90 -37.24
C ILE B 65 14.39 4.61 -37.06
N PHE B 66 13.27 3.86 -37.12
CA PHE B 66 11.95 4.46 -36.96
C PHE B 66 11.74 5.04 -35.57
N ASP B 67 12.33 4.42 -34.54
CA ASP B 67 12.23 4.95 -33.17
C ASP B 67 12.96 6.29 -33.05
N GLY B 68 14.08 6.43 -33.76
CA GLY B 68 14.85 7.65 -33.79
C GLY B 68 14.10 8.75 -34.52
N VAL B 69 13.49 8.41 -35.65
CA VAL B 69 12.69 9.34 -36.45
C VAL B 69 11.48 9.81 -35.64
N LYS B 70 10.83 8.89 -34.91
CA LYS B 70 9.68 9.18 -34.07
C LYS B 70 10.05 10.12 -32.93
N SER B 71 11.15 9.85 -32.24
CA SER B 71 11.58 10.69 -31.12
C SER B 71 12.02 12.07 -31.60
N ILE B 72 12.73 12.12 -32.72
CA ILE B 72 13.24 13.38 -33.27
C ILE B 72 12.12 14.27 -33.82
N LEU B 73 11.34 13.79 -34.79
CA LEU B 73 10.28 14.60 -35.39
C LEU B 73 9.30 15.20 -34.39
N GLU B 74 8.90 14.43 -33.37
CA GLU B 74 7.95 14.87 -32.37
C GLU B 74 8.32 16.20 -31.71
N ALA B 75 9.47 16.28 -31.02
CA ALA B 75 9.87 17.51 -30.36
C ALA B 75 10.92 18.32 -31.15
N GLY B 76 12.04 17.69 -31.51
CA GLY B 76 13.09 18.35 -32.27
C GLY B 76 12.82 18.23 -33.74
N LYS B 77 11.88 19.05 -34.24
CA LYS B 77 11.39 19.11 -35.61
C LYS B 77 12.40 18.73 -36.75
N PRO B 78 13.63 19.28 -36.85
CA PRO B 78 14.50 18.91 -37.99
C PRO B 78 15.00 17.47 -37.98
N LEU B 79 14.76 16.73 -39.06
CA LEU B 79 15.20 15.34 -39.19
C LEU B 79 15.93 15.14 -40.51
N ASP B 80 17.17 14.68 -40.46
CA ASP B 80 17.97 14.43 -41.66
C ASP B 80 19.00 13.29 -41.42
N LEU B 81 19.93 13.09 -42.36
CA LEU B 81 20.96 12.05 -42.30
C LEU B 81 21.88 12.23 -41.09
N ILE B 82 22.24 13.48 -40.77
CA ILE B 82 23.14 13.75 -39.66
C ILE B 82 22.39 13.71 -38.31
N THR B 83 21.12 14.14 -38.29
CA THR B 83 20.35 14.14 -37.06
C THR B 83 20.05 12.72 -36.61
N LEU B 84 19.65 11.87 -37.56
CA LEU B 84 19.32 10.48 -37.31
C LEU B 84 20.56 9.67 -36.95
N SER B 85 21.72 9.97 -37.57
CA SER B 85 22.95 9.25 -37.28
C SER B 85 23.53 9.61 -35.93
N GLU B 86 23.43 10.90 -35.54
CA GLU B 86 23.95 11.32 -34.23
C GLU B 86 23.09 10.85 -33.07
N TYR B 87 21.79 10.63 -33.31
CA TYR B 87 20.88 10.10 -32.29
C TYR B 87 21.32 8.67 -31.95
N LEU B 88 21.64 7.88 -32.98
CA LEU B 88 22.04 6.50 -32.81
C LEU B 88 23.51 6.36 -32.37
N GLU B 89 24.39 7.29 -32.77
CA GLU B 89 25.80 7.24 -32.38
C GLU B 89 25.94 7.42 -30.87
N GLN B 90 25.14 8.32 -30.29
CA GLN B 90 25.16 8.57 -28.85
C GLN B 90 24.53 7.44 -28.02
N ARG B 91 23.69 6.60 -28.64
CA ARG B 91 23.05 5.48 -27.93
C ARG B 91 23.68 4.11 -28.24
N GLU B 92 24.78 4.09 -29.01
CA GLU B 92 25.51 2.88 -29.44
C GLU B 92 24.63 1.91 -30.21
N GLN B 93 23.78 2.45 -31.09
CA GLN B 93 22.87 1.69 -31.94
C GLN B 93 23.17 1.88 -33.43
N LEU B 94 24.06 2.82 -33.80
CA LEU B 94 24.40 3.14 -35.17
C LEU B 94 25.07 1.98 -35.90
N GLU B 95 26.06 1.33 -35.27
CA GLU B 95 26.76 0.19 -35.83
C GLU B 95 25.83 -1.00 -36.05
N ASP B 96 24.87 -1.20 -35.12
CA ASP B 96 23.87 -2.28 -35.16
C ASP B 96 22.93 -2.12 -36.36
N VAL B 97 22.61 -0.88 -36.72
CA VAL B 97 21.74 -0.58 -37.86
C VAL B 97 22.53 -0.80 -39.15
N GLY B 98 23.75 -0.28 -39.20
CA GLY B 98 24.61 -0.42 -40.37
C GLY B 98 25.40 0.82 -40.70
N GLY B 99 25.79 1.55 -39.66
CA GLY B 99 26.56 2.79 -39.77
C GLY B 99 25.81 3.92 -40.44
N PHE B 100 26.55 4.93 -40.89
CA PHE B 100 25.94 6.07 -41.58
C PHE B 100 25.54 5.71 -43.01
N ALA B 101 26.33 4.84 -43.67
CA ALA B 101 26.10 4.41 -45.04
C ALA B 101 24.70 3.86 -45.30
N TYR B 102 24.12 3.15 -44.32
CA TYR B 102 22.79 2.59 -44.48
C TYR B 102 21.72 3.69 -44.43
N LEU B 103 21.88 4.66 -43.52
CA LEU B 103 20.93 5.76 -43.36
C LEU B 103 20.93 6.72 -44.55
N ALA B 104 22.11 6.96 -45.12
CA ALA B 104 22.22 7.84 -46.28
C ALA B 104 21.68 7.18 -47.54
N ASP B 105 21.79 5.84 -47.64
CA ASP B 105 21.31 5.07 -48.78
C ASP B 105 19.78 5.03 -48.87
N LEU B 106 19.08 5.16 -47.73
CA LEU B 106 17.62 5.13 -47.73
C LEU B 106 17.00 6.39 -48.37
N ALA B 107 17.72 7.51 -48.36
CA ALA B 107 17.25 8.73 -49.00
C ALA B 107 17.43 8.62 -50.53
N LYS B 108 18.53 8.02 -50.96
CA LYS B 108 18.88 7.81 -52.36
C LYS B 108 17.96 6.75 -53.02
N ASN B 109 17.75 5.61 -52.34
CA ASN B 109 16.93 4.51 -52.85
C ASN B 109 15.47 4.86 -53.09
N THR B 110 14.84 5.59 -52.15
CA THR B 110 13.44 5.93 -52.27
C THR B 110 13.16 7.43 -52.30
N PRO B 111 13.14 8.03 -53.50
CA PRO B 111 12.84 9.46 -53.59
C PRO B 111 11.37 9.73 -53.95
N SER B 112 10.45 8.81 -53.61
CA SER B 112 9.02 8.96 -53.92
C SER B 112 8.19 9.49 -52.77
N ALA B 113 8.00 10.82 -52.74
CA ALA B 113 7.22 11.50 -51.71
C ALA B 113 5.68 11.38 -51.97
N ALA B 114 4.83 11.82 -51.00
CA ALA B 114 3.36 11.84 -51.01
C ALA B 114 2.69 10.46 -50.90
N ASN B 115 3.35 9.41 -51.39
CA ASN B 115 2.78 8.05 -51.30
C ASN B 115 3.13 7.35 -49.98
N ILE B 116 3.75 8.07 -49.01
CA ILE B 116 4.19 7.52 -47.73
C ILE B 116 3.02 6.97 -46.90
N ASN B 117 1.83 7.56 -47.03
CA ASN B 117 0.63 7.08 -46.33
C ASN B 117 0.23 5.68 -46.80
N ALA B 118 0.42 5.39 -48.09
CA ALA B 118 0.10 4.09 -48.66
C ALA B 118 1.14 3.05 -48.25
N TYR B 119 2.42 3.44 -48.19
CA TYR B 119 3.49 2.53 -47.78
C TYR B 119 3.33 2.16 -46.31
N ALA B 120 2.90 3.10 -45.46
CA ALA B 120 2.69 2.87 -44.04
C ALA B 120 1.54 1.90 -43.82
N GLU B 121 0.47 2.00 -44.63
CA GLU B 121 -0.65 1.08 -44.52
C GLU B 121 -0.23 -0.37 -44.80
N ILE B 122 0.76 -0.57 -45.69
CA ILE B 122 1.29 -1.88 -46.03
C ILE B 122 2.01 -2.46 -44.80
N VAL B 123 2.88 -1.65 -44.16
CA VAL B 123 3.62 -2.06 -42.97
C VAL B 123 2.68 -2.37 -41.81
N ALA B 124 1.61 -1.57 -41.67
CA ALA B 124 0.62 -1.79 -40.62
C ALA B 124 -0.17 -3.06 -40.87
N GLU B 125 -0.50 -3.35 -42.15
CA GLU B 125 -1.25 -4.56 -42.49
C GLU B 125 -0.40 -5.81 -42.33
N ARG B 126 0.89 -5.74 -42.69
CA ARG B 126 1.79 -6.89 -42.53
C ARG B 126 1.97 -7.23 -41.05
N ALA B 127 2.01 -6.20 -40.19
CA ALA B 127 2.17 -6.39 -38.75
C ALA B 127 0.94 -7.06 -38.14
N LEU B 128 -0.26 -6.73 -38.62
CA LEU B 128 -1.49 -7.34 -38.12
C LEU B 128 -1.58 -8.80 -38.53
N VAL B 129 -1.16 -9.11 -39.76
CA VAL B 129 -1.16 -10.50 -40.26
C VAL B 129 -0.09 -11.32 -39.52
N ARG B 130 1.07 -10.70 -39.27
CA ARG B 130 2.17 -11.31 -38.54
C ARG B 130 1.78 -11.59 -37.09
N ASN B 131 1.01 -10.69 -36.48
CA ASN B 131 0.52 -10.87 -35.11
C ASN B 131 -0.55 -11.95 -35.06
N LEU B 132 -1.39 -12.05 -36.09
CA LEU B 132 -2.45 -13.06 -36.17
C LEU B 132 -1.84 -14.46 -36.26
N ILE B 133 -0.74 -14.61 -37.00
CA ILE B 133 -0.04 -15.89 -37.13
C ILE B 133 0.57 -16.29 -35.78
N GLY B 134 1.18 -15.33 -35.10
CA GLY B 134 1.78 -15.55 -33.79
C GLY B 134 0.74 -15.91 -32.75
N VAL B 135 -0.46 -15.29 -32.85
CA VAL B 135 -1.58 -15.55 -31.97
C VAL B 135 -2.13 -16.96 -32.23
N ALA B 136 -2.20 -17.36 -33.50
CA ALA B 136 -2.67 -18.70 -33.88
C ALA B 136 -1.67 -19.76 -33.39
N ASN B 137 -0.36 -19.46 -33.48
CA ASN B 137 0.69 -20.35 -33.02
C ASN B 137 0.65 -20.51 -31.49
N GLU B 138 0.25 -19.47 -30.76
CA GLU B 138 0.10 -19.53 -29.32
C GLU B 138 -0.99 -20.53 -28.95
N ILE B 139 -2.12 -20.49 -29.68
CA ILE B 139 -3.26 -21.38 -29.48
C ILE B 139 -2.86 -22.83 -29.80
N ALA B 140 -2.14 -23.01 -30.91
CA ALA B 140 -1.66 -24.32 -31.34
C ALA B 140 -0.69 -24.94 -30.32
N ASP B 141 0.24 -24.14 -29.79
CA ASP B 141 1.19 -24.63 -28.81
C ASP B 141 0.51 -24.92 -27.47
N ALA B 142 -0.50 -24.11 -27.09
CA ALA B 142 -1.25 -24.33 -25.86
C ALA B 142 -2.19 -25.56 -25.97
N GLY B 143 -2.55 -25.96 -27.18
CA GLY B 143 -3.38 -27.13 -27.41
C GLY B 143 -2.57 -28.39 -27.24
N TYR B 144 -1.33 -28.39 -27.75
CA TYR B 144 -0.44 -29.54 -27.62
C TYR B 144 0.07 -29.68 -26.18
N ASP B 145 0.35 -28.56 -25.51
CA ASP B 145 0.80 -28.57 -24.12
C ASP B 145 -0.14 -27.73 -23.27
N PRO B 146 -1.23 -28.34 -22.77
CA PRO B 146 -2.19 -27.56 -21.99
C PRO B 146 -1.76 -27.21 -20.58
N GLN B 147 -0.97 -28.10 -19.94
CA GLN B 147 -0.48 -27.93 -18.57
C GLN B 147 -1.62 -27.73 -17.56
N GLY B 148 -2.67 -28.52 -17.70
CA GLY B 148 -3.81 -28.46 -16.79
C GLY B 148 -4.94 -27.56 -17.25
N ARG B 149 -4.97 -27.22 -18.54
CA ARG B 149 -6.02 -26.35 -19.08
C ARG B 149 -7.16 -27.15 -19.70
N ASN B 150 -8.39 -26.87 -19.27
CA ASN B 150 -9.58 -27.55 -19.78
C ASN B 150 -9.91 -27.11 -21.20
N ALA B 151 -10.78 -27.87 -21.90
CA ALA B 151 -11.18 -27.53 -23.26
C ALA B 151 -11.94 -26.20 -23.30
N GLU B 152 -12.75 -25.93 -22.27
CA GLU B 152 -13.51 -24.69 -22.16
C GLU B 152 -12.56 -23.52 -21.90
N ASP B 153 -11.57 -23.72 -21.01
CA ASP B 153 -10.59 -22.71 -20.64
C ASP B 153 -9.70 -22.36 -21.84
N LEU B 154 -9.31 -23.36 -22.63
CA LEU B 154 -8.48 -23.16 -23.81
C LEU B 154 -9.25 -22.43 -24.92
N LEU B 155 -10.57 -22.69 -25.02
CA LEU B 155 -11.42 -22.06 -26.02
C LEU B 155 -11.55 -20.57 -25.74
N ASP B 156 -11.75 -20.20 -24.46
CA ASP B 156 -11.87 -18.80 -24.06
C ASP B 156 -10.52 -18.06 -24.20
N LEU B 157 -9.41 -18.77 -23.98
CA LEU B 157 -8.06 -18.24 -24.12
C LEU B 157 -7.75 -17.94 -25.59
N ALA B 158 -8.22 -18.81 -26.51
CA ALA B 158 -8.03 -18.63 -27.94
C ALA B 158 -8.85 -17.45 -28.46
N GLU B 159 -10.04 -17.24 -27.90
CA GLU B 159 -10.91 -16.13 -28.31
C GLU B 159 -10.33 -14.80 -27.83
N SER B 160 -9.82 -14.76 -26.60
CA SER B 160 -9.23 -13.56 -26.02
C SER B 160 -7.99 -13.08 -26.77
N LYS B 161 -7.23 -14.00 -27.38
CA LYS B 161 -6.04 -13.64 -28.14
C LYS B 161 -6.41 -13.02 -29.49
N VAL B 162 -7.51 -13.50 -30.11
CA VAL B 162 -7.99 -12.97 -31.38
C VAL B 162 -8.67 -11.61 -31.15
N PHE B 163 -9.46 -11.49 -30.06
CA PHE B 163 -10.15 -10.28 -29.65
C PHE B 163 -9.19 -9.10 -29.44
N ALA B 164 -7.97 -9.39 -28.95
CA ALA B 164 -6.96 -8.37 -28.71
C ALA B 164 -6.48 -7.70 -29.99
N ILE B 165 -6.43 -8.46 -31.10
CA ILE B 165 -6.01 -7.92 -32.38
C ILE B 165 -7.10 -7.01 -32.97
N ALA B 166 -8.39 -7.37 -32.76
CA ALA B 166 -9.54 -6.58 -33.20
C ALA B 166 -9.68 -5.27 -32.41
N GLU B 167 -9.16 -5.23 -31.18
CA GLU B 167 -9.20 -4.05 -30.31
C GLU B 167 -8.28 -2.94 -30.84
N ALA B 168 -7.14 -3.30 -31.42
CA ALA B 168 -6.21 -2.32 -32.00
C ALA B 168 -6.72 -1.74 -33.34
N ARG B 169 -7.65 -2.48 -34.00
CA ARG B 169 -8.33 -2.13 -35.25
C ARG B 169 -9.55 -1.19 -34.94
N THR B 170 -10.57 -1.11 -35.82
CA THR B 170 -11.78 -0.29 -35.70
C THR B 170 -11.50 1.20 -35.51
N SER B 171 -10.33 1.67 -35.96
CA SER B 171 -9.98 3.09 -35.85
C SER B 171 -10.73 3.89 -36.90
N GLU B 172 -10.80 3.36 -38.14
CA GLU B 172 -11.48 3.94 -39.30
C GLU B 172 -11.04 5.35 -39.66
N ASN B 173 -9.77 5.69 -39.38
CA ASN B 173 -9.15 6.98 -39.65
C ASN B 173 -9.96 8.17 -39.10
N GLU B 174 -10.18 8.18 -37.79
CA GLU B 174 -10.92 9.23 -37.09
C GLU B 174 -10.09 10.52 -37.08
N GLY B 175 -10.68 11.61 -37.59
CA GLY B 175 -9.99 12.89 -37.63
C GLY B 175 -10.91 14.08 -37.60
N PRO B 176 -10.36 15.29 -37.80
CA PRO B 176 -11.20 16.49 -37.77
C PRO B 176 -12.11 16.58 -38.99
N LYS B 177 -13.42 16.43 -38.77
CA LYS B 177 -14.40 16.48 -39.85
C LYS B 177 -14.75 17.91 -40.24
N ASN B 178 -15.11 18.13 -41.51
CA ASN B 178 -15.51 19.45 -42.01
C ASN B 178 -16.98 19.73 -41.66
N VAL B 179 -17.40 21.00 -41.69
CA VAL B 179 -18.79 21.38 -41.39
C VAL B 179 -19.80 20.80 -42.39
N ASP B 180 -19.35 20.44 -43.60
CA ASP B 180 -20.25 19.88 -44.62
C ASP B 180 -20.78 18.52 -44.18
N SER B 181 -19.93 17.69 -43.59
CA SER B 181 -20.35 16.37 -43.13
C SER B 181 -21.08 16.43 -41.79
N ILE B 182 -20.76 17.43 -40.94
CA ILE B 182 -21.41 17.58 -39.65
C ILE B 182 -22.82 18.14 -39.84
N LEU B 183 -22.97 19.13 -40.71
CA LEU B 183 -24.27 19.75 -40.99
C LEU B 183 -25.20 18.82 -41.74
N GLU B 184 -24.67 17.93 -42.59
CA GLU B 184 -25.47 16.96 -43.32
C GLU B 184 -26.08 15.95 -42.33
N ARG B 185 -25.26 15.49 -41.38
CA ARG B 185 -25.66 14.54 -40.34
C ARG B 185 -26.63 15.19 -39.35
N THR B 186 -26.40 16.47 -39.01
CA THR B 186 -27.24 17.21 -38.06
C THR B 186 -28.62 17.49 -38.66
N LEU B 187 -28.67 17.87 -39.94
CA LEU B 187 -29.93 18.16 -40.62
C LEU B 187 -30.76 16.90 -40.80
N GLU B 188 -30.11 15.76 -41.08
CA GLU B 188 -30.82 14.49 -41.25
C GLU B 188 -31.40 13.95 -39.94
N ARG B 189 -30.76 14.28 -38.80
CA ARG B 189 -31.28 13.86 -37.50
C ARG B 189 -32.46 14.75 -37.10
N ILE B 190 -32.38 16.06 -37.37
CA ILE B 190 -33.44 17.02 -37.05
C ILE B 190 -34.69 16.76 -37.90
N GLU B 191 -34.50 16.46 -39.19
CA GLU B 191 -35.60 16.18 -40.11
C GLU B 191 -36.33 14.88 -39.75
N LEU B 192 -35.61 13.90 -39.18
CA LEU B 192 -36.20 12.62 -38.77
C LEU B 192 -37.12 12.79 -37.54
N LEU B 193 -36.85 13.80 -36.69
CA LEU B 193 -37.62 14.09 -35.48
C LEU B 193 -39.05 14.60 -35.75
N TYR B 194 -39.35 15.01 -36.98
CA TYR B 194 -40.69 15.48 -37.33
C TYR B 194 -41.63 14.35 -37.78
N LYS B 195 -41.08 13.17 -38.11
CA LYS B 195 -41.89 12.02 -38.53
C LYS B 195 -42.79 11.57 -37.37
N THR B 196 -42.24 11.51 -36.16
CA THR B 196 -43.01 11.16 -34.97
C THR B 196 -43.82 12.39 -34.59
N PRO B 197 -45.14 12.24 -34.41
CA PRO B 197 -45.97 13.41 -34.06
C PRO B 197 -45.59 14.00 -32.70
N GLN B 198 -45.29 13.13 -31.73
CA GLN B 198 -44.87 13.52 -30.39
C GLN B 198 -44.06 12.41 -29.70
N ASP B 199 -43.46 11.48 -30.48
CA ASP B 199 -42.70 10.38 -29.92
C ASP B 199 -41.24 10.76 -29.65
N GLY B 200 -40.56 11.25 -30.69
CA GLY B 200 -39.16 11.62 -30.59
C GLY B 200 -38.26 10.42 -30.37
N VAL B 201 -38.61 9.28 -30.99
CA VAL B 201 -37.89 8.04 -30.85
C VAL B 201 -37.03 7.76 -32.07
N THR B 202 -35.72 7.64 -31.89
CA THR B 202 -34.80 7.36 -32.99
C THR B 202 -34.38 5.90 -33.00
N GLY B 203 -35.35 5.00 -32.86
CA GLY B 203 -35.08 3.57 -32.88
C GLY B 203 -35.93 2.77 -31.91
N VAL B 204 -35.31 2.30 -30.82
CA VAL B 204 -35.99 1.49 -29.82
C VAL B 204 -36.83 2.32 -28.86
N ASN B 205 -38.14 2.06 -28.83
CA ASN B 205 -39.07 2.78 -27.96
C ASN B 205 -38.99 2.24 -26.53
N THR B 206 -38.74 3.13 -25.56
CA THR B 206 -38.64 2.74 -24.16
C THR B 206 -40.01 2.43 -23.52
N GLY B 207 -41.06 3.04 -24.05
CA GLY B 207 -42.41 2.86 -23.52
C GLY B 207 -42.87 3.99 -22.62
N PHE B 208 -41.92 4.68 -21.99
CA PHE B 208 -42.23 5.78 -21.09
C PHE B 208 -42.05 7.09 -21.85
N THR B 209 -43.14 7.85 -22.02
CA THR B 209 -43.10 9.12 -22.75
C THR B 209 -42.24 10.18 -22.07
N ASP B 210 -42.10 10.11 -20.75
CA ASP B 210 -41.27 11.04 -19.99
C ASP B 210 -39.78 10.74 -20.24
N LEU B 211 -39.43 9.44 -20.31
CA LEU B 211 -38.07 8.99 -20.56
C LEU B 211 -37.63 9.28 -22.00
N ASN B 212 -38.58 9.22 -22.95
CA ASN B 212 -38.31 9.47 -24.37
C ASN B 212 -37.91 10.92 -24.69
N LYS B 213 -38.04 11.84 -23.72
CA LYS B 213 -37.64 13.23 -23.94
C LYS B 213 -36.13 13.37 -23.77
N LYS B 214 -35.57 12.72 -22.74
CA LYS B 214 -34.13 12.76 -22.47
C LYS B 214 -33.36 11.69 -23.24
N THR B 215 -33.90 10.47 -23.29
CA THR B 215 -33.24 9.35 -23.97
C THR B 215 -33.34 9.47 -25.48
N ALA B 216 -34.53 9.86 -25.98
CA ALA B 216 -34.86 10.02 -27.40
C ALA B 216 -34.64 8.74 -28.19
N GLY B 217 -35.08 7.63 -27.63
CA GLY B 217 -34.93 6.33 -28.25
C GLY B 217 -33.62 5.67 -27.88
N LEU B 218 -33.64 4.34 -27.70
CA LEU B 218 -32.43 3.61 -27.34
C LEU B 218 -31.51 3.41 -28.54
N GLN B 219 -30.34 4.07 -28.54
CA GLN B 219 -29.38 3.98 -29.63
C GLN B 219 -28.67 2.64 -29.62
N GLY B 220 -28.42 2.08 -30.80
CA GLY B 220 -27.78 0.78 -30.94
C GLY B 220 -26.28 0.75 -30.81
N SER B 221 -25.60 1.81 -31.27
CA SER B 221 -24.14 1.85 -31.23
C SER B 221 -23.52 2.08 -29.84
N ASP B 222 -24.34 2.29 -28.80
CA ASP B 222 -23.80 2.54 -27.46
C ASP B 222 -24.28 1.55 -26.39
N LEU B 223 -23.54 1.48 -25.28
CA LEU B 223 -23.85 0.60 -24.16
C LEU B 223 -24.62 1.37 -23.09
N ILE B 224 -25.75 0.80 -22.64
CA ILE B 224 -26.58 1.44 -21.61
C ILE B 224 -26.49 0.63 -20.32
N ILE B 225 -26.00 1.23 -19.23
CA ILE B 225 -25.90 0.54 -17.95
C ILE B 225 -26.88 1.11 -16.93
N VAL B 226 -27.84 0.27 -16.50
CA VAL B 226 -28.83 0.67 -15.50
C VAL B 226 -28.42 0.12 -14.15
N ALA B 227 -28.17 1.00 -13.18
CA ALA B 227 -27.74 0.56 -11.85
C ALA B 227 -28.67 1.03 -10.75
N ALA B 228 -28.90 0.16 -9.77
CA ALA B 228 -29.77 0.49 -8.64
C ALA B 228 -29.36 -0.27 -7.39
N ARG B 229 -29.50 0.38 -6.24
CA ARG B 229 -29.19 -0.22 -4.95
C ARG B 229 -30.37 -1.17 -4.59
N PRO B 230 -30.09 -2.36 -4.00
CA PRO B 230 -31.18 -3.31 -3.69
C PRO B 230 -32.51 -2.72 -3.18
N SER B 231 -33.63 -3.34 -3.59
CA SER B 231 -35.01 -2.97 -3.26
C SER B 231 -35.59 -1.84 -4.12
N MET B 232 -34.80 -1.27 -5.05
CA MET B 232 -35.28 -0.23 -5.94
C MET B 232 -36.08 -0.80 -7.12
N GLY B 233 -35.71 -2.00 -7.56
CA GLY B 233 -36.39 -2.66 -8.68
C GLY B 233 -35.60 -2.54 -9.97
N LYS B 234 -34.31 -2.91 -9.93
CA LYS B 234 -33.47 -2.84 -11.12
C LYS B 234 -33.88 -3.89 -12.14
N THR B 235 -34.22 -5.10 -11.67
CA THR B 235 -34.68 -6.17 -12.55
C THR B 235 -36.06 -5.83 -13.15
N THR B 236 -36.93 -5.20 -12.35
CA THR B 236 -38.26 -4.77 -12.75
C THR B 236 -38.20 -3.71 -13.85
N PHE B 237 -37.28 -2.75 -13.72
CA PHE B 237 -37.13 -1.70 -14.74
C PHE B 237 -36.53 -2.24 -16.03
N ALA B 238 -35.59 -3.20 -15.91
CA ALA B 238 -34.97 -3.83 -17.07
C ALA B 238 -35.98 -4.68 -17.83
N MET B 239 -36.88 -5.37 -17.10
CA MET B 239 -37.93 -6.18 -17.72
C MET B 239 -38.95 -5.31 -18.43
N ASN B 240 -39.26 -4.13 -17.87
CA ASN B 240 -40.21 -3.19 -18.48
C ASN B 240 -39.68 -2.60 -19.78
N LEU B 241 -38.35 -2.45 -19.91
CA LEU B 241 -37.74 -1.95 -21.14
C LEU B 241 -37.83 -3.01 -22.24
N CYS B 242 -37.65 -4.29 -21.88
CA CYS B 242 -37.76 -5.42 -22.81
C CYS B 242 -39.21 -5.64 -23.23
N GLU B 243 -40.16 -5.38 -22.31
CA GLU B 243 -41.60 -5.51 -22.53
C GLU B 243 -42.07 -4.68 -23.73
N ASN B 244 -41.70 -3.39 -23.76
CA ASN B 244 -42.10 -2.49 -24.83
C ASN B 244 -41.31 -2.72 -26.12
N ALA B 245 -40.05 -3.17 -26.01
CA ALA B 245 -39.22 -3.43 -27.17
C ALA B 245 -39.69 -4.68 -27.93
N ALA B 246 -40.24 -5.68 -27.23
CA ALA B 246 -40.72 -6.89 -27.88
C ALA B 246 -42.06 -6.67 -28.60
N MET B 247 -42.84 -5.67 -28.18
CA MET B 247 -44.13 -5.40 -28.81
C MET B 247 -44.05 -4.33 -29.90
N GLU B 248 -43.29 -3.26 -29.65
CA GLU B 248 -43.16 -2.18 -30.64
C GLU B 248 -42.19 -2.52 -31.77
N GLN B 249 -40.97 -2.97 -31.44
CA GLN B 249 -39.98 -3.30 -32.47
C GLN B 249 -40.24 -4.68 -33.06
N ASP B 250 -40.08 -4.81 -34.38
CA ASP B 250 -40.30 -6.06 -35.10
C ASP B 250 -39.20 -7.09 -34.84
N LYS B 251 -37.97 -6.62 -34.62
CA LYS B 251 -36.84 -7.52 -34.36
C LYS B 251 -36.87 -8.05 -32.92
N PRO B 252 -36.47 -9.32 -32.71
CA PRO B 252 -36.57 -9.90 -31.35
C PRO B 252 -35.59 -9.37 -30.30
N VAL B 253 -35.95 -9.56 -29.02
CA VAL B 253 -35.12 -9.15 -27.89
C VAL B 253 -34.43 -10.36 -27.27
N LEU B 254 -33.21 -10.16 -26.75
CA LEU B 254 -32.44 -11.24 -26.15
C LEU B 254 -32.12 -10.93 -24.69
N ILE B 255 -32.51 -11.80 -23.76
CA ILE B 255 -32.27 -11.59 -22.34
C ILE B 255 -31.40 -12.69 -21.73
N PHE B 256 -30.25 -12.31 -21.15
CA PHE B 256 -29.34 -13.25 -20.50
C PHE B 256 -29.67 -13.31 -19.02
N SER B 257 -30.33 -14.38 -18.57
CA SER B 257 -30.71 -14.52 -17.18
C SER B 257 -29.64 -15.21 -16.35
N LEU B 258 -29.16 -14.54 -15.30
CA LEU B 258 -28.14 -15.06 -14.41
C LEU B 258 -28.63 -15.04 -12.95
N GLU B 259 -29.37 -13.98 -12.57
CA GLU B 259 -29.89 -13.82 -11.22
C GLU B 259 -31.07 -14.78 -10.95
N MET B 260 -32.03 -14.84 -11.89
CA MET B 260 -33.20 -15.70 -11.74
C MET B 260 -33.47 -16.48 -13.03
N PRO B 261 -34.08 -17.68 -12.96
CA PRO B 261 -34.34 -18.45 -14.17
C PRO B 261 -35.39 -17.83 -15.10
N ALA B 262 -35.52 -18.39 -16.32
CA ALA B 262 -36.49 -17.91 -17.32
C ALA B 262 -37.94 -18.05 -16.87
N GLU B 263 -38.23 -18.99 -15.95
CA GLU B 263 -39.57 -19.21 -15.44
C GLU B 263 -39.99 -18.03 -14.55
N GLN B 264 -39.08 -17.58 -13.67
CA GLN B 264 -39.34 -16.44 -12.78
C GLN B 264 -39.42 -15.13 -13.57
N ILE B 265 -38.64 -15.01 -14.65
CA ILE B 265 -38.64 -13.84 -15.53
C ILE B 265 -39.97 -13.76 -16.27
N MET B 266 -40.49 -14.91 -16.74
CA MET B 266 -41.77 -14.95 -17.44
C MET B 266 -42.94 -14.71 -16.49
N MET B 267 -42.83 -15.15 -15.23
CA MET B 267 -43.86 -14.92 -14.22
C MET B 267 -43.98 -13.42 -13.91
N ARG B 268 -42.83 -12.74 -13.83
CA ARG B 268 -42.77 -11.30 -13.57
C ARG B 268 -43.29 -10.50 -14.77
N MET B 269 -43.00 -10.98 -15.99
CA MET B 269 -43.44 -10.34 -17.22
C MET B 269 -44.96 -10.50 -17.42
N LEU B 270 -45.52 -11.63 -16.97
CA LEU B 270 -46.96 -11.87 -17.06
C LEU B 270 -47.76 -10.96 -16.13
N ALA B 271 -47.16 -10.57 -14.99
CA ALA B 271 -47.78 -9.67 -14.03
C ALA B 271 -47.91 -8.26 -14.59
N SER B 272 -46.90 -7.81 -15.35
CA SER B 272 -46.93 -6.49 -15.97
C SER B 272 -47.84 -6.46 -17.20
N LEU B 273 -47.93 -7.58 -17.93
CA LEU B 273 -48.76 -7.70 -19.13
C LEU B 273 -50.26 -7.71 -18.85
N SER B 274 -50.66 -8.13 -17.64
CA SER B 274 -52.08 -8.21 -17.29
C SER B 274 -52.49 -7.40 -16.07
N ARG B 275 -51.53 -6.68 -15.43
CA ARG B 275 -51.74 -5.88 -14.23
C ARG B 275 -52.26 -6.69 -13.03
N VAL B 276 -52.04 -8.02 -13.02
CA VAL B 276 -52.45 -8.87 -11.93
C VAL B 276 -51.31 -8.95 -10.91
N ASP B 277 -51.63 -8.80 -9.62
CA ASP B 277 -50.63 -8.79 -8.54
C ASP B 277 -49.65 -9.95 -8.61
N GLN B 278 -48.35 -9.64 -8.52
CA GLN B 278 -47.22 -10.57 -8.59
C GLN B 278 -47.38 -11.81 -7.73
N THR B 279 -47.89 -11.64 -6.51
CA THR B 279 -48.07 -12.71 -5.55
C THR B 279 -48.93 -13.87 -6.07
N LYS B 280 -50.04 -13.59 -6.76
CA LYS B 280 -50.94 -14.63 -7.27
C LYS B 280 -50.32 -15.58 -8.29
N ILE B 281 -49.41 -15.08 -9.13
CA ILE B 281 -48.77 -15.91 -10.15
C ILE B 281 -47.74 -16.86 -9.56
N ARG B 282 -46.84 -16.34 -8.71
CA ARG B 282 -45.81 -17.18 -8.10
C ARG B 282 -46.32 -18.10 -6.98
N THR B 283 -47.54 -17.89 -6.48
CA THR B 283 -48.09 -18.75 -5.43
C THR B 283 -48.92 -19.89 -6.02
N GLY B 284 -49.69 -19.57 -7.06
CA GLY B 284 -50.51 -20.57 -7.73
C GLY B 284 -51.95 -20.18 -7.93
N GLN B 285 -52.80 -20.49 -6.94
CA GLN B 285 -54.23 -20.21 -6.99
C GLN B 285 -54.60 -18.75 -7.28
N LEU B 286 -55.26 -18.51 -8.41
CA LEU B 286 -55.72 -17.18 -8.79
C LEU B 286 -57.12 -17.21 -9.39
N ASP B 287 -57.84 -16.08 -9.32
CA ASP B 287 -59.21 -15.98 -9.81
C ASP B 287 -59.38 -16.27 -11.29
N ASP B 288 -60.60 -16.63 -11.71
CA ASP B 288 -60.92 -16.90 -13.11
C ASP B 288 -60.82 -15.63 -13.97
N GLU B 289 -61.14 -14.47 -13.37
CA GLU B 289 -61.03 -13.16 -14.03
C GLU B 289 -59.57 -12.84 -14.31
N ASP B 290 -58.68 -13.14 -13.35
CA ASP B 290 -57.25 -12.92 -13.47
C ASP B 290 -56.62 -13.84 -14.51
N TRP B 291 -57.13 -15.08 -14.62
CA TRP B 291 -56.64 -16.05 -15.60
C TRP B 291 -57.04 -15.66 -17.03
N ALA B 292 -58.18 -14.97 -17.20
CA ALA B 292 -58.64 -14.52 -18.50
C ALA B 292 -57.72 -13.44 -19.06
N ARG B 293 -57.18 -12.56 -18.19
CA ARG B 293 -56.25 -11.52 -18.60
C ARG B 293 -54.88 -12.11 -18.97
N ILE B 294 -54.46 -13.18 -18.27
CA ILE B 294 -53.22 -13.89 -18.53
C ILE B 294 -53.32 -14.66 -19.86
N SER B 295 -54.50 -15.26 -20.13
CA SER B 295 -54.74 -16.01 -21.37
C SER B 295 -54.88 -15.06 -22.57
N SER B 296 -55.40 -13.84 -22.36
CA SER B 296 -55.56 -12.87 -23.43
C SER B 296 -54.19 -12.34 -23.86
N THR B 297 -53.31 -12.07 -22.90
CA THR B 297 -51.96 -11.58 -23.21
C THR B 297 -51.02 -12.70 -23.71
N MET B 298 -51.39 -13.97 -23.50
CA MET B 298 -50.61 -15.12 -23.96
C MET B 298 -50.61 -15.20 -25.48
N GLY B 299 -51.77 -14.93 -26.09
CA GLY B 299 -51.94 -14.94 -27.54
C GLY B 299 -51.22 -13.79 -28.22
N ILE B 300 -51.10 -12.65 -27.53
CA ILE B 300 -50.41 -11.48 -28.04
C ILE B 300 -48.90 -11.75 -28.11
N LEU B 301 -48.36 -12.40 -27.07
CA LEU B 301 -46.95 -12.77 -27.00
C LEU B 301 -46.60 -13.89 -28.00
N MET B 302 -47.55 -14.81 -28.24
CA MET B 302 -47.36 -15.92 -29.18
C MET B 302 -47.36 -15.45 -30.64
N GLU B 303 -48.03 -14.33 -30.95
CA GLU B 303 -48.06 -13.82 -32.32
C GLU B 303 -46.77 -13.08 -32.66
N LYS B 304 -46.19 -12.36 -31.69
CA LYS B 304 -44.97 -11.59 -31.92
C LYS B 304 -43.71 -12.46 -31.96
N LYS B 305 -43.55 -13.36 -30.96
CA LYS B 305 -42.40 -14.27 -30.85
C LYS B 305 -41.05 -13.55 -30.86
N ASN B 306 -40.75 -12.77 -29.82
CA ASN B 306 -39.49 -12.03 -29.75
C ASN B 306 -38.69 -12.26 -28.46
N MET B 307 -39.32 -12.82 -27.42
CA MET B 307 -38.64 -13.07 -26.15
C MET B 307 -37.73 -14.30 -26.14
N TYR B 308 -36.41 -14.09 -26.27
CA TYR B 308 -35.45 -15.19 -26.22
C TYR B 308 -34.64 -15.08 -24.93
N ILE B 309 -34.87 -16.00 -23.98
CA ILE B 309 -34.19 -15.96 -22.69
C ILE B 309 -33.18 -17.10 -22.52
N ASP B 310 -32.00 -16.80 -21.99
CA ASP B 310 -30.96 -17.79 -21.73
C ASP B 310 -30.76 -17.91 -20.22
N ASP B 311 -31.30 -18.97 -19.60
CA ASP B 311 -31.16 -19.17 -18.16
C ASP B 311 -29.89 -19.91 -17.76
N SER B 312 -28.73 -19.41 -18.21
CA SER B 312 -27.45 -20.02 -17.87
C SER B 312 -26.76 -19.22 -16.77
N SER B 313 -26.37 -19.88 -15.67
CA SER B 313 -25.73 -19.20 -14.56
C SER B 313 -24.26 -18.87 -14.83
N GLY B 314 -23.56 -19.80 -15.46
CA GLY B 314 -22.14 -19.60 -15.79
C GLY B 314 -21.94 -19.03 -17.18
N LEU B 315 -21.93 -17.70 -17.28
CA LEU B 315 -21.77 -17.03 -18.57
C LEU B 315 -20.48 -16.23 -18.69
N THR B 316 -19.67 -16.57 -19.69
CA THR B 316 -18.41 -15.88 -19.96
C THR B 316 -18.61 -14.87 -21.11
N PRO B 317 -17.85 -13.76 -21.16
CA PRO B 317 -18.03 -12.79 -22.26
C PRO B 317 -17.89 -13.39 -23.68
N THR B 318 -17.19 -14.52 -23.79
CA THR B 318 -17.03 -15.23 -25.05
C THR B 318 -18.36 -15.88 -25.44
N GLU B 319 -19.01 -16.55 -24.47
CA GLU B 319 -20.31 -17.20 -24.66
C GLU B 319 -21.44 -16.20 -24.89
N VAL B 320 -21.34 -14.99 -24.30
CA VAL B 320 -22.36 -13.96 -24.45
C VAL B 320 -22.36 -13.42 -25.87
N ARG B 321 -21.17 -13.10 -26.40
CA ARG B 321 -21.03 -12.60 -27.76
C ARG B 321 -21.38 -13.65 -28.80
N SER B 322 -21.11 -14.94 -28.50
CA SER B 322 -21.41 -16.03 -29.41
C SER B 322 -22.91 -16.29 -29.46
N ARG B 323 -23.60 -16.22 -28.31
CA ARG B 323 -25.04 -16.43 -28.28
C ARG B 323 -25.83 -15.25 -28.84
N ALA B 324 -25.26 -14.03 -28.78
CA ALA B 324 -25.93 -12.85 -29.32
C ALA B 324 -25.83 -12.83 -30.85
N ARG B 325 -24.67 -13.21 -31.38
CA ARG B 325 -24.42 -13.26 -32.82
C ARG B 325 -25.23 -14.38 -33.48
N ARG B 326 -25.46 -15.49 -32.77
CA ARG B 326 -26.22 -16.64 -33.27
C ARG B 326 -27.69 -16.29 -33.51
N ILE B 327 -28.31 -15.59 -32.56
CA ILE B 327 -29.72 -15.20 -32.71
C ILE B 327 -29.86 -14.08 -33.75
N ALA B 328 -28.88 -13.15 -33.79
CA ALA B 328 -28.88 -12.09 -34.80
C ALA B 328 -28.59 -12.59 -36.23
N ARG B 329 -28.25 -13.88 -36.38
CA ARG B 329 -28.00 -14.53 -37.67
C ARG B 329 -29.22 -15.36 -38.07
N GLU B 330 -29.89 -16.01 -37.10
CA GLU B 330 -31.06 -16.85 -37.34
C GLU B 330 -32.30 -16.05 -37.71
N HIS B 331 -32.58 -14.95 -36.99
CA HIS B 331 -33.79 -14.17 -37.24
C HIS B 331 -33.55 -12.80 -37.87
N GLY B 332 -32.57 -12.71 -38.75
CA GLY B 332 -32.26 -11.47 -39.45
C GLY B 332 -31.41 -10.50 -38.65
N GLY B 333 -31.88 -10.17 -37.45
CA GLY B 333 -31.17 -9.26 -36.55
C GLY B 333 -31.90 -9.05 -35.24
N LEU B 334 -31.14 -8.69 -34.19
CA LEU B 334 -31.72 -8.45 -32.87
C LEU B 334 -32.24 -7.00 -32.73
N SER B 335 -32.76 -6.62 -31.55
CA SER B 335 -33.24 -5.26 -31.32
C SER B 335 -32.81 -4.71 -29.97
N LEU B 336 -32.65 -5.58 -28.96
CA LEU B 336 -32.22 -5.15 -27.63
C LEU B 336 -31.67 -6.33 -26.83
N ILE B 337 -30.44 -6.21 -26.32
CA ILE B 337 -29.83 -7.27 -25.53
C ILE B 337 -29.74 -6.84 -24.07
N MET B 338 -30.38 -7.58 -23.16
CA MET B 338 -30.37 -7.24 -21.74
C MET B 338 -29.61 -8.28 -20.92
N VAL B 339 -28.77 -7.83 -19.98
CA VAL B 339 -28.02 -8.71 -19.10
C VAL B 339 -28.58 -8.56 -17.68
N ASP B 340 -28.85 -9.68 -16.99
CA ASP B 340 -29.43 -9.63 -15.65
C ASP B 340 -28.45 -9.11 -14.59
N TYR B 341 -27.17 -9.50 -14.68
CA TYR B 341 -26.16 -9.05 -13.72
C TYR B 341 -24.81 -8.91 -14.39
N LEU B 342 -24.15 -7.77 -14.18
CA LEU B 342 -22.81 -7.54 -14.73
C LEU B 342 -21.76 -8.31 -13.91
N GLN B 343 -21.94 -8.35 -12.59
CA GLN B 343 -21.02 -9.03 -11.68
C GLN B 343 -21.13 -10.56 -11.72
N LEU B 344 -22.29 -11.10 -12.14
CA LEU B 344 -22.46 -12.55 -12.23
C LEU B 344 -21.70 -13.17 -13.40
N MET B 345 -21.39 -12.38 -14.43
CA MET B 345 -20.59 -12.83 -15.57
C MET B 345 -19.14 -12.98 -15.12
N ARG B 346 -18.41 -13.94 -15.69
CA ARG B 346 -17.01 -14.15 -15.31
C ARG B 346 -16.10 -14.51 -16.47
N VAL B 347 -14.86 -14.02 -16.44
CA VAL B 347 -13.88 -14.35 -17.46
C VAL B 347 -12.81 -15.23 -16.81
N PRO B 348 -12.59 -16.44 -17.34
CA PRO B 348 -11.62 -17.36 -16.72
C PRO B 348 -10.18 -16.88 -16.72
N ALA B 349 -9.82 -16.03 -17.67
CA ALA B 349 -8.46 -15.49 -17.74
C ALA B 349 -8.19 -14.43 -16.66
N LEU B 350 -9.24 -13.74 -16.18
CA LEU B 350 -9.07 -12.71 -15.16
C LEU B 350 -9.79 -13.06 -13.84
N THR B 351 -9.74 -14.33 -13.43
CA THR B 351 -10.38 -14.76 -12.18
C THR B 351 -9.64 -14.27 -10.94
N ASP B 352 -8.33 -14.01 -11.05
CA ASP B 352 -7.53 -13.53 -9.92
C ASP B 352 -7.80 -12.04 -9.66
N ASN B 353 -7.66 -11.21 -10.70
CA ASN B 353 -7.89 -9.76 -10.55
C ASN B 353 -9.35 -9.43 -10.78
N ARG B 354 -10.06 -8.99 -9.74
CA ARG B 354 -11.47 -8.62 -9.84
C ARG B 354 -11.65 -7.25 -10.50
N THR B 355 -10.70 -6.33 -10.31
CA THR B 355 -10.74 -4.99 -10.87
C THR B 355 -10.70 -5.02 -12.41
N LEU B 356 -9.76 -5.77 -12.98
CA LEU B 356 -9.65 -5.88 -14.44
C LEU B 356 -10.65 -6.85 -15.08
N GLU B 357 -11.38 -7.63 -14.27
CA GLU B 357 -12.39 -8.57 -14.75
C GLU B 357 -13.63 -7.79 -15.16
N ILE B 358 -14.06 -6.82 -14.32
CA ILE B 358 -15.23 -5.98 -14.58
C ILE B 358 -14.98 -5.05 -15.78
N ALA B 359 -13.75 -4.53 -15.90
CA ALA B 359 -13.38 -3.65 -17.01
C ALA B 359 -13.37 -4.40 -18.35
N GLU B 360 -13.06 -5.70 -18.33
CA GLU B 360 -13.05 -6.51 -19.56
C GLU B 360 -14.47 -6.85 -19.99
N ILE B 361 -15.36 -7.12 -19.02
CA ILE B 361 -16.77 -7.43 -19.30
C ILE B 361 -17.47 -6.18 -19.85
N SER B 362 -17.18 -5.01 -19.26
CA SER B 362 -17.75 -3.74 -19.71
C SER B 362 -17.31 -3.40 -21.14
N ARG B 363 -16.06 -3.78 -21.51
CA ARG B 363 -15.50 -3.56 -22.83
C ARG B 363 -16.13 -4.53 -23.84
N SER B 364 -16.28 -5.80 -23.44
CA SER B 364 -16.86 -6.85 -24.27
C SER B 364 -18.33 -6.58 -24.57
N LEU B 365 -19.07 -6.03 -23.59
CA LEU B 365 -20.48 -5.71 -23.78
C LEU B 365 -20.66 -4.49 -24.69
N LYS B 366 -19.72 -3.53 -24.63
CA LYS B 366 -19.74 -2.35 -25.48
C LYS B 366 -19.41 -2.73 -26.92
N ALA B 367 -18.46 -3.68 -27.10
CA ALA B 367 -18.08 -4.17 -28.42
C ALA B 367 -19.22 -4.94 -29.09
N LEU B 368 -20.06 -5.61 -28.30
CA LEU B 368 -21.22 -6.35 -28.79
C LEU B 368 -22.28 -5.36 -29.31
N ALA B 369 -22.45 -4.22 -28.62
CA ALA B 369 -23.38 -3.17 -29.01
C ALA B 369 -22.94 -2.43 -30.27
N LYS B 370 -21.62 -2.38 -30.53
CA LYS B 370 -21.10 -1.71 -31.72
C LYS B 370 -21.19 -2.65 -32.92
N GLU B 371 -20.86 -3.94 -32.71
CA GLU B 371 -20.90 -4.95 -33.78
C GLU B 371 -22.32 -5.28 -34.22
N LEU B 372 -23.22 -5.57 -33.28
CA LEU B 372 -24.61 -5.91 -33.62
C LEU B 372 -25.50 -4.69 -33.87
N ASN B 373 -25.05 -3.48 -33.46
CA ASN B 373 -25.76 -2.21 -33.60
C ASN B 373 -27.12 -2.22 -32.90
N VAL B 374 -27.19 -2.85 -31.72
CA VAL B 374 -28.42 -2.94 -30.93
C VAL B 374 -28.18 -2.44 -29.51
N PRO B 375 -29.14 -1.70 -28.92
CA PRO B 375 -28.92 -1.18 -27.56
C PRO B 375 -28.76 -2.28 -26.52
N VAL B 376 -27.67 -2.23 -25.76
CA VAL B 376 -27.40 -3.23 -24.75
C VAL B 376 -27.65 -2.69 -23.34
N VAL B 377 -28.67 -3.22 -22.67
CA VAL B 377 -29.00 -2.80 -21.31
C VAL B 377 -28.35 -3.74 -20.31
N ALA B 378 -27.16 -3.38 -19.81
CA ALA B 378 -26.45 -4.19 -18.84
C ALA B 378 -26.78 -3.73 -17.44
N LEU B 379 -27.35 -4.62 -16.62
CA LEU B 379 -27.73 -4.28 -15.25
C LEU B 379 -26.54 -4.43 -14.31
N SER B 380 -26.37 -3.48 -13.40
CA SER B 380 -25.29 -3.52 -12.41
C SER B 380 -25.78 -3.07 -11.02
N GLN B 381 -25.04 -3.43 -9.96
CA GLN B 381 -25.42 -3.05 -8.61
C GLN B 381 -24.45 -2.05 -7.99
N LEU B 382 -24.96 -1.03 -7.32
CA LEU B 382 -24.14 -0.02 -6.68
C LEU B 382 -23.44 -0.53 -5.42
N ASN B 383 -22.41 0.18 -4.94
CA ASN B 383 -21.69 -0.22 -3.74
C ASN B 383 -22.43 0.26 -2.47
N ARG B 384 -22.15 -0.35 -1.31
CA ARG B 384 -22.79 0.05 -0.05
C ARG B 384 -22.24 1.36 0.55
N SER B 385 -21.43 2.11 -0.20
CA SER B 385 -20.87 3.36 0.28
C SER B 385 -21.90 4.49 0.34
N LEU B 386 -22.95 4.42 -0.50
CA LEU B 386 -24.02 5.42 -0.51
C LEU B 386 -25.01 5.29 0.66
N GLU B 387 -24.94 4.18 1.41
CA GLU B 387 -25.82 3.94 2.56
C GLU B 387 -25.39 4.79 3.75
N GLN B 388 -24.07 4.91 3.97
CA GLN B 388 -23.53 5.71 5.07
C GLN B 388 -23.46 7.23 4.74
N ARG B 389 -23.70 7.60 3.47
CA ARG B 389 -23.68 8.99 2.99
C ARG B 389 -24.89 9.81 3.46
N ALA B 390 -26.02 9.14 3.75
CA ALA B 390 -27.30 9.73 4.18
C ALA B 390 -28.01 10.55 3.09
N ASP B 391 -27.33 10.81 1.96
CA ASP B 391 -27.92 11.52 0.82
C ASP B 391 -28.84 10.57 0.04
N LYS B 392 -28.46 9.28 -0.05
CA LYS B 392 -29.18 8.16 -0.66
C LYS B 392 -29.34 8.27 -2.18
N ARG B 393 -28.98 9.40 -2.80
CA ARG B 393 -29.08 9.54 -4.25
C ARG B 393 -27.81 9.00 -4.89
N PRO B 394 -27.90 7.93 -5.69
CA PRO B 394 -26.69 7.35 -6.27
C PRO B 394 -26.06 8.17 -7.39
N VAL B 395 -24.81 8.59 -7.19
CA VAL B 395 -24.08 9.39 -8.18
C VAL B 395 -23.30 8.46 -9.13
N ASN B 396 -22.88 8.96 -10.31
CA ASN B 396 -22.12 8.18 -11.28
C ASN B 396 -20.73 7.74 -10.77
N SER B 397 -20.19 8.45 -9.77
CA SER B 397 -18.89 8.09 -9.19
C SER B 397 -18.96 6.91 -8.20
N ASP B 398 -20.17 6.54 -7.74
CA ASP B 398 -20.37 5.42 -6.81
C ASP B 398 -20.20 4.06 -7.52
N LEU B 399 -20.56 3.98 -8.81
CA LEU B 399 -20.41 2.76 -9.58
C LEU B 399 -18.96 2.51 -10.04
N ARG B 400 -18.07 3.53 -9.96
CA ARG B 400 -16.66 3.41 -10.32
C ARG B 400 -15.94 2.41 -9.40
N GLU B 401 -16.36 2.30 -8.13
CA GLU B 401 -15.81 1.38 -7.14
C GLU B 401 -15.99 -0.08 -7.57
N SER B 402 -17.10 -0.38 -8.27
CA SER B 402 -17.41 -1.72 -8.77
C SER B 402 -16.50 -2.08 -9.95
N GLY B 403 -16.26 -1.12 -10.83
CA GLY B 403 -15.41 -1.34 -12.01
C GLY B 403 -15.37 -0.15 -12.95
N SER B 404 -14.54 -0.24 -14.00
CA SER B 404 -14.40 0.83 -14.98
C SER B 404 -15.51 0.73 -16.03
N ILE B 405 -16.62 1.45 -15.82
CA ILE B 405 -17.74 1.42 -16.74
C ILE B 405 -18.06 2.78 -17.37
N GLU B 406 -17.58 3.88 -16.78
CA GLU B 406 -17.85 5.24 -17.26
C GLU B 406 -17.26 5.49 -18.65
N GLN B 407 -16.05 4.98 -18.89
CA GLN B 407 -15.39 5.17 -20.18
C GLN B 407 -15.97 4.28 -21.29
N ASP B 408 -16.64 3.17 -20.93
CA ASP B 408 -17.20 2.26 -21.91
C ASP B 408 -18.68 2.55 -22.21
N ALA B 409 -19.52 2.62 -21.17
CA ALA B 409 -20.95 2.87 -21.36
C ALA B 409 -21.24 4.35 -21.60
N ASP B 410 -22.13 4.65 -22.55
CA ASP B 410 -22.48 6.03 -22.86
C ASP B 410 -23.65 6.50 -22.01
N LEU B 411 -24.70 5.67 -21.86
CA LEU B 411 -25.87 6.04 -21.08
C LEU B 411 -25.91 5.30 -19.73
N ILE B 412 -25.79 6.05 -18.64
CA ILE B 412 -25.82 5.48 -17.29
C ILE B 412 -26.97 6.10 -16.50
N MET B 413 -28.04 5.34 -16.26
CA MET B 413 -29.19 5.84 -15.50
C MET B 413 -29.39 5.08 -14.20
N PHE B 414 -29.74 5.80 -13.13
CA PHE B 414 -29.95 5.19 -11.82
C PHE B 414 -31.41 5.20 -11.40
N ILE B 415 -31.82 4.25 -10.56
CA ILE B 415 -33.20 4.15 -10.10
C ILE B 415 -33.27 4.55 -8.63
N TYR B 416 -33.99 5.62 -8.31
CA TYR B 416 -34.10 6.07 -6.92
C TYR B 416 -35.54 6.37 -6.51
N ARG B 417 -36.08 5.57 -5.60
CA ARG B 417 -37.42 5.77 -5.08
C ARG B 417 -37.29 6.32 -3.67
N ASP B 418 -37.93 7.45 -3.38
CA ASP B 418 -37.81 8.10 -2.07
C ASP B 418 -38.51 7.34 -0.94
N GLU B 419 -39.46 6.45 -1.27
CA GLU B 419 -40.17 5.68 -0.24
C GLU B 419 -39.38 4.50 0.34
N VAL B 420 -38.24 4.14 -0.27
CA VAL B 420 -37.43 3.02 0.19
C VAL B 420 -36.65 3.41 1.44
N TYR B 421 -36.05 4.60 1.45
CA TYR B 421 -35.27 5.05 2.59
C TYR B 421 -36.09 5.88 3.59
N HIS B 422 -37.08 6.63 3.11
CA HIS B 422 -37.89 7.46 3.98
C HIS B 422 -39.38 7.11 3.89
N PRO B 423 -40.02 6.77 5.01
CA PRO B 423 -41.44 6.41 4.96
C PRO B 423 -42.38 7.61 4.81
N ASP B 424 -41.95 8.79 5.30
CA ASP B 424 -42.75 10.01 5.20
C ASP B 424 -42.34 10.87 4.00
N SER B 425 -41.90 10.21 2.92
CA SER B 425 -41.45 10.89 1.70
C SER B 425 -42.63 11.38 0.86
N PRO B 426 -42.48 12.53 0.17
CA PRO B 426 -43.57 13.00 -0.69
C PRO B 426 -43.75 12.16 -1.94
N LEU B 427 -42.67 11.53 -2.44
CA LEU B 427 -42.73 10.67 -3.61
C LEU B 427 -43.22 9.27 -3.23
N LYS B 428 -44.50 9.17 -2.84
CA LYS B 428 -45.09 7.91 -2.43
C LYS B 428 -45.45 7.08 -3.66
N GLY B 429 -44.63 6.07 -3.95
CA GLY B 429 -44.84 5.20 -5.09
C GLY B 429 -44.33 5.79 -6.38
N THR B 430 -43.26 6.58 -6.30
CA THR B 430 -42.68 7.21 -7.49
C THR B 430 -41.15 7.11 -7.48
N ALA B 431 -40.59 6.38 -8.43
CA ALA B 431 -39.15 6.22 -8.53
C ALA B 431 -38.63 7.09 -9.68
N GLU B 432 -37.65 7.95 -9.40
CA GLU B 432 -37.11 8.83 -10.43
C GLU B 432 -35.87 8.25 -11.10
N ILE B 433 -35.95 8.02 -12.42
CA ILE B 433 -34.83 7.51 -13.18
C ILE B 433 -33.87 8.66 -13.45
N ILE B 434 -32.86 8.81 -12.58
CA ILE B 434 -31.91 9.91 -12.70
C ILE B 434 -30.75 9.56 -13.64
N ILE B 435 -30.69 10.23 -14.79
CA ILE B 435 -29.62 9.98 -15.76
C ILE B 435 -28.37 10.72 -15.31
N GLY B 436 -27.32 9.98 -15.00
CA GLY B 436 -26.05 10.55 -14.55
C GLY B 436 -25.05 10.80 -15.66
N LYS B 437 -25.18 10.09 -16.79
CA LYS B 437 -24.26 10.24 -17.91
C LYS B 437 -24.94 9.88 -19.23
N GLN B 438 -24.77 10.71 -20.26
CA GLN B 438 -25.35 10.46 -21.58
C GLN B 438 -24.64 11.31 -22.63
N ARG B 439 -23.91 10.66 -23.56
CA ARG B 439 -23.18 11.37 -24.60
C ARG B 439 -24.09 11.86 -25.72
N ASN B 440 -25.04 11.02 -26.15
CA ASN B 440 -25.93 11.37 -27.26
C ASN B 440 -27.00 12.43 -26.91
N GLY B 441 -27.64 12.27 -25.76
CA GLY B 441 -28.68 13.20 -25.33
C GLY B 441 -28.41 13.88 -24.00
N PRO B 442 -29.38 14.67 -23.51
CA PRO B 442 -29.17 15.37 -22.25
C PRO B 442 -29.46 14.53 -21.00
N ILE B 443 -28.96 14.96 -19.85
CA ILE B 443 -29.18 14.24 -18.59
C ILE B 443 -30.17 14.98 -17.66
N GLY B 444 -30.75 14.25 -16.72
CA GLY B 444 -31.69 14.83 -15.77
C GLY B 444 -32.50 13.80 -15.01
N SER B 445 -33.22 14.26 -13.98
CA SER B 445 -34.04 13.37 -13.16
C SER B 445 -35.43 13.23 -13.76
N VAL B 446 -35.75 12.05 -14.29
CA VAL B 446 -37.05 11.80 -14.90
C VAL B 446 -37.96 11.00 -13.97
N ARG B 447 -38.97 11.66 -13.38
CA ARG B 447 -39.89 11.00 -12.46
C ARG B 447 -40.90 10.09 -13.15
N LEU B 448 -41.04 8.86 -12.66
CA LEU B 448 -41.97 7.85 -13.18
C LEU B 448 -42.60 7.10 -12.01
N THR B 449 -43.92 6.87 -12.05
CA THR B 449 -44.58 6.14 -10.96
C THR B 449 -44.26 4.65 -11.00
N PHE B 450 -44.30 3.99 -9.83
CA PHE B 450 -43.98 2.56 -9.74
C PHE B 450 -45.00 1.79 -8.92
N GLN B 451 -45.45 0.64 -9.43
CA GLN B 451 -46.39 -0.23 -8.73
C GLN B 451 -45.70 -1.53 -8.35
N GLY B 452 -45.24 -1.62 -7.12
CA GLY B 452 -44.55 -2.80 -6.60
C GLY B 452 -45.43 -4.01 -6.37
N HIS B 453 -46.75 -3.83 -6.36
CA HIS B 453 -47.70 -4.92 -6.15
C HIS B 453 -47.76 -5.88 -7.33
N TYR B 454 -47.51 -5.38 -8.55
CA TYR B 454 -47.53 -6.23 -9.74
C TYR B 454 -46.38 -5.96 -10.72
N SER B 455 -45.26 -5.38 -10.22
CA SER B 455 -44.06 -5.07 -11.00
C SER B 455 -44.35 -4.36 -12.33
N ARG B 456 -44.74 -3.08 -12.28
CA ARG B 456 -45.05 -2.34 -13.50
C ARG B 456 -44.76 -0.85 -13.37
N PHE B 457 -43.72 -0.37 -14.07
CA PHE B 457 -43.37 1.05 -14.06
C PHE B 457 -44.29 1.79 -15.01
N ASP B 458 -44.83 2.93 -14.59
CA ASP B 458 -45.75 3.71 -15.42
C ASP B 458 -45.38 5.20 -15.51
N ASN B 459 -46.05 5.95 -16.40
CA ASN B 459 -45.80 7.38 -16.59
C ASN B 459 -46.36 8.20 -15.42
N TYR B 460 -45.55 9.12 -14.90
CA TYR B 460 -45.97 9.98 -13.79
C TYR B 460 -46.77 11.17 -14.32
N ILE C 13 39.47 -8.29 -36.44
CA ILE C 13 39.17 -7.03 -37.11
C ILE C 13 39.15 -5.86 -36.11
N PRO C 14 39.65 -4.67 -36.51
CA PRO C 14 39.60 -3.53 -35.59
C PRO C 14 38.22 -2.88 -35.48
N ASP C 15 37.15 -3.59 -35.88
CA ASP C 15 35.78 -3.10 -35.78
C ASP C 15 35.35 -3.03 -34.31
N ALA C 16 35.81 -3.99 -33.49
CA ALA C 16 35.55 -4.03 -32.04
C ALA C 16 36.36 -2.92 -31.33
N GLN C 17 37.56 -2.62 -31.84
CA GLN C 17 38.45 -1.58 -31.33
C GLN C 17 37.79 -0.19 -31.43
N VAL C 18 36.95 0.03 -32.45
CA VAL C 18 36.23 1.30 -32.62
C VAL C 18 35.28 1.52 -31.43
N ASP C 19 34.54 0.46 -31.05
CA ASP C 19 33.58 0.52 -29.95
C ASP C 19 34.25 0.54 -28.59
N ALA C 20 35.39 -0.15 -28.45
CA ALA C 20 36.07 -0.27 -27.16
C ALA C 20 37.06 0.85 -26.82
N ILE C 21 38.00 1.20 -27.73
CA ILE C 21 38.99 2.26 -27.49
C ILE C 21 38.28 3.57 -27.19
N LYS C 22 38.67 4.27 -26.12
CA LYS C 22 38.06 5.51 -25.68
C LYS C 22 38.29 6.66 -26.65
N VAL C 23 37.44 6.77 -27.67
CA VAL C 23 37.51 7.81 -28.70
C VAL C 23 36.78 9.08 -28.23
N PRO C 24 37.47 10.23 -28.28
CA PRO C 24 36.86 11.49 -27.83
C PRO C 24 35.49 11.80 -28.46
N PRO C 25 34.57 12.41 -27.69
CA PRO C 25 33.24 12.72 -28.24
C PRO C 25 33.30 13.78 -29.35
N HIS C 26 32.85 13.40 -30.54
CA HIS C 26 32.92 14.27 -31.70
C HIS C 26 31.86 13.92 -32.76
N SER C 27 31.69 14.81 -33.74
CA SER C 27 30.83 14.56 -34.88
C SER C 27 31.39 15.28 -36.09
N LEU C 28 32.35 14.65 -36.78
CA LEU C 28 32.99 15.23 -37.96
C LEU C 28 31.98 15.53 -39.08
N GLU C 29 30.92 14.74 -39.16
CA GLU C 29 29.88 14.91 -40.17
C GLU C 29 29.07 16.19 -39.88
N ALA C 30 28.84 16.51 -38.60
CA ALA C 30 28.09 17.72 -38.22
C ALA C 30 28.93 18.98 -38.44
N GLU C 31 30.25 18.89 -38.29
CA GLU C 31 31.14 20.03 -38.50
C GLU C 31 31.19 20.40 -39.99
N GLN C 32 31.18 19.38 -40.86
CA GLN C 32 31.19 19.54 -42.31
C GLN C 32 29.94 20.25 -42.84
N SER C 33 28.80 20.05 -42.16
CA SER C 33 27.55 20.69 -42.58
C SER C 33 27.42 22.13 -42.07
N VAL C 34 28.07 22.48 -40.96
CA VAL C 34 28.03 23.86 -40.45
C VAL C 34 28.85 24.72 -41.40
N ILE C 35 30.05 24.26 -41.76
CA ILE C 35 30.95 24.96 -42.67
C ILE C 35 30.33 25.04 -44.07
N GLY C 36 29.85 23.92 -44.58
CA GLY C 36 29.23 23.88 -45.90
C GLY C 36 27.95 24.68 -45.99
N GLY C 37 27.19 24.69 -44.91
CA GLY C 37 25.93 25.43 -44.83
C GLY C 37 26.15 26.93 -44.81
N LEU C 38 27.23 27.36 -44.15
CA LEU C 38 27.57 28.77 -44.10
C LEU C 38 28.02 29.30 -45.47
N LEU C 39 28.56 28.42 -46.34
CA LEU C 39 28.96 28.81 -47.68
C LEU C 39 27.73 28.97 -48.59
N LEU C 40 26.69 28.14 -48.37
CA LEU C 40 25.46 28.21 -49.16
C LEU C 40 24.59 29.38 -48.71
N ASP C 41 24.50 29.60 -47.40
CA ASP C 41 23.69 30.70 -46.87
C ASP C 41 24.51 31.51 -45.89
N ASN C 42 24.95 32.70 -46.31
CA ASN C 42 25.74 33.58 -45.46
C ASN C 42 24.90 34.29 -44.39
N GLU C 43 23.58 34.44 -44.60
CA GLU C 43 22.69 35.07 -43.64
C GLU C 43 22.44 34.22 -42.38
N ARG C 44 22.86 32.95 -42.36
CA ARG C 44 22.67 32.09 -41.21
C ARG C 44 23.65 32.41 -40.07
N TRP C 45 24.77 33.08 -40.37
CA TRP C 45 25.81 33.44 -39.39
C TRP C 45 25.28 34.17 -38.16
N ASP C 46 24.16 34.89 -38.29
CA ASP C 46 23.53 35.62 -37.20
C ASP C 46 23.12 34.70 -36.04
N THR C 47 22.70 33.47 -36.38
CA THR C 47 22.27 32.49 -35.39
C THR C 47 23.38 31.49 -35.08
N VAL C 48 24.18 31.11 -36.09
CA VAL C 48 25.27 30.14 -35.96
C VAL C 48 26.36 30.63 -34.99
N SER C 49 26.70 31.92 -35.04
CA SER C 49 27.72 32.50 -34.16
C SER C 49 27.36 32.38 -32.67
N GLU C 50 26.07 32.32 -32.35
CA GLU C 50 25.61 32.19 -30.97
C GLU C 50 25.79 30.77 -30.42
N HIS C 51 25.83 29.75 -31.28
CA HIS C 51 25.98 28.37 -30.84
C HIS C 51 27.42 27.84 -30.86
N VAL C 52 28.11 27.92 -32.00
CA VAL C 52 29.47 27.39 -32.12
C VAL C 52 30.56 28.43 -31.99
N MET C 53 31.72 27.98 -31.51
CA MET C 53 32.94 28.77 -31.36
C MET C 53 34.09 28.09 -32.13
N THR C 54 35.19 28.81 -32.36
CA THR C 54 36.35 28.23 -33.05
C THR C 54 36.95 27.09 -32.21
N GLN C 55 36.96 27.25 -30.88
CA GLN C 55 37.48 26.26 -29.94
C GLN C 55 36.60 25.00 -29.90
N ASP C 56 35.28 25.16 -30.10
CA ASP C 56 34.31 24.06 -30.07
C ASP C 56 34.54 23.01 -31.16
N PHE C 57 35.13 23.42 -32.28
CA PHE C 57 35.38 22.50 -33.39
C PHE C 57 36.50 21.52 -33.06
N TYR C 58 36.34 20.28 -33.49
CA TYR C 58 37.32 19.23 -33.25
C TYR C 58 38.32 19.17 -34.41
N SER C 59 39.59 18.87 -34.11
CA SER C 59 40.71 18.73 -35.06
C SER C 59 41.19 20.06 -35.67
N ARG C 60 42.47 20.10 -36.06
CA ARG C 60 43.10 21.28 -36.65
C ARG C 60 42.50 21.71 -38.01
N PRO C 61 42.20 20.81 -38.98
CA PRO C 61 41.65 21.29 -40.26
C PRO C 61 40.31 21.98 -40.14
N HIS C 62 39.37 21.41 -39.36
CA HIS C 62 38.05 22.02 -39.19
C HIS C 62 38.11 23.36 -38.44
N ARG C 63 39.08 23.53 -37.56
CA ARG C 63 39.24 24.77 -36.81
C ARG C 63 39.81 25.88 -37.70
N LEU C 64 40.67 25.54 -38.67
CA LEU C 64 41.24 26.54 -39.57
C LEU C 64 40.19 27.05 -40.56
N ILE C 65 39.29 26.17 -41.02
CA ILE C 65 38.24 26.59 -41.95
C ILE C 65 37.22 27.45 -41.24
N PHE C 66 36.78 27.03 -40.05
CA PHE C 66 35.79 27.80 -39.29
C PHE C 66 36.34 29.15 -38.84
N ASP C 67 37.65 29.23 -38.54
CA ASP C 67 38.25 30.51 -38.17
C ASP C 67 38.26 31.48 -39.36
N GLY C 68 38.44 30.95 -40.57
CA GLY C 68 38.41 31.74 -41.79
C GLY C 68 37.02 32.24 -42.08
N VAL C 69 36.02 31.38 -41.91
CA VAL C 69 34.61 31.71 -42.10
C VAL C 69 34.18 32.78 -41.08
N LYS C 70 34.63 32.64 -39.84
CA LYS C 70 34.33 33.59 -38.76
C LYS C 70 34.97 34.95 -39.04
N SER C 71 36.24 34.97 -39.45
CA SER C 71 36.96 36.21 -39.74
C SER C 71 36.36 36.93 -40.95
N ILE C 72 35.92 36.18 -41.96
CA ILE C 72 35.34 36.77 -43.17
C ILE C 72 33.93 37.31 -42.91
N LEU C 73 33.03 36.49 -42.37
CA LEU C 73 31.65 36.92 -42.14
C LEU C 73 31.48 38.05 -41.12
N GLU C 74 32.46 38.25 -40.24
CA GLU C 74 32.38 39.31 -39.23
C GLU C 74 32.58 40.71 -39.80
N ALA C 75 33.31 40.83 -40.91
CA ALA C 75 33.54 42.15 -41.52
C ALA C 75 33.15 42.20 -43.01
N GLY C 76 33.67 41.28 -43.81
CA GLY C 76 33.35 41.22 -45.24
C GLY C 76 32.19 40.29 -45.51
N LYS C 77 31.01 40.85 -45.75
CA LYS C 77 29.76 40.12 -46.00
C LYS C 77 29.88 38.93 -47.00
N PRO C 78 30.51 39.06 -48.19
CA PRO C 78 30.56 37.89 -49.10
C PRO C 78 31.49 36.76 -48.66
N LEU C 79 31.00 35.53 -48.73
CA LEU C 79 31.74 34.32 -48.39
C LEU C 79 31.27 33.19 -49.30
N ASP C 80 32.17 32.59 -50.04
CA ASP C 80 31.83 31.49 -50.93
C ASP C 80 33.01 30.50 -51.06
N LEU C 81 33.00 29.62 -52.07
CA LEU C 81 34.05 28.65 -52.26
C LEU C 81 35.42 29.27 -52.54
N ILE C 82 35.47 30.40 -53.27
CA ILE C 82 36.75 31.04 -53.57
C ILE C 82 37.13 32.12 -52.57
N THR C 83 36.16 32.71 -51.84
CA THR C 83 36.49 33.74 -50.84
C THR C 83 37.22 33.09 -49.68
N LEU C 84 36.72 31.94 -49.23
CA LEU C 84 37.31 31.15 -48.14
C LEU C 84 38.65 30.55 -48.59
N SER C 85 38.72 30.10 -49.85
CA SER C 85 39.92 29.51 -50.45
C SER C 85 41.06 30.52 -50.53
N GLU C 86 40.76 31.78 -50.87
CA GLU C 86 41.78 32.81 -50.97
C GLU C 86 42.29 33.28 -49.60
N TYR C 87 41.49 33.14 -48.54
CA TYR C 87 41.90 33.49 -47.19
C TYR C 87 42.94 32.48 -46.71
N LEU C 88 42.71 31.19 -46.98
CA LEU C 88 43.60 30.11 -46.59
C LEU C 88 44.84 30.05 -47.47
N GLU C 89 44.70 30.40 -48.77
CA GLU C 89 45.82 30.38 -49.71
C GLU C 89 46.86 31.43 -49.34
N GLN C 90 46.40 32.63 -48.97
CA GLN C 90 47.30 33.71 -48.56
C GLN C 90 47.95 33.51 -47.19
N ARG C 91 47.38 32.63 -46.36
CA ARG C 91 47.93 32.33 -45.04
C ARG C 91 48.63 30.97 -44.96
N GLU C 92 48.90 30.33 -46.13
CA GLU C 92 49.59 29.04 -46.28
C GLU C 92 48.91 27.91 -45.50
N GLN C 93 47.58 27.92 -45.45
CA GLN C 93 46.81 26.90 -44.75
C GLN C 93 45.75 26.21 -45.65
N LEU C 94 45.79 26.45 -46.97
CA LEU C 94 44.81 25.86 -47.88
C LEU C 94 45.09 24.39 -48.10
N GLU C 95 46.36 24.03 -48.32
CA GLU C 95 46.73 22.64 -48.55
C GLU C 95 46.67 21.83 -47.25
N ASP C 96 47.00 22.47 -46.12
CA ASP C 96 46.96 21.82 -44.79
C ASP C 96 45.53 21.40 -44.39
N VAL C 97 44.51 22.02 -44.98
CA VAL C 97 43.12 21.72 -44.71
C VAL C 97 42.62 20.61 -45.65
N GLY C 98 42.90 20.75 -46.93
CA GLY C 98 42.47 19.78 -47.92
C GLY C 98 42.33 20.32 -49.34
N GLY C 99 42.90 21.48 -49.60
CA GLY C 99 42.83 22.09 -50.92
C GLY C 99 41.52 22.80 -51.18
N PHE C 100 41.14 22.89 -52.45
CA PHE C 100 39.91 23.57 -52.85
C PHE C 100 38.72 22.61 -52.89
N ALA C 101 38.94 21.38 -53.39
CA ALA C 101 37.84 20.43 -53.50
C ALA C 101 37.35 19.87 -52.16
N TYR C 102 38.11 20.06 -51.07
CA TYR C 102 37.62 19.65 -49.74
C TYR C 102 36.54 20.66 -49.35
N LEU C 103 36.83 21.97 -49.51
CA LEU C 103 35.89 23.04 -49.24
C LEU C 103 34.68 23.01 -50.19
N ALA C 104 34.90 22.58 -51.44
CA ALA C 104 33.83 22.43 -52.41
C ALA C 104 32.93 21.26 -52.02
N ASP C 105 33.52 20.16 -51.54
CA ASP C 105 32.77 19.00 -51.08
C ASP C 105 32.04 19.29 -49.77
N LEU C 106 32.56 20.20 -48.93
CA LEU C 106 31.92 20.57 -47.67
C LEU C 106 30.54 21.16 -47.93
N ALA C 107 30.39 21.95 -48.99
CA ALA C 107 29.12 22.57 -49.36
C ALA C 107 28.15 21.55 -49.96
N LYS C 108 28.66 20.64 -50.79
CA LYS C 108 27.83 19.61 -51.43
C LYS C 108 27.31 18.62 -50.38
N ASN C 109 28.20 18.22 -49.46
CA ASN C 109 27.85 17.26 -48.42
C ASN C 109 27.21 17.90 -47.17
N THR C 110 26.11 18.64 -47.39
CA THR C 110 25.30 19.23 -46.34
C THR C 110 23.90 18.71 -46.53
N PRO C 111 23.24 18.25 -45.46
CA PRO C 111 21.88 17.73 -45.61
C PRO C 111 20.93 18.82 -46.13
N SER C 112 21.00 20.04 -45.56
CA SER C 112 20.18 21.15 -46.02
C SER C 112 20.37 22.42 -45.20
N ALA C 113 20.04 23.57 -45.81
CA ALA C 113 20.06 24.89 -45.16
C ALA C 113 18.89 24.97 -44.12
N ALA C 114 18.79 26.08 -43.33
CA ALA C 114 17.79 26.31 -42.27
C ALA C 114 17.93 25.35 -41.07
N ASN C 115 18.79 24.32 -41.19
CA ASN C 115 19.08 23.37 -40.12
C ASN C 115 20.49 23.55 -39.56
N ILE C 116 21.26 24.56 -40.01
CA ILE C 116 22.63 24.81 -39.56
C ILE C 116 22.68 25.09 -38.05
N ASN C 117 21.64 25.71 -37.51
CA ASN C 117 21.53 25.97 -36.07
C ASN C 117 21.43 24.65 -35.27
N ALA C 118 20.82 23.60 -35.85
CA ALA C 118 20.71 22.30 -35.19
C ALA C 118 22.04 21.54 -35.27
N TYR C 119 22.76 21.67 -36.40
CA TYR C 119 24.06 21.02 -36.56
C TYR C 119 25.08 21.66 -35.62
N ALA C 120 25.00 23.00 -35.41
CA ALA C 120 25.88 23.73 -34.52
C ALA C 120 25.67 23.31 -33.08
N GLU C 121 24.41 23.06 -32.68
CA GLU C 121 24.12 22.61 -31.33
C GLU C 121 24.77 21.25 -31.04
N ILE C 122 24.90 20.39 -32.06
CA ILE C 122 25.55 19.10 -31.93
C ILE C 122 27.04 19.30 -31.65
N VAL C 123 27.71 20.17 -32.43
CA VAL C 123 29.13 20.47 -32.26
C VAL C 123 29.40 21.13 -30.90
N ALA C 124 28.49 22.00 -30.45
CA ALA C 124 28.62 22.65 -29.16
C ALA C 124 28.42 21.66 -28.02
N GLU C 125 27.50 20.70 -28.18
CA GLU C 125 27.25 19.69 -27.15
C GLU C 125 28.40 18.69 -27.07
N ARG C 126 29.00 18.32 -28.21
CA ARG C 126 30.14 17.39 -28.20
C ARG C 126 31.35 18.05 -27.52
N ALA C 127 31.53 19.36 -27.72
CA ALA C 127 32.63 20.10 -27.11
C ALA C 127 32.48 20.19 -25.60
N LEU C 128 31.24 20.33 -25.11
CA LEU C 128 30.98 20.39 -23.67
C LEU C 128 31.22 19.04 -23.02
N VAL C 129 30.85 17.95 -23.70
CA VAL C 129 31.09 16.60 -23.19
C VAL C 129 32.60 16.28 -23.21
N ARG C 130 33.29 16.72 -24.26
CA ARG C 130 34.74 16.56 -24.41
C ARG C 130 35.48 17.33 -23.32
N ASN C 131 34.99 18.52 -22.96
CA ASN C 131 35.57 19.34 -21.90
C ASN C 131 35.29 18.75 -20.53
N LEU C 132 34.11 18.13 -20.34
CA LEU C 132 33.74 17.49 -19.09
C LEU C 132 34.63 16.29 -18.81
N ILE C 133 35.00 15.53 -19.86
CA ILE C 133 35.89 14.38 -19.71
C ILE C 133 37.29 14.85 -19.33
N GLY C 134 37.76 15.93 -19.95
CA GLY C 134 39.05 16.51 -19.66
C GLY C 134 39.11 17.08 -18.25
N VAL C 135 37.98 17.65 -17.78
CA VAL C 135 37.84 18.21 -16.44
C VAL C 135 37.84 17.07 -15.41
N ALA C 136 37.17 15.95 -15.73
CA ALA C 136 37.14 14.78 -14.86
C ALA C 136 38.54 14.15 -14.77
N ASN C 137 39.27 14.12 -15.88
CA ASN C 137 40.63 13.60 -15.93
C ASN C 137 41.60 14.47 -15.12
N GLU C 138 41.34 15.79 -15.06
CA GLU C 138 42.14 16.71 -14.26
C GLU C 138 42.00 16.37 -12.78
N ILE C 139 40.75 16.08 -12.34
CA ILE C 139 40.43 15.72 -10.96
C ILE C 139 41.09 14.39 -10.61
N ALA C 140 41.00 13.42 -11.53
CA ALA C 140 41.58 12.09 -11.35
C ALA C 140 43.09 12.16 -11.24
N ASP C 141 43.75 12.96 -12.08
CA ASP C 141 45.21 13.10 -12.03
C ASP C 141 45.65 13.86 -10.78
N ALA C 142 44.86 14.85 -10.34
CA ALA C 142 45.17 15.59 -9.11
C ALA C 142 44.95 14.75 -7.84
N GLY C 143 44.11 13.71 -7.93
CA GLY C 143 43.87 12.82 -6.82
C GLY C 143 45.03 11.87 -6.63
N TYR C 144 45.58 11.36 -7.74
CA TYR C 144 46.72 10.46 -7.69
C TYR C 144 48.00 11.20 -7.32
N ASP C 145 48.15 12.43 -7.81
CA ASP C 145 49.32 13.25 -7.50
C ASP C 145 48.85 14.58 -6.89
N PRO C 146 48.65 14.61 -5.56
CA PRO C 146 48.14 15.84 -4.94
C PRO C 146 49.18 16.95 -4.78
N GLN C 147 50.46 16.58 -4.57
CA GLN C 147 51.56 17.53 -4.39
C GLN C 147 51.33 18.49 -3.22
N GLY C 148 50.89 17.95 -2.09
CA GLY C 148 50.59 18.75 -0.91
C GLY C 148 49.22 19.38 -1.01
N ARG C 149 48.19 18.53 -1.11
CA ARG C 149 46.82 19.01 -1.23
C ARG C 149 45.90 18.27 -0.28
N ASN C 150 45.15 19.02 0.55
CA ASN C 150 44.20 18.45 1.51
C ASN C 150 42.96 17.87 0.80
N ALA C 151 42.18 17.04 1.50
CA ALA C 151 40.97 16.46 0.93
C ALA C 151 39.94 17.54 0.59
N GLU C 152 39.85 18.59 1.42
CA GLU C 152 38.94 19.71 1.20
C GLU C 152 39.42 20.56 0.00
N ASP C 153 40.73 20.77 -0.09
CA ASP C 153 41.32 21.54 -1.19
C ASP C 153 41.10 20.83 -2.53
N LEU C 154 41.17 19.49 -2.53
CA LEU C 154 40.95 18.70 -3.74
C LEU C 154 39.47 18.67 -4.13
N LEU C 155 38.58 18.61 -3.13
CA LEU C 155 37.14 18.59 -3.35
C LEU C 155 36.66 19.94 -3.89
N ASP C 156 37.18 21.05 -3.36
CA ASP C 156 36.80 22.37 -3.85
C ASP C 156 37.37 22.68 -5.23
N LEU C 157 38.52 22.07 -5.58
CA LEU C 157 39.11 22.21 -6.91
C LEU C 157 38.26 21.43 -7.92
N ALA C 158 37.77 20.25 -7.53
CA ALA C 158 36.93 19.41 -8.37
C ALA C 158 35.57 20.04 -8.61
N GLU C 159 35.02 20.69 -7.58
CA GLU C 159 33.72 21.35 -7.62
C GLU C 159 33.76 22.58 -8.52
N SER C 160 34.85 23.35 -8.45
CA SER C 160 35.01 24.56 -9.26
C SER C 160 35.25 24.27 -10.73
N LYS C 161 35.87 23.12 -11.05
CA LYS C 161 36.13 22.74 -12.44
C LYS C 161 34.83 22.35 -13.16
N VAL C 162 33.90 21.72 -12.45
CA VAL C 162 32.61 21.32 -13.00
C VAL C 162 31.70 22.55 -13.13
N PHE C 163 31.69 23.40 -12.11
CA PHE C 163 30.91 24.63 -12.05
C PHE C 163 31.27 25.59 -13.20
N ALA C 164 32.53 25.61 -13.61
CA ALA C 164 33.01 26.45 -14.69
C ALA C 164 32.38 26.08 -16.04
N ILE C 165 32.13 24.79 -16.26
CA ILE C 165 31.51 24.31 -17.50
C ILE C 165 30.03 24.73 -17.55
N ALA C 166 29.35 24.70 -16.39
CA ALA C 166 27.94 25.11 -16.26
C ALA C 166 27.75 26.62 -16.45
N GLU C 167 28.79 27.41 -16.16
CA GLU C 167 28.78 28.87 -16.28
C GLU C 167 28.74 29.30 -17.75
N ALA C 168 29.41 28.56 -18.63
CA ALA C 168 29.44 28.88 -20.07
C ALA C 168 28.14 28.56 -20.80
N ARG C 169 27.37 27.56 -20.33
CA ARG C 169 26.12 27.18 -20.99
C ARG C 169 24.94 28.07 -20.56
N THR C 170 24.73 28.24 -19.25
CA THR C 170 23.63 29.05 -18.71
C THR C 170 23.80 30.57 -18.85
N SER C 171 24.89 31.02 -19.46
CA SER C 171 25.14 32.46 -19.65
C SER C 171 24.34 33.00 -20.83
N GLU C 172 24.24 32.21 -21.91
CA GLU C 172 23.54 32.62 -23.12
C GLU C 172 22.01 32.59 -22.98
N ASN C 173 21.42 31.41 -22.69
CA ASN C 173 19.97 31.28 -22.57
C ASN C 173 19.48 31.42 -21.14
N GLU C 174 18.84 32.56 -20.82
CA GLU C 174 18.24 32.90 -19.52
C GLU C 174 19.26 32.96 -18.35
N GLY C 175 18.82 33.44 -17.20
CA GLY C 175 19.65 33.58 -16.02
C GLY C 175 19.21 34.71 -15.12
N PRO C 176 19.90 34.91 -13.99
CA PRO C 176 19.50 35.99 -13.07
C PRO C 176 19.84 37.36 -13.65
N LYS C 177 18.81 38.13 -14.03
CA LYS C 177 19.02 39.45 -14.61
C LYS C 177 19.31 40.51 -13.57
N ASN C 178 20.07 41.52 -13.97
CA ASN C 178 20.47 42.65 -13.13
C ASN C 178 19.23 43.44 -12.67
N VAL C 179 19.37 44.19 -11.57
CA VAL C 179 18.30 45.03 -11.01
C VAL C 179 17.79 46.04 -12.06
N ASP C 180 18.70 46.57 -12.88
CA ASP C 180 18.39 47.51 -13.95
C ASP C 180 17.62 46.84 -15.09
N SER C 181 17.91 45.56 -15.37
CA SER C 181 17.24 44.79 -16.41
C SER C 181 15.82 44.35 -16.05
N ILE C 182 15.43 44.43 -14.77
CA ILE C 182 14.09 44.04 -14.31
C ILE C 182 13.17 45.24 -14.22
N LEU C 183 13.67 46.34 -13.64
CA LEU C 183 12.91 47.57 -13.48
C LEU C 183 12.55 48.21 -14.83
N GLU C 184 13.44 48.08 -15.82
CA GLU C 184 13.23 48.61 -17.17
C GLU C 184 12.22 47.74 -17.91
N ARG C 185 12.35 46.41 -17.79
CA ARG C 185 11.44 45.45 -18.41
C ARG C 185 10.02 45.57 -17.83
N THR C 186 9.92 45.92 -16.54
CA THR C 186 8.64 46.09 -15.86
C THR C 186 7.94 47.37 -16.34
N LEU C 187 8.68 48.48 -16.47
CA LEU C 187 8.10 49.73 -16.94
C LEU C 187 7.68 49.69 -18.42
N GLU C 188 8.24 48.76 -19.21
CA GLU C 188 7.86 48.57 -20.61
C GLU C 188 6.52 47.79 -20.67
N ARG C 189 6.34 46.83 -19.75
CA ARG C 189 5.12 46.03 -19.59
C ARG C 189 3.96 46.92 -19.12
N ILE C 190 4.24 47.91 -18.26
CA ILE C 190 3.24 48.85 -17.75
C ILE C 190 2.72 49.75 -18.86
N GLU C 191 3.61 50.19 -19.77
CA GLU C 191 3.24 51.03 -20.92
C GLU C 191 2.30 50.29 -21.86
N LEU C 192 2.56 48.99 -22.07
CA LEU C 192 1.74 48.15 -22.94
C LEU C 192 0.30 47.97 -22.44
N LEU C 193 0.08 48.15 -21.12
CA LEU C 193 -1.25 48.07 -20.50
C LEU C 193 -2.14 49.26 -20.90
N TYR C 194 -1.54 50.42 -21.21
CA TYR C 194 -2.27 51.59 -21.71
C TYR C 194 -2.68 51.34 -23.18
N LYS C 195 -1.80 50.66 -23.94
CA LYS C 195 -1.96 50.33 -25.36
C LYS C 195 -2.97 49.20 -25.60
N THR C 196 -3.32 48.40 -24.58
CA THR C 196 -4.27 47.30 -24.78
C THR C 196 -5.70 47.83 -25.14
N PRO C 197 -6.35 48.76 -24.39
CA PRO C 197 -7.67 49.25 -24.84
C PRO C 197 -7.56 50.22 -26.02
N GLN C 198 -6.39 50.88 -26.19
CA GLN C 198 -6.14 51.80 -27.30
C GLN C 198 -5.84 51.12 -28.64
N ASP C 199 -6.01 49.80 -28.73
CA ASP C 199 -5.78 49.04 -29.96
C ASP C 199 -7.00 48.20 -30.40
N GLY C 200 -7.92 47.95 -29.47
CA GLY C 200 -9.11 47.17 -29.77
C GLY C 200 -8.83 45.69 -29.87
N VAL C 201 -8.81 45.16 -31.10
CA VAL C 201 -8.54 43.75 -31.32
C VAL C 201 -7.26 43.57 -32.12
N THR C 202 -6.28 42.86 -31.54
CA THR C 202 -5.01 42.62 -32.21
C THR C 202 -4.94 41.19 -32.77
N GLY C 203 -6.00 40.79 -33.46
CA GLY C 203 -6.07 39.47 -34.06
C GLY C 203 -7.43 38.81 -33.99
N VAL C 204 -7.56 37.79 -33.13
CA VAL C 204 -8.82 37.05 -32.99
C VAL C 204 -9.84 37.80 -32.13
N ASN C 205 -11.00 38.11 -32.72
CA ASN C 205 -12.08 38.81 -32.04
C ASN C 205 -12.85 37.85 -31.12
N THR C 206 -12.97 38.20 -29.85
CA THR C 206 -13.70 37.36 -28.88
C THR C 206 -15.22 37.46 -29.03
N GLY C 207 -15.71 38.58 -29.54
CA GLY C 207 -17.13 38.81 -29.73
C GLY C 207 -17.75 39.66 -28.63
N PHE C 208 -17.15 39.64 -27.44
CA PHE C 208 -17.65 40.41 -26.31
C PHE C 208 -16.84 41.71 -26.22
N THR C 209 -17.50 42.86 -26.39
CA THR C 209 -16.85 44.17 -26.34
C THR C 209 -16.26 44.49 -24.96
N ASP C 210 -16.85 43.94 -23.89
CA ASP C 210 -16.34 44.14 -22.54
C ASP C 210 -15.04 43.36 -22.33
N LEU C 211 -14.98 42.13 -22.89
CA LEU C 211 -13.81 41.27 -22.79
C LEU C 211 -12.65 41.81 -23.64
N ASN C 212 -12.96 42.46 -24.78
CA ASN C 212 -11.95 43.02 -25.67
C ASN C 212 -11.16 44.19 -25.08
N LYS C 213 -11.58 44.73 -23.92
CA LYS C 213 -10.85 45.81 -23.27
C LYS C 213 -9.65 45.25 -22.51
N LYS C 214 -9.85 44.13 -21.81
CA LYS C 214 -8.79 43.49 -21.03
C LYS C 214 -7.98 42.51 -21.87
N THR C 215 -8.64 41.70 -22.70
CA THR C 215 -7.96 40.70 -23.52
C THR C 215 -7.24 41.34 -24.71
N ALA C 216 -7.90 42.33 -25.36
CA ALA C 216 -7.41 43.06 -26.53
C ALA C 216 -7.07 42.14 -27.69
N GLY C 217 -7.96 41.19 -27.94
CA GLY C 217 -7.77 40.22 -29.02
C GLY C 217 -7.00 39.00 -28.54
N LEU C 218 -7.37 37.82 -29.05
CA LEU C 218 -6.70 36.58 -28.66
C LEU C 218 -5.36 36.44 -29.38
N GLN C 219 -4.25 36.52 -28.62
CA GLN C 219 -2.91 36.40 -29.17
C GLN C 219 -2.58 34.96 -29.54
N GLY C 220 -1.88 34.78 -30.66
CA GLY C 220 -1.54 33.45 -31.15
C GLY C 220 -0.36 32.77 -30.50
N SER C 221 0.65 33.53 -30.10
CA SER C 221 1.86 32.97 -29.50
C SER C 221 1.70 32.45 -28.07
N ASP C 222 0.53 32.63 -27.44
CA ASP C 222 0.33 32.18 -26.07
C ASP C 222 -0.83 31.18 -25.87
N LEU C 223 -0.79 30.45 -24.75
CA LEU C 223 -1.82 29.46 -24.40
C LEU C 223 -2.85 30.09 -23.48
N ILE C 224 -4.14 29.92 -23.81
CA ILE C 224 -5.23 30.46 -23.00
C ILE C 224 -5.99 29.32 -22.34
N ILE C 225 -6.02 29.28 -21.00
CA ILE C 225 -6.72 28.23 -20.28
C ILE C 225 -7.96 28.77 -19.56
N VAL C 226 -9.14 28.32 -19.98
CA VAL C 226 -10.41 28.75 -19.37
C VAL C 226 -10.87 27.66 -18.41
N ALA C 227 -10.98 27.98 -17.12
CA ALA C 227 -11.39 27.01 -16.12
C ALA C 227 -12.65 27.43 -15.37
N ALA C 228 -13.52 26.46 -15.09
CA ALA C 228 -14.75 26.73 -14.36
C ALA C 228 -15.21 25.51 -13.58
N ARG C 229 -15.77 25.76 -12.40
CA ARG C 229 -16.31 24.69 -11.56
C ARG C 229 -17.65 24.24 -12.17
N PRO C 230 -17.97 22.93 -12.16
CA PRO C 230 -19.23 22.46 -12.76
C PRO C 230 -20.48 23.34 -12.58
N SER C 231 -21.32 23.39 -13.62
CA SER C 231 -22.57 24.16 -13.72
C SER C 231 -22.37 25.65 -14.09
N MET C 232 -21.12 26.09 -14.24
CA MET C 232 -20.82 27.47 -14.63
C MET C 232 -21.00 27.71 -16.13
N GLY C 233 -20.76 26.69 -16.94
CA GLY C 233 -20.88 26.78 -18.39
C GLY C 233 -19.54 26.97 -19.06
N LYS C 234 -18.57 26.12 -18.74
CA LYS C 234 -17.23 26.22 -19.34
C LYS C 234 -17.27 25.83 -20.80
N THR C 235 -18.05 24.79 -21.15
CA THR C 235 -18.20 24.36 -22.54
C THR C 235 -18.96 25.40 -23.34
N THR C 236 -19.97 26.04 -22.74
CA THR C 236 -20.78 27.08 -23.34
C THR C 236 -19.95 28.33 -23.68
N PHE C 237 -19.05 28.72 -22.77
CA PHE C 237 -18.19 29.88 -23.00
C PHE C 237 -17.13 29.59 -24.07
N ALA C 238 -16.61 28.36 -24.09
CA ALA C 238 -15.62 27.94 -25.08
C ALA C 238 -16.25 27.89 -26.48
N MET C 239 -17.51 27.44 -26.57
CA MET C 239 -18.23 27.37 -27.84
C MET C 239 -18.54 28.76 -28.37
N ASN C 240 -18.84 29.72 -27.47
CA ASN C 240 -19.13 31.10 -27.85
C ASN C 240 -17.89 31.82 -28.38
N LEU C 241 -16.69 31.43 -27.92
CA LEU C 241 -15.45 32.02 -28.42
C LEU C 241 -15.17 31.51 -29.84
N CYS C 242 -15.46 30.22 -30.11
CA CYS C 242 -15.29 29.62 -31.43
C CYS C 242 -16.34 30.16 -32.42
N GLU C 243 -17.55 30.48 -31.92
CA GLU C 243 -18.66 31.03 -32.69
C GLU C 243 -18.25 32.31 -33.41
N ASN C 244 -17.66 33.27 -32.68
CA ASN C 244 -17.27 34.56 -33.24
C ASN C 244 -15.99 34.45 -34.07
N ALA C 245 -15.10 33.52 -33.73
CA ALA C 245 -13.86 33.33 -34.47
C ALA C 245 -14.09 32.71 -35.85
N ALA C 246 -15.12 31.86 -35.98
CA ALA C 246 -15.44 31.24 -37.26
C ALA C 246 -16.14 32.21 -38.23
N MET C 247 -16.80 33.25 -37.71
CA MET C 247 -17.50 34.22 -38.55
C MET C 247 -16.63 35.44 -38.86
N GLU C 248 -15.91 35.96 -37.87
CA GLU C 248 -15.07 37.14 -38.07
C GLU C 248 -13.75 36.82 -38.78
N GLN C 249 -12.99 35.83 -38.28
CA GLN C 249 -11.71 35.48 -38.89
C GLN C 249 -11.91 34.60 -40.12
N ASP C 250 -11.12 34.85 -41.17
CA ASP C 250 -11.18 34.11 -42.42
C ASP C 250 -10.62 32.70 -42.29
N LYS C 251 -9.60 32.52 -41.44
CA LYS C 251 -8.98 31.20 -41.24
C LYS C 251 -9.86 30.30 -40.37
N PRO C 252 -9.90 28.98 -40.66
CA PRO C 252 -10.80 28.10 -39.91
C PRO C 252 -10.43 27.80 -38.45
N VAL C 253 -11.43 27.38 -37.67
CA VAL C 253 -11.26 27.02 -36.26
C VAL C 253 -11.26 25.50 -36.08
N LEU C 254 -10.44 25.00 -35.15
CA LEU C 254 -10.34 23.57 -34.90
C LEU C 254 -10.76 23.22 -33.48
N ILE C 255 -11.74 22.34 -33.32
CA ILE C 255 -12.24 21.97 -32.00
C ILE C 255 -12.06 20.47 -31.72
N PHE C 256 -11.34 20.13 -30.66
CA PHE C 256 -11.11 18.74 -30.26
C PHE C 256 -12.16 18.35 -29.23
N SER C 257 -13.15 17.57 -29.65
CA SER C 257 -14.23 17.15 -28.76
C SER C 257 -13.91 15.85 -28.03
N LEU C 258 -13.93 15.89 -26.69
CA LEU C 258 -13.64 14.73 -25.86
C LEU C 258 -14.80 14.47 -24.89
N GLU C 259 -15.39 15.55 -24.35
CA GLU C 259 -16.50 15.47 -23.39
C GLU C 259 -17.80 15.04 -24.09
N MET C 260 -18.13 15.69 -25.21
CA MET C 260 -19.35 15.40 -25.95
C MET C 260 -19.08 15.26 -27.46
N PRO C 261 -19.87 14.47 -28.19
CA PRO C 261 -19.61 14.31 -29.64
C PRO C 261 -19.88 15.57 -30.46
N ALA C 262 -19.48 15.55 -31.74
CA ALA C 262 -19.66 16.67 -32.67
C ALA C 262 -21.13 17.01 -32.93
N GLU C 263 -22.04 16.04 -32.76
CA GLU C 263 -23.46 16.24 -32.95
C GLU C 263 -24.03 17.11 -31.84
N GLN C 264 -23.64 16.84 -30.59
CA GLN C 264 -24.08 17.62 -29.43
C GLN C 264 -23.48 19.04 -29.45
N ILE C 265 -22.24 19.16 -29.95
CA ILE C 265 -21.54 20.44 -30.09
C ILE C 265 -22.25 21.30 -31.14
N MET C 266 -22.67 20.70 -32.25
CA MET C 266 -23.38 21.41 -33.31
C MET C 266 -24.80 21.79 -32.88
N MET C 267 -25.44 20.95 -32.05
CA MET C 267 -26.78 21.25 -31.52
C MET C 267 -26.73 22.47 -30.59
N ARG C 268 -25.68 22.56 -29.76
CA ARG C 268 -25.48 23.67 -28.84
C ARG C 268 -25.12 24.95 -29.60
N MET C 269 -24.34 24.82 -30.68
CA MET C 269 -23.94 25.95 -31.51
C MET C 269 -25.13 26.51 -32.31
N LEU C 270 -26.07 25.64 -32.71
CA LEU C 270 -27.26 26.05 -33.45
C LEU C 270 -28.22 26.86 -32.56
N ALA C 271 -28.24 26.57 -31.24
CA ALA C 271 -29.07 27.27 -30.27
C ALA C 271 -28.58 28.71 -30.08
N SER C 272 -27.26 28.92 -30.09
CA SER C 272 -26.69 30.26 -29.94
C SER C 272 -26.80 31.06 -31.26
N LEU C 273 -26.74 30.38 -32.40
CA LEU C 273 -26.83 31.02 -33.72
C LEU C 273 -28.23 31.53 -34.05
N SER C 274 -29.26 30.96 -33.45
CA SER C 274 -30.64 31.36 -33.74
C SER C 274 -31.45 31.83 -32.52
N ARG C 275 -30.83 31.82 -31.32
CA ARG C 275 -31.45 32.20 -30.05
C ARG C 275 -32.68 31.34 -29.68
N VAL C 276 -32.77 30.14 -30.25
CA VAL C 276 -33.86 29.22 -29.95
C VAL C 276 -33.45 28.35 -28.76
N ASP C 277 -34.36 28.19 -27.78
CA ASP C 277 -34.08 27.43 -26.55
C ASP C 277 -33.48 26.05 -26.81
N GLN C 278 -32.37 25.76 -26.11
CA GLN C 278 -31.59 24.53 -26.20
C GLN C 278 -32.42 23.25 -26.18
N THR C 279 -33.45 23.20 -25.32
CA THR C 279 -34.33 22.06 -25.17
C THR C 279 -35.01 21.62 -26.46
N LYS C 280 -35.49 22.56 -27.29
CA LYS C 280 -36.18 22.25 -28.54
C LYS C 280 -35.30 21.56 -29.59
N ILE C 281 -34.01 21.89 -29.64
CA ILE C 281 -33.10 21.28 -30.62
C ILE C 281 -32.77 19.83 -30.27
N ARG C 282 -32.40 19.57 -29.01
CA ARG C 282 -32.06 18.21 -28.57
C ARG C 282 -33.29 17.31 -28.37
N THR C 283 -34.51 17.86 -28.43
CA THR C 283 -35.74 17.08 -28.29
C THR C 283 -36.33 16.80 -29.68
N GLY C 284 -36.30 17.79 -30.55
CA GLY C 284 -36.82 17.65 -31.90
C GLY C 284 -38.05 18.48 -32.17
N GLN C 285 -39.00 18.48 -31.23
CA GLN C 285 -40.24 19.24 -31.39
C GLN C 285 -40.03 20.76 -31.30
N LEU C 286 -40.18 21.46 -32.43
CA LEU C 286 -40.02 22.91 -32.44
C LEU C 286 -40.97 23.58 -33.45
N ASP C 287 -41.31 24.84 -33.19
CA ASP C 287 -42.23 25.64 -34.00
C ASP C 287 -41.72 25.95 -35.41
N ASP C 288 -42.62 26.36 -36.32
CA ASP C 288 -42.28 26.73 -37.69
C ASP C 288 -41.44 28.02 -37.72
N GLU C 289 -41.65 28.93 -36.75
CA GLU C 289 -40.89 30.16 -36.61
C GLU C 289 -39.43 29.84 -36.26
N ASP C 290 -39.22 28.85 -35.39
CA ASP C 290 -37.89 28.40 -34.99
C ASP C 290 -37.16 27.66 -36.13
N TRP C 291 -37.92 26.98 -37.01
CA TRP C 291 -37.43 26.23 -38.15
C TRP C 291 -36.75 27.18 -39.16
N ALA C 292 -37.35 28.36 -39.37
CA ALA C 292 -36.82 29.34 -40.31
C ALA C 292 -35.51 29.95 -39.82
N ARG C 293 -35.38 30.17 -38.50
CA ARG C 293 -34.16 30.75 -37.92
C ARG C 293 -32.98 29.78 -38.00
N ILE C 294 -33.26 28.48 -37.84
CA ILE C 294 -32.24 27.44 -37.93
C ILE C 294 -31.81 27.30 -39.40
N SER C 295 -32.76 27.36 -40.33
CA SER C 295 -32.51 27.26 -41.76
C SER C 295 -31.76 28.49 -42.31
N SER C 296 -31.97 29.66 -41.70
CA SER C 296 -31.33 30.90 -42.13
C SER C 296 -29.86 30.92 -41.72
N THR C 297 -29.56 30.46 -40.50
CA THR C 297 -28.19 30.41 -40.01
C THR C 297 -27.38 29.24 -40.61
N MET C 298 -28.06 28.25 -41.21
CA MET C 298 -27.41 27.10 -41.84
C MET C 298 -26.63 27.54 -43.07
N GLY C 299 -27.22 28.45 -43.86
CA GLY C 299 -26.61 28.98 -45.06
C GLY C 299 -25.43 29.88 -44.78
N ILE C 300 -25.45 30.58 -43.63
CA ILE C 300 -24.37 31.45 -43.21
C ILE C 300 -23.14 30.61 -42.84
N LEU C 301 -23.36 29.50 -42.13
CA LEU C 301 -22.30 28.58 -41.72
C LEU C 301 -21.73 27.82 -42.93
N MET C 302 -22.57 27.52 -43.92
CA MET C 302 -22.16 26.81 -45.13
C MET C 302 -21.30 27.68 -46.06
N GLU C 303 -21.47 29.00 -46.01
CA GLU C 303 -20.68 29.91 -46.85
C GLU C 303 -19.27 30.11 -46.29
N LYS C 304 -19.15 30.16 -44.97
CA LYS C 304 -17.86 30.37 -44.32
C LYS C 304 -16.98 29.13 -44.31
N LYS C 305 -17.54 27.97 -43.89
CA LYS C 305 -16.83 26.69 -43.81
C LYS C 305 -15.56 26.74 -42.96
N ASN C 306 -15.70 26.95 -41.64
CA ASN C 306 -14.54 27.05 -40.76
C ASN C 306 -14.56 26.10 -39.56
N MET C 307 -15.71 25.54 -39.21
CA MET C 307 -15.81 24.64 -38.06
C MET C 307 -15.29 23.23 -38.34
N TYR C 308 -14.13 22.87 -37.78
CA TYR C 308 -13.57 21.53 -37.94
C TYR C 308 -13.57 20.82 -36.59
N ILE C 309 -14.45 19.84 -36.40
CA ILE C 309 -14.57 19.14 -35.11
C ILE C 309 -14.05 17.71 -35.16
N ASP C 310 -13.28 17.30 -34.15
CA ASP C 310 -12.76 15.95 -34.04
C ASP C 310 -13.39 15.27 -32.82
N ASP C 311 -14.38 14.39 -33.04
CA ASP C 311 -15.06 13.70 -31.95
C ASP C 311 -14.35 12.41 -31.51
N SER C 312 -13.05 12.50 -31.19
CA SER C 312 -12.29 11.34 -30.75
C SER C 312 -12.12 11.39 -29.23
N SER C 313 -12.50 10.31 -28.53
CA SER C 313 -12.41 10.25 -27.08
C SER C 313 -10.98 10.03 -26.59
N GLY C 314 -10.25 9.15 -27.27
CA GLY C 314 -8.87 8.84 -26.91
C GLY C 314 -7.87 9.70 -27.66
N LEU C 315 -7.53 10.86 -27.09
CA LEU C 315 -6.59 11.78 -27.74
C LEU C 315 -5.30 11.97 -26.96
N THR C 316 -4.18 11.67 -27.62
CA THR C 316 -2.84 11.82 -27.03
C THR C 316 -2.22 13.14 -27.51
N PRO C 317 -1.32 13.78 -26.74
CA PRO C 317 -0.71 15.03 -27.21
C PRO C 317 0.01 14.94 -28.56
N THR C 318 0.42 13.72 -28.95
CA THR C 318 1.07 13.46 -30.24
C THR C 318 0.02 13.59 -31.35
N GLU C 319 -1.16 12.98 -31.14
CA GLU C 319 -2.27 13.02 -32.09
C GLU C 319 -2.88 14.41 -32.20
N VAL C 320 -2.85 15.20 -31.11
CA VAL C 320 -3.41 16.55 -31.11
C VAL C 320 -2.55 17.47 -31.97
N ARG C 321 -1.23 17.44 -31.77
CA ARG C 321 -0.29 18.26 -32.53
C ARG C 321 -0.26 17.87 -34.00
N SER C 322 -0.36 16.57 -34.30
CA SER C 322 -0.34 16.07 -35.67
C SER C 322 -1.59 16.50 -36.43
N ARG C 323 -2.76 16.41 -35.80
CA ARG C 323 -4.01 16.81 -36.45
C ARG C 323 -4.14 18.32 -36.57
N ALA C 324 -3.52 19.09 -35.66
CA ALA C 324 -3.56 20.55 -35.74
C ALA C 324 -2.68 21.02 -36.88
N ARG C 325 -1.50 20.40 -37.04
CA ARG C 325 -0.58 20.73 -38.12
C ARG C 325 -1.13 20.30 -39.48
N ARG C 326 -1.91 19.19 -39.51
CA ARG C 326 -2.51 18.66 -40.72
C ARG C 326 -3.58 19.60 -41.28
N ILE C 327 -4.46 20.14 -40.43
CA ILE C 327 -5.50 21.06 -40.88
C ILE C 327 -4.92 22.44 -41.24
N ALA C 328 -3.88 22.87 -40.51
CA ALA C 328 -3.21 24.14 -40.82
C ALA C 328 -2.37 24.08 -42.11
N ARG C 329 -2.13 22.86 -42.64
CA ARG C 329 -1.39 22.66 -43.88
C ARG C 329 -2.37 22.54 -45.06
N GLU C 330 -3.54 21.90 -44.84
CA GLU C 330 -4.55 21.71 -45.88
C GLU C 330 -5.28 23.00 -46.20
N HIS C 331 -5.60 23.80 -45.18
CA HIS C 331 -6.39 25.01 -45.37
C HIS C 331 -5.62 26.30 -45.14
N GLY C 332 -4.36 26.33 -45.57
CA GLY C 332 -3.50 27.51 -45.46
C GLY C 332 -2.95 27.76 -44.07
N GLY C 333 -3.85 27.87 -43.09
CA GLY C 333 -3.49 28.09 -41.70
C GLY C 333 -4.72 28.15 -40.81
N LEU C 334 -4.57 27.80 -39.54
CA LEU C 334 -5.68 27.82 -38.59
C LEU C 334 -5.90 29.24 -37.97
N SER C 335 -6.87 29.39 -37.06
CA SER C 335 -7.10 30.67 -36.41
C SER C 335 -7.33 30.52 -34.91
N LEU C 336 -7.89 29.38 -34.47
CA LEU C 336 -8.14 29.13 -33.05
C LEU C 336 -8.33 27.65 -32.79
N ILE C 337 -7.56 27.08 -31.86
CA ILE C 337 -7.68 25.67 -31.52
C ILE C 337 -8.26 25.52 -30.12
N MET C 338 -9.42 24.86 -30.01
CA MET C 338 -10.08 24.68 -28.71
C MET C 338 -10.09 23.22 -28.28
N VAL C 339 -9.79 22.95 -27.00
CA VAL C 339 -9.80 21.60 -26.45
C VAL C 339 -10.97 21.49 -25.47
N ASP C 340 -11.79 20.44 -25.57
CA ASP C 340 -12.96 20.27 -24.70
C ASP C 340 -12.58 19.97 -23.24
N TYR C 341 -11.55 19.15 -23.02
CA TYR C 341 -11.12 18.81 -21.67
C TYR C 341 -9.62 18.58 -21.63
N LEU C 342 -8.94 19.20 -20.66
CA LEU C 342 -7.50 19.03 -20.49
C LEU C 342 -7.21 17.68 -19.82
N GLN C 343 -8.06 17.29 -18.86
CA GLN C 343 -7.91 16.04 -18.13
C GLN C 343 -8.30 14.80 -18.95
N LEU C 344 -9.16 14.95 -19.98
CA LEU C 344 -9.55 13.81 -20.80
C LEU C 344 -8.43 13.35 -21.75
N MET C 345 -7.48 14.23 -22.07
CA MET C 345 -6.32 13.89 -22.89
C MET C 345 -5.38 13.02 -22.06
N ARG C 346 -4.68 12.08 -22.70
CA ARG C 346 -3.76 11.20 -21.98
C ARG C 346 -2.49 10.89 -22.73
N VAL C 347 -1.38 10.78 -22.00
CA VAL C 347 -0.11 10.43 -22.59
C VAL C 347 0.26 9.03 -22.11
N PRO C 348 0.47 8.06 -23.03
CA PRO C 348 0.74 6.68 -22.61
C PRO C 348 2.04 6.49 -21.82
N ALA C 349 3.01 7.38 -22.02
CA ALA C 349 4.29 7.30 -21.30
C ALA C 349 4.16 7.74 -19.84
N LEU C 350 3.18 8.59 -19.52
CA LEU C 350 3.00 9.08 -18.16
C LEU C 350 1.64 8.66 -17.56
N THR C 351 1.19 7.43 -17.83
CA THR C 351 -0.08 6.93 -17.31
C THR C 351 -0.05 6.66 -15.80
N ASP C 352 1.13 6.35 -15.26
CA ASP C 352 1.26 6.06 -13.83
C ASP C 352 1.25 7.36 -13.02
N ASN C 353 2.10 8.33 -13.38
CA ASN C 353 2.17 9.60 -12.66
C ASN C 353 1.17 10.59 -13.24
N ARG C 354 0.14 10.93 -12.46
CA ARG C 354 -0.90 11.87 -12.90
C ARG C 354 -0.41 13.33 -12.83
N THR C 355 0.49 13.64 -11.86
CA THR C 355 1.03 14.98 -11.68
C THR C 355 1.85 15.43 -12.90
N LEU C 356 2.77 14.57 -13.37
CA LEU C 356 3.60 14.90 -14.53
C LEU C 356 2.89 14.70 -15.88
N GLU C 357 1.70 14.09 -15.88
CA GLU C 357 0.92 13.86 -17.09
C GLU C 357 0.26 15.18 -17.51
N ILE C 358 -0.32 15.91 -16.54
CA ILE C 358 -0.98 17.20 -16.78
C ILE C 358 0.04 18.27 -17.18
N ALA C 359 1.23 18.23 -16.58
CA ALA C 359 2.30 19.18 -16.88
C ALA C 359 2.85 18.98 -18.30
N GLU C 360 2.83 17.75 -18.81
CA GLU C 360 3.30 17.44 -20.15
C GLU C 360 2.27 17.88 -21.20
N ILE C 361 0.98 17.71 -20.89
CA ILE C 361 -0.10 18.12 -21.78
C ILE C 361 -0.14 19.65 -21.88
N SER C 362 0.03 20.33 -20.75
CA SER C 362 0.07 21.80 -20.70
C SER C 362 1.25 22.36 -21.50
N ARG C 363 2.37 21.66 -21.51
CA ARG C 363 3.58 22.04 -22.24
C ARG C 363 3.37 21.80 -23.73
N SER C 364 2.77 20.65 -24.10
CA SER C 364 2.51 20.28 -25.48
C SER C 364 1.50 21.22 -26.14
N LEU C 365 0.51 21.66 -25.38
CA LEU C 365 -0.50 22.58 -25.90
C LEU C 365 0.08 23.99 -26.10
N LYS C 366 1.01 24.39 -25.22
CA LYS C 366 1.68 25.69 -25.32
C LYS C 366 2.63 25.68 -26.54
N ALA C 367 3.32 24.56 -26.77
CA ALA C 367 4.22 24.40 -27.92
C ALA C 367 3.46 24.45 -29.25
N LEU C 368 2.21 23.95 -29.26
CA LEU C 368 1.35 23.98 -30.44
C LEU C 368 0.95 25.43 -30.77
N ALA C 369 0.68 26.24 -29.74
CA ALA C 369 0.31 27.65 -29.89
C ALA C 369 1.50 28.50 -30.36
N LYS C 370 2.73 28.10 -30.04
CA LYS C 370 3.92 28.83 -30.45
C LYS C 370 4.27 28.47 -31.90
N GLU C 371 4.18 27.17 -32.24
CA GLU C 371 4.50 26.68 -33.57
C GLU C 371 3.49 27.13 -34.63
N LEU C 372 2.19 26.94 -34.37
CA LEU C 372 1.15 27.33 -35.31
C LEU C 372 0.78 28.82 -35.25
N ASN C 373 1.18 29.52 -34.18
CA ASN C 373 0.91 30.94 -33.94
C ASN C 373 -0.59 31.26 -33.90
N VAL C 374 -1.37 30.36 -33.29
CA VAL C 374 -2.83 30.53 -33.17
C VAL C 374 -3.27 30.39 -31.71
N PRO C 375 -4.21 31.23 -31.25
CA PRO C 375 -4.64 31.14 -29.85
C PRO C 375 -5.26 29.80 -29.49
N VAL C 376 -4.73 29.14 -28.46
CA VAL C 376 -5.24 27.85 -28.04
C VAL C 376 -6.06 27.96 -26.77
N VAL C 377 -7.36 27.70 -26.87
CA VAL C 377 -8.25 27.76 -25.71
C VAL C 377 -8.43 26.36 -25.13
N ALA C 378 -7.62 26.02 -24.12
CA ALA C 378 -7.70 24.71 -23.49
C ALA C 378 -8.61 24.79 -22.27
N LEU C 379 -9.68 24.00 -22.26
CA LEU C 379 -10.63 24.00 -21.16
C LEU C 379 -10.17 23.08 -20.05
N SER C 380 -10.30 23.52 -18.80
CA SER C 380 -9.91 22.71 -17.64
C SER C 380 -10.94 22.85 -16.50
N GLN C 381 -10.94 21.89 -15.56
CA GLN C 381 -11.89 21.93 -14.45
C GLN C 381 -11.18 22.18 -13.12
N LEU C 382 -11.75 23.07 -12.29
CA LEU C 382 -11.20 23.41 -10.98
C LEU C 382 -11.35 22.26 -9.97
N ASN C 383 -10.56 22.30 -8.89
CA ASN C 383 -10.64 21.28 -7.84
C ASN C 383 -11.80 21.60 -6.87
N ARG C 384 -12.27 20.60 -6.12
CA ARG C 384 -13.36 20.81 -5.15
C ARG C 384 -12.91 21.51 -3.86
N SER C 385 -11.70 22.11 -3.85
CA SER C 385 -11.17 22.80 -2.69
C SER C 385 -11.85 24.15 -2.44
N LEU C 386 -12.31 24.81 -3.51
CA LEU C 386 -12.98 26.10 -3.37
C LEU C 386 -14.43 26.00 -2.86
N GLU C 387 -15.00 24.78 -2.81
CA GLU C 387 -16.35 24.54 -2.31
C GLU C 387 -16.39 24.71 -0.79
N GLN C 388 -15.36 24.23 -0.08
CA GLN C 388 -15.26 24.35 1.38
C GLN C 388 -14.76 25.73 1.84
N ARG C 389 -14.27 26.57 0.91
CA ARG C 389 -13.74 27.90 1.20
C ARG C 389 -14.83 28.92 1.53
N ALA C 390 -16.08 28.69 1.04
CA ALA C 390 -17.26 29.56 1.22
C ALA C 390 -17.16 30.91 0.46
N ASP C 391 -15.99 31.21 -0.12
CA ASP C 391 -15.78 32.42 -0.91
C ASP C 391 -16.35 32.21 -2.32
N LYS C 392 -16.18 30.99 -2.89
CA LYS C 392 -16.67 30.51 -4.18
C LYS C 392 -15.99 31.13 -5.41
N ARG C 393 -15.29 32.25 -5.27
CA ARG C 393 -14.62 32.88 -6.40
C ARG C 393 -13.35 32.11 -6.76
N PRO C 394 -13.25 31.61 -8.00
CA PRO C 394 -12.07 30.82 -8.38
C PRO C 394 -10.78 31.65 -8.46
N VAL C 395 -9.77 31.23 -7.70
CA VAL C 395 -8.47 31.90 -7.68
C VAL C 395 -7.45 31.06 -8.49
N ASN C 396 -6.43 31.71 -9.06
CA ASN C 396 -5.43 31.05 -9.90
C ASN C 396 -4.62 29.96 -9.18
N SER C 397 -4.51 30.04 -7.85
CA SER C 397 -3.78 29.02 -7.07
C SER C 397 -4.58 27.73 -6.85
N ASP C 398 -5.91 27.79 -7.05
CA ASP C 398 -6.78 26.61 -6.91
C ASP C 398 -6.61 25.63 -8.09
N LEU C 399 -6.22 26.15 -9.27
CA LEU C 399 -5.98 25.36 -10.47
C LEU C 399 -4.59 24.66 -10.49
N ARG C 400 -3.71 25.02 -9.55
CA ARG C 400 -2.37 24.45 -9.39
C ARG C 400 -2.45 22.99 -8.89
N GLU C 401 -3.47 22.67 -8.07
CA GLU C 401 -3.68 21.34 -7.52
C GLU C 401 -3.89 20.27 -8.61
N SER C 402 -4.55 20.65 -9.72
CA SER C 402 -4.79 19.73 -10.82
C SER C 402 -3.55 19.51 -11.70
N GLY C 403 -2.69 20.52 -11.79
CA GLY C 403 -1.47 20.42 -12.58
C GLY C 403 -0.70 21.71 -12.73
N SER C 404 0.50 21.62 -13.30
CA SER C 404 1.35 22.79 -13.51
C SER C 404 0.95 23.51 -14.80
N ILE C 405 0.07 24.51 -14.69
CA ILE C 405 -0.40 25.24 -15.86
C ILE C 405 -0.06 26.74 -15.83
N GLU C 406 0.26 27.29 -14.64
CA GLU C 406 0.58 28.71 -14.48
C GLU C 406 1.82 29.13 -15.23
N GLN C 407 2.85 28.29 -15.22
CA GLN C 407 4.10 28.59 -15.91
C GLN C 407 4.02 28.43 -17.43
N ASP C 408 3.05 27.64 -17.92
CA ASP C 408 2.90 27.41 -19.36
C ASP C 408 1.87 28.36 -20.00
N ALA C 409 0.65 28.43 -19.46
CA ALA C 409 -0.39 29.30 -20.02
C ALA C 409 -0.20 30.75 -19.59
N ASP C 410 -0.38 31.69 -20.53
CA ASP C 410 -0.24 33.10 -20.25
C ASP C 410 -1.57 33.71 -19.78
N LEU C 411 -2.67 33.38 -20.45
CA LEU C 411 -3.98 33.93 -20.10
C LEU C 411 -4.85 32.88 -19.40
N ILE C 412 -5.17 33.10 -18.12
CA ILE C 412 -6.00 32.20 -17.34
C ILE C 412 -7.24 32.95 -16.84
N MET C 413 -8.41 32.64 -17.41
CA MET C 413 -9.65 33.30 -17.00
C MET C 413 -10.65 32.31 -16.41
N PHE C 414 -11.35 32.71 -15.34
CA PHE C 414 -12.31 31.85 -14.67
C PHE C 414 -13.75 32.32 -14.89
N ILE C 415 -14.70 31.40 -14.84
CA ILE C 415 -16.11 31.73 -15.03
C ILE C 415 -16.85 31.61 -13.69
N TYR C 416 -17.40 32.72 -13.18
CA TYR C 416 -18.11 32.70 -11.91
C TYR C 416 -19.47 33.39 -11.99
N ARG C 417 -20.55 32.63 -11.86
CA ARG C 417 -21.89 33.19 -11.85
C ARG C 417 -22.39 33.12 -10.41
N ASP C 418 -22.86 34.26 -9.88
CA ASP C 418 -23.32 34.33 -8.49
C ASP C 418 -24.63 33.58 -8.22
N GLU C 419 -25.43 33.32 -9.26
CA GLU C 419 -26.70 32.61 -9.10
C GLU C 419 -26.57 31.09 -8.92
N VAL C 420 -25.37 30.53 -9.14
CA VAL C 420 -25.14 29.10 -9.01
C VAL C 420 -25.08 28.70 -7.54
N TYR C 421 -24.34 29.47 -6.73
CA TYR C 421 -24.20 29.17 -5.31
C TYR C 421 -25.24 29.86 -4.44
N HIS C 422 -25.67 31.06 -4.83
CA HIS C 422 -26.65 31.81 -4.04
C HIS C 422 -27.90 32.14 -4.85
N PRO C 423 -29.08 31.72 -4.39
CA PRO C 423 -30.31 32.00 -5.15
C PRO C 423 -30.78 33.46 -5.05
N ASP C 424 -30.48 34.12 -3.92
CA ASP C 424 -30.86 35.52 -3.72
C ASP C 424 -29.73 36.49 -4.09
N SER C 425 -28.90 36.12 -5.07
CA SER C 425 -27.77 36.92 -5.51
C SER C 425 -28.21 38.09 -6.38
N PRO C 426 -27.49 39.24 -6.30
CA PRO C 426 -27.86 40.38 -7.15
C PRO C 426 -27.52 40.15 -8.63
N LEU C 427 -26.49 39.34 -8.92
CA LEU C 427 -26.10 39.02 -10.29
C LEU C 427 -26.99 37.90 -10.84
N LYS C 428 -28.27 38.22 -11.08
CA LYS C 428 -29.22 37.24 -11.59
C LYS C 428 -29.05 37.08 -13.09
N GLY C 429 -28.43 35.99 -13.50
CA GLY C 429 -28.18 35.71 -14.90
C GLY C 429 -26.97 36.44 -15.44
N THR C 430 -25.95 36.65 -14.60
CA THR C 430 -24.73 37.34 -15.01
C THR C 430 -23.50 36.63 -14.48
N ALA C 431 -22.68 36.09 -15.39
CA ALA C 431 -21.45 35.40 -15.00
C ALA C 431 -20.27 36.30 -15.30
N GLU C 432 -19.42 36.55 -14.29
CA GLU C 432 -18.25 37.42 -14.49
C GLU C 432 -17.00 36.64 -14.83
N ILE C 433 -16.43 36.91 -16.02
CA ILE C 433 -15.20 36.26 -16.47
C ILE C 433 -14.04 36.95 -15.75
N ILE C 434 -13.62 36.38 -14.62
CA ILE C 434 -12.54 36.96 -13.83
C ILE C 434 -11.17 36.49 -14.31
N ILE C 435 -10.39 37.42 -14.89
CA ILE C 435 -9.05 37.09 -15.37
C ILE C 435 -8.08 37.07 -14.20
N GLY C 436 -7.51 35.90 -13.92
CA GLY C 436 -6.58 35.73 -12.82
C GLY C 436 -5.12 35.89 -13.20
N LYS C 437 -4.80 35.71 -14.49
CA LYS C 437 -3.42 35.82 -14.96
C LYS C 437 -3.38 36.22 -16.44
N GLN C 438 -2.54 37.20 -16.79
CA GLN C 438 -2.39 37.65 -18.17
C GLN C 438 -1.09 38.42 -18.34
N ARG C 439 -0.14 37.87 -19.11
CA ARG C 439 1.15 38.51 -19.33
C ARG C 439 1.06 39.66 -20.33
N ASN C 440 0.32 39.48 -21.42
CA ASN C 440 0.20 40.49 -22.47
C ASN C 440 -0.65 41.71 -22.08
N GLY C 441 -1.80 41.47 -21.48
CA GLY C 441 -2.69 42.55 -21.08
C GLY C 441 -3.01 42.59 -19.60
N PRO C 442 -3.91 43.51 -19.20
CA PRO C 442 -4.25 43.62 -17.76
C PRO C 442 -5.30 42.62 -17.29
N ILE C 443 -5.38 42.40 -15.97
CA ILE C 443 -6.36 41.47 -15.41
C ILE C 443 -7.51 42.20 -14.69
N GLY C 444 -8.63 41.50 -14.50
CA GLY C 444 -9.78 42.08 -13.82
C GLY C 444 -11.06 41.27 -14.00
N SER C 445 -12.10 41.61 -13.24
CA SER C 445 -13.38 40.93 -13.31
C SER C 445 -14.26 41.57 -14.38
N VAL C 446 -14.49 40.87 -15.48
CA VAL C 446 -15.31 41.40 -16.56
C VAL C 446 -16.72 40.78 -16.55
N ARG C 447 -17.73 41.56 -16.15
CA ARG C 447 -19.10 41.07 -16.08
C ARG C 447 -19.76 40.93 -17.44
N LEU C 448 -20.38 39.78 -17.69
CA LEU C 448 -21.09 39.49 -18.94
C LEU C 448 -22.35 38.71 -18.62
N THR C 449 -23.48 39.07 -19.24
CA THR C 449 -24.75 38.36 -18.99
C THR C 449 -24.77 36.97 -19.63
N PHE C 450 -25.52 36.05 -19.04
CA PHE C 450 -25.59 34.68 -19.53
C PHE C 450 -27.02 34.16 -19.63
N GLN C 451 -27.37 33.54 -20.76
CA GLN C 451 -28.69 32.96 -20.97
C GLN C 451 -28.57 31.45 -21.06
N GLY C 452 -28.84 30.79 -19.95
CA GLY C 452 -28.78 29.33 -19.86
C GLY C 452 -29.88 28.58 -20.58
N HIS C 453 -30.95 29.29 -20.97
CA HIS C 453 -32.07 28.69 -21.69
C HIS C 453 -31.70 28.29 -23.12
N TYR C 454 -30.76 29.01 -23.75
CA TYR C 454 -30.34 28.69 -25.12
C TYR C 454 -28.83 28.76 -25.32
N SER C 455 -28.04 28.63 -24.24
CA SER C 455 -26.58 28.65 -24.26
C SER C 455 -25.99 29.80 -25.08
N ARG C 456 -26.08 31.03 -24.57
CA ARG C 456 -25.55 32.19 -25.27
C ARG C 456 -25.07 33.29 -24.34
N PHE C 457 -23.75 33.50 -24.28
CA PHE C 457 -23.16 34.55 -23.46
C PHE C 457 -23.30 35.89 -24.20
N ASP C 458 -23.73 36.93 -23.51
CA ASP C 458 -23.91 38.25 -24.13
C ASP C 458 -23.25 39.39 -23.34
N ASN C 459 -23.20 40.60 -23.92
CA ASN C 459 -22.61 41.76 -23.29
C ASN C 459 -23.51 42.31 -22.18
N TYR C 460 -22.92 42.60 -21.01
CA TYR C 460 -23.68 43.13 -19.88
C TYR C 460 -23.82 44.65 -20.02
N LYS D 22 49.11 4.90 -11.97
CA LYS D 22 47.85 5.19 -11.31
C LYS D 22 47.53 4.21 -10.17
N VAL D 23 48.21 4.35 -9.02
CA VAL D 23 47.94 3.50 -7.86
C VAL D 23 46.88 4.17 -6.97
N PRO D 24 45.79 3.45 -6.62
CA PRO D 24 44.74 4.09 -5.79
C PRO D 24 45.25 4.71 -4.50
N PRO D 25 44.74 5.89 -4.13
CA PRO D 25 45.23 6.55 -2.92
C PRO D 25 44.87 5.82 -1.63
N HIS D 26 45.85 5.14 -1.05
CA HIS D 26 45.66 4.40 0.19
C HIS D 26 46.94 4.35 1.02
N SER D 27 46.80 4.14 2.32
CA SER D 27 47.94 4.04 3.21
C SER D 27 47.76 2.82 4.09
N LEU D 28 48.22 1.65 3.62
CA LEU D 28 48.12 0.39 4.36
C LEU D 28 48.84 0.44 5.70
N GLU D 29 49.91 1.25 5.81
CA GLU D 29 50.67 1.42 7.03
C GLU D 29 49.84 2.17 8.07
N ALA D 30 49.04 3.16 7.64
CA ALA D 30 48.19 3.93 8.53
C ALA D 30 47.00 3.11 9.03
N GLU D 31 46.49 2.19 8.21
CA GLU D 31 45.37 1.34 8.62
C GLU D 31 45.81 0.34 9.68
N GLN D 32 47.05 -0.18 9.58
CA GLN D 32 47.58 -1.12 10.56
C GLN D 32 47.80 -0.48 11.92
N SER D 33 48.11 0.82 11.96
CA SER D 33 48.32 1.52 13.21
C SER D 33 47.00 1.88 13.91
N VAL D 34 45.90 2.03 13.16
CA VAL D 34 44.60 2.33 13.76
C VAL D 34 44.09 1.06 14.42
N ILE D 35 44.16 -0.07 13.71
CA ILE D 35 43.75 -1.38 14.21
C ILE D 35 44.64 -1.83 15.37
N GLY D 36 45.95 -1.69 15.18
CA GLY D 36 46.93 -2.07 16.18
C GLY D 36 46.85 -1.22 17.43
N GLY D 37 46.54 0.05 17.25
CA GLY D 37 46.41 0.98 18.36
C GLY D 37 45.15 0.73 19.17
N LEU D 38 44.07 0.32 18.51
CA LEU D 38 42.80 0.02 19.18
C LEU D 38 42.89 -1.24 20.04
N LEU D 39 43.79 -2.18 19.68
CA LEU D 39 44.00 -3.40 20.46
C LEU D 39 44.80 -3.11 21.74
N LEU D 40 45.73 -2.14 21.67
CA LEU D 40 46.54 -1.75 22.82
C LEU D 40 45.78 -0.83 23.75
N ASP D 41 45.01 0.11 23.19
CA ASP D 41 44.24 1.06 23.98
C ASP D 41 42.79 1.06 23.51
N ASN D 42 41.92 0.42 24.29
CA ASN D 42 40.49 0.36 23.95
C ASN D 42 39.76 1.69 24.22
N GLU D 43 40.30 2.53 25.11
CA GLU D 43 39.70 3.83 25.42
C GLU D 43 39.83 4.87 24.29
N ARG D 44 40.64 4.59 23.26
CA ARG D 44 40.79 5.51 22.14
C ARG D 44 39.59 5.52 21.19
N TRP D 45 38.76 4.46 21.20
CA TRP D 45 37.58 4.31 20.35
C TRP D 45 36.62 5.49 20.39
N ASP D 46 36.59 6.24 21.50
CA ASP D 46 35.74 7.41 21.68
C ASP D 46 36.04 8.50 20.63
N THR D 47 37.31 8.63 20.26
CA THR D 47 37.74 9.63 19.28
C THR D 47 37.90 9.03 17.89
N VAL D 48 38.37 7.78 17.82
CA VAL D 48 38.61 7.07 16.56
C VAL D 48 37.33 6.86 15.76
N SER D 49 36.23 6.53 16.43
CA SER D 49 34.93 6.32 15.78
C SER D 49 34.41 7.55 15.04
N GLU D 50 34.82 8.74 15.48
CA GLU D 50 34.40 9.99 14.84
C GLU D 50 35.13 10.26 13.52
N HIS D 51 36.34 9.69 13.35
CA HIS D 51 37.11 9.93 12.13
C HIS D 51 36.97 8.84 11.06
N VAL D 52 37.20 7.56 11.41
CA VAL D 52 37.13 6.48 10.43
C VAL D 52 35.83 5.70 10.45
N MET D 53 35.50 5.13 9.28
CA MET D 53 34.34 4.27 9.05
C MET D 53 34.80 2.92 8.49
N THR D 54 33.93 1.91 8.51
CA THR D 54 34.26 0.60 7.95
C THR D 54 34.51 0.70 6.43
N GLN D 55 33.71 1.54 5.75
CA GLN D 55 33.80 1.78 4.31
C GLN D 55 35.10 2.51 3.94
N ASP D 56 35.60 3.38 4.83
CA ASP D 56 36.80 4.18 4.62
C ASP D 56 38.07 3.33 4.47
N PHE D 57 38.09 2.14 5.08
CA PHE D 57 39.26 1.28 5.01
C PHE D 57 39.42 0.66 3.63
N TYR D 58 40.67 0.54 3.18
CA TYR D 58 41.01 -0.03 1.89
C TYR D 58 41.24 -1.53 2.01
N SER D 59 40.83 -2.30 0.97
CA SER D 59 40.97 -3.76 0.88
C SER D 59 40.05 -4.55 1.81
N ARG D 60 39.71 -5.77 1.40
CA ARG D 60 38.84 -6.67 2.16
C ARG D 60 39.40 -7.10 3.54
N PRO D 61 40.69 -7.48 3.69
CA PRO D 61 41.17 -7.90 5.02
C PRO D 61 41.09 -6.81 6.08
N HIS D 62 41.52 -5.58 5.76
CA HIS D 62 41.47 -4.47 6.72
C HIS D 62 40.04 -4.07 7.09
N ARG D 63 39.08 -4.26 6.17
CA ARG D 63 37.69 -3.93 6.44
C ARG D 63 37.04 -4.95 7.37
N LEU D 64 37.45 -6.22 7.27
CA LEU D 64 36.89 -7.27 8.13
C LEU D 64 37.39 -7.14 9.57
N ILE D 65 38.65 -6.72 9.74
CA ILE D 65 39.21 -6.54 11.08
C ILE D 65 38.58 -5.32 11.74
N PHE D 66 38.49 -4.20 11.01
CA PHE D 66 37.90 -2.99 11.57
C PHE D 66 36.42 -3.15 11.88
N ASP D 67 35.70 -3.95 11.08
CA ASP D 67 34.28 -4.20 11.34
C ASP D 67 34.11 -5.00 12.65
N GLY D 68 35.04 -5.92 12.92
CA GLY D 68 35.04 -6.71 14.13
C GLY D 68 35.34 -5.86 15.34
N VAL D 69 36.33 -4.97 15.21
CA VAL D 69 36.73 -4.04 16.27
C VAL D 69 35.56 -3.08 16.58
N LYS D 70 34.88 -2.60 15.54
CA LYS D 70 33.73 -1.70 15.68
C LYS D 70 32.57 -2.40 16.37
N SER D 71 32.24 -3.62 15.95
CA SER D 71 31.13 -4.38 16.54
C SER D 71 31.40 -4.74 18.00
N ILE D 72 32.66 -5.06 18.33
CA ILE D 72 33.02 -5.43 19.69
C ILE D 72 33.05 -4.21 20.62
N LEU D 73 33.79 -3.16 20.27
CA LEU D 73 33.90 -1.98 21.13
C LEU D 73 32.60 -1.21 21.35
N GLU D 74 31.61 -1.38 20.46
CA GLU D 74 30.34 -0.66 20.59
C GLU D 74 29.45 -1.21 21.70
N ALA D 75 29.61 -2.51 22.07
CA ALA D 75 28.80 -3.09 23.12
C ALA D 75 29.65 -3.79 24.22
N GLY D 76 30.55 -4.68 23.82
CA GLY D 76 31.42 -5.39 24.74
C GLY D 76 32.74 -4.70 24.91
N LYS D 77 32.92 -3.99 26.03
CA LYS D 77 34.12 -3.22 26.35
C LYS D 77 35.47 -3.96 26.09
N PRO D 78 35.69 -5.24 26.51
CA PRO D 78 37.01 -5.86 26.25
C PRO D 78 37.29 -6.21 24.80
N LEU D 79 38.49 -5.85 24.31
CA LEU D 79 38.95 -6.15 22.96
C LEU D 79 40.46 -6.37 22.99
N ASP D 80 40.91 -7.54 22.53
CA ASP D 80 42.33 -7.86 22.51
C ASP D 80 42.65 -8.80 21.32
N LEU D 81 43.83 -9.46 21.32
CA LEU D 81 44.24 -10.37 20.25
C LEU D 81 43.31 -11.55 20.08
N ILE D 82 42.77 -12.11 21.18
CA ILE D 82 41.90 -13.28 21.07
C ILE D 82 40.41 -12.92 21.02
N THR D 83 40.02 -11.73 21.52
CA THR D 83 38.61 -11.32 21.45
C THR D 83 38.23 -11.07 19.99
N LEU D 84 39.10 -10.36 19.26
CA LEU D 84 38.95 -10.03 17.86
C LEU D 84 39.05 -11.30 17.00
N SER D 85 39.98 -12.19 17.35
CA SER D 85 40.19 -13.44 16.62
C SER D 85 38.97 -14.35 16.72
N GLU D 86 38.33 -14.42 17.90
CA GLU D 86 37.16 -15.28 18.07
C GLU D 86 35.90 -14.76 17.36
N TYR D 87 35.81 -13.44 17.17
CA TYR D 87 34.69 -12.87 16.43
C TYR D 87 34.81 -13.23 14.95
N LEU D 88 36.04 -13.22 14.42
CA LEU D 88 36.30 -13.55 13.02
C LEU D 88 36.25 -15.06 12.78
N GLU D 89 36.70 -15.87 13.76
CA GLU D 89 36.71 -17.32 13.65
C GLU D 89 35.30 -17.88 13.57
N GLN D 90 34.38 -17.33 14.38
CA GLN D 90 32.99 -17.78 14.37
C GLN D 90 32.20 -17.34 13.14
N ARG D 91 32.69 -16.33 12.42
CA ARG D 91 32.04 -15.85 11.21
C ARG D 91 32.74 -16.27 9.91
N GLU D 92 33.72 -17.19 10.00
CA GLU D 92 34.51 -17.73 8.89
C GLU D 92 35.27 -16.66 8.11
N GLN D 93 35.87 -15.73 8.84
CA GLN D 93 36.64 -14.63 8.28
C GLN D 93 38.11 -14.61 8.75
N LEU D 94 38.49 -15.47 9.71
CA LEU D 94 39.85 -15.50 10.25
C LEU D 94 40.91 -15.89 9.23
N GLU D 95 40.71 -17.00 8.50
CA GLU D 95 41.68 -17.41 7.48
C GLU D 95 41.74 -16.38 6.34
N ASP D 96 40.60 -15.74 6.02
CA ASP D 96 40.52 -14.71 4.98
C ASP D 96 41.30 -13.46 5.33
N VAL D 97 41.37 -13.11 6.62
CA VAL D 97 42.10 -11.94 7.08
C VAL D 97 43.62 -12.21 7.06
N GLY D 98 44.00 -13.40 7.50
CA GLY D 98 45.40 -13.80 7.54
C GLY D 98 45.76 -14.57 8.80
N GLY D 99 44.78 -15.29 9.35
CA GLY D 99 44.95 -16.09 10.55
C GLY D 99 45.16 -15.26 11.80
N PHE D 100 45.56 -15.92 12.89
CA PHE D 100 45.82 -15.23 14.15
C PHE D 100 47.15 -14.47 14.10
N ALA D 101 48.13 -14.97 13.33
CA ALA D 101 49.45 -14.36 13.19
C ALA D 101 49.41 -12.93 12.67
N TYR D 102 48.51 -12.64 11.71
CA TYR D 102 48.38 -11.31 11.15
C TYR D 102 47.85 -10.33 12.19
N LEU D 103 46.88 -10.77 12.99
CA LEU D 103 46.30 -9.93 14.04
C LEU D 103 47.30 -9.68 15.16
N ALA D 104 48.12 -10.69 15.49
CA ALA D 104 49.14 -10.54 16.53
C ALA D 104 50.31 -9.68 16.06
N ASP D 105 50.61 -9.72 14.76
CA ASP D 105 51.69 -8.91 14.19
C ASP D 105 51.35 -7.42 14.19
N LEU D 106 50.04 -7.06 14.17
CA LEU D 106 49.57 -5.67 14.19
C LEU D 106 49.89 -4.97 15.51
N ALA D 107 49.88 -5.72 16.62
CA ALA D 107 50.19 -5.16 17.93
C ALA D 107 51.70 -4.90 18.06
N LYS D 108 52.50 -5.82 17.52
CA LYS D 108 53.96 -5.76 17.53
C LYS D 108 54.51 -4.66 16.60
N ASN D 109 54.00 -4.58 15.36
CA ASN D 109 54.42 -3.60 14.36
C ASN D 109 54.10 -2.16 14.73
N THR D 110 52.88 -1.90 15.21
CA THR D 110 52.48 -0.53 15.54
C THR D 110 52.06 -0.34 17.00
N PRO D 111 53.03 -0.17 17.91
CA PRO D 111 52.68 0.04 19.31
C PRO D 111 52.62 1.52 19.72
N SER D 112 52.54 2.45 18.75
CA SER D 112 52.49 3.88 19.03
C SER D 112 51.09 4.38 19.39
N ALA D 113 50.79 4.47 20.69
CA ALA D 113 49.49 4.93 21.17
C ALA D 113 49.37 6.49 21.13
N ALA D 114 48.14 7.04 21.37
CA ALA D 114 47.77 8.47 21.41
C ALA D 114 47.75 9.17 20.04
N ASN D 115 48.57 8.71 19.08
CA ASN D 115 48.57 9.30 17.74
C ASN D 115 47.52 8.67 16.81
N ILE D 116 46.63 7.80 17.32
CA ILE D 116 45.62 7.08 16.56
C ILE D 116 44.64 8.02 15.86
N ASN D 117 44.36 9.18 16.46
CA ASN D 117 43.47 10.18 15.88
C ASN D 117 44.06 10.75 14.58
N ALA D 118 45.39 10.90 14.53
CA ALA D 118 46.06 11.42 13.34
C ALA D 118 46.13 10.35 12.25
N TYR D 119 46.33 9.08 12.63
CA TYR D 119 46.38 7.99 11.65
C TYR D 119 45.00 7.79 11.02
N ALA D 120 43.93 7.96 11.80
CA ALA D 120 42.56 7.81 11.31
C ALA D 120 42.23 8.90 10.31
N GLU D 121 42.70 10.14 10.56
CA GLU D 121 42.48 11.24 9.62
C GLU D 121 43.11 10.97 8.26
N ILE D 122 44.24 10.25 8.23
CA ILE D 122 44.92 9.87 7.00
C ILE D 122 44.06 8.90 6.22
N VAL D 123 43.52 7.86 6.89
CA VAL D 123 42.65 6.86 6.27
C VAL D 123 41.37 7.49 5.74
N ALA D 124 40.81 8.45 6.49
CA ALA D 124 39.61 9.15 6.09
C ALA D 124 39.87 10.04 4.88
N GLU D 125 41.04 10.69 4.83
CA GLU D 125 41.39 11.55 3.71
C GLU D 125 41.69 10.76 2.45
N ARG D 126 42.33 9.60 2.59
CA ARG D 126 42.63 8.74 1.44
C ARG D 126 41.33 8.20 0.83
N ALA D 127 40.34 7.90 1.67
CA ALA D 127 39.04 7.40 1.22
C ALA D 127 38.28 8.46 0.43
N LEU D 128 38.37 9.72 0.86
CA LEU D 128 37.69 10.81 0.16
C LEU D 128 38.31 11.07 -1.19
N VAL D 129 39.65 11.01 -1.27
CA VAL D 129 40.37 11.20 -2.53
C VAL D 129 40.11 10.02 -3.47
N ARG D 130 40.05 8.80 -2.92
CA ARG D 130 39.77 7.58 -3.67
C ARG D 130 38.35 7.61 -4.22
N ASN D 131 37.38 8.17 -3.46
CA ASN D 131 36.01 8.30 -3.90
C ASN D 131 35.88 9.37 -4.97
N LEU D 132 36.66 10.46 -4.86
CA LEU D 132 36.66 11.55 -5.83
C LEU D 132 37.17 11.07 -7.19
N ILE D 133 38.19 10.19 -7.19
CA ILE D 133 38.74 9.63 -8.42
C ILE D 133 37.70 8.72 -9.09
N GLY D 134 37.02 7.90 -8.28
CA GLY D 134 35.97 7.02 -8.77
C GLY D 134 34.79 7.78 -9.33
N VAL D 135 34.47 8.92 -8.69
CA VAL D 135 33.38 9.81 -9.12
C VAL D 135 33.78 10.49 -10.45
N ALA D 136 35.04 10.90 -10.59
CA ALA D 136 35.54 11.51 -11.81
C ALA D 136 35.54 10.49 -12.95
N ASN D 137 35.89 9.23 -12.65
CA ASN D 137 35.89 8.15 -13.62
C ASN D 137 34.47 7.82 -14.08
N GLU D 138 33.47 7.99 -13.21
CA GLU D 138 32.07 7.76 -13.56
C GLU D 138 31.64 8.79 -14.61
N ILE D 139 32.04 10.06 -14.42
CA ILE D 139 31.74 11.16 -15.33
C ILE D 139 32.42 10.91 -16.67
N ALA D 140 33.69 10.48 -16.64
CA ALA D 140 34.47 10.21 -17.84
C ALA D 140 33.87 9.05 -18.64
N ASP D 141 33.43 7.98 -17.97
CA ASP D 141 32.81 6.84 -18.64
C ASP D 141 31.43 7.20 -19.20
N ALA D 142 30.68 8.05 -18.48
CA ALA D 142 29.37 8.50 -18.95
C ALA D 142 29.48 9.49 -20.13
N GLY D 143 30.63 10.15 -20.28
CA GLY D 143 30.87 11.05 -21.38
C GLY D 143 31.15 10.29 -22.66
N TYR D 144 31.94 9.20 -22.54
CA TYR D 144 32.26 8.35 -23.69
C TYR D 144 31.04 7.53 -24.12
N ASP D 145 30.25 7.05 -23.16
CA ASP D 145 29.05 6.29 -23.45
C ASP D 145 27.85 6.97 -22.81
N PRO D 146 27.23 7.93 -23.51
CA PRO D 146 26.10 8.66 -22.92
C PRO D 146 24.78 7.88 -22.87
N GLN D 147 24.55 7.00 -23.86
CA GLN D 147 23.33 6.21 -23.96
C GLN D 147 22.06 7.06 -24.00
N GLY D 148 22.10 8.14 -24.75
CA GLY D 148 20.96 9.04 -24.89
C GLY D 148 20.94 10.19 -23.91
N ARG D 149 22.08 10.52 -23.31
CA ARG D 149 22.16 11.62 -22.36
C ARG D 149 22.62 12.91 -23.01
N ASN D 150 21.83 13.98 -22.82
CA ASN D 150 22.14 15.30 -23.37
C ASN D 150 23.32 15.95 -22.65
N ALA D 151 23.91 17.00 -23.24
CA ALA D 151 25.03 17.70 -22.62
C ALA D 151 24.62 18.35 -21.30
N GLU D 152 23.38 18.87 -21.24
CA GLU D 152 22.85 19.50 -20.03
C GLU D 152 22.61 18.45 -18.95
N ASP D 153 22.06 17.29 -19.34
CA ASP D 153 21.77 16.17 -18.43
C ASP D 153 23.06 15.59 -17.86
N LEU D 154 24.09 15.46 -18.69
CA LEU D 154 25.38 14.93 -18.28
C LEU D 154 26.12 15.90 -17.35
N LEU D 155 25.92 17.20 -17.54
CA LEU D 155 26.54 18.23 -16.71
C LEU D 155 25.95 18.20 -15.30
N ASP D 156 24.62 18.06 -15.19
CA ASP D 156 23.94 18.00 -13.90
C ASP D 156 24.27 16.70 -13.16
N LEU D 157 24.49 15.61 -13.91
CA LEU D 157 24.86 14.30 -13.37
C LEU D 157 26.27 14.36 -12.78
N ALA D 158 27.18 15.08 -13.44
CA ALA D 158 28.55 15.23 -12.97
C ALA D 158 28.62 16.09 -11.70
N GLU D 159 27.75 17.10 -11.60
CA GLU D 159 27.71 17.97 -10.43
C GLU D 159 27.14 17.22 -9.23
N SER D 160 26.08 16.42 -9.44
CA SER D 160 25.45 15.64 -8.39
C SER D 160 26.38 14.59 -7.76
N LYS D 161 27.31 14.06 -8.56
CA LYS D 161 28.27 13.07 -8.05
C LYS D 161 29.32 13.73 -7.16
N VAL D 162 29.73 14.96 -7.49
CA VAL D 162 30.71 15.71 -6.71
C VAL D 162 30.06 16.23 -5.41
N PHE D 163 28.82 16.73 -5.53
CA PHE D 163 28.02 17.25 -4.43
C PHE D 163 27.82 16.21 -3.32
N ALA D 164 27.67 14.93 -3.70
CA ALA D 164 27.46 13.86 -2.74
C ALA D 164 28.68 13.64 -1.84
N ILE D 165 29.88 13.87 -2.37
CA ILE D 165 31.12 13.71 -1.59
C ILE D 165 31.22 14.85 -0.56
N ALA D 166 30.82 16.06 -0.95
CA ALA D 166 30.80 17.22 -0.05
C ALA D 166 29.78 17.05 1.08
N GLU D 167 28.70 16.32 0.83
CA GLU D 167 27.65 16.03 1.80
C GLU D 167 28.16 15.07 2.89
N ALA D 168 29.03 14.11 2.50
CA ALA D 168 29.62 13.13 3.41
C ALA D 168 30.65 13.74 4.38
N ARG D 169 31.20 14.91 4.06
CA ARG D 169 32.18 15.57 4.92
C ARG D 169 31.41 16.55 5.88
N THR D 170 31.79 17.85 5.98
CA THR D 170 31.18 18.91 6.81
C THR D 170 31.01 18.56 8.30
N SER D 171 31.91 17.74 8.86
CA SER D 171 31.85 17.40 10.27
C SER D 171 32.65 18.46 11.04
N GLU D 172 33.88 18.75 10.57
CA GLU D 172 34.83 19.74 11.08
C GLU D 172 35.12 19.60 12.60
N ASN D 173 34.31 20.21 13.48
CA ASN D 173 34.53 20.13 14.93
C ASN D 173 33.23 20.06 15.71
N GLU D 174 32.63 18.88 15.81
CA GLU D 174 31.38 18.70 16.55
C GLU D 174 31.64 17.92 17.83
N GLY D 175 31.38 18.54 18.97
CA GLY D 175 31.59 17.90 20.27
C GLY D 175 31.23 18.78 21.44
N PRO D 176 31.41 18.27 22.67
CA PRO D 176 31.06 19.07 23.85
C PRO D 176 32.04 20.23 24.05
N LYS D 177 31.55 21.46 23.86
CA LYS D 177 32.38 22.65 24.00
C LYS D 177 32.56 23.07 25.46
N ASN D 178 33.68 23.72 25.76
CA ASN D 178 34.00 24.20 27.10
C ASN D 178 33.17 25.42 27.48
N VAL D 179 33.03 25.68 28.80
CA VAL D 179 32.28 26.81 29.36
C VAL D 179 32.77 28.13 28.76
N ASP D 180 34.09 28.29 28.63
CA ASP D 180 34.72 29.50 28.10
C ASP D 180 34.30 29.77 26.65
N SER D 181 34.16 28.72 25.84
CA SER D 181 33.76 28.88 24.45
C SER D 181 32.26 29.17 24.31
N ILE D 182 31.43 28.60 25.20
CA ILE D 182 29.99 28.82 25.17
C ILE D 182 29.66 30.23 25.66
N LEU D 183 30.33 30.67 26.73
CA LEU D 183 30.13 31.99 27.33
C LEU D 183 30.56 33.09 26.36
N GLU D 184 31.63 32.86 25.59
CA GLU D 184 32.15 33.81 24.62
C GLU D 184 31.17 33.95 23.46
N ARG D 185 30.61 32.83 22.98
CA ARG D 185 29.64 32.80 21.89
C ARG D 185 28.28 33.40 22.30
N THR D 186 27.91 33.23 23.57
CA THR D 186 26.65 33.76 24.10
C THR D 186 26.75 35.26 24.31
N LEU D 187 27.87 35.74 24.88
CA LEU D 187 28.09 37.16 25.12
C LEU D 187 28.17 37.95 23.83
N GLU D 188 28.76 37.36 22.78
CA GLU D 188 28.85 38.02 21.47
C GLU D 188 27.46 38.15 20.85
N ARG D 189 26.59 37.16 21.06
CA ARG D 189 25.23 37.15 20.53
C ARG D 189 24.36 38.17 21.27
N ILE D 190 24.48 38.25 22.61
CA ILE D 190 23.71 39.19 23.42
C ILE D 190 24.11 40.63 23.08
N GLU D 191 25.43 40.89 22.97
CA GLU D 191 25.94 42.22 22.66
C GLU D 191 25.53 42.72 21.27
N LEU D 192 25.35 41.80 20.32
CA LEU D 192 24.91 42.15 18.96
C LEU D 192 23.46 42.67 18.95
N LEU D 193 22.66 42.29 19.95
CA LEU D 193 21.27 42.70 20.07
C LEU D 193 21.08 44.10 20.69
N TYR D 194 22.17 44.75 21.15
CA TYR D 194 22.09 46.09 21.73
C TYR D 194 22.01 47.19 20.68
N LYS D 195 22.48 46.93 19.45
CA LYS D 195 22.46 47.91 18.37
C LYS D 195 21.00 48.24 18.02
N THR D 196 20.15 47.22 17.96
CA THR D 196 18.72 47.40 17.70
C THR D 196 18.05 47.81 19.00
N PRO D 197 17.43 49.01 19.05
CA PRO D 197 16.80 49.45 20.31
C PRO D 197 15.59 48.64 20.74
N GLN D 198 14.83 48.10 19.77
CA GLN D 198 13.66 47.26 20.06
C GLN D 198 13.38 46.28 18.92
N ASP D 199 14.43 45.76 18.28
CA ASP D 199 14.28 44.82 17.17
C ASP D 199 14.63 43.37 17.57
N GLY D 200 15.84 43.18 18.11
CA GLY D 200 16.31 41.86 18.52
C GLY D 200 16.52 40.93 17.34
N VAL D 201 17.31 41.37 16.36
CA VAL D 201 17.56 40.61 15.15
C VAL D 201 18.96 40.01 15.11
N THR D 202 19.07 38.71 14.77
CA THR D 202 20.37 38.05 14.66
C THR D 202 20.75 37.85 13.19
N GLY D 203 20.82 38.94 12.44
CA GLY D 203 21.18 38.88 11.03
C GLY D 203 20.18 39.54 10.10
N VAL D 204 19.41 38.72 9.38
CA VAL D 204 18.41 39.21 8.43
C VAL D 204 17.13 39.69 9.12
N ASN D 205 16.79 40.96 8.94
CA ASN D 205 15.59 41.54 9.53
C ASN D 205 14.36 41.16 8.72
N THR D 206 13.34 40.59 9.38
CA THR D 206 12.11 40.18 8.71
C THR D 206 11.19 41.37 8.37
N GLY D 207 11.30 42.44 9.15
CA GLY D 207 10.48 43.63 8.96
C GLY D 207 9.31 43.71 9.91
N PHE D 208 8.83 42.55 10.38
CA PHE D 208 7.70 42.50 11.31
C PHE D 208 8.24 42.36 12.72
N THR D 209 7.98 43.35 13.58
CA THR D 209 8.45 43.36 14.96
C THR D 209 7.85 42.23 15.80
N ASP D 210 6.64 41.78 15.46
CA ASP D 210 5.99 40.67 16.16
C ASP D 210 6.67 39.34 15.81
N LEU D 211 7.07 39.19 14.54
CA LEU D 211 7.74 37.99 14.04
C LEU D 211 9.18 37.90 14.58
N ASN D 212 9.84 39.04 14.78
CA ASN D 212 11.20 39.11 15.31
C ASN D 212 11.36 38.63 16.76
N LYS D 213 10.25 38.41 17.47
CA LYS D 213 10.31 37.91 18.84
C LYS D 213 10.52 36.40 18.85
N LYS D 214 9.83 35.69 17.96
CA LYS D 214 9.94 34.24 17.85
C LYS D 214 11.06 33.81 16.90
N THR D 215 11.18 34.49 15.75
CA THR D 215 12.21 34.16 14.76
C THR D 215 13.59 34.62 15.20
N ALA D 216 13.66 35.84 15.77
CA ALA D 216 14.88 36.51 16.24
C ALA D 216 15.91 36.67 15.12
N GLY D 217 15.45 37.05 13.94
CA GLY D 217 16.30 37.23 12.79
C GLY D 217 16.43 35.96 11.97
N LEU D 218 16.52 36.09 10.64
CA LEU D 218 16.64 34.92 9.77
C LEU D 218 18.06 34.37 9.75
N GLN D 219 18.26 33.16 10.32
CA GLN D 219 19.57 32.52 10.38
C GLN D 219 19.99 31.99 9.01
N GLY D 220 21.27 32.13 8.70
CA GLY D 220 21.81 31.70 7.41
C GLY D 220 22.10 30.23 7.25
N SER D 221 22.52 29.56 8.33
CA SER D 221 22.87 28.15 8.27
C SER D 221 21.70 27.18 8.16
N ASP D 222 20.44 27.68 8.22
CA ASP D 222 19.28 26.79 8.16
C ASP D 222 18.31 27.10 7.01
N LEU D 223 17.46 26.11 6.66
CA LEU D 223 16.47 26.23 5.60
C LEU D 223 15.12 26.61 6.18
N ILE D 224 14.49 27.65 5.63
CA ILE D 224 13.18 28.11 6.08
C ILE D 224 12.12 27.80 5.03
N ILE D 225 11.11 26.98 5.37
CA ILE D 225 10.04 26.64 4.43
C ILE D 225 8.71 27.26 4.84
N VAL D 226 8.20 28.17 4.01
CA VAL D 226 6.92 28.82 4.26
C VAL D 226 5.84 28.15 3.42
N ALA D 227 4.83 27.57 4.07
CA ALA D 227 3.76 26.89 3.36
C ALA D 227 2.38 27.47 3.64
N ALA D 228 1.55 27.57 2.61
CA ALA D 228 0.20 28.11 2.78
C ALA D 228 -0.76 27.52 1.75
N ARG D 229 -1.99 27.22 2.18
CA ARG D 229 -3.02 26.70 1.30
C ARG D 229 -3.52 27.83 0.38
N PRO D 230 -3.79 27.56 -0.91
CA PRO D 230 -4.22 28.63 -1.83
C PRO D 230 -5.17 29.71 -1.27
N SER D 231 -4.97 30.96 -1.73
CA SER D 231 -5.72 32.16 -1.33
C SER D 231 -5.25 32.81 -0.01
N MET D 232 -4.27 32.21 0.67
CA MET D 232 -3.74 32.77 1.91
C MET D 232 -2.74 33.90 1.64
N GLY D 233 -2.01 33.81 0.54
CA GLY D 233 -1.01 34.81 0.18
C GLY D 233 0.39 34.34 0.48
N LYS D 234 0.71 33.14 -0.01
CA LYS D 234 2.01 32.50 0.15
C LYS D 234 3.10 33.31 -0.55
N THR D 235 2.82 33.74 -1.78
CA THR D 235 3.74 34.52 -2.61
C THR D 235 3.89 35.94 -2.05
N THR D 236 2.77 36.51 -1.54
CA THR D 236 2.73 37.84 -0.95
C THR D 236 3.60 37.93 0.30
N PHE D 237 3.57 36.90 1.16
CA PHE D 237 4.38 36.89 2.38
C PHE D 237 5.86 36.70 2.05
N ALA D 238 6.16 35.88 1.03
CA ALA D 238 7.54 35.64 0.61
C ALA D 238 8.14 36.91 0.00
N MET D 239 7.33 37.67 -0.75
CA MET D 239 7.77 38.92 -1.36
C MET D 239 8.03 39.99 -0.30
N ASN D 240 7.21 40.01 0.77
CA ASN D 240 7.36 40.96 1.87
C ASN D 240 8.64 40.70 2.69
N LEU D 241 9.08 39.44 2.75
CA LEU D 241 10.33 39.10 3.46
C LEU D 241 11.53 39.59 2.65
N CYS D 242 11.46 39.47 1.31
CA CYS D 242 12.51 39.94 0.40
C CYS D 242 12.56 41.47 0.36
N GLU D 243 11.40 42.13 0.51
CA GLU D 243 11.25 43.58 0.51
C GLU D 243 12.10 44.23 1.60
N ASN D 244 12.01 43.73 2.83
CA ASN D 244 12.76 44.27 3.96
C ASN D 244 14.24 43.87 3.94
N ALA D 245 14.54 42.68 3.39
CA ALA D 245 15.92 42.21 3.31
C ALA D 245 16.73 43.00 2.28
N ALA D 246 16.09 43.45 1.20
CA ALA D 246 16.78 44.24 0.17
C ALA D 246 17.08 45.67 0.62
N MET D 247 16.30 46.20 1.57
CA MET D 247 16.50 47.57 2.05
C MET D 247 17.37 47.63 3.29
N GLU D 248 17.15 46.71 4.25
CA GLU D 248 17.93 46.70 5.49
C GLU D 248 19.32 46.09 5.32
N GLN D 249 19.42 44.89 4.74
CA GLN D 249 20.72 44.24 4.54
C GLN D 249 21.44 44.80 3.32
N ASP D 250 22.76 45.00 3.45
CA ASP D 250 23.59 45.54 2.38
C ASP D 250 23.81 44.54 1.24
N LYS D 251 23.87 43.24 1.57
CA LYS D 251 24.07 42.20 0.56
C LYS D 251 22.79 41.95 -0.24
N PRO D 252 22.91 41.66 -1.55
CA PRO D 252 21.70 41.50 -2.38
C PRO D 252 20.90 40.22 -2.17
N VAL D 253 19.61 40.26 -2.56
CA VAL D 253 18.69 39.13 -2.43
C VAL D 253 18.50 38.44 -3.79
N LEU D 254 18.30 37.12 -3.78
CA LEU D 254 18.12 36.36 -5.01
C LEU D 254 16.77 35.65 -5.01
N ILE D 255 15.95 35.90 -6.03
CA ILE D 255 14.61 35.28 -6.12
C ILE D 255 14.47 34.42 -7.38
N PHE D 256 14.16 33.12 -7.20
CA PHE D 256 13.95 32.20 -8.31
C PHE D 256 12.47 32.16 -8.63
N SER D 257 12.06 32.80 -9.73
CA SER D 257 10.66 32.83 -10.12
C SER D 257 10.28 31.68 -11.03
N LEU D 258 9.28 30.88 -10.62
CA LEU D 258 8.80 29.75 -11.39
C LEU D 258 7.30 29.87 -11.63
N GLU D 259 6.54 30.34 -10.61
CA GLU D 259 5.10 30.50 -10.68
C GLU D 259 4.70 31.67 -11.57
N MET D 260 5.33 32.83 -11.39
CA MET D 260 5.04 34.02 -12.17
C MET D 260 6.33 34.69 -12.66
N PRO D 261 6.29 35.41 -13.81
CA PRO D 261 7.52 36.05 -14.30
C PRO D 261 8.01 37.23 -13.44
N ALA D 262 9.21 37.71 -13.72
CA ALA D 262 9.83 38.83 -13.00
C ALA D 262 9.05 40.13 -13.12
N GLU D 263 8.27 40.30 -14.19
CA GLU D 263 7.46 41.49 -14.42
C GLU D 263 6.30 41.53 -13.42
N GLN D 264 5.63 40.39 -13.22
CA GLN D 264 4.52 40.28 -12.26
C GLN D 264 5.01 40.40 -10.81
N ILE D 265 6.22 39.89 -10.54
CA ILE D 265 6.85 39.97 -9.23
C ILE D 265 7.19 41.42 -8.90
N MET D 266 7.70 42.18 -9.90
CA MET D 266 8.03 43.58 -9.70
C MET D 266 6.78 44.46 -9.57
N MET D 267 5.69 44.08 -10.27
CA MET D 267 4.42 44.80 -10.17
C MET D 267 3.83 44.65 -8.77
N ARG D 268 3.93 43.45 -8.19
CA ARG D 268 3.44 43.16 -6.85
C ARG D 268 4.31 43.86 -5.79
N MET D 269 5.62 43.94 -6.03
CA MET D 269 6.56 44.59 -5.13
C MET D 269 6.37 46.12 -5.14
N LEU D 270 5.99 46.68 -6.30
CA LEU D 270 5.75 48.12 -6.42
C LEU D 270 4.49 48.55 -5.65
N ALA D 271 3.50 47.65 -5.54
CA ALA D 271 2.26 47.90 -4.81
C ALA D 271 2.52 48.00 -3.31
N SER D 272 3.43 47.17 -2.79
CA SER D 272 3.78 47.19 -1.37
C SER D 272 4.71 48.37 -1.04
N LEU D 273 5.56 48.77 -1.99
CA LEU D 273 6.51 49.87 -1.80
C LEU D 273 5.84 51.24 -1.76
N SER D 274 4.66 51.37 -2.38
CA SER D 274 3.97 52.66 -2.42
C SER D 274 2.56 52.66 -1.85
N ARG D 275 2.08 51.50 -1.35
CA ARG D 275 0.74 51.30 -0.78
C ARG D 275 -0.39 51.61 -1.78
N VAL D 276 -0.10 51.55 -3.08
CA VAL D 276 -1.09 51.78 -4.12
C VAL D 276 -1.74 50.45 -4.47
N ASP D 277 -3.09 50.41 -4.56
CA ASP D 277 -3.85 49.19 -4.83
C ASP D 277 -3.32 48.40 -6.04
N GLN D 278 -3.11 47.09 -5.83
CA GLN D 278 -2.59 46.13 -6.80
C GLN D 278 -3.23 46.21 -8.17
N THR D 279 -4.56 46.39 -8.20
CA THR D 279 -5.32 46.46 -9.45
C THR D 279 -4.85 47.55 -10.40
N LYS D 280 -4.51 48.74 -9.90
CA LYS D 280 -4.07 49.86 -10.74
C LYS D 280 -2.76 49.62 -11.47
N ILE D 281 -1.83 48.89 -10.86
CA ILE D 281 -0.53 48.63 -11.46
C ILE D 281 -0.63 47.62 -12.61
N ARG D 282 -1.31 46.49 -12.38
CA ARG D 282 -1.48 45.47 -13.42
C ARG D 282 -2.50 45.84 -14.50
N THR D 283 -3.28 46.91 -14.31
CA THR D 283 -4.26 47.36 -15.31
C THR D 283 -3.67 48.50 -16.15
N GLY D 284 -2.95 49.41 -15.49
CA GLY D 284 -2.33 50.54 -16.18
C GLY D 284 -2.93 51.87 -15.79
N GLN D 285 -4.27 51.95 -15.75
CA GLN D 285 -4.94 53.19 -15.39
C GLN D 285 -4.75 53.59 -13.93
N LEU D 286 -3.91 54.60 -13.68
CA LEU D 286 -3.65 55.07 -12.33
C LEU D 286 -3.44 56.58 -12.27
N ASP D 287 -3.80 57.19 -11.13
CA ASP D 287 -3.72 58.63 -10.90
C ASP D 287 -2.30 59.19 -10.89
N ASP D 288 -2.17 60.52 -11.06
CA ASP D 288 -0.86 61.20 -11.04
C ASP D 288 -0.25 61.17 -9.63
N GLU D 289 -1.09 61.16 -8.58
CA GLU D 289 -0.66 61.08 -7.18
C GLU D 289 -0.05 59.69 -6.93
N ASP D 290 -0.69 58.65 -7.48
CA ASP D 290 -0.24 57.26 -7.34
C ASP D 290 1.07 57.02 -8.10
N TRP D 291 1.26 57.70 -9.25
CA TRP D 291 2.48 57.59 -10.05
C TRP D 291 3.67 58.27 -9.35
N ALA D 292 3.41 59.33 -8.55
CA ALA D 292 4.45 60.04 -7.82
C ALA D 292 5.05 59.15 -6.73
N ARG D 293 4.22 58.32 -6.08
CA ARG D 293 4.70 57.39 -5.06
C ARG D 293 5.51 56.25 -5.68
N ILE D 294 5.12 55.80 -6.89
CA ILE D 294 5.82 54.76 -7.63
C ILE D 294 7.18 55.29 -8.11
N SER D 295 7.23 56.55 -8.55
CA SER D 295 8.47 57.18 -9.02
C SER D 295 9.41 57.51 -7.85
N SER D 296 8.87 57.79 -6.67
CA SER D 296 9.68 58.09 -5.49
C SER D 296 10.36 56.82 -4.99
N THR D 297 9.63 55.70 -4.98
CA THR D 297 10.20 54.42 -4.55
C THR D 297 11.13 53.78 -5.61
N MET D 298 11.05 54.24 -6.87
CA MET D 298 11.88 53.75 -7.96
C MET D 298 13.34 54.13 -7.73
N GLY D 299 13.56 55.36 -7.28
CA GLY D 299 14.90 55.88 -6.98
C GLY D 299 15.53 55.22 -5.77
N ILE D 300 14.71 54.79 -4.80
CA ILE D 300 15.19 54.12 -3.60
C ILE D 300 15.69 52.72 -3.96
N LEU D 301 14.96 52.02 -4.84
CA LEU D 301 15.33 50.69 -5.31
C LEU D 301 16.56 50.73 -6.23
N MET D 302 16.70 51.81 -7.01
CA MET D 302 17.83 51.99 -7.92
C MET D 302 19.14 52.30 -7.18
N GLU D 303 19.06 52.89 -5.98
CA GLU D 303 20.26 53.20 -5.21
C GLU D 303 20.81 51.96 -4.50
N LYS D 304 19.92 51.08 -4.03
CA LYS D 304 20.32 49.87 -3.32
C LYS D 304 20.85 48.78 -4.25
N LYS D 305 20.10 48.47 -5.33
CA LYS D 305 20.45 47.45 -6.32
C LYS D 305 20.70 46.06 -5.70
N ASN D 306 19.65 45.42 -5.19
CA ASN D 306 19.79 44.11 -4.56
C ASN D 306 18.82 43.06 -5.11
N MET D 307 17.77 43.47 -5.83
CA MET D 307 16.79 42.52 -6.37
C MET D 307 17.23 41.79 -7.63
N TYR D 308 17.67 40.53 -7.50
CA TYR D 308 18.07 39.73 -8.65
C TYR D 308 17.04 38.61 -8.85
N ILE D 309 16.26 38.69 -9.93
CA ILE D 309 15.21 37.73 -10.19
C ILE D 309 15.51 36.85 -11.41
N ASP D 310 15.27 35.54 -11.30
CA ASP D 310 15.48 34.60 -12.39
C ASP D 310 14.12 34.05 -12.83
N ASP D 311 13.57 34.53 -13.95
CA ASP D 311 12.26 34.07 -14.43
C ASP D 311 12.35 32.82 -15.32
N SER D 312 13.01 31.77 -14.83
CA SER D 312 13.13 30.53 -15.58
C SER D 312 12.16 29.49 -15.05
N SER D 313 11.32 28.92 -15.92
CA SER D 313 10.33 27.93 -15.49
C SER D 313 10.96 26.56 -15.25
N GLY D 314 11.87 26.16 -16.13
CA GLY D 314 12.54 24.87 -16.01
C GLY D 314 13.86 24.97 -15.28
N LEU D 315 13.86 24.80 -13.95
CA LEU D 315 15.08 24.89 -13.16
C LEU D 315 15.45 23.57 -12.47
N THR D 316 16.74 23.22 -12.51
CA THR D 316 17.23 21.98 -11.89
C THR D 316 18.11 22.30 -10.67
N PRO D 317 18.22 21.39 -9.68
CA PRO D 317 19.05 21.68 -8.50
C PRO D 317 20.51 22.05 -8.77
N THR D 318 21.07 21.60 -9.90
CA THR D 318 22.45 21.94 -10.25
C THR D 318 22.50 23.39 -10.74
N GLU D 319 21.56 23.75 -11.62
CA GLU D 319 21.48 25.10 -12.18
C GLU D 319 21.10 26.14 -11.13
N VAL D 320 20.30 25.75 -10.12
CA VAL D 320 19.90 26.65 -9.05
C VAL D 320 21.13 26.98 -8.20
N ARG D 321 21.94 25.97 -7.88
CA ARG D 321 23.16 26.16 -7.09
C ARG D 321 24.21 26.93 -7.88
N SER D 322 24.32 26.66 -9.19
CA SER D 322 25.31 27.32 -10.06
C SER D 322 25.00 28.80 -10.20
N ARG D 323 23.72 29.15 -10.36
CA ARG D 323 23.33 30.56 -10.47
C ARG D 323 23.41 31.30 -9.13
N ALA D 324 23.27 30.57 -8.01
CA ALA D 324 23.39 31.17 -6.68
C ALA D 324 24.85 31.49 -6.38
N ARG D 325 25.78 30.61 -6.78
CA ARG D 325 27.21 30.83 -6.57
C ARG D 325 27.80 31.86 -7.55
N ARG D 326 27.14 32.10 -8.68
CA ARG D 326 27.61 33.07 -9.67
C ARG D 326 27.34 34.49 -9.18
N ILE D 327 26.15 34.73 -8.61
CA ILE D 327 25.79 36.04 -8.08
C ILE D 327 26.56 36.33 -6.78
N ALA D 328 26.78 35.30 -5.95
CA ALA D 328 27.53 35.46 -4.70
C ALA D 328 29.06 35.53 -4.90
N ARG D 329 29.52 35.67 -6.15
CA ARG D 329 30.94 35.79 -6.46
C ARG D 329 31.22 37.13 -7.15
N GLU D 330 30.31 37.57 -8.02
CA GLU D 330 30.44 38.83 -8.75
C GLU D 330 30.21 40.03 -7.84
N HIS D 331 29.24 39.94 -6.91
CA HIS D 331 28.92 41.05 -6.03
C HIS D 331 29.22 40.73 -4.56
N GLY D 332 30.31 40.02 -4.32
CA GLY D 332 30.73 39.67 -2.98
C GLY D 332 30.00 38.47 -2.41
N GLY D 333 28.69 38.58 -2.27
CA GLY D 333 27.88 37.50 -1.74
C GLY D 333 26.38 37.80 -1.78
N LEU D 334 25.58 36.96 -1.12
CA LEU D 334 24.13 37.10 -1.06
C LEU D 334 23.64 37.37 0.39
N SER D 335 22.32 37.50 0.59
CA SER D 335 21.75 37.73 1.92
C SER D 335 20.49 36.91 2.17
N LEU D 336 19.73 36.61 1.11
CA LEU D 336 18.51 35.81 1.23
C LEU D 336 18.11 35.22 -0.12
N ILE D 337 17.93 33.90 -0.19
CA ILE D 337 17.54 33.23 -1.43
C ILE D 337 16.10 32.72 -1.30
N MET D 338 15.20 33.20 -2.16
CA MET D 338 13.80 32.79 -2.11
C MET D 338 13.40 31.98 -3.35
N VAL D 339 12.66 30.89 -3.15
CA VAL D 339 12.18 30.04 -4.24
C VAL D 339 10.66 30.20 -4.34
N ASP D 340 10.14 30.43 -5.55
CA ASP D 340 8.70 30.64 -5.74
C ASP D 340 7.87 29.37 -5.51
N TYR D 341 8.36 28.20 -5.95
CA TYR D 341 7.65 26.95 -5.76
C TYR D 341 8.63 25.80 -5.60
N LEU D 342 8.46 24.98 -4.55
CA LEU D 342 9.32 23.83 -4.34
C LEU D 342 8.92 22.66 -5.26
N GLN D 343 7.62 22.53 -5.55
CA GLN D 343 7.12 21.47 -6.43
C GLN D 343 7.42 21.71 -7.90
N LEU D 344 7.62 22.96 -8.32
CA LEU D 344 7.93 23.26 -9.72
C LEU D 344 9.39 22.92 -10.11
N MET D 345 10.27 22.72 -9.13
CA MET D 345 11.66 22.35 -9.41
C MET D 345 11.77 20.87 -9.79
N ARG D 346 12.77 20.51 -10.60
CA ARG D 346 12.96 19.12 -11.01
C ARG D 346 14.42 18.77 -11.27
N VAL D 347 14.86 17.60 -10.80
CA VAL D 347 16.24 17.15 -11.00
C VAL D 347 16.28 16.11 -12.13
N PRO D 348 17.17 16.28 -13.13
CA PRO D 348 17.19 15.33 -14.26
C PRO D 348 17.61 13.90 -13.93
N ALA D 349 18.34 13.69 -12.83
CA ALA D 349 18.79 12.35 -12.44
C ALA D 349 17.69 11.53 -11.76
N LEU D 350 16.73 12.20 -11.10
CA LEU D 350 15.65 11.51 -10.39
C LEU D 350 14.27 11.80 -10.98
N THR D 351 14.15 11.77 -12.31
CA THR D 351 12.87 12.02 -12.97
C THR D 351 11.87 10.87 -12.85
N ASP D 352 12.35 9.65 -12.60
CA ASP D 352 11.48 8.47 -12.51
C ASP D 352 10.51 8.50 -11.31
N ASN D 353 11.03 8.61 -10.08
CA ASN D 353 10.18 8.63 -8.90
C ASN D 353 9.95 10.05 -8.40
N ARG D 354 8.74 10.33 -7.91
CA ARG D 354 8.38 11.66 -7.40
C ARG D 354 8.58 11.77 -5.88
N THR D 355 8.50 10.64 -5.15
CA THR D 355 8.68 10.59 -3.70
C THR D 355 10.13 10.92 -3.33
N LEU D 356 11.10 10.36 -4.06
CA LEU D 356 12.52 10.61 -3.80
C LEU D 356 13.08 11.85 -4.51
N GLU D 357 12.33 12.43 -5.45
CA GLU D 357 12.76 13.63 -6.17
C GLU D 357 12.67 14.84 -5.23
N ILE D 358 11.58 14.93 -4.46
CA ILE D 358 11.37 16.01 -3.49
C ILE D 358 12.41 15.93 -2.37
N ALA D 359 12.76 14.70 -1.95
CA ALA D 359 13.78 14.47 -0.91
C ALA D 359 15.19 14.89 -1.35
N GLU D 360 15.44 14.97 -2.66
CA GLU D 360 16.74 15.39 -3.19
C GLU D 360 16.79 16.92 -3.31
N ILE D 361 15.69 17.53 -3.77
CA ILE D 361 15.59 18.98 -3.92
C ILE D 361 15.58 19.67 -2.56
N SER D 362 14.81 19.14 -1.60
CA SER D 362 14.75 19.68 -0.24
C SER D 362 16.14 19.64 0.43
N ARG D 363 16.91 18.59 0.15
CA ARG D 363 18.26 18.40 0.67
C ARG D 363 19.22 19.37 -0.02
N SER D 364 19.08 19.58 -1.34
CA SER D 364 19.93 20.50 -2.09
C SER D 364 19.70 21.95 -1.69
N LEU D 365 18.46 22.32 -1.33
CA LEU D 365 18.17 23.68 -0.87
C LEU D 365 18.76 23.92 0.52
N LYS D 366 18.77 22.89 1.38
CA LYS D 366 19.36 22.98 2.71
C LYS D 366 20.89 23.08 2.60
N ALA D 367 21.49 22.33 1.66
CA ALA D 367 22.93 22.35 1.41
C ALA D 367 23.39 23.71 0.86
N LEU D 368 22.53 24.40 0.10
CA LEU D 368 22.86 25.72 -0.43
C LEU D 368 22.88 26.74 0.72
N ALA D 369 21.94 26.61 1.69
CA ALA D 369 21.87 27.48 2.86
C ALA D 369 23.06 27.28 3.80
N LYS D 370 23.65 26.08 3.82
CA LYS D 370 24.80 25.79 4.67
C LYS D 370 26.08 26.30 3.99
N GLU D 371 26.20 26.09 2.67
CA GLU D 371 27.36 26.51 1.89
C GLU D 371 27.46 28.04 1.76
N LEU D 372 26.37 28.69 1.35
CA LEU D 372 26.38 30.15 1.19
C LEU D 372 26.16 30.92 2.51
N ASN D 373 25.69 30.23 3.56
CA ASN D 373 25.39 30.80 4.88
C ASN D 373 24.37 31.93 4.83
N VAL D 374 23.35 31.76 3.97
CA VAL D 374 22.28 32.75 3.81
C VAL D 374 20.90 32.10 4.00
N PRO D 375 19.96 32.78 4.67
CA PRO D 375 18.63 32.17 4.89
C PRO D 375 17.88 31.88 3.59
N VAL D 376 17.46 30.62 3.41
CA VAL D 376 16.74 30.24 2.21
C VAL D 376 15.26 30.06 2.47
N VAL D 377 14.43 30.93 1.89
CA VAL D 377 12.98 30.84 2.05
C VAL D 377 12.38 30.08 0.89
N ALA D 378 12.16 28.78 1.06
CA ALA D 378 11.59 27.94 0.01
C ALA D 378 10.07 27.85 0.21
N LEU D 379 9.30 28.30 -0.79
CA LEU D 379 7.85 28.28 -0.70
C LEU D 379 7.29 26.92 -1.11
N SER D 380 6.30 26.42 -0.37
CA SER D 380 5.66 25.14 -0.69
C SER D 380 4.14 25.21 -0.50
N GLN D 381 3.39 24.28 -1.10
CA GLN D 381 1.93 24.28 -0.97
C GLN D 381 1.43 23.06 -0.19
N LEU D 382 0.46 23.28 0.71
CA LEU D 382 -0.12 22.23 1.53
C LEU D 382 -1.07 21.31 0.75
N ASN D 383 -1.30 20.09 1.26
CA ASN D 383 -2.20 19.14 0.61
C ASN D 383 -3.67 19.50 0.86
N ARG D 384 -4.57 19.03 -0.03
CA ARG D 384 -6.00 19.31 0.10
C ARG D 384 -6.71 18.48 1.17
N SER D 385 -5.94 17.80 2.04
CA SER D 385 -6.49 16.97 3.11
C SER D 385 -7.10 17.79 4.24
N LEU D 386 -6.55 18.99 4.50
CA LEU D 386 -7.05 19.84 5.57
C LEU D 386 -8.38 20.56 5.22
N GLU D 387 -8.80 20.51 3.95
CA GLU D 387 -10.04 21.13 3.49
C GLU D 387 -11.25 20.32 4.00
N GLN D 388 -11.14 18.99 3.97
CA GLN D 388 -12.21 18.11 4.45
C GLN D 388 -12.23 17.95 5.99
N ARG D 389 -11.18 18.42 6.67
CA ARG D 389 -11.03 18.33 8.12
C ARG D 389 -11.94 19.30 8.89
N ALA D 390 -12.33 20.41 8.25
CA ALA D 390 -13.17 21.50 8.81
C ALA D 390 -12.47 22.31 9.93
N ASP D 391 -11.29 21.89 10.37
CA ASP D 391 -10.51 22.60 11.39
C ASP D 391 -9.75 23.76 10.74
N LYS D 392 -9.20 23.53 9.52
CA LYS D 392 -8.43 24.47 8.71
C LYS D 392 -7.10 24.89 9.32
N ARG D 393 -6.67 24.28 10.43
CA ARG D 393 -5.40 24.61 11.06
C ARG D 393 -4.27 23.93 10.30
N PRO D 394 -3.24 24.69 9.89
CA PRO D 394 -2.14 24.09 9.14
C PRO D 394 -1.13 23.38 10.04
N VAL D 395 -1.24 22.06 10.13
CA VAL D 395 -0.35 21.24 10.95
C VAL D 395 0.94 20.93 10.17
N ASN D 396 2.10 20.82 10.87
CA ASN D 396 3.38 20.49 10.24
C ASN D 396 3.38 19.13 9.54
N SER D 397 2.45 18.23 9.92
CA SER D 397 2.33 16.90 9.30
C SER D 397 1.57 16.92 7.96
N ASP D 398 0.91 18.05 7.61
CA ASP D 398 0.21 18.17 6.33
C ASP D 398 1.21 18.28 5.17
N LEU D 399 2.34 18.95 5.40
CA LEU D 399 3.38 19.08 4.38
C LEU D 399 4.20 17.79 4.19
N ARG D 400 4.14 16.85 5.16
CA ARG D 400 4.81 15.55 5.11
C ARG D 400 4.23 14.71 3.97
N GLU D 401 2.90 14.79 3.76
CA GLU D 401 2.20 14.07 2.69
C GLU D 401 2.63 14.55 1.30
N SER D 402 3.07 15.81 1.19
CA SER D 402 3.55 16.40 -0.06
C SER D 402 5.03 16.06 -0.32
N GLY D 403 5.82 15.92 0.74
CA GLY D 403 7.24 15.58 0.64
C GLY D 403 7.97 15.57 1.97
N SER D 404 9.16 14.97 1.99
CA SER D 404 9.97 14.91 3.21
C SER D 404 10.76 16.20 3.37
N ILE D 405 10.30 17.09 4.26
CA ILE D 405 10.94 18.38 4.48
C ILE D 405 11.24 18.68 5.96
N GLU D 406 10.60 17.96 6.89
CA GLU D 406 10.75 18.18 8.33
C GLU D 406 12.17 17.94 8.82
N GLN D 407 12.82 16.90 8.30
CA GLN D 407 14.19 16.57 8.69
C GLN D 407 15.24 17.51 8.08
N ASP D 408 14.90 18.20 6.96
CA ASP D 408 15.83 19.09 6.29
C ASP D 408 15.68 20.55 6.73
N ALA D 409 14.45 21.09 6.67
CA ALA D 409 14.22 22.48 7.06
C ALA D 409 14.09 22.64 8.56
N ASP D 410 14.71 23.70 9.11
CA ASP D 410 14.65 23.96 10.54
C ASP D 410 13.45 24.81 10.92
N LEU D 411 13.17 25.87 10.15
CA LEU D 411 12.04 26.76 10.43
C LEU D 411 10.90 26.54 9.44
N ILE D 412 9.75 26.07 9.94
CA ILE D 412 8.57 25.83 9.12
C ILE D 412 7.40 26.66 9.66
N MET D 413 7.02 27.71 8.92
CA MET D 413 5.91 28.57 9.34
C MET D 413 4.76 28.53 8.36
N PHE D 414 3.53 28.55 8.86
CA PHE D 414 2.34 28.49 8.02
C PHE D 414 1.55 29.79 8.05
N ILE D 415 0.78 30.05 6.98
CA ILE D 415 -0.02 31.28 6.89
C ILE D 415 -1.50 30.93 6.97
N TYR D 416 -2.18 31.42 8.01
CA TYR D 416 -3.62 31.13 8.19
C TYR D 416 -4.43 32.38 8.48
N ARG D 417 -5.30 32.77 7.55
CA ARG D 417 -6.19 33.91 7.74
C ARG D 417 -7.59 33.35 7.97
N ASP D 418 -8.24 33.77 9.06
CA ASP D 418 -9.56 33.27 9.41
C ASP D 418 -10.68 33.75 8.49
N GLU D 419 -10.47 34.84 7.75
CA GLU D 419 -11.49 35.37 6.84
C GLU D 419 -11.60 34.61 5.51
N VAL D 420 -10.66 33.70 5.22
CA VAL D 420 -10.68 32.94 3.98
C VAL D 420 -11.74 31.84 4.03
N TYR D 421 -11.80 31.12 5.15
CA TYR D 421 -12.77 30.03 5.31
C TYR D 421 -14.08 30.48 5.96
N HIS D 422 -14.02 31.47 6.85
CA HIS D 422 -15.21 31.95 7.55
C HIS D 422 -15.44 33.44 7.32
N PRO D 423 -16.61 33.83 6.79
CA PRO D 423 -16.86 35.26 6.55
C PRO D 423 -17.18 36.05 7.82
N ASP D 424 -17.76 35.40 8.83
CA ASP D 424 -18.10 36.04 10.10
C ASP D 424 -17.01 35.84 11.16
N SER D 425 -15.75 35.73 10.73
CA SER D 425 -14.61 35.51 11.61
C SER D 425 -14.21 36.79 12.35
N PRO D 426 -13.73 36.66 13.60
CA PRO D 426 -13.28 37.87 14.33
C PRO D 426 -11.98 38.45 13.77
N LEU D 427 -11.11 37.61 13.18
CA LEU D 427 -9.85 38.05 12.59
C LEU D 427 -10.11 38.61 11.18
N LYS D 428 -10.79 39.76 11.09
CA LYS D 428 -11.11 40.37 9.81
C LYS D 428 -9.89 41.11 9.28
N GLY D 429 -9.23 40.53 8.30
CA GLY D 429 -8.05 41.11 7.69
C GLY D 429 -6.78 40.87 8.50
N THR D 430 -6.72 39.72 9.19
CA THR D 430 -5.55 39.38 10.00
C THR D 430 -5.15 37.93 9.79
N ALA D 431 -3.96 37.71 9.22
CA ALA D 431 -3.45 36.36 9.00
C ALA D 431 -2.38 36.04 10.03
N GLU D 432 -2.54 34.93 10.77
CA GLU D 432 -1.57 34.56 11.79
C GLU D 432 -0.50 33.60 11.27
N ILE D 433 0.76 34.04 11.31
CA ILE D 433 1.88 33.22 10.89
C ILE D 433 2.18 32.22 12.01
N ILE D 434 1.62 31.02 11.90
CA ILE D 434 1.79 29.99 12.92
C ILE D 434 3.04 29.16 12.69
N ILE D 435 4.05 29.31 13.57
CA ILE D 435 5.28 28.55 13.46
C ILE D 435 5.08 27.15 14.02
N GLY D 436 5.21 26.15 13.14
CA GLY D 436 5.02 24.77 13.53
C GLY D 436 6.29 24.04 13.92
N LYS D 437 7.45 24.54 13.47
CA LYS D 437 8.73 23.92 13.78
C LYS D 437 9.86 24.94 13.74
N GLN D 438 10.74 24.94 14.76
CA GLN D 438 11.88 25.86 14.81
C GLN D 438 12.92 25.35 15.80
N ARG D 439 14.11 24.97 15.31
CA ARG D 439 15.17 24.44 16.15
C ARG D 439 15.90 25.54 16.92
N ASN D 440 16.19 26.66 16.26
CA ASN D 440 16.93 27.75 16.89
C ASN D 440 16.13 28.56 17.92
N GLY D 441 14.89 28.90 17.58
CA GLY D 441 14.04 29.68 18.47
C GLY D 441 12.73 29.00 18.85
N PRO D 442 11.87 29.71 19.59
CA PRO D 442 10.60 29.10 20.00
C PRO D 442 9.50 29.18 18.95
N ILE D 443 8.45 28.35 19.11
CA ILE D 443 7.34 28.34 18.17
C ILE D 443 6.07 28.97 18.76
N GLY D 444 5.14 29.37 17.90
CA GLY D 444 3.89 29.98 18.34
C GLY D 444 3.13 30.67 17.24
N SER D 445 1.87 31.06 17.52
CA SER D 445 1.04 31.74 16.55
C SER D 445 1.26 33.25 16.63
N VAL D 446 1.88 33.83 15.60
CA VAL D 446 2.15 35.27 15.58
C VAL D 446 1.17 36.01 14.68
N ARG D 447 0.23 36.75 15.27
CA ARG D 447 -0.78 37.49 14.51
C ARG D 447 -0.22 38.74 13.83
N LEU D 448 -0.51 38.89 12.54
CA LEU D 448 -0.08 40.03 11.73
C LEU D 448 -1.23 40.44 10.80
N THR D 449 -1.50 41.74 10.66
CA THR D 449 -2.58 42.20 9.79
C THR D 449 -2.20 42.08 8.31
N PHE D 450 -3.19 41.90 7.44
CA PHE D 450 -2.94 41.74 6.01
C PHE D 450 -3.86 42.61 5.16
N GLN D 451 -3.29 43.31 4.17
CA GLN D 451 -4.05 44.14 3.25
C GLN D 451 -3.99 43.54 1.85
N GLY D 452 -5.03 42.80 1.48
CA GLY D 452 -5.12 42.15 0.18
C GLY D 452 -5.37 43.08 -0.99
N HIS D 453 -5.76 44.34 -0.71
CA HIS D 453 -6.02 45.32 -1.75
C HIS D 453 -4.74 45.79 -2.44
N TYR D 454 -3.60 45.78 -1.73
CA TYR D 454 -2.33 46.19 -2.32
C TYR D 454 -1.15 45.30 -1.93
N SER D 455 -1.43 44.03 -1.55
CA SER D 455 -0.43 43.03 -1.18
C SER D 455 0.64 43.55 -0.20
N ARG D 456 0.26 43.77 1.06
CA ARG D 456 1.20 44.28 2.06
C ARG D 456 0.89 43.78 3.46
N PHE D 457 1.74 42.90 4.00
CA PHE D 457 1.59 42.39 5.36
C PHE D 457 2.11 43.44 6.34
N ASP D 458 1.37 43.71 7.40
CA ASP D 458 1.77 44.72 8.39
C ASP D 458 1.68 44.20 9.84
N ASN D 459 2.21 44.98 10.81
CA ASN D 459 2.20 44.62 12.21
C ASN D 459 0.81 44.76 12.82
N TYR D 460 0.36 43.75 13.56
CA TYR D 460 -0.95 43.79 14.20
C TYR D 460 -0.87 44.54 15.53
N LYS E 22 33.93 -31.47 9.51
CA LYS E 22 33.18 -31.09 10.70
C LYS E 22 34.03 -31.11 11.96
N VAL E 23 34.72 -29.99 12.23
CA VAL E 23 35.60 -29.84 13.38
C VAL E 23 34.83 -29.36 14.62
N PRO E 24 34.96 -30.08 15.76
CA PRO E 24 34.22 -29.68 16.97
C PRO E 24 34.43 -28.22 17.39
N PRO E 25 33.38 -27.59 17.91
CA PRO E 25 33.50 -26.19 18.33
C PRO E 25 34.38 -26.02 19.56
N HIS E 26 35.56 -25.45 19.36
CA HIS E 26 36.49 -25.20 20.45
C HIS E 26 37.41 -24.02 20.14
N SER E 27 37.97 -23.41 21.18
CA SER E 27 38.88 -22.30 21.02
C SER E 27 40.12 -22.53 21.86
N LEU E 28 41.11 -23.24 21.30
CA LEU E 28 42.36 -23.55 21.99
C LEU E 28 43.13 -22.30 22.41
N GLU E 29 42.99 -21.21 21.66
CA GLU E 29 43.64 -19.95 21.97
C GLU E 29 43.03 -19.31 23.23
N ALA E 30 41.70 -19.45 23.41
CA ALA E 30 41.02 -18.91 24.60
C ALA E 30 41.34 -19.71 25.85
N GLU E 31 41.57 -21.02 25.71
CA GLU E 31 41.92 -21.87 26.85
C GLU E 31 43.31 -21.54 27.36
N GLN E 32 44.25 -21.21 26.45
CA GLN E 32 45.61 -20.85 26.81
C GLN E 32 45.66 -19.52 27.57
N SER E 33 44.75 -18.60 27.27
CA SER E 33 44.71 -17.31 27.96
C SER E 33 44.10 -17.40 29.36
N VAL E 34 43.21 -18.37 29.59
CA VAL E 34 42.62 -18.55 30.92
C VAL E 34 43.68 -19.14 31.84
N ILE E 35 44.38 -20.18 31.37
CA ILE E 35 45.45 -20.83 32.11
C ILE E 35 46.63 -19.88 32.31
N GLY E 36 47.04 -19.21 31.25
CA GLY E 36 48.13 -18.26 31.27
C GLY E 36 47.86 -17.04 32.13
N GLY E 37 46.60 -16.61 32.15
CA GLY E 37 46.17 -15.48 32.94
C GLY E 37 46.11 -15.80 34.43
N LEU E 38 45.74 -17.04 34.76
CA LEU E 38 45.67 -17.47 36.15
C LEU E 38 47.06 -17.60 36.78
N LEU E 39 48.10 -17.86 35.97
CA LEU E 39 49.47 -17.94 36.45
C LEU E 39 50.04 -16.54 36.74
N LEU E 40 49.61 -15.52 35.96
CA LEU E 40 50.06 -14.14 36.14
C LEU E 40 49.30 -13.48 37.27
N ASP E 41 48.00 -13.73 37.37
CA ASP E 41 47.17 -13.14 38.41
C ASP E 41 46.37 -14.22 39.13
N ASN E 42 46.79 -14.60 40.33
CA ASN E 42 46.12 -15.62 41.11
C ASN E 42 44.79 -15.13 41.74
N GLU E 43 44.65 -13.81 41.93
CA GLU E 43 43.44 -13.22 42.49
C GLU E 43 42.22 -13.26 41.54
N ARG E 44 42.43 -13.60 40.26
CA ARG E 44 41.34 -13.68 39.31
C ARG E 44 40.46 -14.92 39.49
N TRP E 45 40.99 -15.98 40.16
CA TRP E 45 40.29 -17.24 40.41
C TRP E 45 38.89 -17.08 41.04
N ASP E 46 38.67 -16.00 41.79
CA ASP E 46 37.40 -15.71 42.43
C ASP E 46 36.26 -15.57 41.42
N THR E 47 36.56 -15.01 40.23
CA THR E 47 35.58 -14.81 39.17
C THR E 47 35.65 -15.91 38.11
N VAL E 48 36.86 -16.39 37.83
CA VAL E 48 37.10 -17.43 36.82
C VAL E 48 36.41 -18.75 37.17
N SER E 49 36.45 -19.14 38.46
CA SER E 49 35.82 -20.37 38.92
C SER E 49 34.30 -20.41 38.68
N GLU E 50 33.66 -19.24 38.63
CA GLU E 50 32.22 -19.15 38.38
C GLU E 50 31.85 -19.40 36.91
N HIS E 51 32.78 -19.17 35.98
CA HIS E 51 32.50 -19.35 34.55
C HIS E 51 32.93 -20.71 33.98
N VAL E 52 34.20 -21.08 34.16
CA VAL E 52 34.71 -22.33 33.59
C VAL E 52 34.78 -23.48 34.58
N MET E 53 34.67 -24.70 34.05
CA MET E 53 34.78 -25.95 34.78
C MET E 53 35.89 -26.82 34.14
N THR E 54 36.34 -27.86 34.85
CA THR E 54 37.36 -28.76 34.32
C THR E 54 36.82 -29.50 33.08
N GLN E 55 35.53 -29.87 33.10
CA GLN E 55 34.84 -30.56 32.01
C GLN E 55 34.67 -29.66 30.78
N ASP E 56 34.51 -28.35 30.99
CA ASP E 56 34.31 -27.36 29.92
C ASP E 56 35.51 -27.25 28.98
N PHE E 57 36.71 -27.53 29.48
CA PHE E 57 37.92 -27.44 28.67
C PHE E 57 37.99 -28.55 27.63
N TYR E 58 38.47 -28.21 26.45
CA TYR E 58 38.61 -29.16 25.35
C TYR E 58 40.00 -29.81 25.38
N SER E 59 40.06 -31.10 25.02
CA SER E 59 41.28 -31.92 24.94
C SER E 59 41.87 -32.30 26.30
N ARG E 60 42.57 -33.44 26.34
CA ARG E 60 43.20 -33.95 27.56
C ARG E 60 44.31 -33.04 28.14
N PRO E 61 45.24 -32.46 27.35
CA PRO E 61 46.29 -31.63 27.98
C PRO E 61 45.76 -30.40 28.69
N HIS E 62 44.81 -29.67 28.08
CA HIS E 62 44.24 -28.47 28.71
C HIS E 62 43.43 -28.80 29.96
N ARG E 63 42.81 -29.98 30.01
CA ARG E 63 42.04 -30.39 31.17
C ARG E 63 42.94 -30.77 32.35
N LEU E 64 44.12 -31.32 32.08
CA LEU E 64 45.06 -31.68 33.14
C LEU E 64 45.69 -30.45 33.78
N ILE E 65 45.97 -29.41 32.97
CA ILE E 65 46.55 -28.18 33.49
C ILE E 65 45.53 -27.43 34.32
N PHE E 66 44.29 -27.29 33.81
CA PHE E 66 43.25 -26.58 34.52
C PHE E 66 42.84 -27.29 35.81
N ASP E 67 42.89 -28.63 35.82
CA ASP E 67 42.59 -29.39 37.04
C ASP E 67 43.65 -29.14 38.13
N GLY E 68 44.90 -28.97 37.71
CA GLY E 68 46.00 -28.67 38.61
C GLY E 68 45.88 -27.28 39.17
N VAL E 69 45.53 -26.31 38.32
CA VAL E 69 45.33 -24.92 38.72
C VAL E 69 44.14 -24.83 39.70
N LYS E 70 43.07 -25.58 39.44
CA LYS E 70 41.88 -25.62 40.28
C LYS E 70 42.20 -26.21 41.64
N SER E 71 42.92 -27.35 41.67
CA SER E 71 43.29 -28.02 42.91
C SER E 71 44.23 -27.17 43.77
N ILE E 72 45.16 -26.46 43.12
CA ILE E 72 46.11 -25.62 43.84
C ILE E 72 45.46 -24.35 44.38
N LEU E 73 44.78 -23.57 43.54
CA LEU E 73 44.16 -22.31 43.98
C LEU E 73 43.04 -22.47 45.01
N GLU E 74 42.42 -23.65 45.11
CA GLU E 74 41.34 -23.87 46.07
C GLU E 74 41.81 -23.98 47.51
N ALA E 75 43.07 -24.40 47.72
CA ALA E 75 43.61 -24.52 49.08
C ALA E 75 44.95 -23.77 49.29
N GLY E 76 45.92 -24.01 48.43
CA GLY E 76 47.22 -23.36 48.50
C GLY E 76 47.27 -22.14 47.62
N LYS E 77 47.16 -20.94 48.24
CA LYS E 77 47.16 -19.65 47.56
C LYS E 77 48.25 -19.47 46.47
N PRO E 78 49.56 -19.79 46.69
CA PRO E 78 50.54 -19.57 45.61
C PRO E 78 50.45 -20.52 44.43
N LEU E 79 50.50 -19.96 43.21
CA LEU E 79 50.46 -20.71 41.97
C LEU E 79 51.30 -19.97 40.93
N ASP E 80 52.31 -20.64 40.37
CA ASP E 80 53.17 -20.04 39.36
C ASP E 80 53.66 -21.10 38.35
N LEU E 81 54.71 -20.79 37.57
CA LEU E 81 55.24 -21.72 36.57
C LEU E 81 55.78 -23.01 37.17
N ILE E 82 56.41 -22.95 38.36
CA ILE E 82 56.97 -24.15 38.97
C ILE E 82 56.01 -24.81 39.98
N THR E 83 55.03 -24.07 40.54
CA THR E 83 54.07 -24.67 41.46
C THR E 83 53.17 -25.65 40.70
N LEU E 84 52.70 -25.22 39.52
CA LEU E 84 51.86 -26.01 38.64
C LEU E 84 52.66 -27.19 38.04
N SER E 85 53.94 -26.95 37.70
CA SER E 85 54.82 -27.96 37.13
C SER E 85 55.13 -29.07 38.14
N GLU E 86 55.29 -28.73 39.43
CA GLU E 86 55.56 -29.76 40.45
C GLU E 86 54.33 -30.61 40.77
N TYR E 87 53.12 -30.08 40.55
CA TYR E 87 51.89 -30.84 40.75
C TYR E 87 51.75 -31.89 39.64
N LEU E 88 52.15 -31.54 38.40
CA LEU E 88 52.10 -32.45 37.26
C LEU E 88 53.28 -33.43 37.25
N GLU E 89 54.44 -33.01 37.76
CA GLU E 89 55.62 -33.88 37.82
C GLU E 89 55.39 -35.02 38.79
N GLN E 90 54.77 -34.73 39.96
CA GLN E 90 54.50 -35.75 40.96
C GLN E 90 53.37 -36.71 40.56
N ARG E 91 52.52 -36.32 39.60
CA ARG E 91 51.44 -37.16 39.13
C ARG E 91 51.69 -37.78 37.74
N GLU E 92 52.94 -37.69 37.24
CA GLU E 92 53.39 -38.23 35.95
C GLU E 92 52.60 -37.70 34.75
N GLN E 93 52.23 -36.42 34.79
CA GLN E 93 51.48 -35.77 33.70
C GLN E 93 52.18 -34.47 33.25
N LEU E 94 53.51 -34.41 33.36
CA LEU E 94 54.25 -33.21 32.98
C LEU E 94 54.76 -33.33 31.54
N GLU E 95 55.25 -34.51 31.16
CA GLU E 95 55.78 -34.77 29.82
C GLU E 95 54.64 -34.91 28.78
N ASP E 96 53.47 -35.41 29.21
CA ASP E 96 52.32 -35.62 28.34
C ASP E 96 51.65 -34.31 27.93
N VAL E 97 51.55 -33.34 28.86
CA VAL E 97 50.96 -32.02 28.63
C VAL E 97 51.80 -31.28 27.56
N GLY E 98 53.12 -31.35 27.69
CA GLY E 98 54.02 -30.72 26.74
C GLY E 98 55.31 -30.18 27.33
N GLY E 99 55.67 -30.67 28.50
CA GLY E 99 56.88 -30.23 29.19
C GLY E 99 56.71 -28.90 29.90
N PHE E 100 57.77 -28.44 30.58
CA PHE E 100 57.74 -27.16 31.28
C PHE E 100 57.67 -25.97 30.29
N ALA E 101 58.26 -26.14 29.09
CA ALA E 101 58.27 -25.13 28.04
C ALA E 101 56.86 -24.73 27.58
N TYR E 102 55.92 -25.69 27.51
CA TYR E 102 54.56 -25.38 27.10
C TYR E 102 53.85 -24.55 28.16
N LEU E 103 54.09 -24.87 29.45
CA LEU E 103 53.50 -24.15 30.58
C LEU E 103 54.05 -22.73 30.63
N ALA E 104 55.35 -22.57 30.36
CA ALA E 104 55.99 -21.25 30.36
C ALA E 104 55.59 -20.43 29.13
N ASP E 105 55.31 -21.09 27.99
CA ASP E 105 54.92 -20.46 26.73
C ASP E 105 53.53 -19.82 26.75
N LEU E 106 52.68 -20.16 27.73
CA LEU E 106 51.33 -19.61 27.80
C LEU E 106 51.34 -18.12 28.14
N ALA E 107 52.29 -17.69 28.96
CA ALA E 107 52.42 -16.28 29.33
C ALA E 107 53.07 -15.45 28.19
N LYS E 108 53.79 -16.11 27.25
CA LYS E 108 54.43 -15.47 26.11
C LYS E 108 53.37 -15.00 25.11
N ASN E 109 52.42 -15.89 24.77
CA ASN E 109 51.36 -15.57 23.83
C ASN E 109 50.24 -14.75 24.48
N THR E 110 49.96 -15.00 25.77
CA THR E 110 48.88 -14.30 26.44
C THR E 110 49.27 -13.59 27.76
N PRO E 111 49.84 -12.39 27.67
CA PRO E 111 50.15 -11.62 28.89
C PRO E 111 49.05 -10.57 29.18
N SER E 112 47.81 -10.83 28.77
CA SER E 112 46.69 -9.91 28.94
C SER E 112 45.81 -10.24 30.16
N ALA E 113 46.06 -9.56 31.27
CA ALA E 113 45.30 -9.75 32.52
C ALA E 113 43.93 -8.99 32.48
N ALA E 114 43.03 -9.22 33.48
CA ALA E 114 41.70 -8.60 33.66
C ALA E 114 40.63 -9.07 32.68
N ASN E 115 41.02 -9.46 31.45
CA ASN E 115 40.06 -9.95 30.47
C ASN E 115 39.79 -11.46 30.59
N ILE E 116 40.30 -12.12 31.64
CA ILE E 116 40.18 -13.57 31.87
C ILE E 116 38.73 -14.01 32.01
N ASN E 117 37.86 -13.14 32.54
CA ASN E 117 36.44 -13.43 32.68
C ASN E 117 35.78 -13.56 31.31
N ALA E 118 36.21 -12.77 30.32
CA ALA E 118 35.67 -12.83 28.97
C ALA E 118 36.18 -14.06 28.23
N TYR E 119 37.45 -14.44 28.45
CA TYR E 119 38.02 -15.63 27.81
C TYR E 119 37.36 -16.89 28.35
N ALA E 120 37.02 -16.91 29.65
CA ALA E 120 36.35 -18.05 30.28
C ALA E 120 34.94 -18.22 29.73
N GLU E 121 34.24 -17.10 29.46
CA GLU E 121 32.89 -17.17 28.90
C GLU E 121 32.92 -17.80 27.50
N ILE E 122 34.01 -17.61 26.74
CA ILE E 122 34.19 -18.21 25.42
C ILE E 122 34.30 -19.72 25.56
N VAL E 123 35.15 -20.19 26.48
CA VAL E 123 35.34 -21.63 26.74
C VAL E 123 34.05 -22.28 27.23
N ALA E 124 33.30 -21.58 28.08
CA ALA E 124 32.03 -22.08 28.60
C ALA E 124 30.98 -22.14 27.49
N GLU E 125 30.97 -21.15 26.59
CA GLU E 125 30.03 -21.12 25.47
C GLU E 125 30.39 -22.18 24.44
N ARG E 126 31.68 -22.45 24.21
CA ARG E 126 32.10 -23.49 23.27
C ARG E 126 31.70 -24.87 23.77
N ALA E 127 31.73 -25.09 25.10
CA ALA E 127 31.36 -26.36 25.71
C ALA E 127 29.85 -26.59 25.56
N LEU E 128 29.04 -25.53 25.69
CA LEU E 128 27.59 -25.64 25.53
C LEU E 128 27.21 -25.91 24.09
N VAL E 129 27.91 -25.29 23.13
CA VAL E 129 27.68 -25.51 21.70
C VAL E 129 28.13 -26.91 21.31
N ARG E 130 29.25 -27.38 21.87
CA ARG E 130 29.79 -28.72 21.64
C ARG E 130 28.82 -29.78 22.18
N ASN E 131 28.17 -29.51 23.33
CA ASN E 131 27.19 -30.42 23.92
C ASN E 131 25.87 -30.42 23.12
N LEU E 132 25.50 -29.26 22.56
CA LEU E 132 24.29 -29.13 21.75
C LEU E 132 24.43 -29.92 20.45
N ILE E 133 25.64 -29.94 19.86
CA ILE E 133 25.90 -30.69 18.64
C ILE E 133 25.82 -32.19 18.93
N GLY E 134 26.37 -32.61 20.06
CA GLY E 134 26.31 -34.00 20.50
C GLY E 134 24.90 -34.45 20.78
N VAL E 135 24.07 -33.56 21.34
CA VAL E 135 22.66 -33.80 21.63
C VAL E 135 21.87 -33.92 20.31
N ALA E 136 22.18 -33.07 19.34
CA ALA E 136 21.54 -33.10 18.02
C ALA E 136 21.92 -34.39 17.29
N ASN E 137 23.18 -34.81 17.42
CA ASN E 137 23.68 -36.04 16.81
C ASN E 137 23.02 -37.28 17.42
N GLU E 138 22.68 -37.22 18.72
CA GLU E 138 21.99 -38.32 19.40
C GLU E 138 20.60 -38.50 18.78
N ILE E 139 19.89 -37.38 18.52
CA ILE E 139 18.57 -37.39 17.92
C ILE E 139 18.64 -37.91 16.49
N ALA E 140 19.64 -37.46 15.73
CA ALA E 140 19.85 -37.89 14.35
C ALA E 140 20.16 -39.37 14.26
N ASP E 141 21.01 -39.89 15.15
CA ASP E 141 21.35 -41.31 15.14
C ASP E 141 20.17 -42.17 15.61
N ALA E 142 19.37 -41.66 16.56
CA ALA E 142 18.18 -42.38 17.01
C ALA E 142 17.05 -42.39 15.97
N GLY E 143 17.06 -41.43 15.05
CA GLY E 143 16.08 -41.36 13.98
C GLY E 143 16.39 -42.39 12.91
N TYR E 144 17.68 -42.55 12.59
CA TYR E 144 18.11 -43.53 11.59
C TYR E 144 18.00 -44.95 12.14
N ASP E 145 18.32 -45.14 13.42
CA ASP E 145 18.22 -46.45 14.05
C ASP E 145 17.30 -46.35 15.27
N PRO E 146 15.98 -46.51 15.06
CA PRO E 146 15.05 -46.37 16.18
C PRO E 146 15.02 -47.55 17.15
N GLN E 147 15.25 -48.78 16.65
CA GLN E 147 15.24 -50.00 17.44
C GLN E 147 13.92 -50.21 18.18
N GLY E 148 12.81 -49.96 17.50
CA GLY E 148 11.49 -50.14 18.07
C GLY E 148 10.89 -48.90 18.71
N ARG E 149 11.42 -47.71 18.35
CA ARG E 149 10.90 -46.47 18.90
C ARG E 149 9.90 -45.81 17.97
N ASN E 150 8.72 -45.49 18.50
CA ASN E 150 7.65 -44.85 17.75
C ASN E 150 7.96 -43.38 17.41
N ALA E 151 7.21 -42.79 16.47
CA ALA E 151 7.39 -41.40 16.07
C ALA E 151 7.10 -40.42 17.21
N GLU E 152 6.17 -40.79 18.10
CA GLU E 152 5.82 -39.99 19.27
C GLU E 152 6.89 -40.13 20.35
N ASP E 153 7.40 -41.36 20.54
CA ASP E 153 8.44 -41.66 21.53
C ASP E 153 9.76 -40.98 21.17
N LEU E 154 10.08 -40.96 19.87
CA LEU E 154 11.30 -40.34 19.34
C LEU E 154 11.25 -38.81 19.46
N LEU E 155 10.05 -38.22 19.38
CA LEU E 155 9.84 -36.79 19.48
C LEU E 155 10.04 -36.33 20.92
N ASP E 156 9.49 -37.10 21.88
CA ASP E 156 9.64 -36.78 23.30
C ASP E 156 11.09 -36.96 23.78
N LEU E 157 11.80 -37.93 23.19
CA LEU E 157 13.21 -38.19 23.50
C LEU E 157 14.09 -37.02 23.02
N ALA E 158 13.76 -36.46 21.85
CA ALA E 158 14.50 -35.34 21.29
C ALA E 158 14.27 -34.07 22.10
N GLU E 159 13.06 -33.89 22.63
CA GLU E 159 12.71 -32.72 23.44
C GLU E 159 13.43 -32.79 24.78
N SER E 160 13.47 -33.98 25.40
CA SER E 160 14.12 -34.17 26.70
C SER E 160 15.63 -33.90 26.66
N LYS E 161 16.27 -34.17 25.50
CA LYS E 161 17.70 -33.93 25.36
C LYS E 161 18.02 -32.42 25.24
N VAL E 162 17.14 -31.66 24.59
CA VAL E 162 17.30 -30.21 24.43
C VAL E 162 16.95 -29.50 25.75
N PHE E 163 15.90 -29.98 26.43
CA PHE E 163 15.42 -29.46 27.71
C PHE E 163 16.51 -29.51 28.77
N ALA E 164 17.35 -30.55 28.77
CA ALA E 164 18.43 -30.72 29.73
C ALA E 164 19.52 -29.65 29.57
N ILE E 165 19.74 -29.18 28.34
CA ILE E 165 20.73 -28.14 28.08
C ILE E 165 20.20 -26.78 28.55
N ALA E 166 18.90 -26.53 28.34
CA ALA E 166 18.27 -25.27 28.76
C ALA E 166 18.09 -25.15 30.28
N GLU E 167 18.16 -26.28 31.01
CA GLU E 167 18.01 -26.29 32.47
C GLU E 167 19.26 -25.73 33.16
N ALA E 168 20.45 -26.00 32.60
CA ALA E 168 21.71 -25.52 33.18
C ALA E 168 21.95 -24.03 32.95
N ARG E 169 21.58 -23.51 31.78
CA ARG E 169 21.79 -22.10 31.45
C ARG E 169 20.75 -21.19 32.14
N THR E 170 19.48 -21.62 32.20
CA THR E 170 18.43 -20.83 32.83
C THR E 170 18.48 -20.88 34.37
N SER E 171 19.14 -21.88 34.96
CA SER E 171 19.27 -21.98 36.41
C SER E 171 20.24 -20.90 36.92
N GLU E 172 21.31 -20.63 36.15
CA GLU E 172 22.31 -19.62 36.48
C GLU E 172 21.79 -18.22 36.19
N ASN E 173 21.01 -18.06 35.10
CA ASN E 173 20.52 -16.74 34.72
C ASN E 173 18.99 -16.61 34.71
N GLU E 174 18.41 -16.11 35.82
CA GLU E 174 16.99 -15.80 36.03
C GLU E 174 16.00 -17.00 35.87
N GLY E 175 14.77 -16.80 36.34
CA GLY E 175 13.69 -17.79 36.29
C GLY E 175 12.54 -17.43 37.20
N PRO E 176 11.50 -18.28 37.25
CA PRO E 176 10.35 -18.00 38.14
C PRO E 176 10.73 -18.18 39.61
N LYS E 177 10.77 -17.08 40.36
CA LYS E 177 11.17 -17.11 41.77
C LYS E 177 10.04 -17.57 42.69
N ASN E 178 10.41 -18.22 43.81
CA ASN E 178 9.46 -18.73 44.80
C ASN E 178 8.89 -17.58 45.66
N VAL E 179 7.74 -17.81 46.29
CA VAL E 179 7.05 -16.84 47.16
C VAL E 179 7.97 -16.33 48.26
N ASP E 180 8.76 -17.22 48.86
CA ASP E 180 9.70 -16.89 49.93
C ASP E 180 10.77 -15.91 49.47
N SER E 181 11.25 -16.06 48.23
CA SER E 181 12.27 -15.16 47.69
C SER E 181 11.70 -13.81 47.28
N ILE E 182 10.44 -13.77 46.82
CA ILE E 182 9.77 -12.53 46.43
C ILE E 182 9.39 -11.73 47.66
N LEU E 183 8.90 -12.40 48.70
CA LEU E 183 8.49 -11.77 49.95
C LEU E 183 9.71 -11.17 50.69
N GLU E 184 10.86 -11.84 50.60
CA GLU E 184 12.10 -11.39 51.22
C GLU E 184 12.61 -10.14 50.50
N ARG E 185 12.55 -10.14 49.16
CA ARG E 185 12.98 -9.02 48.33
C ARG E 185 12.05 -7.81 48.45
N THR E 186 10.75 -8.07 48.67
CA THR E 186 9.75 -7.01 48.82
C THR E 186 9.87 -6.35 50.18
N LEU E 187 10.04 -7.16 51.25
CA LEU E 187 10.18 -6.63 52.61
C LEU E 187 11.46 -5.80 52.77
N GLU E 188 12.54 -6.20 52.09
CA GLU E 188 13.80 -5.46 52.13
C GLU E 188 13.65 -4.10 51.42
N ARG E 189 12.85 -4.06 50.35
CA ARG E 189 12.58 -2.86 49.58
C ARG E 189 11.68 -1.90 50.36
N ILE E 190 10.68 -2.45 51.08
CA ILE E 190 9.75 -1.65 51.88
C ILE E 190 10.48 -1.03 53.10
N GLU E 191 11.37 -1.80 53.73
CA GLU E 191 12.16 -1.30 54.87
C GLU E 191 13.16 -0.21 54.44
N LEU E 192 13.65 -0.28 53.19
CA LEU E 192 14.57 0.69 52.59
C LEU E 192 13.87 2.05 52.43
N LEU E 193 12.57 2.04 52.08
CA LEU E 193 11.77 3.25 51.91
C LEU E 193 11.58 4.06 53.21
N TYR E 194 11.73 3.40 54.37
CA TYR E 194 11.63 4.07 55.67
C TYR E 194 12.79 5.03 55.87
N LYS E 195 14.00 4.64 55.42
CA LYS E 195 15.20 5.47 55.57
C LYS E 195 15.49 6.35 54.35
N THR E 196 14.52 6.55 53.45
CA THR E 196 14.74 7.42 52.29
C THR E 196 14.75 8.91 52.68
N PRO E 197 13.85 9.44 53.55
CA PRO E 197 13.98 10.84 53.95
C PRO E 197 14.79 10.96 55.25
N GLN E 198 15.79 10.08 55.44
CA GLN E 198 16.66 10.07 56.61
C GLN E 198 18.14 10.12 56.22
N ASP E 199 18.49 9.46 55.10
CA ASP E 199 19.87 9.44 54.63
C ASP E 199 20.32 10.75 53.92
N GLY E 200 19.36 11.56 53.49
CA GLY E 200 19.67 12.82 52.82
C GLY E 200 20.14 12.60 51.40
N VAL E 201 20.92 13.56 50.88
CA VAL E 201 21.44 13.45 49.52
C VAL E 201 22.53 12.40 49.45
N THR E 202 22.32 11.35 48.65
CA THR E 202 23.30 10.28 48.50
C THR E 202 24.07 10.43 47.19
N GLY E 203 24.54 11.64 46.91
CA GLY E 203 25.31 11.92 45.70
C GLY E 203 25.00 13.25 45.06
N VAL E 204 24.31 13.24 43.92
CA VAL E 204 23.98 14.45 43.19
C VAL E 204 22.80 15.20 43.80
N ASN E 205 23.03 16.46 44.21
CA ASN E 205 22.01 17.30 44.80
C ASN E 205 21.10 17.89 43.72
N THR E 206 19.78 17.67 43.85
CA THR E 206 18.81 18.19 42.88
C THR E 206 18.57 19.71 43.02
N GLY E 207 18.78 20.24 44.22
CA GLY E 207 18.57 21.65 44.50
C GLY E 207 17.24 21.94 45.17
N PHE E 208 16.24 21.08 44.95
CA PHE E 208 14.92 21.25 45.54
C PHE E 208 14.83 20.38 46.79
N THR E 209 14.66 21.00 47.96
CA THR E 209 14.58 20.29 49.23
C THR E 209 13.35 19.37 49.33
N ASP E 210 12.27 19.72 48.62
CA ASP E 210 11.06 18.90 48.59
C ASP E 210 11.29 17.64 47.77
N LEU E 211 12.03 17.76 46.65
CA LEU E 211 12.37 16.65 45.76
C LEU E 211 13.37 15.69 46.41
N ASN E 212 14.28 16.23 47.24
CA ASN E 212 15.29 15.44 47.93
C ASN E 212 14.74 14.47 48.98
N LYS E 213 13.45 14.58 49.32
CA LYS E 213 12.83 13.66 50.29
C LYS E 213 12.48 12.34 49.60
N LYS E 214 11.93 12.42 48.38
CA LYS E 214 11.54 11.24 47.62
C LYS E 214 12.70 10.69 46.78
N THR E 215 13.45 11.58 46.12
CA THR E 215 14.56 11.17 45.26
C THR E 215 15.77 10.72 46.07
N ALA E 216 16.08 11.46 47.16
CA ALA E 216 17.20 11.23 48.06
C ALA E 216 18.55 11.23 47.34
N GLY E 217 18.72 12.21 46.44
CA GLY E 217 19.93 12.33 45.66
C GLY E 217 19.86 11.54 44.38
N LEU E 218 20.44 12.08 43.29
CA LEU E 218 20.42 11.40 42.00
C LEU E 218 21.45 10.27 41.95
N GLN E 219 20.97 9.02 41.90
CA GLN E 219 21.85 7.84 41.85
C GLN E 219 22.50 7.69 40.48
N GLY E 220 23.77 7.29 40.47
CA GLY E 220 24.53 7.14 39.25
C GLY E 220 24.30 5.88 38.44
N SER E 221 24.04 4.76 39.12
CA SER E 221 23.85 3.48 38.45
C SER E 221 22.51 3.32 37.71
N ASP E 222 21.60 4.30 37.80
CA ASP E 222 20.30 4.19 37.15
C ASP E 222 19.98 5.31 36.15
N LEU E 223 19.03 5.06 35.25
CA LEU E 223 18.60 6.01 34.23
C LEU E 223 17.36 6.76 34.72
N ILE E 224 17.39 8.09 34.63
CA ILE E 224 16.27 8.93 35.04
C ILE E 224 15.62 9.57 33.81
N ILE E 225 14.34 9.29 33.56
CA ILE E 225 13.65 9.86 32.42
C ILE E 225 12.57 10.86 32.86
N VAL E 226 12.75 12.13 32.49
CA VAL E 226 11.80 13.19 32.82
C VAL E 226 10.94 13.46 31.61
N ALA E 227 9.62 13.26 31.72
CA ALA E 227 8.72 13.47 30.59
C ALA E 227 7.63 14.49 30.90
N ALA E 228 7.30 15.32 29.92
CA ALA E 228 6.26 16.34 30.07
C ALA E 228 5.61 16.66 28.75
N ARG E 229 4.30 16.94 28.78
CA ARG E 229 3.55 17.32 27.59
C ARG E 229 3.89 18.78 27.27
N PRO E 230 4.01 19.17 25.98
CA PRO E 230 4.37 20.56 25.64
C PRO E 230 3.75 21.68 26.49
N SER E 231 4.54 22.74 26.74
CA SER E 231 4.18 23.93 27.54
C SER E 231 4.34 23.74 29.06
N MET E 232 4.72 22.52 29.51
CA MET E 232 4.93 22.26 30.93
C MET E 232 6.31 22.75 31.42
N GLY E 233 7.28 22.77 30.53
CA GLY E 233 8.63 23.21 30.85
C GLY E 233 9.57 22.06 31.14
N LYS E 234 9.62 21.08 30.23
CA LYS E 234 10.50 19.93 30.41
C LYS E 234 11.95 20.33 30.26
N THR E 235 12.26 21.22 29.30
CA THR E 235 13.62 21.72 29.09
C THR E 235 14.05 22.58 30.27
N THR E 236 13.12 23.39 30.81
CA THR E 236 13.36 24.27 31.94
C THR E 236 13.69 23.48 33.21
N PHE E 237 12.97 22.38 33.45
CA PHE E 237 13.23 21.53 34.63
C PHE E 237 14.54 20.78 34.49
N ALA E 238 14.89 20.34 33.27
CA ALA E 238 16.13 19.63 33.01
C ALA E 238 17.32 20.58 33.18
N MET E 239 17.17 21.85 32.76
CA MET E 239 18.22 22.85 32.91
C MET E 239 18.46 23.20 34.38
N ASN E 240 17.37 23.24 35.17
CA ASN E 240 17.46 23.54 36.61
C ASN E 240 18.16 22.42 37.38
N LEU E 241 18.07 21.17 36.92
CA LEU E 241 18.76 20.05 37.56
C LEU E 241 20.26 20.15 37.28
N CYS E 242 20.65 20.56 36.06
CA CYS E 242 22.04 20.75 35.67
C CYS E 242 22.65 21.96 36.38
N GLU E 243 21.83 23.00 36.62
CA GLU E 243 22.22 24.24 37.30
C GLU E 243 22.81 23.96 38.68
N ASN E 244 22.10 23.17 39.50
CA ASN E 244 22.54 22.84 40.85
C ASN E 244 23.66 21.81 40.87
N ALA E 245 23.70 20.90 39.89
CA ALA E 245 24.74 19.89 39.81
C ALA E 245 26.10 20.49 39.43
N ALA E 246 26.10 21.55 38.61
CA ALA E 246 27.35 22.20 38.21
C ALA E 246 27.95 23.06 39.33
N MET E 247 27.13 23.53 40.28
CA MET E 247 27.62 24.35 41.38
C MET E 247 27.94 23.53 42.62
N GLU E 248 27.09 22.57 42.97
CA GLU E 248 27.31 21.74 44.17
C GLU E 248 28.36 20.65 43.95
N GLN E 249 28.21 19.84 42.88
CA GLN E 249 29.15 18.76 42.62
C GLN E 249 30.42 19.29 41.95
N ASP E 250 31.58 18.75 42.37
CA ASP E 250 32.88 19.15 41.83
C ASP E 250 33.11 18.64 40.40
N LYS E 251 32.57 17.46 40.08
CA LYS E 251 32.73 16.88 38.75
C LYS E 251 31.83 17.58 37.71
N PRO E 252 32.29 17.75 36.47
CA PRO E 252 31.50 18.49 35.48
C PRO E 252 30.24 17.80 34.96
N VAL E 253 29.31 18.59 34.42
CA VAL E 253 28.06 18.10 33.83
C VAL E 253 28.14 18.12 32.31
N LEU E 254 27.48 17.16 31.66
CA LEU E 254 27.49 17.08 30.19
C LEU E 254 26.07 17.17 29.64
N ILE E 255 25.81 18.14 28.75
CA ILE E 255 24.48 18.30 28.17
C ILE E 255 24.50 18.14 26.65
N PHE E 256 23.69 17.19 26.14
CA PHE E 256 23.58 16.96 24.70
C PHE E 256 22.40 17.75 24.17
N SER E 257 22.67 18.85 23.47
CA SER E 257 21.63 19.69 22.92
C SER E 257 21.20 19.26 21.51
N LEU E 258 19.91 18.96 21.35
CA LEU E 258 19.36 18.55 20.07
C LEU E 258 18.19 19.45 19.67
N GLU E 259 17.36 19.84 20.65
CA GLU E 259 16.19 20.69 20.43
C GLU E 259 16.60 22.13 20.14
N MET E 260 17.50 22.69 20.95
CA MET E 260 17.95 24.07 20.80
C MET E 260 19.48 24.17 20.90
N PRO E 261 20.11 25.15 20.24
CA PRO E 261 21.58 25.26 20.31
C PRO E 261 22.12 25.66 21.69
N ALA E 262 23.44 25.56 21.87
CA ALA E 262 24.11 25.91 23.13
C ALA E 262 23.94 27.38 23.51
N GLU E 263 23.72 28.26 22.53
CA GLU E 263 23.53 29.69 22.78
C GLU E 263 22.19 29.92 23.47
N GLN E 264 21.12 29.26 23.00
CA GLN E 264 19.79 29.37 23.60
C GLN E 264 19.75 28.72 25.00
N ILE E 265 20.50 27.63 25.18
CA ILE E 265 20.61 26.93 26.45
C ILE E 265 21.32 27.82 27.48
N MET E 266 22.37 28.53 27.05
CA MET E 266 23.11 29.43 27.94
C MET E 266 22.29 30.69 28.26
N MET E 267 21.46 31.15 27.32
CA MET E 267 20.59 32.31 27.53
C MET E 267 19.53 31.97 28.59
N ARG E 268 18.98 30.76 28.53
CA ARG E 268 17.98 30.27 29.48
C ARG E 268 18.60 30.05 30.86
N MET E 269 19.85 29.56 30.90
CA MET E 269 20.57 29.32 32.15
C MET E 269 20.97 30.63 32.83
N LEU E 270 21.25 31.68 32.04
CA LEU E 270 21.60 33.00 32.57
C LEU E 270 20.39 33.67 33.25
N ALA E 271 19.18 33.39 32.75
CA ALA E 271 17.95 33.93 33.31
C ALA E 271 17.67 33.35 34.69
N SER E 272 17.97 32.06 34.89
CA SER E 272 17.77 31.41 36.19
C SER E 272 18.87 31.79 37.18
N LEU E 273 20.09 32.03 36.69
CA LEU E 273 21.23 32.40 37.53
C LEU E 273 21.15 33.81 38.10
N SER E 274 20.39 34.70 37.45
CA SER E 274 20.28 36.08 37.91
C SER E 274 18.85 36.55 38.18
N ARG E 275 17.85 35.67 37.99
CA ARG E 275 16.42 35.96 38.16
C ARG E 275 15.90 37.11 37.27
N VAL E 276 16.61 37.38 36.16
CA VAL E 276 16.20 38.42 35.21
C VAL E 276 15.29 37.78 34.17
N ASP E 277 14.15 38.43 33.87
CA ASP E 277 13.15 37.91 32.92
C ASP E 277 13.75 37.45 31.58
N GLN E 278 13.38 36.23 31.18
CA GLN E 278 13.84 35.55 29.97
C GLN E 278 13.80 36.41 28.72
N THR E 279 12.73 37.21 28.56
CA THR E 279 12.53 38.08 27.40
C THR E 279 13.68 39.05 27.16
N LYS E 280 14.21 39.68 28.22
CA LYS E 280 15.29 40.66 28.10
C LYS E 280 16.60 40.09 27.56
N ILE E 281 16.93 38.83 27.90
CA ILE E 281 18.17 38.22 27.45
C ILE E 281 18.12 37.86 25.96
N ARG E 282 17.04 37.21 25.51
CA ARG E 282 16.91 36.84 24.10
C ARG E 282 16.54 38.02 23.18
N THR E 283 16.20 39.19 23.74
CA THR E 283 15.87 40.37 22.95
C THR E 283 17.09 41.29 22.87
N GLY E 284 17.78 41.46 23.99
CA GLY E 284 18.96 42.31 24.07
C GLY E 284 18.76 43.54 24.91
N GLN E 285 17.65 44.25 24.70
CA GLN E 285 17.36 45.48 25.44
C GLN E 285 17.05 45.23 26.91
N LEU E 286 17.96 45.66 27.80
CA LEU E 286 17.79 45.50 29.24
C LEU E 286 18.42 46.66 30.04
N ASP E 287 17.95 46.86 31.27
CA ASP E 287 18.43 47.92 32.16
C ASP E 287 19.85 47.68 32.70
N ASP E 288 20.48 48.72 33.28
CA ASP E 288 21.81 48.67 33.90
C ASP E 288 21.82 47.69 35.09
N GLU E 289 20.69 47.58 35.81
CA GLU E 289 20.52 46.66 36.93
C GLU E 289 20.60 45.22 36.44
N ASP E 290 19.98 44.93 35.28
CA ASP E 290 19.97 43.61 34.67
C ASP E 290 21.36 43.24 34.16
N TRP E 291 22.13 44.21 33.64
CA TRP E 291 23.49 43.95 33.16
C TRP E 291 24.41 43.60 34.34
N ALA E 292 24.20 44.22 35.50
CA ALA E 292 25.01 43.94 36.68
C ALA E 292 24.81 42.50 37.13
N ARG E 293 23.55 42.01 37.09
CA ARG E 293 23.23 40.65 37.48
C ARG E 293 23.78 39.60 36.52
N ILE E 294 23.95 39.95 35.24
CA ILE E 294 24.48 39.01 34.26
C ILE E 294 25.99 38.84 34.41
N SER E 295 26.73 39.95 34.54
CA SER E 295 28.18 39.90 34.70
C SER E 295 28.64 39.37 36.07
N SER E 296 27.76 39.39 37.06
CA SER E 296 28.07 38.90 38.41
C SER E 296 28.04 37.37 38.44
N THR E 297 27.05 36.77 37.79
CA THR E 297 26.96 35.31 37.72
C THR E 297 27.94 34.69 36.71
N MET E 298 28.52 35.52 35.83
CA MET E 298 29.50 35.10 34.83
C MET E 298 30.79 34.61 35.50
N GLY E 299 31.22 35.33 36.53
CA GLY E 299 32.43 35.00 37.27
C GLY E 299 32.31 33.74 38.11
N ILE E 300 31.10 33.46 38.59
CA ILE E 300 30.82 32.27 39.39
C ILE E 300 30.90 31.03 38.49
N LEU E 301 30.34 31.12 37.27
CA LEU E 301 30.36 30.04 36.29
C LEU E 301 31.77 29.82 35.74
N MET E 302 32.57 30.89 35.61
CA MET E 302 33.93 30.80 35.10
C MET E 302 34.89 30.15 36.10
N GLU E 303 34.59 30.24 37.40
CA GLU E 303 35.45 29.63 38.43
C GLU E 303 35.22 28.12 38.52
N LYS E 304 33.96 27.68 38.35
CA LYS E 304 33.63 26.27 38.45
C LYS E 304 34.02 25.48 37.21
N LYS E 305 33.66 25.97 36.01
CA LYS E 305 33.95 25.33 34.73
C LYS E 305 33.45 23.87 34.64
N ASN E 306 32.13 23.66 34.63
CA ASN E 306 31.56 22.31 34.57
C ASN E 306 30.55 22.12 33.42
N MET E 307 30.03 23.20 32.85
CA MET E 307 29.05 23.14 31.76
C MET E 307 29.64 22.78 30.38
N TYR E 308 29.50 21.52 29.97
CA TYR E 308 29.97 21.09 28.66
C TYR E 308 28.76 20.78 27.79
N ILE E 309 28.49 21.61 26.77
CA ILE E 309 27.32 21.43 25.91
C ILE E 309 27.72 21.01 24.49
N ASP E 310 26.99 20.05 23.92
CA ASP E 310 27.23 19.58 22.56
C ASP E 310 26.01 19.94 21.70
N ASP E 311 26.11 20.99 20.88
CA ASP E 311 25.00 21.43 20.04
C ASP E 311 24.94 20.70 18.68
N SER E 312 24.94 19.36 18.70
CA SER E 312 24.88 18.57 17.49
C SER E 312 23.46 18.04 17.28
N SER E 313 22.86 18.29 16.11
CA SER E 313 21.50 17.86 15.83
C SER E 313 21.42 16.37 15.51
N GLY E 314 22.38 15.87 14.73
CA GLY E 314 22.42 14.47 14.36
C GLY E 314 23.24 13.64 15.32
N LEU E 315 22.61 13.11 16.37
CA LEU E 315 23.31 12.32 17.37
C LEU E 315 22.87 10.86 17.42
N THR E 316 23.80 9.94 17.22
CA THR E 316 23.53 8.51 17.27
C THR E 316 23.96 7.96 18.64
N PRO E 317 23.33 6.88 19.14
CA PRO E 317 23.75 6.33 20.45
C PRO E 317 25.22 5.96 20.56
N THR E 318 25.88 5.71 19.42
CA THR E 318 27.30 5.40 19.37
C THR E 318 28.10 6.67 19.68
N GLU E 319 27.72 7.79 19.05
CA GLU E 319 28.35 9.10 19.25
C GLU E 319 28.09 9.66 20.64
N VAL E 320 26.94 9.34 21.26
CA VAL E 320 26.59 9.81 22.59
C VAL E 320 27.50 9.14 23.63
N ARG E 321 27.66 7.82 23.54
CA ARG E 321 28.51 7.07 24.46
C ARG E 321 29.99 7.41 24.28
N SER E 322 30.41 7.71 23.06
CA SER E 322 31.81 8.04 22.79
C SER E 322 32.16 9.42 23.33
N ARG E 323 31.27 10.40 23.16
CA ARG E 323 31.51 11.75 23.66
C ARG E 323 31.42 11.85 25.18
N ALA E 324 30.61 10.98 25.82
CA ALA E 324 30.50 10.98 27.28
C ALA E 324 31.74 10.34 27.91
N ARG E 325 32.24 9.26 27.31
CA ARG E 325 33.43 8.57 27.79
C ARG E 325 34.69 9.43 27.58
N ARG E 326 34.72 10.26 26.53
CA ARG E 326 35.86 11.14 26.23
C ARG E 326 36.00 12.26 27.25
N ILE E 327 34.88 12.92 27.60
CA ILE E 327 34.91 14.02 28.57
C ILE E 327 35.22 13.51 29.97
N ALA E 328 34.67 12.35 30.34
CA ALA E 328 34.93 11.74 31.65
C ALA E 328 36.40 11.31 31.80
N ARG E 329 37.04 10.94 30.70
CA ARG E 329 38.44 10.54 30.71
C ARG E 329 39.36 11.76 30.83
N GLU E 330 38.97 12.89 30.20
CA GLU E 330 39.75 14.12 30.23
C GLU E 330 39.73 14.82 31.59
N HIS E 331 38.56 14.91 32.24
CA HIS E 331 38.45 15.63 33.51
C HIS E 331 38.21 14.72 34.71
N GLY E 332 38.81 13.53 34.72
CA GLY E 332 38.68 12.60 35.83
C GLY E 332 37.40 11.78 35.81
N GLY E 333 36.27 12.46 35.74
CA GLY E 333 34.97 11.81 35.70
C GLY E 333 33.83 12.80 35.62
N LEU E 334 32.70 12.37 35.07
CA LEU E 334 31.52 13.23 34.94
C LEU E 334 30.66 13.20 36.23
N SER E 335 29.52 13.92 36.25
CA SER E 335 28.64 13.95 37.41
C SER E 335 27.17 13.80 37.02
N LEU E 336 26.78 14.31 35.85
CA LEU E 336 25.40 14.23 35.37
C LEU E 336 25.33 14.42 33.86
N ILE E 337 24.72 13.48 33.14
CA ILE E 337 24.58 13.58 31.69
C ILE E 337 23.12 13.83 31.33
N MET E 338 22.82 14.95 30.68
CA MET E 338 21.45 15.29 30.31
C MET E 338 21.25 15.28 28.79
N VAL E 339 20.15 14.69 28.32
CA VAL E 339 19.82 14.63 26.90
C VAL E 339 18.61 15.54 26.65
N ASP E 340 18.67 16.41 25.63
CA ASP E 340 17.58 17.34 25.35
C ASP E 340 16.33 16.63 24.81
N TYR E 341 16.49 15.63 23.95
CA TYR E 341 15.34 14.90 23.40
C TYR E 341 15.70 13.45 23.15
N LEU E 342 14.85 12.53 23.60
CA LEU E 342 15.06 11.11 23.39
C LEU E 342 14.70 10.74 21.94
N GLN E 343 13.63 11.34 21.40
CA GLN E 343 13.15 11.08 20.06
C GLN E 343 14.02 11.72 18.97
N LEU E 344 14.78 12.78 19.29
CA LEU E 344 15.66 13.42 18.31
C LEU E 344 16.90 12.59 17.98
N MET E 345 17.31 11.70 18.91
CA MET E 345 18.42 10.79 18.68
C MET E 345 17.99 9.71 17.67
N ARG E 346 18.92 9.23 16.85
CA ARG E 346 18.57 8.21 15.86
C ARG E 346 19.65 7.17 15.66
N VAL E 347 19.23 5.92 15.44
CA VAL E 347 20.17 4.84 15.16
C VAL E 347 20.01 4.43 13.70
N PRO E 348 21.09 4.50 12.90
CA PRO E 348 20.97 4.19 11.47
C PRO E 348 20.56 2.77 11.14
N ALA E 349 20.86 1.82 12.04
CA ALA E 349 20.50 0.42 11.84
C ALA E 349 19.00 0.17 12.03
N LEU E 350 18.32 1.01 12.84
CA LEU E 350 16.89 0.83 13.09
C LEU E 350 16.05 2.02 12.59
N THR E 351 16.40 2.57 11.43
CA THR E 351 15.66 3.71 10.85
C THR E 351 14.26 3.31 10.33
N ASP E 352 14.08 2.05 9.94
CA ASP E 352 12.80 1.58 9.44
C ASP E 352 11.80 1.35 10.59
N ASN E 353 12.20 0.58 11.60
CA ASN E 353 11.33 0.30 12.73
C ASN E 353 11.49 1.37 13.81
N ARG E 354 10.45 2.17 14.02
CA ARG E 354 10.47 3.23 15.03
C ARG E 354 10.30 2.68 16.45
N THR E 355 9.55 1.58 16.59
CA THR E 355 9.31 0.95 17.90
C THR E 355 10.58 0.41 18.52
N LEU E 356 11.39 -0.33 17.75
CA LEU E 356 12.65 -0.87 18.25
C LEU E 356 13.81 0.14 18.27
N GLU E 357 13.62 1.33 17.67
CA GLU E 357 14.63 2.38 17.65
C GLU E 357 14.67 3.05 19.02
N ILE E 358 13.48 3.35 19.59
CA ILE E 358 13.36 3.99 20.91
C ILE E 358 13.83 3.04 22.02
N ALA E 359 13.54 1.73 21.88
CA ALA E 359 13.95 0.73 22.85
C ALA E 359 15.47 0.54 22.87
N GLU E 360 16.14 0.75 21.73
CA GLU E 360 17.60 0.62 21.65
C GLU E 360 18.27 1.85 22.26
N ILE E 361 17.69 3.05 22.04
CA ILE E 361 18.22 4.29 22.61
C ILE E 361 18.07 4.28 24.13
N SER E 362 16.92 3.79 24.63
CA SER E 362 16.66 3.69 26.06
C SER E 362 17.64 2.71 26.74
N ARG E 363 18.02 1.64 26.02
CA ARG E 363 18.95 0.64 26.51
C ARG E 363 20.39 1.21 26.51
N SER E 364 20.75 1.93 25.44
CA SER E 364 22.06 2.53 25.29
C SER E 364 22.30 3.62 26.33
N LEU E 365 21.27 4.39 26.66
CA LEU E 365 21.38 5.45 27.68
C LEU E 365 21.50 4.85 29.09
N LYS E 366 20.83 3.71 29.33
CA LYS E 366 20.90 3.02 30.62
C LYS E 366 22.29 2.40 30.80
N ALA E 367 22.86 1.85 29.71
CA ALA E 367 24.20 1.25 29.74
C ALA E 367 25.28 2.30 29.99
N LEU E 368 25.06 3.54 29.53
CA LEU E 368 25.98 4.65 29.74
C LEU E 368 25.99 5.05 31.22
N ALA E 369 24.80 5.02 31.86
CA ALA E 369 24.65 5.34 33.29
C ALA E 369 25.25 4.27 34.19
N LYS E 370 25.31 3.02 33.72
CA LYS E 370 25.89 1.93 34.49
C LYS E 370 27.42 1.94 34.34
N GLU E 371 27.92 2.19 33.13
CA GLU E 371 29.35 2.23 32.85
C GLU E 371 30.04 3.43 33.47
N LEU E 372 29.50 4.63 33.26
CA LEU E 372 30.10 5.86 33.81
C LEU E 372 29.72 6.12 35.28
N ASN E 373 28.69 5.44 35.79
CA ASN E 373 28.18 5.56 37.16
C ASN E 373 27.73 6.98 37.49
N VAL E 374 27.10 7.65 36.52
CA VAL E 374 26.60 9.03 36.69
C VAL E 374 25.12 9.11 36.34
N PRO E 375 24.32 9.88 37.10
CA PRO E 375 22.88 9.95 36.79
C PRO E 375 22.59 10.55 35.43
N VAL E 376 21.84 9.81 34.60
CA VAL E 376 21.50 10.28 33.26
C VAL E 376 20.07 10.77 33.17
N VAL E 377 19.88 12.07 32.96
CA VAL E 377 18.55 12.65 32.84
C VAL E 377 18.16 12.76 31.37
N ALA E 378 17.45 11.75 30.87
CA ALA E 378 17.01 11.73 29.47
C ALA E 378 15.62 12.32 29.35
N LEU E 379 15.48 13.40 28.60
CA LEU E 379 14.19 14.07 28.43
C LEU E 379 13.37 13.39 27.33
N SER E 380 12.07 13.20 27.57
CA SER E 380 11.17 12.60 26.59
C SER E 380 9.82 13.33 26.54
N GLN E 381 9.07 13.15 25.45
CA GLN E 381 7.77 13.81 25.32
C GLN E 381 6.62 12.81 25.34
N LEU E 382 5.55 13.15 26.04
CA LEU E 382 4.35 12.32 26.15
C LEU E 382 3.51 12.33 24.87
N ASN E 383 2.74 11.26 24.64
CA ASN E 383 1.88 11.16 23.48
C ASN E 383 0.63 12.05 23.66
N ARG E 384 -0.03 12.40 22.55
CA ARG E 384 -1.23 13.24 22.61
C ARG E 384 -2.49 12.50 23.08
N SER E 385 -2.34 11.29 23.64
CA SER E 385 -3.44 10.48 24.13
C SER E 385 -4.04 11.03 25.41
N LEU E 386 -3.23 11.65 26.27
CA LEU E 386 -3.75 12.21 27.52
C LEU E 386 -4.54 13.53 27.35
N GLU E 387 -4.50 14.13 26.15
CA GLU E 387 -5.24 15.37 25.86
C GLU E 387 -6.74 15.07 25.77
N GLN E 388 -7.11 13.95 25.15
CA GLN E 388 -8.51 13.53 25.02
C GLN E 388 -9.06 12.86 26.30
N ARG E 389 -8.18 12.53 27.27
CA ARG E 389 -8.53 11.87 28.52
C ARG E 389 -9.27 12.79 29.50
N ALA E 390 -9.03 14.12 29.40
CA ALA E 390 -9.60 15.17 30.27
C ALA E 390 -9.09 15.13 31.73
N ASP E 391 -8.37 14.06 32.12
CA ASP E 391 -7.76 13.94 33.44
C ASP E 391 -6.50 14.82 33.51
N LYS E 392 -5.76 14.90 32.37
CA LYS E 392 -4.56 15.70 32.14
C LYS E 392 -3.34 15.30 32.97
N ARG E 393 -3.49 14.40 33.95
CA ARG E 393 -2.37 13.96 34.76
C ARG E 393 -1.64 12.81 34.06
N PRO E 394 -0.37 13.02 33.69
CA PRO E 394 0.35 11.97 32.97
C PRO E 394 0.69 10.75 33.82
N VAL E 395 0.23 9.58 33.38
CA VAL E 395 0.49 8.32 34.07
C VAL E 395 1.66 7.59 33.36
N ASN E 396 2.41 6.75 34.08
CA ASN E 396 3.57 6.05 33.53
C ASN E 396 3.25 5.18 32.30
N SER E 397 1.99 4.77 32.13
CA SER E 397 1.58 3.97 30.99
C SER E 397 1.41 4.79 29.70
N ASP E 398 1.34 6.13 29.80
CA ASP E 398 1.20 7.01 28.63
C ASP E 398 2.50 7.06 27.82
N LEU E 399 3.65 7.00 28.50
CA LEU E 399 4.95 7.04 27.82
C LEU E 399 5.32 5.71 27.14
N ARG E 400 4.61 4.61 27.46
CA ARG E 400 4.83 3.30 26.87
C ARG E 400 4.55 3.32 25.35
N GLU E 401 3.58 4.14 24.91
CA GLU E 401 3.21 4.31 23.50
C GLU E 401 4.39 4.84 22.68
N SER E 402 5.24 5.69 23.29
CA SER E 402 6.40 6.26 22.63
C SER E 402 7.50 5.21 22.44
N GLY E 403 7.69 4.36 23.45
CA GLY E 403 8.70 3.31 23.39
C GLY E 403 8.85 2.55 24.69
N SER E 404 9.70 1.52 24.69
CA SER E 404 9.92 0.69 25.87
C SER E 404 10.96 1.35 26.78
N ILE E 405 10.49 2.13 27.76
CA ILE E 405 11.39 2.83 28.69
C ILE E 405 11.21 2.40 30.15
N GLU E 406 10.06 1.80 30.50
CA GLU E 406 9.76 1.39 31.87
C GLU E 406 10.72 0.32 32.39
N GLN E 407 11.08 -0.64 31.54
CA GLN E 407 12.00 -1.70 31.93
C GLN E 407 13.46 -1.24 32.02
N ASP E 408 13.82 -0.15 31.33
CA ASP E 408 15.20 0.34 31.35
C ASP E 408 15.42 1.44 32.40
N ALA E 409 14.60 2.49 32.40
CA ALA E 409 14.76 3.58 33.35
C ALA E 409 14.18 3.23 34.71
N ASP E 410 14.90 3.59 35.78
CA ASP E 410 14.44 3.31 37.14
C ASP E 410 13.59 4.44 37.69
N LEU E 411 14.02 5.70 37.48
CA LEU E 411 13.27 6.86 37.97
C LEU E 411 12.55 7.59 36.83
N ILE E 412 11.21 7.59 36.86
CA ILE E 412 10.41 8.25 35.85
C ILE E 412 9.52 9.30 36.52
N MET E 413 9.82 10.59 36.33
CA MET E 413 9.03 11.67 36.92
C MET E 413 8.37 12.54 35.86
N PHE E 414 7.11 12.93 36.09
CA PHE E 414 6.38 13.77 35.13
C PHE E 414 6.15 15.18 35.66
N ILE E 415 6.03 16.15 34.75
CA ILE E 415 5.81 17.54 35.13
C ILE E 415 4.38 17.94 34.81
N TYR E 416 3.59 18.31 35.83
CA TYR E 416 2.21 18.70 35.61
C TYR E 416 1.84 20.01 36.33
N ARG E 417 1.57 21.06 35.56
CA ARG E 417 1.16 22.34 36.12
C ARG E 417 -0.33 22.49 35.84
N ASP E 418 -1.14 22.75 36.88
CA ASP E 418 -2.59 22.86 36.73
C ASP E 418 -3.05 24.11 35.99
N GLU E 419 -2.20 25.14 35.91
CA GLU E 419 -2.57 26.38 35.20
C GLU E 419 -2.47 26.29 33.67
N VAL E 420 -1.88 25.21 33.14
CA VAL E 420 -1.72 25.05 31.69
C VAL E 420 -3.05 24.65 31.06
N TYR E 421 -3.77 23.71 31.68
CA TYR E 421 -5.05 23.24 31.14
C TYR E 421 -6.25 24.00 31.71
N HIS E 422 -6.16 24.46 32.97
CA HIS E 422 -7.27 25.17 33.59
C HIS E 422 -6.84 26.55 34.07
N PRO E 423 -7.52 27.61 33.61
CA PRO E 423 -7.14 28.97 34.04
C PRO E 423 -7.57 29.31 35.47
N ASP E 424 -8.67 28.72 35.94
CA ASP E 424 -9.19 28.95 37.29
C ASP E 424 -8.69 27.89 38.29
N SER E 425 -7.49 27.36 38.07
CA SER E 425 -6.90 26.32 38.90
C SER E 425 -6.37 26.88 40.22
N PRO E 426 -6.45 26.09 41.31
CA PRO E 426 -5.89 26.57 42.59
C PRO E 426 -4.37 26.62 42.60
N LEU E 427 -3.71 25.74 41.82
CA LEU E 427 -2.25 25.70 41.73
C LEU E 427 -1.77 26.77 40.74
N LYS E 428 -1.91 28.04 41.11
CA LYS E 428 -1.49 29.13 40.25
C LYS E 428 0.00 29.34 40.33
N GLY E 429 0.71 28.90 39.29
CA GLY E 429 2.16 29.02 39.23
C GLY E 429 2.87 27.92 40.01
N THR E 430 2.26 26.73 40.07
CA THR E 430 2.86 25.61 40.79
C THR E 430 2.76 24.33 39.98
N ALA E 431 3.91 23.78 39.59
CA ALA E 431 3.95 22.54 38.82
C ALA E 431 4.38 21.40 39.74
N GLU E 432 3.58 20.33 39.82
CA GLU E 432 3.92 19.20 40.68
C GLU E 432 4.67 18.10 39.96
N ILE E 433 5.90 17.83 40.40
CA ILE E 433 6.72 16.77 39.81
C ILE E 433 6.21 15.44 40.36
N ILE E 434 5.33 14.79 39.61
CA ILE E 434 4.74 13.52 40.04
C ILE E 434 5.61 12.33 39.65
N ILE E 435 6.20 11.66 40.64
CA ILE E 435 7.04 10.49 40.39
C ILE E 435 6.15 9.26 40.16
N GLY E 436 6.20 8.71 38.96
CA GLY E 436 5.40 7.56 38.62
C GLY E 436 6.09 6.22 38.80
N LYS E 437 7.43 6.23 38.83
CA LYS E 437 8.19 4.99 39.00
C LYS E 437 9.56 5.29 39.63
N GLN E 438 9.95 4.51 40.65
CA GLN E 438 11.24 4.66 41.31
C GLN E 438 11.60 3.39 42.08
N ARG E 439 12.65 2.70 41.65
CA ARG E 439 13.07 1.45 42.31
C ARG E 439 13.83 1.70 43.61
N ASN E 440 14.71 2.69 43.63
CA ASN E 440 15.52 2.99 44.80
C ASN E 440 14.76 3.65 45.96
N GLY E 441 13.95 4.65 45.64
CA GLY E 441 13.18 5.39 46.64
C GLY E 441 11.68 5.34 46.43
N PRO E 442 10.93 6.07 47.27
CA PRO E 442 9.47 6.06 47.15
C PRO E 442 8.92 7.02 46.10
N ILE E 443 7.68 6.81 45.68
CA ILE E 443 7.04 7.66 44.67
C ILE E 443 5.96 8.57 45.29
N GLY E 444 5.62 9.65 44.59
CA GLY E 444 4.61 10.58 45.07
C GLY E 444 4.60 11.89 44.31
N SER E 445 3.56 12.71 44.54
CA SER E 445 3.43 14.00 43.88
C SER E 445 4.14 15.08 44.70
N VAL E 446 5.25 15.61 44.20
CA VAL E 446 6.01 16.63 44.90
C VAL E 446 5.75 18.02 44.31
N ARG E 447 5.00 18.86 45.02
CA ARG E 447 4.68 20.20 44.55
C ARG E 447 5.84 21.18 44.65
N LEU E 448 6.11 21.89 43.56
CA LEU E 448 7.19 22.89 43.48
C LEU E 448 6.68 24.09 42.69
N THR E 449 6.96 25.32 43.15
CA THR E 449 6.51 26.51 42.44
C THR E 449 7.33 26.76 41.17
N PHE E 450 6.72 27.41 40.17
CA PHE E 450 7.39 27.66 38.90
C PHE E 450 7.21 29.10 38.42
N GLN E 451 8.31 29.73 37.99
CA GLN E 451 8.28 31.09 37.47
C GLN E 451 8.61 31.08 35.98
N GLY E 452 7.59 31.11 35.15
CA GLY E 452 7.74 31.09 33.69
C GLY E 452 8.28 32.37 33.09
N HIS E 453 8.29 33.46 33.86
CA HIS E 453 8.79 34.76 33.39
C HIS E 453 10.31 34.76 33.22
N TYR E 454 11.03 33.95 34.02
CA TYR E 454 12.48 33.89 33.90
C TYR E 454 13.04 32.47 34.01
N SER E 455 12.22 31.45 33.69
CA SER E 455 12.59 30.03 33.70
C SER E 455 13.34 29.59 34.96
N ARG E 456 12.64 29.50 36.09
CA ARG E 456 13.28 29.11 37.35
C ARG E 456 12.33 28.35 38.29
N PHE E 457 12.56 27.05 38.46
CA PHE E 457 11.75 26.24 39.37
C PHE E 457 12.24 26.47 40.80
N ASP E 458 11.31 26.67 41.73
CA ASP E 458 11.66 26.93 43.12
C ASP E 458 10.89 26.04 44.12
N ASN E 459 11.27 26.07 45.41
CA ASN E 459 10.63 25.28 46.45
C ASN E 459 9.27 25.87 46.82
N TYR E 460 8.25 25.01 46.91
CA TYR E 460 6.89 25.45 47.27
C TYR E 460 6.77 25.53 48.79
N ALA E 461 6.19 26.62 49.29
CA ALA E 461 6.07 26.82 50.74
C ALA E 461 4.67 26.48 51.30
N GLY E 462 3.60 27.06 50.75
CA GLY E 462 2.26 26.82 51.26
C GLY E 462 1.18 27.60 50.55
N PRO E 463 -0.08 27.14 50.66
CA PRO E 463 -1.18 27.82 49.98
C PRO E 463 -1.66 29.07 50.71
N ALA E 464 -1.04 30.22 50.43
CA ALA E 464 -1.43 31.48 51.05
C ALA E 464 -2.64 32.05 50.32
N PHE E 465 -3.74 32.30 51.05
CA PHE E 465 -4.96 32.85 50.45
C PHE E 465 -5.72 33.71 51.44
N ILE F 21 25.37 -47.06 6.99
CA ILE F 21 24.96 -46.07 6.00
C ILE F 21 23.66 -45.40 6.44
N LYS F 22 23.65 -44.06 6.52
CA LYS F 22 22.49 -43.29 6.95
C LYS F 22 21.38 -43.26 5.90
N VAL F 23 20.52 -44.29 5.92
CA VAL F 23 19.39 -44.40 5.00
C VAL F 23 18.17 -43.69 5.59
N PRO F 24 17.58 -42.74 4.84
CA PRO F 24 16.45 -41.97 5.37
C PRO F 24 15.24 -42.81 5.80
N PRO F 25 14.53 -42.36 6.86
CA PRO F 25 13.35 -43.11 7.31
C PRO F 25 12.21 -42.95 6.31
N HIS F 26 12.02 -43.98 5.51
CA HIS F 26 11.01 -43.97 4.46
C HIS F 26 10.48 -45.39 4.22
N SER F 27 9.37 -45.50 3.48
CA SER F 27 8.83 -46.80 3.13
C SER F 27 8.18 -46.72 1.77
N LEU F 28 8.97 -46.92 0.70
CA LEU F 28 8.49 -46.88 -0.67
C LEU F 28 7.41 -47.93 -0.95
N GLU F 29 7.46 -49.06 -0.23
CA GLU F 29 6.48 -50.14 -0.36
C GLU F 29 5.12 -49.68 0.19
N ALA F 30 5.13 -48.91 1.29
CA ALA F 30 3.90 -48.40 1.90
C ALA F 30 3.26 -47.31 1.05
N GLU F 31 4.07 -46.51 0.34
CA GLU F 31 3.54 -45.46 -0.51
C GLU F 31 2.83 -46.05 -1.73
N GLN F 32 3.36 -47.16 -2.27
CA GLN F 32 2.77 -47.83 -3.42
C GLN F 32 1.42 -48.46 -3.08
N SER F 33 1.23 -48.91 -1.84
CA SER F 33 -0.02 -49.51 -1.43
C SER F 33 -1.12 -48.46 -1.16
N VAL F 34 -0.73 -47.23 -0.79
CA VAL F 34 -1.71 -46.17 -0.57
C VAL F 34 -2.25 -45.71 -1.92
N ILE F 35 -1.35 -45.48 -2.88
CA ILE F 35 -1.70 -45.07 -4.24
C ILE F 35 -2.48 -46.19 -4.95
N GLY F 36 -1.96 -47.41 -4.86
CA GLY F 36 -2.58 -48.57 -5.49
C GLY F 36 -3.93 -48.91 -4.89
N GLY F 37 -4.08 -48.69 -3.60
CA GLY F 37 -5.33 -48.95 -2.90
C GLY F 37 -6.39 -47.93 -3.24
N LEU F 38 -5.98 -46.68 -3.46
CA LEU F 38 -6.92 -45.61 -3.82
C LEU F 38 -7.48 -45.79 -5.23
N LEU F 39 -6.73 -46.47 -6.12
CA LEU F 39 -7.20 -46.75 -7.48
C LEU F 39 -8.23 -47.88 -7.48
N LEU F 40 -8.08 -48.85 -6.56
CA LEU F 40 -9.01 -49.98 -6.45
C LEU F 40 -10.27 -49.58 -5.69
N ASP F 41 -10.11 -48.77 -4.63
CA ASP F 41 -11.25 -48.34 -3.83
C ASP F 41 -11.22 -46.82 -3.66
N ASN F 42 -12.06 -46.12 -4.40
CA ASN F 42 -12.12 -44.66 -4.33
C ASN F 42 -12.81 -44.15 -3.06
N GLU F 43 -13.66 -44.97 -2.43
CA GLU F 43 -14.36 -44.59 -1.21
C GLU F 43 -13.46 -44.53 0.03
N ARG F 44 -12.21 -45.02 -0.08
CA ARG F 44 -11.27 -44.96 1.04
C ARG F 44 -10.71 -43.57 1.30
N TRP F 45 -10.75 -42.67 0.29
CA TRP F 45 -10.23 -41.31 0.37
C TRP F 45 -10.75 -40.51 1.57
N ASP F 46 -11.94 -40.83 2.07
CA ASP F 46 -12.55 -40.17 3.22
C ASP F 46 -11.68 -40.31 4.49
N THR F 47 -11.01 -41.46 4.64
CA THR F 47 -10.16 -41.72 5.80
C THR F 47 -8.69 -41.46 5.48
N VAL F 48 -8.25 -41.77 4.25
CA VAL F 48 -6.88 -41.61 3.80
C VAL F 48 -6.42 -40.15 3.82
N SER F 49 -7.31 -39.22 3.41
CA SER F 49 -7.00 -37.79 3.40
C SER F 49 -6.67 -37.23 4.80
N GLU F 50 -7.20 -37.86 5.85
CA GLU F 50 -6.94 -37.43 7.21
C GLU F 50 -5.55 -37.81 7.70
N HIS F 51 -4.94 -38.86 7.14
CA HIS F 51 -3.63 -39.32 7.57
C HIS F 51 -2.46 -38.78 6.73
N VAL F 52 -2.49 -38.98 5.41
CA VAL F 52 -1.38 -38.55 4.55
C VAL F 52 -1.61 -37.23 3.84
N MET F 53 -0.50 -36.55 3.54
CA MET F 53 -0.45 -35.29 2.81
C MET F 53 0.47 -35.46 1.59
N THR F 54 0.39 -34.51 0.63
CA THR F 54 1.24 -34.55 -0.56
C THR F 54 2.72 -34.40 -0.14
N GLN F 55 2.99 -33.55 0.85
CA GLN F 55 4.32 -33.29 1.39
C GLN F 55 4.90 -34.51 2.11
N ASP F 56 4.04 -35.31 2.76
CA ASP F 56 4.43 -36.50 3.51
C ASP F 56 5.07 -37.58 2.66
N PHE F 57 4.71 -37.64 1.37
CA PHE F 57 5.26 -38.66 0.48
C PHE F 57 6.72 -38.38 0.14
N TYR F 58 7.51 -39.46 0.05
CA TYR F 58 8.93 -39.37 -0.27
C TYR F 58 9.14 -39.46 -1.77
N SER F 59 10.12 -38.71 -2.29
CA SER F 59 10.52 -38.67 -3.71
C SER F 59 9.53 -37.95 -4.62
N ARG F 60 10.05 -37.38 -5.72
CA ARG F 60 9.25 -36.66 -6.71
C ARG F 60 8.20 -37.52 -7.43
N PRO F 61 8.49 -38.77 -7.90
CA PRO F 61 7.45 -39.54 -8.60
C PRO F 61 6.24 -39.86 -7.75
N HIS F 62 6.42 -40.31 -6.50
CA HIS F 62 5.31 -40.63 -5.61
C HIS F 62 4.48 -39.40 -5.24
N ARG F 63 5.11 -38.23 -5.17
CA ARG F 63 4.42 -36.99 -4.85
C ARG F 63 3.55 -36.51 -6.01
N LEU F 64 3.98 -36.75 -7.25
CA LEU F 64 3.22 -36.34 -8.43
C LEU F 64 1.99 -37.21 -8.61
N ILE F 65 2.08 -38.50 -8.30
CA ILE F 65 0.94 -39.41 -8.43
C ILE F 65 -0.08 -39.10 -7.35
N PHE F 66 0.37 -38.94 -6.10
CA PHE F 66 -0.53 -38.64 -5.00
C PHE F 66 -1.19 -37.28 -5.15
N ASP F 67 -0.50 -36.30 -5.74
CA ASP F 67 -1.09 -34.99 -5.98
C ASP F 67 -2.21 -35.08 -7.03
N GLY F 68 -2.04 -35.96 -8.02
CA GLY F 68 -3.04 -36.19 -9.05
C GLY F 68 -4.27 -36.88 -8.47
N VAL F 69 -4.03 -37.88 -7.61
CA VAL F 69 -5.09 -38.63 -6.93
C VAL F 69 -5.88 -37.69 -6.01
N LYS F 70 -5.17 -36.80 -5.30
CA LYS F 70 -5.77 -35.83 -4.40
C LYS F 70 -6.62 -34.83 -5.16
N SER F 71 -6.09 -34.28 -6.27
CA SER F 71 -6.80 -33.30 -7.10
C SER F 71 -8.04 -33.90 -7.74
N ILE F 72 -7.95 -35.16 -8.17
CA ILE F 72 -9.08 -35.83 -8.83
C ILE F 72 -10.17 -36.22 -7.82
N LEU F 73 -9.83 -36.93 -6.74
CA LEU F 73 -10.82 -37.37 -5.76
C LEU F 73 -11.53 -36.24 -5.00
N GLU F 74 -10.91 -35.04 -4.93
CA GLU F 74 -11.52 -33.92 -4.21
C GLU F 74 -12.71 -33.31 -4.95
N ALA F 75 -12.76 -33.43 -6.29
CA ALA F 75 -13.87 -32.86 -7.06
C ALA F 75 -14.55 -33.90 -7.98
N GLY F 76 -13.78 -34.58 -8.81
CA GLY F 76 -14.30 -35.59 -9.72
C GLY F 76 -14.22 -36.97 -9.11
N LYS F 77 -15.37 -37.48 -8.63
CA LYS F 77 -15.49 -38.79 -7.97
C LYS F 77 -14.75 -39.96 -8.69
N PRO F 78 -14.86 -40.17 -10.02
CA PRO F 78 -14.17 -41.32 -10.63
C PRO F 78 -12.65 -41.17 -10.73
N LEU F 79 -11.92 -42.23 -10.35
CA LEU F 79 -10.47 -42.30 -10.41
C LEU F 79 -10.06 -43.73 -10.70
N ASP F 80 -9.33 -43.94 -11.79
CA ASP F 80 -8.87 -45.28 -12.15
C ASP F 80 -7.49 -45.21 -12.88
N LEU F 81 -7.09 -46.28 -13.59
CA LEU F 81 -5.81 -46.31 -14.30
C LEU F 81 -5.72 -45.28 -15.40
N ILE F 82 -6.83 -44.98 -16.11
CA ILE F 82 -6.77 -44.01 -17.20
C ILE F 82 -7.16 -42.59 -16.75
N THR F 83 -7.92 -42.45 -15.65
CA THR F 83 -8.28 -41.12 -15.16
C THR F 83 -7.02 -40.41 -14.63
N LEU F 84 -6.23 -41.14 -13.85
CA LEU F 84 -4.98 -40.66 -13.28
C LEU F 84 -3.94 -40.44 -14.38
N SER F 85 -3.92 -41.35 -15.37
CA SER F 85 -3.02 -41.29 -16.52
C SER F 85 -3.27 -40.04 -17.35
N GLU F 86 -4.54 -39.69 -17.60
CA GLU F 86 -4.86 -38.51 -18.41
C GLU F 86 -4.55 -37.20 -17.70
N TYR F 87 -4.58 -37.20 -16.36
CA TYR F 87 -4.25 -36.00 -15.57
C TYR F 87 -2.75 -35.73 -15.71
N LEU F 88 -1.93 -36.79 -15.58
CA LEU F 88 -0.48 -36.67 -15.69
C LEU F 88 -0.02 -36.45 -17.13
N GLU F 89 -0.76 -36.99 -18.11
CA GLU F 89 -0.43 -36.85 -19.53
C GLU F 89 -0.59 -35.41 -19.98
N GLN F 90 -1.67 -34.74 -19.53
CA GLN F 90 -1.92 -33.36 -19.90
C GLN F 90 -0.98 -32.36 -19.22
N ARG F 91 -0.31 -32.76 -18.14
CA ARG F 91 0.63 -31.88 -17.44
C ARG F 91 2.10 -32.25 -17.68
N GLU F 92 2.38 -33.17 -18.64
CA GLU F 92 3.70 -33.65 -19.01
C GLU F 92 4.49 -34.26 -17.85
N GLN F 93 3.81 -35.03 -17.01
CA GLN F 93 4.42 -35.70 -15.86
C GLN F 93 4.25 -37.22 -15.89
N LEU F 94 3.67 -37.79 -16.97
CA LEU F 94 3.44 -39.22 -17.08
C LEU F 94 4.72 -40.01 -17.22
N GLU F 95 5.61 -39.62 -18.14
CA GLU F 95 6.88 -40.33 -18.33
C GLU F 95 7.85 -40.08 -17.16
N ASP F 96 7.79 -38.88 -16.56
CA ASP F 96 8.62 -38.51 -15.41
C ASP F 96 8.33 -39.38 -14.17
N VAL F 97 7.15 -40.01 -14.12
CA VAL F 97 6.73 -40.89 -13.05
C VAL F 97 7.17 -42.34 -13.35
N GLY F 98 6.99 -42.75 -14.60
CA GLY F 98 7.33 -44.08 -15.07
C GLY F 98 6.37 -44.59 -16.13
N GLY F 99 5.85 -43.68 -16.95
CA GLY F 99 4.91 -43.99 -18.01
C GLY F 99 3.58 -44.48 -17.49
N PHE F 100 2.79 -45.12 -18.35
CA PHE F 100 1.50 -45.69 -17.94
C PHE F 100 1.73 -47.01 -17.17
N ALA F 101 2.73 -47.79 -17.59
CA ALA F 101 3.07 -49.08 -17.02
C ALA F 101 3.28 -49.06 -15.53
N TYR F 102 3.92 -48.02 -14.99
CA TYR F 102 4.15 -47.95 -13.54
C TYR F 102 2.85 -47.71 -12.79
N LEU F 103 1.94 -46.90 -13.36
CA LEU F 103 0.64 -46.66 -12.72
C LEU F 103 -0.22 -47.93 -12.75
N ALA F 104 -0.13 -48.72 -13.82
CA ALA F 104 -0.86 -49.97 -13.92
C ALA F 104 -0.24 -51.06 -13.04
N ASP F 105 1.08 -51.00 -12.82
CA ASP F 105 1.80 -51.95 -11.98
C ASP F 105 1.44 -51.79 -10.50
N LEU F 106 1.03 -50.59 -10.06
CA LEU F 106 0.66 -50.36 -8.66
C LEU F 106 -0.65 -51.05 -8.28
N ALA F 107 -1.55 -51.25 -9.25
CA ALA F 107 -2.81 -51.95 -9.01
C ALA F 107 -2.56 -53.47 -8.89
N LYS F 108 -1.60 -53.98 -9.67
CA LYS F 108 -1.21 -55.38 -9.71
C LYS F 108 -0.36 -55.79 -8.49
N ASN F 109 0.64 -54.97 -8.12
CA ASN F 109 1.54 -55.23 -6.99
C ASN F 109 0.85 -55.25 -5.63
N THR F 110 -0.02 -54.28 -5.34
CA THR F 110 -0.69 -54.20 -4.04
C THR F 110 -2.21 -54.26 -4.15
N PRO F 111 -2.81 -55.47 -4.15
CA PRO F 111 -4.26 -55.57 -4.25
C PRO F 111 -4.93 -55.74 -2.88
N SER F 112 -4.34 -55.20 -1.81
CA SER F 112 -4.87 -55.32 -0.47
C SER F 112 -5.66 -54.09 0.00
N ALA F 113 -7.00 -54.14 -0.15
CA ALA F 113 -7.88 -53.05 0.25
C ALA F 113 -8.15 -53.06 1.79
N ALA F 114 -8.83 -52.01 2.33
CA ALA F 114 -9.22 -51.79 3.74
C ALA F 114 -8.05 -51.48 4.69
N ASN F 115 -6.84 -51.98 4.40
CA ASN F 115 -5.68 -51.70 5.25
C ASN F 115 -4.96 -50.39 4.86
N ILE F 116 -5.54 -49.58 3.96
CA ILE F 116 -4.96 -48.34 3.45
C ILE F 116 -4.74 -47.31 4.57
N ASN F 117 -5.60 -47.31 5.59
CA ASN F 117 -5.47 -46.42 6.74
C ASN F 117 -4.20 -46.70 7.53
N ALA F 118 -3.81 -47.99 7.62
CA ALA F 118 -2.60 -48.38 8.33
C ALA F 118 -1.36 -48.06 7.51
N TYR F 119 -1.42 -48.22 6.18
CA TYR F 119 -0.29 -47.90 5.31
C TYR F 119 -0.03 -46.40 5.31
N ALA F 120 -1.09 -45.58 5.36
CA ALA F 120 -0.97 -44.13 5.39
C ALA F 120 -0.32 -43.66 6.69
N GLU F 121 -0.65 -44.31 7.82
CA GLU F 121 -0.05 -43.96 9.10
C GLU F 121 1.47 -44.20 9.08
N ILE F 122 1.94 -45.20 8.32
CA ILE F 122 3.36 -45.50 8.17
C ILE F 122 4.04 -44.36 7.43
N VAL F 123 3.46 -43.91 6.32
CA VAL F 123 3.99 -42.81 5.51
C VAL F 123 4.01 -41.51 6.30
N ALA F 124 2.97 -41.27 7.11
CA ALA F 124 2.89 -40.08 7.94
C ALA F 124 3.93 -40.11 9.06
N GLU F 125 4.17 -41.29 9.64
CA GLU F 125 5.16 -41.44 10.71
C GLU F 125 6.58 -41.32 10.17
N ARG F 126 6.83 -41.85 8.97
CA ARG F 126 8.16 -41.73 8.36
C ARG F 126 8.49 -40.28 8.00
N ALA F 127 7.47 -39.49 7.62
CA ALA F 127 7.65 -38.09 7.29
C ALA F 127 8.00 -37.27 8.54
N LEU F 128 7.39 -37.60 9.68
CA LEU F 128 7.65 -36.89 10.93
C LEU F 128 9.06 -37.20 11.45
N VAL F 129 9.49 -38.46 11.32
CA VAL F 129 10.83 -38.87 11.74
C VAL F 129 11.88 -38.27 10.78
N ARG F 130 11.56 -38.22 9.48
CA ARG F 130 12.43 -37.64 8.46
C ARG F 130 12.59 -36.13 8.69
N ASN F 131 11.52 -35.45 9.14
CA ASN F 131 11.57 -34.03 9.44
C ASN F 131 12.36 -33.76 10.73
N LEU F 132 12.25 -34.67 11.71
CA LEU F 132 12.98 -34.55 12.98
C LEU F 132 14.48 -34.69 12.75
N ILE F 133 14.90 -35.57 11.83
CA ILE F 133 16.30 -35.76 11.50
C ILE F 133 16.85 -34.51 10.80
N GLY F 134 16.06 -33.94 9.89
CA GLY F 134 16.42 -32.72 9.19
C GLY F 134 16.53 -31.54 10.13
N VAL F 135 15.64 -31.49 11.15
CA VAL F 135 15.64 -30.44 12.16
C VAL F 135 16.88 -30.59 13.06
N ALA F 136 17.24 -31.83 13.41
CA ALA F 136 18.44 -32.10 14.22
C ALA F 136 19.70 -31.73 13.43
N ASN F 137 19.71 -32.02 12.12
CA ASN F 137 20.83 -31.68 11.25
C ASN F 137 20.99 -30.18 11.10
N GLU F 138 19.88 -29.41 11.15
CA GLU F 138 19.93 -27.96 11.09
C GLU F 138 20.66 -27.42 12.33
N ILE F 139 20.36 -27.99 13.51
CA ILE F 139 20.99 -27.60 14.78
C ILE F 139 22.47 -27.95 14.75
N ALA F 140 22.80 -29.14 14.25
CA ALA F 140 24.19 -29.60 14.15
C ALA F 140 25.01 -28.73 13.20
N ASP F 141 24.44 -28.36 12.05
CA ASP F 141 25.14 -27.50 11.09
C ASP F 141 25.28 -26.07 11.61
N ALA F 142 24.29 -25.58 12.36
CA ALA F 142 24.36 -24.25 12.97
C ALA F 142 25.36 -24.20 14.14
N GLY F 143 25.66 -25.34 14.75
CA GLY F 143 26.63 -25.41 15.83
C GLY F 143 28.04 -25.34 15.27
N TYR F 144 28.28 -26.01 14.14
CA TYR F 144 29.59 -26.01 13.51
C TYR F 144 29.85 -24.65 12.83
N ASP F 145 28.82 -24.05 12.23
CA ASP F 145 28.95 -22.74 11.59
C ASP F 145 27.94 -21.78 12.23
N PRO F 146 28.33 -21.12 13.33
CA PRO F 146 27.38 -20.23 14.01
C PRO F 146 27.14 -18.89 13.33
N GLN F 147 28.17 -18.35 12.65
CA GLN F 147 28.09 -17.06 11.97
C GLN F 147 27.68 -15.91 12.90
N GLY F 148 28.27 -15.90 14.09
CA GLY F 148 28.00 -14.86 15.10
C GLY F 148 26.90 -15.20 16.07
N ARG F 149 26.54 -16.48 16.21
CA ARG F 149 25.49 -16.89 17.12
C ARG F 149 26.03 -17.36 18.46
N ASN F 150 25.53 -16.78 19.55
CA ASN F 150 25.93 -17.14 20.91
C ASN F 150 25.35 -18.50 21.32
N ALA F 151 25.83 -19.07 22.44
CA ALA F 151 25.32 -20.35 22.93
C ALA F 151 23.84 -20.24 23.32
N GLU F 152 23.43 -19.09 23.87
CA GLU F 152 22.04 -18.85 24.25
C GLU F 152 21.17 -18.73 22.99
N ASP F 153 21.67 -18.02 21.98
CA ASP F 153 20.98 -17.83 20.70
C ASP F 153 20.82 -19.14 19.94
N LEU F 154 21.82 -20.01 20.02
CA LEU F 154 21.80 -21.31 19.37
C LEU F 154 20.83 -22.27 20.06
N LEU F 155 20.72 -22.16 21.40
CA LEU F 155 19.84 -22.99 22.20
C LEU F 155 18.37 -22.68 21.90
N ASP F 156 18.05 -21.39 21.77
CA ASP F 156 16.69 -20.96 21.46
C ASP F 156 16.30 -21.33 20.03
N LEU F 157 17.27 -21.29 19.09
CA LEU F 157 17.02 -21.68 17.71
C LEU F 157 16.74 -23.19 17.63
N ALA F 158 17.44 -23.99 18.47
CA ALA F 158 17.24 -25.43 18.52
C ALA F 158 15.88 -25.78 19.10
N GLU F 159 15.40 -25.02 20.08
CA GLU F 159 14.09 -25.26 20.68
C GLU F 159 12.96 -24.75 19.79
N SER F 160 13.18 -23.66 19.05
CA SER F 160 12.16 -23.09 18.17
C SER F 160 11.79 -24.03 17.02
N LYS F 161 12.74 -24.87 16.58
CA LYS F 161 12.46 -25.84 15.51
C LYS F 161 11.71 -27.08 16.04
N VAL F 162 11.91 -27.42 17.32
CA VAL F 162 11.22 -28.52 17.99
C VAL F 162 9.73 -28.15 18.21
N PHE F 163 9.45 -26.87 18.50
CA PHE F 163 8.10 -26.34 18.68
C PHE F 163 7.29 -26.47 17.39
N ALA F 164 7.94 -26.27 16.23
CA ALA F 164 7.29 -26.36 14.92
C ALA F 164 6.82 -27.78 14.59
N ILE F 165 7.48 -28.80 15.15
CA ILE F 165 7.09 -30.19 14.93
C ILE F 165 5.88 -30.59 15.81
N ALA F 166 5.70 -29.92 16.96
CA ALA F 166 4.57 -30.17 17.87
C ALA F 166 3.22 -29.75 17.28
N GLU F 167 3.21 -28.83 16.30
CA GLU F 167 1.97 -28.37 15.67
C GLU F 167 1.63 -29.14 14.38
N ALA F 168 2.63 -29.80 13.75
CA ALA F 168 2.43 -30.60 12.55
C ALA F 168 1.54 -31.82 12.80
N ARG F 169 1.61 -32.38 14.02
CA ARG F 169 0.78 -33.49 14.45
C ARG F 169 -0.27 -33.00 15.50
N THR F 170 -0.53 -33.75 16.60
CA THR F 170 -1.47 -33.42 17.68
C THR F 170 -2.87 -33.04 17.15
N SER F 171 -3.39 -33.83 16.22
CA SER F 171 -4.73 -33.58 15.67
C SER F 171 -5.78 -34.46 16.36
N GLU F 172 -5.40 -35.73 16.65
CA GLU F 172 -6.23 -36.74 17.32
C GLU F 172 -7.57 -37.02 16.63
N ASN F 173 -7.51 -37.46 15.35
CA ASN F 173 -8.63 -37.82 14.46
C ASN F 173 -9.96 -37.11 14.78
N GLU F 174 -10.00 -35.79 14.64
CA GLU F 174 -11.20 -35.01 14.92
C GLU F 174 -12.28 -35.15 13.84
N GLY F 175 -13.53 -34.97 14.24
CA GLY F 175 -14.65 -35.10 13.30
C GLY F 175 -16.01 -35.04 13.95
N PRO F 176 -17.05 -35.49 13.22
CA PRO F 176 -18.42 -35.44 13.76
C PRO F 176 -18.62 -36.45 14.89
N LYS F 177 -18.80 -35.95 16.11
CA LYS F 177 -18.97 -36.79 17.29
C LYS F 177 -20.37 -37.39 17.40
N ASN F 178 -20.46 -38.57 18.02
CA ASN F 178 -21.72 -39.29 18.21
C ASN F 178 -22.54 -38.65 19.33
N VAL F 179 -23.86 -38.89 19.34
CA VAL F 179 -24.83 -38.39 20.33
C VAL F 179 -24.38 -38.74 21.74
N ASP F 180 -23.90 -39.99 21.94
CA ASP F 180 -23.45 -40.48 23.24
C ASP F 180 -22.27 -39.67 23.78
N SER F 181 -21.35 -39.26 22.91
CA SER F 181 -20.19 -38.47 23.31
C SER F 181 -20.56 -37.02 23.61
N ILE F 182 -21.53 -36.47 22.86
CA ILE F 182 -21.97 -35.09 23.06
C ILE F 182 -22.81 -34.96 24.34
N LEU F 183 -23.75 -35.88 24.55
CA LEU F 183 -24.63 -35.86 25.72
C LEU F 183 -23.86 -36.08 27.01
N GLU F 184 -22.80 -36.90 26.97
CA GLU F 184 -21.98 -37.16 28.15
C GLU F 184 -21.16 -35.92 28.48
N ARG F 185 -20.60 -35.25 27.46
CA ARG F 185 -19.82 -34.03 27.64
C ARG F 185 -20.72 -32.87 28.12
N THR F 186 -21.97 -32.84 27.67
CA THR F 186 -22.92 -31.80 28.05
C THR F 186 -23.44 -32.02 29.47
N LEU F 187 -23.79 -33.27 29.81
CA LEU F 187 -24.29 -33.60 31.14
C LEU F 187 -23.23 -33.40 32.21
N GLU F 188 -21.96 -33.66 31.89
CA GLU F 188 -20.85 -33.44 32.82
C GLU F 188 -20.65 -31.95 33.08
N ARG F 189 -20.87 -31.11 32.05
CA ARG F 189 -20.73 -29.66 32.13
C ARG F 189 -21.88 -29.07 32.95
N ILE F 190 -23.10 -29.60 32.76
CA ILE F 190 -24.29 -29.14 33.48
C ILE F 190 -24.25 -29.55 34.96
N GLU F 191 -23.89 -30.82 35.25
CA GLU F 191 -23.83 -31.31 36.63
C GLU F 191 -22.71 -30.69 37.45
N LEU F 192 -21.61 -30.27 36.80
CA LEU F 192 -20.51 -29.61 37.51
C LEU F 192 -20.91 -28.20 37.92
N LEU F 193 -21.66 -27.50 37.05
CA LEU F 193 -22.18 -26.16 37.33
C LEU F 193 -23.29 -26.20 38.40
N TYR F 194 -24.02 -27.31 38.48
CA TYR F 194 -25.07 -27.56 39.46
C TYR F 194 -24.49 -27.76 40.87
N LYS F 195 -23.25 -28.30 40.96
CA LYS F 195 -22.59 -28.53 42.24
C LYS F 195 -22.15 -27.20 42.87
N THR F 196 -21.68 -26.25 42.03
CA THR F 196 -21.28 -24.92 42.51
C THR F 196 -22.54 -24.19 42.97
N PRO F 197 -22.60 -23.80 44.25
CA PRO F 197 -23.83 -23.17 44.78
C PRO F 197 -24.32 -21.95 43.98
N GLN F 198 -23.42 -21.05 43.61
CA GLN F 198 -23.78 -19.86 42.82
C GLN F 198 -22.61 -19.33 41.97
N ASP F 199 -21.44 -20.00 41.99
CA ASP F 199 -20.26 -19.58 41.25
C ASP F 199 -20.44 -19.76 39.74
N GLY F 200 -20.89 -20.93 39.32
CA GLY F 200 -21.08 -21.23 37.91
C GLY F 200 -19.77 -21.27 37.16
N VAL F 201 -18.72 -21.81 37.80
CA VAL F 201 -17.40 -21.87 37.20
C VAL F 201 -17.05 -23.26 36.69
N THR F 202 -16.32 -23.30 35.59
CA THR F 202 -15.88 -24.55 34.98
C THR F 202 -14.37 -24.69 35.13
N GLY F 203 -13.85 -24.37 36.31
CA GLY F 203 -12.42 -24.44 36.57
C GLY F 203 -11.88 -23.29 37.39
N VAL F 204 -11.21 -22.35 36.74
CA VAL F 204 -10.60 -21.21 37.42
C VAL F 204 -11.61 -20.13 37.79
N ASN F 205 -11.74 -19.84 39.09
CA ASN F 205 -12.67 -18.82 39.59
C ASN F 205 -12.08 -17.43 39.41
N THR F 206 -12.82 -16.54 38.72
CA THR F 206 -12.36 -15.17 38.49
C THR F 206 -12.45 -14.29 39.74
N GLY F 207 -13.36 -14.61 40.65
CA GLY F 207 -13.56 -13.85 41.87
C GLY F 207 -14.73 -12.90 41.80
N PHE F 208 -15.09 -12.46 40.58
CA PHE F 208 -16.21 -11.55 40.37
C PHE F 208 -17.44 -12.36 39.97
N THR F 209 -18.49 -12.34 40.80
CA THR F 209 -19.72 -13.09 40.52
C THR F 209 -20.45 -12.60 39.27
N ASP F 210 -20.30 -11.32 38.92
CA ASP F 210 -20.91 -10.75 37.73
C ASP F 210 -20.18 -11.26 36.47
N LEU F 211 -18.86 -11.37 36.54
CA LEU F 211 -18.02 -11.86 35.43
C LEU F 211 -18.22 -13.37 35.21
N ASN F 212 -18.48 -14.13 36.29
CA ASN F 212 -18.70 -15.57 36.22
C ASN F 212 -19.97 -15.99 35.48
N LYS F 213 -20.85 -15.03 35.14
CA LYS F 213 -22.07 -15.34 34.40
C LYS F 213 -21.75 -15.45 32.92
N LYS F 214 -20.92 -14.54 32.39
CA LYS F 214 -20.53 -14.55 30.98
C LYS F 214 -19.31 -15.42 30.72
N THR F 215 -18.29 -15.35 31.60
CA THR F 215 -17.06 -16.11 31.43
C THR F 215 -17.27 -17.59 31.77
N ALA F 216 -18.01 -17.86 32.86
CA ALA F 216 -18.32 -19.20 33.38
C ALA F 216 -17.05 -20.00 33.70
N GLY F 217 -16.10 -19.34 34.35
CA GLY F 217 -14.84 -19.95 34.71
C GLY F 217 -13.81 -19.82 33.60
N LEU F 218 -12.55 -19.62 33.98
CA LEU F 218 -11.47 -19.47 33.00
C LEU F 218 -11.07 -20.83 32.43
N GLN F 219 -11.35 -21.05 31.13
CA GLN F 219 -11.02 -22.31 30.46
C GLN F 219 -9.52 -22.41 30.17
N GLY F 220 -8.97 -23.61 30.34
CA GLY F 220 -7.55 -23.84 30.15
C GLY F 220 -7.07 -24.00 28.71
N SER F 221 -7.89 -24.58 27.86
CA SER F 221 -7.50 -24.83 26.47
C SER F 221 -7.49 -23.59 25.57
N ASP F 222 -7.89 -22.41 26.08
CA ASP F 222 -7.92 -21.20 25.26
C ASP F 222 -7.07 -20.04 25.79
N LEU F 223 -6.74 -19.08 24.93
CA LEU F 223 -5.95 -17.91 25.26
C LEU F 223 -6.87 -16.73 25.56
N ILE F 224 -6.66 -16.06 26.70
CA ILE F 224 -7.46 -14.91 27.10
C ILE F 224 -6.61 -13.64 27.03
N ILE F 225 -7.00 -12.67 26.18
CA ILE F 225 -6.26 -11.43 26.06
C ILE F 225 -7.05 -10.25 26.62
N VAL F 226 -6.52 -9.63 27.68
CA VAL F 226 -7.15 -8.47 28.32
C VAL F 226 -6.44 -7.22 27.84
N ALA F 227 -7.16 -6.32 27.16
CA ALA F 227 -6.57 -5.10 26.66
C ALA F 227 -7.25 -3.87 27.19
N ALA F 228 -6.46 -2.83 27.49
CA ALA F 228 -7.01 -1.57 27.99
C ALA F 228 -6.14 -0.40 27.60
N ARG F 229 -6.76 0.74 27.33
CA ARG F 229 -6.05 1.97 27.00
C ARG F 229 -5.47 2.55 28.30
N PRO F 230 -4.25 3.11 28.29
CA PRO F 230 -3.65 3.64 29.52
C PRO F 230 -4.58 4.38 30.49
N SER F 231 -4.34 4.21 31.81
CA SER F 231 -5.09 4.78 32.94
C SER F 231 -6.37 4.01 33.31
N MET F 232 -6.70 2.94 32.57
CA MET F 232 -7.87 2.14 32.89
C MET F 232 -7.61 1.13 34.00
N GLY F 233 -6.36 0.68 34.11
CA GLY F 233 -5.96 -0.29 35.12
C GLY F 233 -5.89 -1.71 34.59
N LYS F 234 -5.14 -1.90 33.48
CA LYS F 234 -5.01 -3.22 32.89
C LYS F 234 -4.15 -4.13 33.77
N THR F 235 -3.10 -3.59 34.37
CA THR F 235 -2.24 -4.35 35.27
C THR F 235 -3.00 -4.69 36.56
N THR F 236 -3.83 -3.74 37.05
CA THR F 236 -4.65 -3.90 38.25
C THR F 236 -5.69 -5.02 38.08
N PHE F 237 -6.33 -5.09 36.91
CA PHE F 237 -7.33 -6.12 36.64
C PHE F 237 -6.67 -7.49 36.47
N ALA F 238 -5.48 -7.53 35.86
CA ALA F 238 -4.73 -8.78 35.68
C ALA F 238 -4.25 -9.32 37.03
N MET F 239 -3.84 -8.42 37.94
CA MET F 239 -3.38 -8.81 39.27
C MET F 239 -4.54 -9.34 40.11
N ASN F 240 -5.74 -8.76 39.94
CA ASN F 240 -6.94 -9.19 40.66
C ASN F 240 -7.40 -10.59 40.22
N LEU F 241 -7.15 -10.96 38.96
CA LEU F 241 -7.50 -12.29 38.46
C LEU F 241 -6.56 -13.34 39.07
N CYS F 242 -5.27 -12.99 39.21
CA CYS F 242 -4.25 -13.87 39.82
C CYS F 242 -4.48 -14.00 41.34
N GLU F 243 -4.99 -12.93 41.97
CA GLU F 243 -5.29 -12.87 43.40
C GLU F 243 -6.26 -13.97 43.81
N ASN F 244 -7.38 -14.10 43.09
CA ASN F 244 -8.40 -15.09 43.39
C ASN F 244 -7.99 -16.51 42.97
N ALA F 245 -7.20 -16.61 41.90
CA ALA F 245 -6.74 -17.91 41.41
C ALA F 245 -5.73 -18.56 42.36
N ALA F 246 -4.91 -17.74 43.03
CA ALA F 246 -3.92 -18.25 43.98
C ALA F 246 -4.53 -18.72 45.30
N MET F 247 -5.71 -18.18 45.66
CA MET F 247 -6.37 -18.55 46.91
C MET F 247 -7.41 -19.66 46.71
N GLU F 248 -8.20 -19.58 45.63
CA GLU F 248 -9.23 -20.60 45.38
C GLU F 248 -8.66 -21.89 44.78
N GLN F 249 -7.87 -21.79 43.70
CA GLN F 249 -7.30 -22.98 43.07
C GLN F 249 -6.07 -23.48 43.82
N ASP F 250 -5.95 -24.81 43.96
CA ASP F 250 -4.85 -25.45 44.68
C ASP F 250 -3.54 -25.37 43.89
N LYS F 251 -3.61 -25.40 42.55
CA LYS F 251 -2.41 -25.34 41.72
C LYS F 251 -1.86 -23.91 41.64
N PRO F 252 -0.53 -23.75 41.60
CA PRO F 252 0.05 -22.39 41.62
C PRO F 252 -0.13 -21.56 40.35
N VAL F 253 0.00 -20.23 40.51
CA VAL F 253 -0.11 -19.28 39.40
C VAL F 253 1.28 -18.78 38.99
N LEU F 254 1.46 -18.51 37.70
CA LEU F 254 2.75 -18.04 37.17
C LEU F 254 2.60 -16.68 36.51
N ILE F 255 3.36 -15.67 36.98
CA ILE F 255 3.27 -14.33 36.42
C ILE F 255 4.61 -13.87 35.81
N PHE F 256 4.61 -13.53 34.53
CA PHE F 256 5.80 -13.05 33.84
C PHE F 256 5.82 -11.53 33.88
N SER F 257 6.66 -10.95 34.73
CA SER F 257 6.75 -9.51 34.86
C SER F 257 7.74 -8.88 33.90
N LEU F 258 7.28 -7.95 33.07
CA LEU F 258 8.11 -7.25 32.10
C LEU F 258 8.01 -5.73 32.29
N GLU F 259 6.80 -5.24 32.59
CA GLU F 259 6.55 -3.82 32.80
C GLU F 259 7.14 -3.34 34.12
N MET F 260 6.95 -4.12 35.19
CA MET F 260 7.46 -3.76 36.51
C MET F 260 8.10 -4.96 37.22
N PRO F 261 9.07 -4.74 38.13
CA PRO F 261 9.68 -5.88 38.82
C PRO F 261 8.75 -6.60 39.81
N ALA F 262 9.18 -7.77 40.31
CA ALA F 262 8.43 -8.60 41.25
C ALA F 262 8.11 -7.89 42.56
N GLU F 263 8.96 -6.94 42.96
CA GLU F 263 8.75 -6.15 44.18
C GLU F 263 7.55 -5.23 44.00
N GLN F 264 7.40 -4.63 42.81
CA GLN F 264 6.28 -3.76 42.47
C GLN F 264 4.96 -4.53 42.38
N ILE F 265 5.01 -5.78 41.94
CA ILE F 265 3.85 -6.66 41.80
C ILE F 265 3.36 -7.14 43.16
N MET F 266 4.29 -7.49 44.06
CA MET F 266 3.96 -7.95 45.39
C MET F 266 3.34 -6.84 46.25
N MET F 267 3.87 -5.61 46.13
CA MET F 267 3.37 -4.46 46.89
C MET F 267 1.97 -4.08 46.44
N ARG F 268 1.72 -4.10 45.11
CA ARG F 268 0.41 -3.79 44.55
C ARG F 268 -0.62 -4.85 44.96
N MET F 269 -0.19 -6.12 45.04
CA MET F 269 -1.03 -7.24 45.44
C MET F 269 -1.40 -7.12 46.92
N LEU F 270 -0.43 -6.71 47.76
CA LEU F 270 -0.65 -6.53 49.20
C LEU F 270 -1.64 -5.40 49.52
N ALA F 271 -1.79 -4.42 48.61
CA ALA F 271 -2.74 -3.33 48.78
C ALA F 271 -4.19 -3.86 48.63
N SER F 272 -4.39 -4.79 47.70
CA SER F 272 -5.69 -5.40 47.46
C SER F 272 -6.03 -6.44 48.54
N LEU F 273 -5.01 -7.12 49.09
CA LEU F 273 -5.19 -8.14 50.12
C LEU F 273 -5.61 -7.58 51.48
N SER F 274 -5.30 -6.32 51.75
CA SER F 274 -5.62 -5.71 53.05
C SER F 274 -6.48 -4.44 52.96
N ARG F 275 -6.84 -4.01 51.73
CA ARG F 275 -7.63 -2.80 51.46
C ARG F 275 -6.97 -1.51 51.98
N VAL F 276 -5.64 -1.53 52.16
CA VAL F 276 -4.90 -0.36 52.60
C VAL F 276 -4.46 0.43 51.36
N ASP F 277 -4.65 1.75 51.37
CA ASP F 277 -4.32 2.63 50.24
C ASP F 277 -2.93 2.39 49.66
N GLN F 278 -2.88 2.26 48.33
CA GLN F 278 -1.71 2.01 47.50
C GLN F 278 -0.51 2.88 47.84
N THR F 279 -0.75 4.17 48.08
CA THR F 279 0.28 5.15 48.41
C THR F 279 1.12 4.80 49.63
N LYS F 280 0.50 4.29 50.70
CA LYS F 280 1.22 3.95 51.93
C LYS F 280 2.23 2.81 51.78
N ILE F 281 1.95 1.83 50.92
CA ILE F 281 2.85 0.69 50.72
C ILE F 281 4.09 1.09 49.93
N ARG F 282 3.92 1.79 48.81
CA ARG F 282 5.05 2.23 47.99
C ARG F 282 5.83 3.42 48.58
N THR F 283 5.31 4.05 49.65
CA THR F 283 6.00 5.16 50.31
C THR F 283 6.75 4.66 51.54
N GLY F 284 6.12 3.76 52.29
CA GLY F 284 6.71 3.19 53.49
C GLY F 284 6.00 3.59 54.76
N GLN F 285 5.69 4.89 54.89
CA GLN F 285 5.01 5.39 56.09
C GLN F 285 3.56 4.92 56.21
N LEU F 286 3.29 4.04 57.18
CA LEU F 286 1.92 3.55 57.40
C LEU F 286 1.64 3.27 58.87
N ASP F 287 0.37 3.36 59.26
CA ASP F 287 -0.10 3.16 60.64
C ASP F 287 0.08 1.73 61.16
N ASP F 288 0.02 1.55 62.49
CA ASP F 288 0.12 0.25 63.13
C ASP F 288 -1.09 -0.64 62.79
N GLU F 289 -2.27 -0.03 62.59
CA GLU F 289 -3.49 -0.72 62.20
C GLU F 289 -3.33 -1.29 60.78
N ASP F 290 -2.73 -0.49 59.87
CA ASP F 290 -2.47 -0.87 58.49
C ASP F 290 -1.44 -2.00 58.42
N TRP F 291 -0.44 -1.99 59.31
CA TRP F 291 0.59 -3.03 59.35
C TRP F 291 0.03 -4.36 59.85
N ALA F 292 -0.97 -4.32 60.74
CA ALA F 292 -1.60 -5.53 61.28
C ALA F 292 -2.37 -6.28 60.21
N ARG F 293 -3.02 -5.55 59.29
CA ARG F 293 -3.76 -6.14 58.17
C ARG F 293 -2.79 -6.75 57.15
N ILE F 294 -1.63 -6.10 56.94
CA ILE F 294 -0.58 -6.57 56.03
C ILE F 294 0.07 -7.85 56.60
N SER F 295 0.30 -7.88 57.92
CA SER F 295 0.89 -9.04 58.60
C SER F 295 -0.09 -10.21 58.68
N SER F 296 -1.40 -9.93 58.75
CA SER F 296 -2.42 -10.99 58.81
C SER F 296 -2.54 -11.67 57.45
N THR F 297 -2.50 -10.90 56.36
CA THR F 297 -2.58 -11.46 55.02
C THR F 297 -1.25 -12.11 54.55
N MET F 298 -0.13 -11.80 55.23
CA MET F 298 1.18 -12.36 54.92
C MET F 298 1.20 -13.86 55.23
N GLY F 299 0.59 -14.25 56.35
CA GLY F 299 0.51 -15.63 56.77
C GLY F 299 -0.41 -16.47 55.89
N ILE F 300 -1.44 -15.84 55.32
CA ILE F 300 -2.38 -16.52 54.42
C ILE F 300 -1.68 -16.85 53.10
N LEU F 301 -0.86 -15.91 52.60
CA LEU F 301 -0.11 -16.10 51.36
C LEU F 301 1.03 -17.11 51.55
N MET F 302 1.63 -17.15 52.76
CA MET F 302 2.71 -18.08 53.07
C MET F 302 2.23 -19.53 53.21
N GLU F 303 0.95 -19.74 53.57
CA GLU F 303 0.41 -21.08 53.71
C GLU F 303 0.06 -21.69 52.34
N LYS F 304 -0.43 -20.86 51.42
CA LYS F 304 -0.81 -21.34 50.09
C LYS F 304 0.39 -21.59 49.18
N LYS F 305 1.33 -20.63 49.10
CA LYS F 305 2.53 -20.71 48.27
C LYS F 305 2.24 -21.00 46.80
N ASN F 306 1.63 -20.04 46.09
CA ASN F 306 1.29 -20.23 44.67
C ASN F 306 1.81 -19.12 43.76
N MET F 307 2.20 -17.96 44.32
CA MET F 307 2.68 -16.84 43.52
C MET F 307 4.13 -16.99 43.03
N TYR F 308 4.30 -17.37 41.76
CA TYR F 308 5.64 -17.49 41.17
C TYR F 308 5.82 -16.37 40.15
N ILE F 309 6.67 -15.39 40.46
CA ILE F 309 6.88 -14.24 39.57
C ILE F 309 8.27 -14.26 38.94
N ASP F 310 8.35 -13.96 37.63
CA ASP F 310 9.61 -13.88 36.92
C ASP F 310 9.85 -12.43 36.48
N ASP F 311 10.74 -11.73 37.19
CA ASP F 311 11.06 -10.34 36.89
C ASP F 311 12.16 -10.21 35.83
N SER F 312 11.95 -10.80 34.65
CA SER F 312 12.93 -10.70 33.56
C SER F 312 12.40 -9.77 32.48
N SER F 313 13.18 -8.75 32.11
CA SER F 313 12.77 -7.78 31.09
C SER F 313 12.87 -8.34 29.68
N GLY F 314 13.94 -9.07 29.40
CA GLY F 314 14.15 -9.66 28.09
C GLY F 314 13.61 -11.07 27.99
N LEU F 315 12.34 -11.21 27.60
CA LEU F 315 11.70 -12.51 27.50
C LEU F 315 11.32 -12.89 26.07
N THR F 316 11.84 -14.03 25.60
CA THR F 316 11.54 -14.54 24.27
C THR F 316 10.47 -15.64 24.38
N PRO F 317 9.63 -15.87 23.34
CA PRO F 317 8.61 -16.93 23.44
C PRO F 317 9.16 -18.32 23.75
N THR F 318 10.45 -18.56 23.46
CA THR F 318 11.12 -19.82 23.75
C THR F 318 11.33 -19.92 25.27
N GLU F 319 11.81 -18.84 25.88
CA GLU F 319 12.05 -18.77 27.32
C GLU F 319 10.75 -18.78 28.14
N VAL F 320 9.66 -18.25 27.57
CA VAL F 320 8.37 -18.22 28.25
C VAL F 320 7.80 -19.64 28.36
N ARG F 321 7.84 -20.39 27.25
CA ARG F 321 7.34 -21.77 27.22
C ARG F 321 8.21 -22.72 28.06
N SER F 322 9.52 -22.45 28.13
CA SER F 322 10.43 -23.29 28.90
C SER F 322 10.23 -23.09 30.40
N ARG F 323 10.06 -21.83 30.82
CA ARG F 323 9.86 -21.53 32.25
C ARG F 323 8.49 -21.97 32.76
N ALA F 324 7.48 -22.04 31.88
CA ALA F 324 6.16 -22.51 32.27
C ALA F 324 6.17 -24.02 32.52
N ARG F 325 6.96 -24.77 31.75
CA ARG F 325 7.06 -26.21 31.88
C ARG F 325 7.84 -26.61 33.15
N ARG F 326 8.81 -25.78 33.58
CA ARG F 326 9.61 -26.07 34.77
C ARG F 326 8.80 -26.08 36.06
N ILE F 327 7.96 -25.07 36.26
CA ILE F 327 7.11 -25.00 37.45
C ILE F 327 6.01 -26.06 37.40
N ALA F 328 5.47 -26.35 36.20
CA ALA F 328 4.45 -27.37 36.01
C ALA F 328 4.97 -28.79 36.26
N ARG F 329 6.30 -29.00 36.17
CA ARG F 329 6.88 -30.32 36.42
C ARG F 329 7.21 -30.47 37.92
N GLU F 330 7.71 -29.39 38.55
CA GLU F 330 8.07 -29.40 39.97
C GLU F 330 6.87 -29.46 40.91
N HIS F 331 5.80 -28.69 40.62
CA HIS F 331 4.65 -28.64 41.52
C HIS F 331 3.39 -29.31 40.96
N GLY F 332 3.57 -30.38 40.20
CA GLY F 332 2.45 -31.12 39.63
C GLY F 332 1.86 -30.50 38.37
N GLY F 333 1.46 -29.24 38.47
CA GLY F 333 0.87 -28.53 37.35
C GLY F 333 0.49 -27.11 37.71
N LEU F 334 0.40 -26.22 36.71
CA LEU F 334 0.04 -24.82 36.92
C LEU F 334 -1.50 -24.62 36.95
N SER F 335 -1.96 -23.37 37.12
CA SER F 335 -3.39 -23.08 37.12
C SER F 335 -3.74 -21.85 36.30
N LEU F 336 -2.83 -20.87 36.21
CA LEU F 336 -3.06 -19.65 35.45
C LEU F 336 -1.74 -18.95 35.13
N ILE F 337 -1.48 -18.68 33.85
CA ILE F 337 -0.25 -18.00 33.45
C ILE F 337 -0.58 -16.59 32.97
N MET F 338 -0.03 -15.56 33.62
CA MET F 338 -0.29 -14.18 33.25
C MET F 338 0.96 -13.49 32.70
N VAL F 339 0.81 -12.73 31.60
CA VAL F 339 1.91 -11.99 30.99
C VAL F 339 1.66 -10.51 31.21
N ASP F 340 2.67 -9.76 31.66
CA ASP F 340 2.52 -8.33 31.94
C ASP F 340 2.34 -7.48 30.68
N TYR F 341 3.08 -7.81 29.61
CA TYR F 341 2.97 -7.06 28.36
C TYR F 341 3.22 -7.97 27.16
N LEU F 342 2.34 -7.91 26.17
CA LEU F 342 2.48 -8.70 24.95
C LEU F 342 3.56 -8.09 24.04
N GLN F 343 3.59 -6.76 23.98
CA GLN F 343 4.55 -6.03 23.14
C GLN F 343 5.97 -6.02 23.71
N LEU F 344 6.14 -6.20 25.04
CA LEU F 344 7.47 -6.23 25.64
C LEU F 344 8.25 -7.51 25.32
N MET F 345 7.54 -8.60 25.00
CA MET F 345 8.16 -9.86 24.60
C MET F 345 8.74 -9.69 23.19
N ARG F 346 9.85 -10.37 22.90
CA ARG F 346 10.48 -10.25 21.58
C ARG F 346 11.04 -11.57 21.05
N VAL F 347 10.94 -11.77 19.74
CA VAL F 347 11.50 -12.96 19.11
C VAL F 347 12.68 -12.53 18.24
N PRO F 348 13.88 -13.07 18.50
CA PRO F 348 15.07 -12.62 17.75
C PRO F 348 15.03 -12.91 16.25
N ALA F 349 14.27 -13.93 15.84
CA ALA F 349 14.15 -14.28 14.43
C ALA F 349 13.27 -13.29 13.65
N LEU F 350 12.33 -12.61 14.35
CA LEU F 350 11.44 -11.65 13.69
C LEU F 350 11.62 -10.22 14.21
N THR F 351 12.87 -9.81 14.47
CA THR F 351 13.15 -8.46 14.96
C THR F 351 12.94 -7.38 13.90
N ASP F 352 13.07 -7.73 12.61
CA ASP F 352 12.88 -6.77 11.53
C ASP F 352 11.40 -6.49 11.29
N ASN F 353 10.60 -7.55 11.11
CA ASN F 353 9.17 -7.39 10.86
C ASN F 353 8.40 -7.36 12.17
N ARG F 354 7.81 -6.21 12.51
CA ARG F 354 7.05 -6.05 13.74
C ARG F 354 5.65 -6.69 13.62
N THR F 355 5.06 -6.69 12.41
CA THR F 355 3.74 -7.26 12.16
C THR F 355 3.72 -8.78 12.43
N LEU F 356 4.69 -9.51 11.87
CA LEU F 356 4.78 -10.95 12.07
C LEU F 356 5.38 -11.37 13.42
N GLU F 357 5.95 -10.42 14.17
CA GLU F 357 6.53 -10.68 15.48
C GLU F 357 5.40 -10.86 16.51
N ILE F 358 4.39 -9.98 16.46
CA ILE F 358 3.23 -10.03 17.36
C ILE F 358 2.37 -11.26 17.08
N ALA F 359 2.24 -11.63 15.79
CA ALA F 359 1.46 -12.81 15.39
C ALA F 359 2.12 -14.11 15.85
N GLU F 360 3.46 -14.14 15.94
CA GLU F 360 4.19 -15.32 16.40
C GLU F 360 4.08 -15.46 17.92
N ILE F 361 4.11 -14.33 18.65
CA ILE F 361 3.98 -14.34 20.11
C ILE F 361 2.57 -14.77 20.50
N SER F 362 1.55 -14.27 19.77
CA SER F 362 0.16 -14.62 20.02
C SER F 362 -0.09 -16.13 19.76
N ARG F 363 0.62 -16.70 18.78
CA ARG F 363 0.51 -18.11 18.44
C ARG F 363 1.22 -18.96 19.51
N SER F 364 2.41 -18.51 19.94
CA SER F 364 3.21 -19.21 20.96
C SER F 364 2.50 -19.23 22.32
N LEU F 365 1.80 -18.14 22.66
CA LEU F 365 1.08 -18.07 23.92
C LEU F 365 -0.18 -18.96 23.89
N LYS F 366 -0.81 -19.08 22.72
CA LYS F 366 -1.99 -19.93 22.53
C LYS F 366 -1.56 -21.41 22.60
N ALA F 367 -0.40 -21.74 22.03
CA ALA F 367 0.14 -23.11 22.07
C ALA F 367 0.52 -23.53 23.48
N LEU F 368 0.94 -22.58 24.33
CA LEU F 368 1.28 -22.83 25.73
C LEU F 368 0.01 -23.16 26.52
N ALA F 369 -1.11 -22.48 26.21
CA ALA F 369 -2.40 -22.70 26.85
C ALA F 369 -3.02 -24.04 26.43
N LYS F 370 -2.70 -24.54 25.24
CA LYS F 370 -3.22 -25.82 24.76
C LYS F 370 -2.39 -26.96 25.35
N GLU F 371 -1.06 -26.80 25.40
CA GLU F 371 -0.15 -27.82 25.92
C GLU F 371 -0.28 -27.99 27.44
N LEU F 372 -0.23 -26.89 28.19
CA LEU F 372 -0.33 -26.96 29.65
C LEU F 372 -1.77 -27.05 30.17
N ASN F 373 -2.77 -26.76 29.31
CA ASN F 373 -4.20 -26.78 29.63
C ASN F 373 -4.56 -25.83 30.77
N VAL F 374 -3.93 -24.66 30.81
CA VAL F 374 -4.17 -23.65 31.84
C VAL F 374 -4.53 -22.30 31.20
N PRO F 375 -5.50 -21.56 31.77
CA PRO F 375 -5.88 -20.26 31.18
C PRO F 375 -4.74 -19.26 31.15
N VAL F 376 -4.43 -18.73 29.97
CA VAL F 376 -3.36 -17.76 29.84
C VAL F 376 -3.89 -16.34 29.64
N VAL F 377 -3.67 -15.48 30.63
CA VAL F 377 -4.12 -14.09 30.57
C VAL F 377 -2.98 -13.21 30.05
N ALA F 378 -2.97 -12.95 28.74
CA ALA F 378 -1.93 -12.12 28.14
C ALA F 378 -2.41 -10.69 28.05
N LEU F 379 -1.70 -9.76 28.69
CA LEU F 379 -2.09 -8.36 28.69
C LEU F 379 -1.56 -7.65 27.45
N SER F 380 -2.39 -6.80 26.84
CA SER F 380 -1.99 -6.04 25.66
C SER F 380 -2.51 -4.59 25.72
N GLN F 381 -1.91 -3.68 24.95
CA GLN F 381 -2.35 -2.28 24.95
C GLN F 381 -2.98 -1.88 23.63
N LEU F 382 -4.08 -1.11 23.71
CA LEU F 382 -4.82 -0.64 22.54
C LEU F 382 -4.10 0.48 21.81
N ASN F 383 -4.42 0.67 20.52
CA ASN F 383 -3.82 1.74 19.72
C ASN F 383 -4.47 3.10 20.05
N ARG F 384 -3.74 4.18 19.76
CA ARG F 384 -4.22 5.54 20.04
C ARG F 384 -5.26 6.06 19.04
N SER F 385 -5.80 5.19 18.16
CA SER F 385 -6.81 5.58 17.19
C SER F 385 -8.17 5.85 17.83
N LEU F 386 -8.48 5.17 18.95
CA LEU F 386 -9.75 5.36 19.66
C LEU F 386 -9.84 6.69 20.42
N GLU F 387 -8.71 7.39 20.60
CA GLU F 387 -8.68 8.67 21.29
C GLU F 387 -9.31 9.76 20.42
N GLN F 388 -9.02 9.73 19.11
CA GLN F 388 -9.59 10.69 18.16
C GLN F 388 -11.02 10.33 17.70
N ARG F 389 -11.50 9.12 18.03
CA ARG F 389 -12.83 8.63 17.67
C ARG F 389 -13.96 9.29 18.47
N ALA F 390 -13.65 9.80 19.68
CA ALA F 390 -14.57 10.44 20.64
C ALA F 390 -15.61 9.49 21.25
N ASP F 391 -15.70 8.26 20.74
CA ASP F 391 -16.60 7.23 21.28
C ASP F 391 -16.02 6.66 22.58
N LYS F 392 -14.68 6.53 22.66
CA LYS F 392 -13.88 6.07 23.79
C LYS F 392 -14.05 4.59 24.14
N ARG F 393 -15.07 3.92 23.58
CA ARG F 393 -15.30 2.51 23.88
C ARG F 393 -14.42 1.63 22.99
N PRO F 394 -13.57 0.79 23.58
CA PRO F 394 -12.68 -0.05 22.77
C PRO F 394 -13.40 -1.15 22.01
N VAL F 395 -13.11 -1.26 20.71
CA VAL F 395 -13.70 -2.27 19.83
C VAL F 395 -12.67 -3.39 19.56
N ASN F 396 -13.12 -4.62 19.31
CA ASN F 396 -12.20 -5.73 19.01
C ASN F 396 -11.35 -5.49 17.77
N SER F 397 -11.79 -4.62 16.86
CA SER F 397 -11.03 -4.28 15.65
C SER F 397 -9.89 -3.28 15.92
N ASP F 398 -9.92 -2.58 17.05
CA ASP F 398 -8.87 -1.61 17.42
C ASP F 398 -7.56 -2.33 17.77
N LEU F 399 -7.64 -3.52 18.35
CA LEU F 399 -6.45 -4.29 18.71
C LEU F 399 -5.81 -5.01 17.51
N ARG F 400 -6.53 -5.11 16.37
CA ARG F 400 -6.02 -5.73 15.14
C ARG F 400 -4.81 -4.95 14.59
N GLU F 401 -4.79 -3.62 14.78
CA GLU F 401 -3.70 -2.74 14.34
C GLU F 401 -2.38 -3.10 15.04
N SER F 402 -2.45 -3.57 16.29
CA SER F 402 -1.28 -3.97 17.06
C SER F 402 -0.70 -5.29 16.55
N GLY F 403 -1.58 -6.23 16.20
CA GLY F 403 -1.17 -7.53 15.69
C GLY F 403 -2.33 -8.50 15.47
N SER F 404 -2.03 -9.68 14.92
CA SER F 404 -3.05 -10.69 14.66
C SER F 404 -3.32 -11.51 15.91
N ILE F 405 -4.32 -11.10 16.69
CA ILE F 405 -4.66 -11.80 17.93
C ILE F 405 -6.08 -12.39 17.94
N GLU F 406 -6.97 -11.91 17.06
CA GLU F 406 -8.36 -12.37 17.00
C GLU F 406 -8.48 -13.83 16.62
N GLN F 407 -7.64 -14.29 15.69
CA GLN F 407 -7.67 -15.69 15.26
C GLN F 407 -7.04 -16.66 16.26
N ASP F 408 -6.17 -16.15 17.15
CA ASP F 408 -5.50 -17.00 18.13
C ASP F 408 -6.22 -17.01 19.49
N ALA F 409 -6.50 -15.83 20.06
CA ALA F 409 -7.17 -15.75 21.36
C ALA F 409 -8.67 -15.95 21.23
N ASP F 410 -9.26 -16.73 22.16
CA ASP F 410 -10.69 -16.99 22.14
C ASP F 410 -11.46 -15.94 22.94
N LEU F 411 -10.96 -15.58 24.13
CA LEU F 411 -11.63 -14.59 24.98
C LEU F 411 -10.88 -13.27 24.98
N ILE F 412 -11.52 -12.22 24.45
CA ILE F 412 -10.94 -10.88 24.41
C ILE F 412 -11.85 -9.89 25.15
N MET F 413 -11.41 -9.40 26.32
CA MET F 413 -12.21 -8.46 27.10
C MET F 413 -11.51 -7.12 27.36
N PHE F 414 -12.22 -6.02 27.12
CA PHE F 414 -11.67 -4.68 27.32
C PHE F 414 -12.06 -4.07 28.67
N ILE F 415 -11.29 -3.09 29.14
CA ILE F 415 -11.58 -2.39 30.39
C ILE F 415 -11.93 -0.94 30.07
N TYR F 416 -13.16 -0.52 30.37
CA TYR F 416 -13.58 0.86 30.09
C TYR F 416 -14.27 1.51 31.29
N ARG F 417 -13.63 2.54 31.86
CA ARG F 417 -14.21 3.28 32.97
C ARG F 417 -14.64 4.64 32.43
N ASP F 418 -15.90 5.02 32.64
CA ASP F 418 -16.44 6.27 32.11
C ASP F 418 -15.87 7.53 32.79
N GLU F 419 -15.30 7.40 34.00
CA GLU F 419 -14.74 8.55 34.71
C GLU F 419 -13.36 8.99 34.21
N VAL F 420 -12.72 8.18 33.35
CA VAL F 420 -11.39 8.51 32.83
C VAL F 420 -11.49 9.60 31.76
N TYR F 421 -12.45 9.46 30.84
CA TYR F 421 -12.63 10.42 29.76
C TYR F 421 -13.61 11.53 30.11
N HIS F 422 -14.62 11.23 30.94
CA HIS F 422 -15.63 12.22 31.32
C HIS F 422 -15.69 12.41 32.83
N PRO F 423 -15.51 13.65 33.31
CA PRO F 423 -15.59 13.88 34.77
C PRO F 423 -17.02 13.87 35.31
N ASP F 424 -18.00 14.27 34.49
CA ASP F 424 -19.41 14.30 34.89
C ASP F 424 -20.16 13.02 34.47
N SER F 425 -19.45 11.89 34.43
CA SER F 425 -20.02 10.61 34.03
C SER F 425 -20.87 9.99 35.14
N PRO F 426 -21.94 9.26 34.78
CA PRO F 426 -22.76 8.62 35.83
C PRO F 426 -22.05 7.43 36.47
N LEU F 427 -21.15 6.75 35.73
CA LEU F 427 -20.40 5.62 36.24
C LEU F 427 -19.19 6.12 37.05
N LYS F 428 -19.46 6.72 38.21
CA LYS F 428 -18.40 7.25 39.07
C LYS F 428 -17.76 6.12 39.86
N GLY F 429 -16.57 5.72 39.44
CA GLY F 429 -15.84 4.65 40.10
C GLY F 429 -16.30 3.27 39.67
N THR F 430 -16.74 3.14 38.41
CA THR F 430 -17.21 1.86 37.90
C THR F 430 -16.67 1.59 36.50
N ALA F 431 -15.84 0.56 36.36
CA ALA F 431 -15.26 0.20 35.07
C ALA F 431 -15.98 -1.03 34.55
N GLU F 432 -16.51 -0.95 33.32
CA GLU F 432 -17.23 -2.07 32.73
C GLU F 432 -16.34 -2.95 31.85
N ILE F 433 -16.17 -4.22 32.24
CA ILE F 433 -15.36 -5.16 31.48
C ILE F 433 -16.19 -5.64 30.28
N ILE F 434 -16.02 -4.97 29.14
CA ILE F 434 -16.78 -5.30 27.94
C ILE F 434 -16.15 -6.43 27.14
N ILE F 435 -16.80 -7.60 27.10
CA ILE F 435 -16.29 -8.74 26.35
C ILE F 435 -16.62 -8.56 24.87
N GLY F 436 -15.58 -8.44 24.04
CA GLY F 436 -15.75 -8.25 22.62
C GLY F 436 -15.73 -9.53 21.80
N LYS F 437 -15.14 -10.59 22.35
CA LYS F 437 -15.04 -11.87 21.65
C LYS F 437 -14.94 -13.03 22.64
N GLN F 438 -15.74 -14.09 22.42
CA GLN F 438 -15.71 -15.28 23.27
C GLN F 438 -16.36 -16.46 22.55
N ARG F 439 -15.56 -17.49 22.25
CA ARG F 439 -16.06 -18.66 21.54
C ARG F 439 -16.83 -19.61 22.44
N ASN F 440 -16.34 -19.83 23.67
CA ASN F 440 -16.97 -20.75 24.61
C ASN F 440 -18.28 -20.23 25.22
N GLY F 441 -18.28 -18.99 25.66
CA GLY F 441 -19.45 -18.38 26.28
C GLY F 441 -19.97 -17.14 25.58
N PRO F 442 -20.99 -16.50 26.17
CA PRO F 442 -21.56 -15.30 25.53
C PRO F 442 -20.79 -14.01 25.82
N ILE F 443 -21.01 -12.98 25.01
CA ILE F 443 -20.34 -11.69 25.19
C ILE F 443 -21.29 -10.62 25.73
N GLY F 444 -20.73 -9.56 26.32
CA GLY F 444 -21.53 -8.46 26.86
C GLY F 444 -20.76 -7.53 27.77
N SER F 445 -21.37 -6.40 28.13
CA SER F 445 -20.73 -5.42 29.00
C SER F 445 -21.03 -5.74 30.46
N VAL F 446 -20.03 -6.19 31.21
CA VAL F 446 -20.20 -6.54 32.62
C VAL F 446 -19.68 -5.44 33.54
N ARG F 447 -20.58 -4.70 34.18
CA ARG F 447 -20.20 -3.60 35.08
C ARG F 447 -19.65 -4.08 36.42
N LEU F 448 -18.49 -3.55 36.82
CA LEU F 448 -17.83 -3.88 38.09
C LEU F 448 -17.25 -2.60 38.68
N THR F 449 -17.41 -2.39 39.99
CA THR F 449 -16.88 -1.19 40.63
C THR F 449 -15.35 -1.26 40.78
N PHE F 450 -14.70 -0.09 40.80
CA PHE F 450 -13.24 -0.03 40.90
C PHE F 450 -12.77 0.99 41.93
N GLN F 451 -11.82 0.59 42.78
CA GLN F 451 -11.25 1.47 43.79
C GLN F 451 -9.78 1.74 43.46
N GLY F 452 -9.53 2.87 42.82
CA GLY F 452 -8.18 3.28 42.43
C GLY F 452 -7.27 3.69 43.56
N HIS F 453 -7.85 3.95 44.75
CA HIS F 453 -7.08 4.36 45.92
C HIS F 453 -6.22 3.23 46.47
N TYR F 454 -6.67 1.97 46.32
CA TYR F 454 -5.89 0.83 46.81
C TYR F 454 -5.86 -0.36 45.83
N SER F 455 -6.06 -0.09 44.53
CA SER F 455 -6.03 -1.08 43.45
C SER F 455 -6.83 -2.35 43.76
N ARG F 456 -8.17 -2.26 43.74
CA ARG F 456 -9.01 -3.42 44.03
C ARG F 456 -10.35 -3.38 43.29
N PHE F 457 -10.52 -4.27 42.31
CA PHE F 457 -11.76 -4.35 41.56
C PHE F 457 -12.78 -5.13 42.38
N ASP F 458 -14.02 -4.64 42.48
CA ASP F 458 -15.06 -5.31 43.26
C ASP F 458 -16.38 -5.49 42.49
N ASN F 459 -17.33 -6.25 43.06
CA ASN F 459 -18.62 -6.51 42.43
C ASN F 459 -19.53 -5.28 42.50
N TYR F 460 -20.15 -4.92 41.38
CA TYR F 460 -21.05 -3.77 41.33
C TYR F 460 -22.45 -4.16 41.81
#